data_2N0Y
#
_entry.id   2N0Y
#
loop_
_entity.id
_entity.type
_entity.pdbx_description
1 polymer 'RNA polymerase II transcription factor B subunit 1'
2 polymer 'Non-structural protein NS-S'
#
loop_
_entity_poly.entity_id
_entity_poly.type
_entity_poly.pdbx_seq_one_letter_code
_entity_poly.pdbx_strand_id
1 'polypeptide(L)'
;PSHSGAAIFEKVSGIIAINEDVSPAELTWRSTDGDKVHTVVLSTIDKLQATPASSEKMMLRLIGKVDESKKRKDNEGNEV
VPKPQRHMFSFNNRTVMDNIKMTLQQIISRYKDAD
;
A
2 'polypeptide(L)' GGGGYDVEMESEEESDDDGFVEVD B
#
# COMPACT_ATOMS: atom_id res chain seq x y z
N PRO A 1 -5.82 -5.39 15.32
CA PRO A 1 -6.83 -5.96 14.43
C PRO A 1 -7.19 -5.02 13.29
N SER A 2 -7.53 -3.78 13.62
CA SER A 2 -7.84 -2.78 12.60
C SER A 2 -6.65 -1.88 12.34
N HIS A 3 -6.21 -1.19 13.37
CA HIS A 3 -5.06 -0.30 13.26
C HIS A 3 -3.75 -1.05 13.45
N SER A 4 -3.83 -2.37 13.43
CA SER A 4 -2.66 -3.21 13.63
C SER A 4 -2.95 -4.63 13.12
N GLY A 5 -1.96 -5.24 12.50
CA GLY A 5 -2.11 -6.58 11.98
C GLY A 5 -0.79 -7.10 11.42
N ALA A 6 -0.52 -8.38 11.60
CA ALA A 6 0.76 -8.94 11.21
C ALA A 6 0.85 -9.14 9.69
N ALA A 7 1.77 -8.44 9.04
CA ALA A 7 1.92 -8.51 7.58
C ALA A 7 3.34 -8.87 7.15
N ILE A 8 3.46 -9.30 5.91
CA ILE A 8 4.74 -9.64 5.32
C ILE A 8 5.16 -8.54 4.35
N PHE A 9 6.32 -7.96 4.58
CA PHE A 9 6.79 -6.87 3.74
C PHE A 9 8.07 -7.27 3.00
N GLU A 10 7.95 -7.52 1.71
CA GLU A 10 9.07 -7.98 0.91
C GLU A 10 9.58 -9.32 1.42
N LYS A 11 8.64 -10.23 1.59
CA LYS A 11 8.90 -11.64 1.90
C LYS A 11 9.33 -11.87 3.35
N VAL A 12 9.58 -10.81 4.11
CA VAL A 12 9.83 -10.97 5.54
C VAL A 12 8.53 -10.80 6.32
N SER A 13 8.28 -11.74 7.22
CA SER A 13 7.09 -11.71 8.05
C SER A 13 7.27 -10.74 9.22
N GLY A 14 6.28 -9.88 9.40
CA GLY A 14 6.32 -8.91 10.47
C GLY A 14 4.95 -8.44 10.90
N ILE A 15 4.89 -7.26 11.48
CA ILE A 15 3.66 -6.71 11.98
C ILE A 15 3.41 -5.32 11.43
N ILE A 16 2.16 -4.94 11.37
CA ILE A 16 1.77 -3.63 10.87
C ILE A 16 0.99 -2.90 11.94
N ALA A 17 1.31 -1.65 12.16
CA ALA A 17 0.55 -0.83 13.08
C ALA A 17 0.30 0.57 12.53
N ILE A 18 -0.94 0.84 12.19
CA ILE A 18 -1.36 2.18 11.82
C ILE A 18 -1.66 2.94 13.10
N ASN A 19 -0.94 4.00 13.33
CA ASN A 19 -1.11 4.77 14.53
C ASN A 19 -1.46 6.17 14.19
N GLU A 20 -2.59 6.66 14.69
CA GLU A 20 -2.74 8.08 14.67
C GLU A 20 -2.63 8.56 16.11
N ASP A 21 -1.39 8.75 16.54
CA ASP A 21 -1.00 9.61 17.64
C ASP A 21 -0.02 10.62 17.07
N VAL A 22 0.37 10.29 15.84
CA VAL A 22 1.63 10.70 15.26
C VAL A 22 1.46 11.85 14.28
N SER A 23 2.59 12.37 13.79
CA SER A 23 2.64 13.23 12.63
C SER A 23 1.95 12.48 11.49
N PRO A 24 1.58 13.09 10.34
CA PRO A 24 0.41 12.64 9.57
C PRO A 24 0.34 11.13 9.50
N ALA A 25 -0.84 10.60 9.87
CA ALA A 25 -1.02 9.22 10.33
C ALA A 25 -0.07 8.25 9.67
N GLU A 26 0.52 7.43 10.52
CA GLU A 26 1.62 6.60 10.10
C GLU A 26 1.34 5.14 10.37
N LEU A 27 1.75 4.30 9.44
CA LEU A 27 1.71 2.88 9.58
C LEU A 27 3.11 2.43 9.92
N THR A 28 3.24 1.46 10.77
CA THR A 28 4.54 1.02 11.15
C THR A 28 4.64 -0.49 11.02
N TRP A 29 5.38 -0.94 10.03
CA TRP A 29 5.61 -2.36 9.88
C TRP A 29 6.82 -2.75 10.70
N ARG A 30 6.57 -3.51 11.72
CA ARG A 30 7.59 -3.94 12.64
C ARG A 30 7.67 -5.46 12.62
N SER A 31 8.83 -5.98 12.22
CA SER A 31 8.99 -7.42 12.07
C SER A 31 8.64 -8.13 13.36
N THR A 32 8.05 -9.31 13.20
CA THR A 32 7.54 -10.11 14.31
C THR A 32 8.62 -10.36 15.38
N ASP A 33 9.87 -10.40 14.95
CA ASP A 33 11.00 -10.59 15.87
C ASP A 33 11.42 -9.26 16.49
N GLY A 34 11.14 -8.17 15.80
CA GLY A 34 11.50 -6.85 16.29
C GLY A 34 12.83 -6.38 15.72
N ASP A 35 13.27 -7.02 14.66
CA ASP A 35 14.54 -6.68 14.03
C ASP A 35 14.39 -5.46 13.15
N LYS A 36 13.61 -5.60 12.10
CA LYS A 36 13.44 -4.56 11.10
C LYS A 36 12.07 -3.90 11.23
N VAL A 37 12.00 -2.67 10.78
CA VAL A 37 10.81 -1.83 10.89
C VAL A 37 10.69 -0.90 9.67
N HIS A 38 9.48 -0.73 9.17
CA HIS A 38 9.23 0.12 8.02
C HIS A 38 7.97 0.94 8.21
N THR A 39 8.12 2.25 8.37
CA THR A 39 6.99 3.11 8.64
C THR A 39 6.47 3.80 7.36
N VAL A 40 5.14 3.88 7.21
CA VAL A 40 4.53 4.56 6.08
C VAL A 40 3.77 5.82 6.53
N VAL A 41 4.04 6.94 5.86
CA VAL A 41 3.27 8.16 6.09
C VAL A 41 2.09 8.22 5.13
N LEU A 42 0.91 8.02 5.70
CA LEU A 42 -0.34 8.02 4.94
C LEU A 42 -0.52 9.27 4.09
N SER A 43 0.05 10.39 4.53
CA SER A 43 -0.07 11.63 3.78
C SER A 43 0.81 11.62 2.54
N THR A 44 1.99 11.01 2.64
CA THR A 44 2.84 10.85 1.48
C THR A 44 2.25 9.80 0.55
N ILE A 45 1.30 9.05 1.08
CA ILE A 45 0.56 8.05 0.32
C ILE A 45 -0.57 8.69 -0.49
N ASP A 46 -0.51 8.50 -1.80
CA ASP A 46 -1.55 8.96 -2.71
C ASP A 46 -2.76 8.03 -2.68
N LYS A 47 -2.49 6.72 -2.75
CA LYS A 47 -3.55 5.71 -2.77
C LYS A 47 -3.17 4.54 -1.86
N LEU A 48 -4.16 3.88 -1.30
CA LEU A 48 -3.92 2.59 -0.68
C LEU A 48 -4.65 1.52 -1.47
N GLN A 49 -4.02 0.37 -1.54
CA GLN A 49 -4.54 -0.76 -2.27
C GLN A 49 -4.72 -1.93 -1.34
N ALA A 50 -5.62 -2.80 -1.70
CA ALA A 50 -5.92 -4.00 -0.92
C ALA A 50 -6.67 -4.99 -1.80
N THR A 51 -6.36 -6.28 -1.64
CA THR A 51 -6.97 -7.32 -2.47
C THR A 51 -8.49 -7.32 -2.38
N PRO A 52 -9.13 -7.25 -3.55
CA PRO A 52 -10.58 -7.37 -3.69
C PRO A 52 -11.03 -8.82 -3.52
N ALA A 53 -12.32 -9.03 -3.34
CA ALA A 53 -12.88 -10.38 -3.28
C ALA A 53 -12.53 -11.16 -4.55
N SER A 54 -12.36 -10.43 -5.65
CA SER A 54 -11.98 -11.02 -6.92
C SER A 54 -10.56 -11.55 -6.89
N SER A 55 -9.75 -10.99 -6.01
CA SER A 55 -8.36 -11.43 -5.84
C SER A 55 -8.34 -12.73 -5.04
N GLU A 56 -7.36 -13.57 -5.33
CA GLU A 56 -7.24 -14.86 -4.66
C GLU A 56 -6.38 -14.73 -3.42
N LYS A 57 -5.88 -13.53 -3.21
CA LYS A 57 -4.94 -13.25 -2.13
C LYS A 57 -5.54 -12.30 -1.11
N MET A 58 -4.77 -12.02 -0.08
CA MET A 58 -5.09 -10.96 0.86
C MET A 58 -3.84 -10.12 1.06
N MET A 59 -3.82 -8.91 0.52
CA MET A 59 -2.64 -8.06 0.60
C MET A 59 -3.02 -6.59 0.49
N LEU A 60 -2.19 -5.76 1.11
CA LEU A 60 -2.32 -4.31 1.03
C LEU A 60 -1.15 -3.71 0.25
N ARG A 61 -1.33 -2.51 -0.28
CA ARG A 61 -0.22 -1.77 -0.88
C ARG A 61 -0.48 -0.26 -0.82
N LEU A 62 0.33 0.43 -0.06
CA LEU A 62 0.21 1.87 0.12
C LEU A 62 1.09 2.61 -0.90
N ILE A 63 0.43 3.32 -1.82
CA ILE A 63 1.08 4.00 -2.94
C ILE A 63 1.54 5.38 -2.52
N GLY A 64 2.84 5.63 -2.53
CA GLY A 64 3.33 6.95 -2.18
C GLY A 64 3.33 7.87 -3.37
N LYS A 65 3.05 9.15 -3.13
CA LYS A 65 3.03 10.14 -4.20
C LYS A 65 4.37 10.22 -4.90
N VAL A 66 4.32 10.25 -6.22
CA VAL A 66 5.52 10.29 -7.01
C VAL A 66 6.15 11.68 -6.96
N ASP A 67 7.45 11.72 -7.10
CA ASP A 67 8.20 12.95 -6.94
C ASP A 67 8.12 13.82 -8.20
N GLU A 68 7.14 14.70 -8.21
CA GLU A 68 6.92 15.60 -9.33
C GLU A 68 7.77 16.86 -9.23
N SER A 69 8.47 17.04 -8.11
CA SER A 69 9.22 18.25 -7.87
C SER A 69 10.41 18.38 -8.81
N LYS A 70 11.08 17.27 -9.08
CA LYS A 70 12.15 17.24 -10.05
C LYS A 70 12.04 16.00 -10.93
N LYS A 71 11.54 16.20 -12.13
CA LYS A 71 11.40 15.13 -13.11
C LYS A 71 12.73 14.44 -13.35
N ARG A 72 12.67 13.13 -13.45
CA ARG A 72 13.87 12.34 -13.61
C ARG A 72 14.24 12.25 -15.09
N LYS A 73 15.42 11.73 -15.36
CA LYS A 73 15.92 11.58 -16.72
C LYS A 73 16.67 10.27 -16.84
N ASP A 74 16.92 9.83 -18.07
CA ASP A 74 17.54 8.54 -18.26
C ASP A 74 19.06 8.70 -18.30
N ASN A 75 19.75 7.67 -18.76
CA ASN A 75 21.22 7.64 -18.72
C ASN A 75 21.86 8.86 -19.37
N GLU A 76 21.21 9.43 -20.39
CA GLU A 76 21.81 10.50 -21.16
C GLU A 76 21.22 11.83 -20.74
N GLY A 77 20.44 11.78 -19.68
CA GLY A 77 19.85 12.99 -19.15
C GLY A 77 18.66 13.43 -19.97
N ASN A 78 17.94 12.47 -20.52
CA ASN A 78 16.79 12.73 -21.36
C ASN A 78 15.63 13.28 -20.53
N GLU A 79 14.76 12.36 -20.08
CA GLU A 79 13.65 12.68 -19.17
C GLU A 79 12.71 11.49 -19.04
N VAL A 80 12.48 11.09 -17.80
CA VAL A 80 11.53 10.02 -17.50
C VAL A 80 10.54 10.50 -16.46
N VAL A 81 9.33 10.00 -16.51
CA VAL A 81 8.35 10.30 -15.49
C VAL A 81 8.08 9.06 -14.64
N PRO A 82 8.76 8.97 -13.49
CA PRO A 82 8.65 7.83 -12.57
C PRO A 82 7.23 7.45 -12.22
N LYS A 83 6.98 6.15 -12.12
CA LYS A 83 5.75 5.66 -11.55
C LYS A 83 5.88 5.65 -10.03
N PRO A 84 4.84 6.15 -9.34
CA PRO A 84 4.87 6.32 -7.89
C PRO A 84 5.22 5.03 -7.17
N GLN A 85 6.15 5.13 -6.22
CA GLN A 85 6.60 3.97 -5.47
C GLN A 85 5.55 3.63 -4.44
N ARG A 86 5.54 2.38 -4.05
CA ARG A 86 4.46 1.84 -3.27
C ARG A 86 4.98 0.91 -2.20
N HIS A 87 4.24 0.78 -1.13
CA HIS A 87 4.62 -0.07 -0.02
C HIS A 87 3.61 -1.19 0.11
N MET A 88 4.04 -2.41 -0.20
CA MET A 88 3.12 -3.54 -0.21
C MET A 88 3.32 -4.39 1.03
N PHE A 89 2.23 -4.69 1.70
CA PHE A 89 2.28 -5.56 2.86
C PHE A 89 1.33 -6.73 2.65
N SER A 90 1.86 -7.92 2.72
CA SER A 90 1.09 -9.10 2.42
C SER A 90 0.46 -9.66 3.68
N PHE A 91 -0.83 -9.91 3.62
CA PHE A 91 -1.56 -10.52 4.72
C PHE A 91 -1.94 -11.95 4.40
N ASN A 92 -2.50 -12.63 5.38
CA ASN A 92 -2.88 -14.02 5.22
C ASN A 92 -4.37 -14.17 5.43
N ASN A 93 -5.03 -13.06 5.69
CA ASN A 93 -6.47 -13.03 5.89
C ASN A 93 -7.08 -11.78 5.30
N ARG A 94 -8.14 -11.95 4.53
CA ARG A 94 -8.74 -10.84 3.81
C ARG A 94 -9.52 -9.94 4.73
N THR A 95 -9.96 -10.47 5.86
CA THR A 95 -10.64 -9.65 6.85
C THR A 95 -9.65 -8.71 7.51
N VAL A 96 -8.57 -9.28 8.06
CA VAL A 96 -7.46 -8.50 8.62
C VAL A 96 -7.05 -7.38 7.67
N MET A 97 -6.70 -7.74 6.45
CA MET A 97 -6.26 -6.76 5.49
C MET A 97 -7.38 -5.78 5.15
N ASP A 98 -8.63 -6.23 5.24
CA ASP A 98 -9.76 -5.33 5.02
C ASP A 98 -9.84 -4.33 6.15
N ASN A 99 -9.43 -4.78 7.33
CA ASN A 99 -9.47 -3.98 8.54
C ASN A 99 -8.36 -2.94 8.51
N ILE A 100 -7.18 -3.41 8.17
CA ILE A 100 -6.01 -2.56 7.99
C ILE A 100 -6.26 -1.55 6.88
N LYS A 101 -6.69 -2.05 5.72
CA LYS A 101 -6.99 -1.22 4.58
C LYS A 101 -8.00 -0.13 4.92
N MET A 102 -9.13 -0.53 5.50
CA MET A 102 -10.19 0.42 5.80
C MET A 102 -9.68 1.49 6.74
N THR A 103 -8.75 1.10 7.60
CA THR A 103 -8.15 2.01 8.56
C THR A 103 -7.38 3.10 7.83
N LEU A 104 -6.52 2.68 6.92
CA LEU A 104 -5.67 3.60 6.19
C LEU A 104 -6.50 4.47 5.27
N GLN A 105 -7.28 3.83 4.40
CA GLN A 105 -8.17 4.52 3.46
C GLN A 105 -8.92 5.68 4.12
N GLN A 106 -9.32 5.49 5.37
CA GLN A 106 -10.09 6.49 6.10
C GLN A 106 -9.21 7.70 6.36
N ILE A 107 -7.95 7.40 6.61
CA ILE A 107 -6.92 8.39 6.81
C ILE A 107 -6.57 9.07 5.50
N ILE A 108 -6.48 8.26 4.45
CA ILE A 108 -6.11 8.77 3.13
C ILE A 108 -7.17 9.73 2.61
N SER A 109 -8.42 9.28 2.64
CA SER A 109 -9.56 10.11 2.27
C SER A 109 -9.61 11.35 3.16
N ARG A 110 -9.09 11.20 4.37
CA ARG A 110 -9.01 12.28 5.31
C ARG A 110 -8.00 13.32 4.84
N TYR A 111 -6.90 12.84 4.26
CA TYR A 111 -5.82 13.72 3.86
C TYR A 111 -6.02 14.25 2.45
N LYS A 112 -6.87 13.57 1.69
CA LYS A 112 -7.24 14.04 0.36
C LYS A 112 -8.24 15.18 0.49
N ASP A 113 -8.95 15.20 1.61
CA ASP A 113 -9.83 16.30 1.95
C ASP A 113 -9.02 17.55 2.25
N ALA A 114 -7.79 17.32 2.68
CA ALA A 114 -6.90 18.40 3.05
C ALA A 114 -5.68 18.45 2.14
N ASP A 115 -5.86 17.96 0.92
CA ASP A 115 -4.79 17.92 -0.06
C ASP A 115 -4.89 19.11 -0.99
N GLY B 1 3.91 -8.49 -20.02
CA GLY B 1 3.72 -7.15 -20.60
C GLY B 1 4.71 -6.88 -21.73
N GLY B 2 5.12 -5.63 -21.84
CA GLY B 2 6.04 -5.26 -22.89
C GLY B 2 5.33 -4.57 -24.04
N GLY B 3 6.10 -4.02 -24.96
CA GLY B 3 5.52 -3.34 -26.09
C GLY B 3 6.23 -3.66 -27.38
N GLY B 4 5.59 -3.39 -28.50
CA GLY B 4 6.19 -3.67 -29.78
C GLY B 4 5.50 -4.81 -30.50
N TYR B 5 4.28 -5.13 -30.08
CA TYR B 5 3.52 -6.22 -30.68
C TYR B 5 2.04 -5.89 -30.68
N ASP B 6 1.26 -6.72 -31.36
CA ASP B 6 -0.18 -6.49 -31.51
C ASP B 6 -0.89 -6.81 -30.21
N VAL B 7 -1.92 -6.01 -29.91
CA VAL B 7 -2.68 -6.10 -28.67
C VAL B 7 -1.76 -6.25 -27.46
N GLU B 8 -0.67 -5.47 -27.48
CA GLU B 8 0.26 -5.43 -26.36
C GLU B 8 -0.43 -4.96 -25.09
N MET B 9 0.22 -5.19 -23.96
CA MET B 9 -0.35 -4.87 -22.66
C MET B 9 0.60 -3.98 -21.89
N GLU B 10 1.28 -3.13 -22.64
CA GLU B 10 2.22 -2.17 -22.06
C GLU B 10 1.46 -1.20 -21.16
N SER B 11 2.10 -0.83 -20.05
CA SER B 11 1.51 0.02 -19.00
C SER B 11 0.38 -0.69 -18.25
N GLU B 12 -0.44 -1.46 -18.96
CA GLU B 12 -1.51 -2.22 -18.34
C GLU B 12 -0.96 -3.28 -17.40
N GLU B 13 0.17 -3.86 -17.79
CA GLU B 13 0.83 -4.90 -17.04
C GLU B 13 1.20 -4.42 -15.63
N GLU B 14 1.82 -3.25 -15.54
CA GLU B 14 2.27 -2.73 -14.25
C GLU B 14 1.09 -2.29 -13.39
N SER B 15 0.04 -1.79 -14.02
CA SER B 15 -1.14 -1.32 -13.31
C SER B 15 -1.95 -2.49 -12.76
N ASP B 16 -2.00 -3.58 -13.51
CA ASP B 16 -2.75 -4.76 -13.10
C ASP B 16 -1.85 -5.68 -12.26
N ASP B 17 -0.60 -5.27 -12.10
CA ASP B 17 0.41 -6.08 -11.41
C ASP B 17 0.10 -6.19 -9.91
N ASP B 18 -0.59 -5.19 -9.38
CA ASP B 18 -0.94 -5.17 -7.96
C ASP B 18 -1.90 -6.30 -7.64
N GLY B 19 -3.01 -6.34 -8.35
CA GLY B 19 -4.03 -7.34 -8.10
C GLY B 19 -4.99 -6.91 -7.02
N PHE B 20 -4.96 -5.63 -6.70
CA PHE B 20 -5.73 -5.09 -5.59
C PHE B 20 -6.76 -4.08 -6.09
N VAL B 21 -7.52 -3.54 -5.16
CA VAL B 21 -8.44 -2.45 -5.45
C VAL B 21 -8.33 -1.40 -4.36
N GLU B 22 -8.48 -0.14 -4.73
CA GLU B 22 -8.46 0.94 -3.76
C GLU B 22 -9.87 1.25 -3.28
N VAL B 23 -9.99 1.55 -2.00
CA VAL B 23 -11.28 1.88 -1.43
C VAL B 23 -11.36 3.39 -1.18
N ASP B 24 -12.09 4.06 -2.04
CA ASP B 24 -12.22 5.50 -1.97
C ASP B 24 -13.65 5.90 -2.29
N PRO A 1 -7.78 -4.99 17.07
CA PRO A 1 -7.70 -3.58 16.61
C PRO A 1 -7.50 -3.52 15.11
N SER A 2 -8.31 -2.71 14.44
CA SER A 2 -8.25 -2.58 12.99
C SER A 2 -6.99 -1.83 12.57
N HIS A 3 -6.43 -1.08 13.50
CA HIS A 3 -5.26 -0.26 13.24
C HIS A 3 -3.96 -1.05 13.37
N SER A 4 -4.04 -2.36 13.36
CA SER A 4 -2.85 -3.20 13.49
C SER A 4 -3.13 -4.63 13.01
N GLY A 5 -2.11 -5.24 12.42
CA GLY A 5 -2.23 -6.59 11.92
C GLY A 5 -0.93 -7.05 11.31
N ALA A 6 -0.62 -8.33 11.44
CA ALA A 6 0.65 -8.85 10.95
C ALA A 6 0.67 -8.91 9.41
N ALA A 7 1.83 -8.62 8.82
CA ALA A 7 1.97 -8.65 7.37
C ALA A 7 3.42 -8.95 6.96
N ILE A 8 3.57 -9.50 5.77
CA ILE A 8 4.88 -9.79 5.18
C ILE A 8 5.32 -8.61 4.34
N PHE A 9 6.56 -8.18 4.54
CA PHE A 9 7.09 -7.05 3.80
C PHE A 9 8.55 -7.32 3.43
N GLU A 10 8.79 -7.48 2.13
CA GLU A 10 10.12 -7.81 1.62
C GLU A 10 10.52 -9.21 2.02
N LYS A 11 9.59 -10.13 1.78
CA LYS A 11 9.81 -11.57 1.97
C LYS A 11 9.99 -11.97 3.43
N VAL A 12 9.84 -11.01 4.34
CA VAL A 12 9.89 -11.31 5.76
C VAL A 12 8.53 -11.09 6.41
N SER A 13 8.12 -12.03 7.25
CA SER A 13 6.88 -11.91 7.98
C SER A 13 7.06 -10.93 9.13
N GLY A 14 6.16 -9.97 9.22
CA GLY A 14 6.25 -8.97 10.24
C GLY A 14 4.90 -8.48 10.67
N ILE A 15 4.86 -7.32 11.29
CA ILE A 15 3.62 -6.77 11.79
C ILE A 15 3.40 -5.36 11.26
N ILE A 16 2.15 -4.98 11.16
CA ILE A 16 1.77 -3.66 10.70
C ILE A 16 0.93 -2.97 11.75
N ALA A 17 1.25 -1.72 12.03
CA ALA A 17 0.45 -0.94 12.96
C ALA A 17 0.23 0.48 12.47
N ILE A 18 -1.01 0.78 12.10
CA ILE A 18 -1.41 2.12 11.76
C ILE A 18 -1.78 2.87 13.03
N ASN A 19 -1.09 3.93 13.32
CA ASN A 19 -1.38 4.72 14.50
C ASN A 19 -1.73 6.13 14.10
N GLU A 20 -2.90 6.60 14.49
CA GLU A 20 -3.09 8.01 14.42
C GLU A 20 -3.12 8.54 15.85
N ASP A 21 -1.92 8.75 16.38
CA ASP A 21 -1.65 9.63 17.49
C ASP A 21 -0.63 10.65 17.00
N VAL A 22 -0.13 10.30 15.83
CA VAL A 22 1.16 10.74 15.33
C VAL A 22 1.04 11.86 14.30
N SER A 23 2.18 12.38 13.87
CA SER A 23 2.27 13.25 12.69
C SER A 23 1.64 12.49 11.53
N PRO A 24 1.31 13.10 10.37
CA PRO A 24 0.21 12.59 9.52
C PRO A 24 0.25 11.07 9.42
N ALA A 25 -0.92 10.47 9.70
CA ALA A 25 -1.02 9.09 10.18
C ALA A 25 0.06 8.17 9.67
N GLU A 26 0.56 7.38 10.58
CA GLU A 26 1.72 6.58 10.31
C GLU A 26 1.42 5.10 10.55
N LEU A 27 1.81 4.31 9.58
CA LEU A 27 1.73 2.86 9.65
C LEU A 27 3.12 2.39 9.97
N THR A 28 3.24 1.38 10.78
CA THR A 28 4.55 0.93 11.16
C THR A 28 4.66 -0.56 10.99
N TRP A 29 5.41 -0.98 9.99
CA TRP A 29 5.68 -2.39 9.82
C TRP A 29 6.86 -2.79 10.67
N ARG A 30 6.57 -3.52 11.71
CA ARG A 30 7.56 -4.00 12.64
C ARG A 30 7.62 -5.51 12.53
N SER A 31 8.74 -6.05 12.09
CA SER A 31 8.86 -7.47 11.84
C SER A 31 8.54 -8.27 13.09
N THR A 32 8.01 -9.47 12.88
CA THR A 32 7.58 -10.34 13.96
C THR A 32 8.74 -10.63 14.91
N ASP A 33 9.96 -10.61 14.35
CA ASP A 33 11.17 -10.80 15.12
C ASP A 33 11.60 -9.52 15.83
N GLY A 34 11.23 -8.37 15.26
CA GLY A 34 11.55 -7.11 15.88
C GLY A 34 12.75 -6.43 15.26
N ASP A 35 13.40 -7.10 14.32
CA ASP A 35 14.58 -6.56 13.66
C ASP A 35 14.25 -5.35 12.78
N LYS A 36 13.28 -5.51 11.90
CA LYS A 36 12.97 -4.47 10.93
C LYS A 36 11.73 -3.68 11.30
N VAL A 37 11.80 -2.40 11.02
CA VAL A 37 10.69 -1.49 11.25
C VAL A 37 10.61 -0.48 10.11
N HIS A 38 9.51 -0.52 9.38
CA HIS A 38 9.31 0.36 8.24
C HIS A 38 8.00 1.14 8.43
N THR A 39 8.12 2.44 8.67
CA THR A 39 6.95 3.26 8.93
C THR A 39 6.49 3.99 7.65
N VAL A 40 5.18 4.03 7.42
CA VAL A 40 4.60 4.72 6.27
C VAL A 40 3.82 5.96 6.70
N VAL A 41 4.08 7.09 6.05
CA VAL A 41 3.28 8.30 6.26
C VAL A 41 2.13 8.32 5.27
N LEU A 42 0.95 8.11 5.79
CA LEU A 42 -0.30 8.06 5.00
C LEU A 42 -0.50 9.31 4.14
N SER A 43 0.04 10.44 4.56
CA SER A 43 -0.10 11.66 3.79
C SER A 43 0.81 11.67 2.57
N THR A 44 1.99 11.06 2.70
CA THR A 44 2.87 10.90 1.54
C THR A 44 2.33 9.77 0.65
N ILE A 45 1.38 9.03 1.20
CA ILE A 45 0.66 8.01 0.46
C ILE A 45 -0.47 8.63 -0.37
N ASP A 46 -0.35 8.46 -1.68
CA ASP A 46 -1.36 8.92 -2.63
C ASP A 46 -2.60 8.02 -2.60
N LYS A 47 -2.38 6.71 -2.63
CA LYS A 47 -3.47 5.74 -2.64
C LYS A 47 -3.12 4.54 -1.76
N LEU A 48 -4.12 3.83 -1.30
CA LEU A 48 -3.90 2.53 -0.69
C LEU A 48 -4.71 1.48 -1.40
N GLN A 49 -4.09 0.33 -1.56
CA GLN A 49 -4.69 -0.81 -2.23
C GLN A 49 -4.93 -1.92 -1.23
N ALA A 50 -5.85 -2.80 -1.57
CA ALA A 50 -6.16 -3.95 -0.75
C ALA A 50 -6.95 -4.97 -1.58
N THR A 51 -6.60 -6.26 -1.45
CA THR A 51 -7.28 -7.33 -2.19
C THR A 51 -8.79 -7.24 -2.03
N PRO A 52 -9.50 -7.17 -3.15
CA PRO A 52 -10.96 -7.12 -3.19
C PRO A 52 -11.59 -8.43 -2.71
N ALA A 53 -12.89 -8.40 -2.45
CA ALA A 53 -13.62 -9.60 -2.04
C ALA A 53 -13.52 -10.68 -3.12
N SER A 54 -13.32 -10.25 -4.36
CA SER A 54 -13.16 -11.15 -5.49
C SER A 54 -11.77 -11.77 -5.52
N SER A 55 -10.80 -11.08 -4.93
CA SER A 55 -9.45 -11.60 -4.82
C SER A 55 -9.46 -12.82 -3.89
N GLU A 56 -8.56 -13.76 -4.12
CA GLU A 56 -8.50 -14.94 -3.30
C GLU A 56 -7.43 -14.75 -2.24
N LYS A 57 -6.61 -13.72 -2.47
CA LYS A 57 -5.52 -13.42 -1.58
C LYS A 57 -5.91 -12.39 -0.55
N MET A 58 -4.96 -12.01 0.27
CA MET A 58 -5.13 -10.91 1.22
C MET A 58 -3.87 -10.06 1.20
N MET A 59 -3.97 -8.86 0.67
CA MET A 59 -2.80 -8.03 0.48
C MET A 59 -3.15 -6.55 0.43
N LEU A 60 -2.33 -5.74 1.07
CA LEU A 60 -2.42 -4.27 0.94
C LEU A 60 -1.23 -3.71 0.15
N ARG A 61 -1.40 -2.51 -0.38
CA ARG A 61 -0.30 -1.77 -1.03
C ARG A 61 -0.53 -0.25 -0.88
N LEU A 62 0.36 0.39 -0.14
CA LEU A 62 0.27 1.83 0.09
C LEU A 62 1.12 2.59 -0.93
N ILE A 63 0.46 3.29 -1.83
CA ILE A 63 1.11 4.03 -2.93
C ILE A 63 1.48 5.41 -2.46
N GLY A 64 2.74 5.79 -2.57
CA GLY A 64 3.09 7.16 -2.24
C GLY A 64 3.08 8.05 -3.46
N LYS A 65 2.99 9.36 -3.24
CA LYS A 65 2.93 10.31 -4.33
C LYS A 65 4.27 10.38 -5.04
N VAL A 66 4.23 10.33 -6.36
CA VAL A 66 5.41 10.59 -7.15
C VAL A 66 5.48 12.07 -7.45
N ASP A 67 6.68 12.58 -7.59
CA ASP A 67 6.90 14.01 -7.66
C ASP A 67 6.89 14.52 -9.10
N GLU A 68 6.13 15.57 -9.31
CA GLU A 68 6.08 16.25 -10.59
C GLU A 68 7.20 17.28 -10.69
N SER A 69 7.76 17.65 -9.53
CA SER A 69 8.73 18.72 -9.42
C SER A 69 9.93 18.50 -10.33
N LYS A 70 10.39 17.26 -10.43
CA LYS A 70 11.42 16.92 -11.40
C LYS A 70 11.02 15.67 -12.16
N LYS A 71 9.83 15.71 -12.73
CA LYS A 71 9.33 14.63 -13.56
C LYS A 71 10.30 14.35 -14.69
N ARG A 72 10.46 13.08 -14.99
CA ARG A 72 11.51 12.62 -15.87
C ARG A 72 11.06 12.65 -17.34
N LYS A 73 12.01 12.45 -18.23
CA LYS A 73 11.74 12.44 -19.66
C LYS A 73 12.40 11.22 -20.29
N ASP A 74 12.06 10.90 -21.54
CA ASP A 74 12.57 9.67 -22.15
C ASP A 74 14.01 9.88 -22.64
N ASN A 75 14.55 8.95 -23.42
CA ASN A 75 15.93 9.08 -23.89
C ASN A 75 16.04 10.22 -24.89
N GLU A 76 14.90 10.68 -25.39
CA GLU A 76 14.87 11.77 -26.35
C GLU A 76 14.53 13.07 -25.65
N GLY A 77 14.26 12.95 -24.35
CA GLY A 77 13.89 14.12 -23.57
C GLY A 77 12.42 14.42 -23.68
N ASN A 78 11.61 13.37 -23.77
CA ASN A 78 10.16 13.51 -23.92
C ASN A 78 9.50 13.84 -22.58
N GLU A 79 9.00 12.79 -21.94
CA GLU A 79 8.34 12.91 -20.65
C GLU A 79 7.93 11.53 -20.14
N VAL A 80 8.43 11.16 -18.99
CA VAL A 80 8.00 9.93 -18.34
C VAL A 80 7.61 10.25 -16.92
N VAL A 81 6.67 9.52 -16.39
CA VAL A 81 6.33 9.65 -15.00
C VAL A 81 6.89 8.47 -14.21
N PRO A 82 7.98 8.73 -13.48
CA PRO A 82 8.59 7.77 -12.56
C PRO A 82 7.56 7.01 -11.75
N LYS A 83 7.70 5.70 -11.70
CA LYS A 83 6.81 4.89 -10.90
C LYS A 83 6.99 5.20 -9.44
N PRO A 84 5.90 5.62 -8.77
CA PRO A 84 5.92 6.01 -7.37
C PRO A 84 6.37 4.88 -6.47
N GLN A 85 7.02 5.22 -5.37
CA GLN A 85 7.41 4.21 -4.40
C GLN A 85 6.21 3.79 -3.59
N ARG A 86 5.85 2.53 -3.74
CA ARG A 86 4.66 2.00 -3.11
C ARG A 86 5.07 0.94 -2.10
N HIS A 87 4.23 0.75 -1.11
CA HIS A 87 4.52 -0.19 -0.04
C HIS A 87 3.49 -1.31 -0.03
N MET A 88 3.90 -2.48 -0.43
CA MET A 88 2.98 -3.61 -0.50
C MET A 88 3.28 -4.60 0.60
N PHE A 89 2.29 -4.87 1.43
CA PHE A 89 2.44 -5.85 2.47
C PHE A 89 1.56 -7.04 2.15
N SER A 90 2.05 -8.23 2.38
CA SER A 90 1.26 -9.42 2.16
C SER A 90 0.66 -9.88 3.48
N PHE A 91 -0.65 -9.98 3.51
CA PHE A 91 -1.36 -10.32 4.74
C PHE A 91 -1.86 -11.76 4.67
N ASN A 92 -2.24 -12.31 5.81
CA ASN A 92 -2.57 -13.74 5.89
C ASN A 92 -4.06 -13.93 6.04
N ASN A 93 -4.80 -12.84 6.20
CA ASN A 93 -6.23 -12.90 6.41
C ASN A 93 -6.93 -11.73 5.76
N ARG A 94 -7.94 -12.05 4.97
CA ARG A 94 -8.73 -11.06 4.25
C ARG A 94 -9.45 -10.13 5.21
N THR A 95 -9.73 -10.61 6.41
CA THR A 95 -10.39 -9.80 7.42
C THR A 95 -9.41 -8.76 7.98
N VAL A 96 -8.32 -9.25 8.55
CA VAL A 96 -7.25 -8.40 9.08
C VAL A 96 -6.87 -7.32 8.10
N MET A 97 -6.53 -7.72 6.89
CA MET A 97 -6.10 -6.78 5.88
C MET A 97 -7.23 -5.82 5.54
N ASP A 98 -8.49 -6.27 5.64
CA ASP A 98 -9.63 -5.39 5.36
C ASP A 98 -9.74 -4.34 6.44
N ASN A 99 -9.34 -4.74 7.63
CA ASN A 99 -9.33 -3.87 8.78
C ASN A 99 -8.22 -2.85 8.64
N ILE A 100 -7.08 -3.34 8.19
CA ILE A 100 -5.91 -2.51 7.93
C ILE A 100 -6.19 -1.48 6.84
N LYS A 101 -6.64 -1.94 5.66
CA LYS A 101 -6.88 -1.05 4.55
C LYS A 101 -7.92 0.00 4.89
N MET A 102 -9.00 -0.42 5.55
CA MET A 102 -10.10 0.49 5.83
C MET A 102 -9.63 1.56 6.80
N THR A 103 -8.67 1.18 7.61
CA THR A 103 -8.03 2.09 8.54
C THR A 103 -7.26 3.15 7.78
N LEU A 104 -6.41 2.69 6.87
CA LEU A 104 -5.56 3.59 6.12
C LEU A 104 -6.37 4.42 5.15
N GLN A 105 -7.08 3.74 4.25
CA GLN A 105 -7.90 4.41 3.22
C GLN A 105 -8.80 5.50 3.80
N GLN A 106 -9.20 5.36 5.05
CA GLN A 106 -9.98 6.38 5.70
C GLN A 106 -9.13 7.63 5.87
N ILE A 107 -7.94 7.40 6.40
CA ILE A 107 -6.93 8.44 6.59
C ILE A 107 -6.57 9.08 5.26
N ILE A 108 -6.38 8.24 4.26
CA ILE A 108 -5.96 8.71 2.96
C ILE A 108 -7.00 9.65 2.38
N SER A 109 -8.23 9.18 2.23
CA SER A 109 -9.34 10.04 1.82
C SER A 109 -9.49 11.26 2.74
N ARG A 110 -9.10 11.08 4.01
CA ARG A 110 -9.12 12.16 4.99
C ARG A 110 -8.04 13.20 4.65
N TYR A 111 -7.09 12.79 3.82
CA TYR A 111 -6.04 13.67 3.38
C TYR A 111 -6.25 14.04 1.93
N LYS A 112 -7.25 13.42 1.32
CA LYS A 112 -7.68 13.76 -0.02
C LYS A 112 -8.45 15.07 0.01
N ASP A 113 -9.19 15.24 1.08
CA ASP A 113 -9.91 16.48 1.35
C ASP A 113 -8.92 17.61 1.62
N ALA A 114 -7.66 17.23 1.81
CA ALA A 114 -6.63 18.20 2.12
C ALA A 114 -5.40 17.96 1.27
N ASP A 115 -5.60 17.43 0.06
CA ASP A 115 -4.48 17.14 -0.82
C ASP A 115 -4.41 18.16 -1.94
N GLY B 1 27.54 -0.53 -4.14
CA GLY B 1 26.70 -1.51 -3.41
C GLY B 1 26.89 -2.91 -3.94
N GLY B 2 26.53 -3.90 -3.13
CA GLY B 2 26.66 -5.28 -3.55
C GLY B 2 25.84 -6.21 -2.69
N GLY B 3 24.95 -6.96 -3.31
CA GLY B 3 24.14 -7.91 -2.58
C GLY B 3 22.68 -7.76 -2.90
N GLY B 4 21.93 -7.19 -1.97
CA GLY B 4 20.51 -7.01 -2.17
C GLY B 4 20.19 -5.76 -2.97
N TYR B 5 20.83 -5.63 -4.12
CA TYR B 5 20.61 -4.48 -4.99
C TYR B 5 20.74 -4.92 -6.44
N ASP B 6 20.47 -6.19 -6.70
CA ASP B 6 20.57 -6.72 -8.05
C ASP B 6 19.19 -6.77 -8.69
N VAL B 7 18.80 -5.65 -9.29
CA VAL B 7 17.49 -5.51 -9.92
C VAL B 7 16.38 -5.84 -8.93
N GLU B 8 16.28 -5.01 -7.90
CA GLU B 8 15.27 -5.21 -6.88
C GLU B 8 14.26 -4.06 -6.92
N MET B 9 13.14 -4.23 -6.21
CA MET B 9 12.03 -3.27 -6.20
C MET B 9 11.18 -3.53 -7.44
N GLU B 10 11.38 -4.72 -7.97
CA GLU B 10 10.71 -5.18 -9.15
C GLU B 10 9.39 -5.84 -8.77
N SER B 11 8.36 -5.59 -9.55
CA SER B 11 7.01 -6.08 -9.26
C SER B 11 6.83 -7.52 -9.72
N GLU B 12 7.49 -8.43 -9.03
CA GLU B 12 7.40 -9.86 -9.33
C GLU B 12 6.13 -10.43 -8.74
N GLU B 13 6.03 -10.34 -7.42
CA GLU B 13 4.87 -10.81 -6.68
C GLU B 13 3.73 -9.82 -6.77
N GLU B 14 4.09 -8.58 -7.09
CA GLU B 14 3.12 -7.50 -7.22
C GLU B 14 2.25 -7.65 -8.46
N SER B 15 2.64 -8.59 -9.33
CA SER B 15 2.00 -8.82 -10.62
C SER B 15 2.06 -7.56 -11.50
N ASP B 16 1.25 -7.52 -12.57
CA ASP B 16 1.33 -6.41 -13.51
C ASP B 16 0.73 -5.13 -12.93
N ASP B 17 -0.55 -5.14 -12.56
CA ASP B 17 -1.13 -3.98 -11.88
C ASP B 17 -0.88 -4.09 -10.39
N ASP B 18 -1.59 -5.03 -9.77
CA ASP B 18 -1.55 -5.27 -8.33
C ASP B 18 -2.66 -6.23 -7.95
N GLY B 19 -3.82 -6.06 -8.58
CA GLY B 19 -4.92 -6.99 -8.38
C GLY B 19 -5.81 -6.62 -7.21
N PHE B 20 -5.53 -5.49 -6.60
CA PHE B 20 -6.26 -5.03 -5.43
C PHE B 20 -7.30 -3.98 -5.82
N VAL B 21 -8.04 -3.51 -4.84
CA VAL B 21 -9.00 -2.43 -5.03
C VAL B 21 -8.81 -1.37 -3.96
N GLU B 22 -9.08 -0.12 -4.29
CA GLU B 22 -8.96 0.96 -3.33
C GLU B 22 -10.33 1.51 -2.96
N VAL B 23 -10.59 1.61 -1.67
CA VAL B 23 -11.87 2.08 -1.18
C VAL B 23 -11.77 3.54 -0.74
N ASP B 24 -12.28 4.43 -1.57
CA ASP B 24 -12.30 5.85 -1.25
C ASP B 24 -13.72 6.27 -0.92
N PRO A 1 -9.26 -2.49 17.07
CA PRO A 1 -8.06 -3.31 16.77
C PRO A 1 -7.83 -3.46 15.27
N SER A 2 -8.33 -2.50 14.50
CA SER A 2 -8.19 -2.54 13.05
C SER A 2 -6.92 -1.82 12.62
N HIS A 3 -6.38 -1.02 13.52
CA HIS A 3 -5.23 -0.17 13.22
C HIS A 3 -3.92 -0.92 13.40
N SER A 4 -4.00 -2.23 13.41
CA SER A 4 -2.81 -3.06 13.57
C SER A 4 -3.10 -4.50 13.15
N GLY A 5 -2.13 -5.13 12.51
CA GLY A 5 -2.28 -6.48 12.05
C GLY A 5 -1.00 -6.97 11.41
N ALA A 6 -0.70 -8.24 11.53
CA ALA A 6 0.55 -8.76 11.02
C ALA A 6 0.59 -8.76 9.49
N ALA A 7 1.76 -8.50 8.91
CA ALA A 7 1.94 -8.51 7.47
C ALA A 7 3.39 -8.86 7.09
N ILE A 8 3.56 -9.36 5.89
CA ILE A 8 4.86 -9.70 5.35
C ILE A 8 5.38 -8.54 4.52
N PHE A 9 6.63 -8.18 4.72
CA PHE A 9 7.25 -7.15 3.93
C PHE A 9 8.68 -7.55 3.60
N GLU A 10 8.98 -7.63 2.31
CA GLU A 10 10.29 -8.09 1.84
C GLU A 10 10.50 -9.55 2.22
N LYS A 11 9.44 -10.32 2.05
CA LYS A 11 9.45 -11.78 2.18
C LYS A 11 9.55 -12.25 3.63
N VAL A 12 9.73 -11.32 4.56
CA VAL A 12 9.74 -11.65 5.98
C VAL A 12 8.40 -11.32 6.61
N SER A 13 7.91 -12.24 7.42
CA SER A 13 6.68 -12.03 8.16
C SER A 13 6.88 -11.05 9.30
N GLY A 14 6.04 -10.05 9.35
CA GLY A 14 6.13 -9.05 10.38
C GLY A 14 4.79 -8.52 10.80
N ILE A 15 4.78 -7.34 11.39
CA ILE A 15 3.55 -6.75 11.89
C ILE A 15 3.36 -5.36 11.34
N ILE A 16 2.13 -4.94 11.24
CA ILE A 16 1.79 -3.61 10.75
C ILE A 16 0.94 -2.88 11.78
N ALA A 17 1.27 -1.63 12.04
CA ALA A 17 0.49 -0.84 12.96
C ALA A 17 0.27 0.58 12.44
N ILE A 18 -0.98 0.87 12.10
CA ILE A 18 -1.39 2.22 11.75
C ILE A 18 -1.73 2.96 13.02
N ASN A 19 -0.96 3.95 13.36
CA ASN A 19 -1.22 4.72 14.55
C ASN A 19 -1.55 6.13 14.19
N GLU A 20 -2.69 6.63 14.66
CA GLU A 20 -2.84 8.05 14.62
C GLU A 20 -2.78 8.56 16.06
N ASP A 21 -1.56 8.73 16.53
CA ASP A 21 -1.21 9.60 17.64
C ASP A 21 -0.20 10.58 17.10
N VAL A 22 0.23 10.25 15.90
CA VAL A 22 1.49 10.67 15.35
C VAL A 22 1.33 11.82 14.35
N SER A 23 2.47 12.33 13.89
CA SER A 23 2.52 13.20 12.73
C SER A 23 1.84 12.45 11.58
N PRO A 24 1.45 13.08 10.45
CA PRO A 24 0.25 12.65 9.69
C PRO A 24 0.15 11.14 9.61
N ALA A 25 -1.05 10.64 9.97
CA ALA A 25 -1.26 9.24 10.40
C ALA A 25 -0.30 8.28 9.75
N GLU A 26 0.28 7.46 10.60
CA GLU A 26 1.48 6.78 10.23
C GLU A 26 1.40 5.28 10.57
N LEU A 27 1.80 4.47 9.61
CA LEU A 27 1.79 3.02 9.72
C LEU A 27 3.19 2.58 10.05
N THR A 28 3.32 1.52 10.81
CA THR A 28 4.62 1.04 11.16
C THR A 28 4.68 -0.47 11.06
N TRP A 29 5.39 -0.95 10.07
CA TRP A 29 5.61 -2.37 9.92
C TRP A 29 6.79 -2.78 10.76
N ARG A 30 6.52 -3.55 11.77
CA ARG A 30 7.52 -4.04 12.67
C ARG A 30 7.54 -5.55 12.60
N SER A 31 8.66 -6.13 12.17
CA SER A 31 8.75 -7.55 11.96
C SER A 31 8.38 -8.33 13.22
N THR A 32 7.88 -9.53 13.03
CA THR A 32 7.46 -10.38 14.14
C THR A 32 8.63 -10.56 15.12
N ASP A 33 9.83 -10.63 14.54
CA ASP A 33 11.06 -10.76 15.30
C ASP A 33 11.48 -9.44 15.93
N GLY A 34 11.09 -8.34 15.30
CA GLY A 34 11.39 -7.02 15.83
C GLY A 34 12.70 -6.44 15.32
N ASP A 35 13.37 -7.17 14.44
CA ASP A 35 14.64 -6.72 13.90
C ASP A 35 14.45 -5.72 12.75
N LYS A 36 13.31 -5.78 12.09
CA LYS A 36 13.04 -4.90 10.97
C LYS A 36 11.79 -4.06 11.21
N VAL A 37 11.87 -2.81 10.80
CA VAL A 37 10.75 -1.87 10.94
C VAL A 37 10.66 -0.95 9.72
N HIS A 38 9.49 -0.90 9.10
CA HIS A 38 9.26 -0.04 7.96
C HIS A 38 8.01 0.81 8.18
N THR A 39 8.19 2.10 8.33
CA THR A 39 7.09 3.00 8.62
C THR A 39 6.55 3.67 7.34
N VAL A 40 5.25 3.92 7.30
CA VAL A 40 4.61 4.60 6.17
C VAL A 40 3.81 5.83 6.64
N VAL A 41 4.07 6.98 6.03
CA VAL A 41 3.26 8.18 6.29
C VAL A 41 2.11 8.24 5.30
N LEU A 42 0.93 7.99 5.82
CA LEU A 42 -0.31 7.97 5.03
C LEU A 42 -0.49 9.24 4.20
N SER A 43 0.04 10.36 4.66
CA SER A 43 -0.10 11.61 3.91
C SER A 43 0.79 11.63 2.68
N THR A 44 1.96 11.02 2.78
CA THR A 44 2.81 10.87 1.60
C THR A 44 2.22 9.81 0.68
N ILE A 45 1.34 8.99 1.23
CA ILE A 45 0.60 8.00 0.49
C ILE A 45 -0.58 8.64 -0.25
N ASP A 46 -0.55 8.55 -1.58
CA ASP A 46 -1.63 9.05 -2.42
C ASP A 46 -2.84 8.13 -2.39
N LYS A 47 -2.59 6.83 -2.48
CA LYS A 47 -3.66 5.83 -2.49
C LYS A 47 -3.26 4.62 -1.67
N LEU A 48 -4.23 3.91 -1.15
CA LEU A 48 -3.96 2.60 -0.61
C LEU A 48 -4.74 1.57 -1.39
N GLN A 49 -4.13 0.42 -1.53
CA GLN A 49 -4.69 -0.67 -2.28
C GLN A 49 -4.79 -1.90 -1.40
N ALA A 50 -5.67 -2.79 -1.78
CA ALA A 50 -5.87 -4.05 -1.07
C ALA A 50 -6.62 -5.03 -1.96
N THR A 51 -6.30 -6.31 -1.83
CA THR A 51 -6.93 -7.39 -2.59
C THR A 51 -8.44 -7.23 -2.66
N PRO A 52 -8.97 -7.25 -3.87
CA PRO A 52 -10.41 -7.11 -4.14
C PRO A 52 -11.19 -8.32 -3.63
N ALA A 53 -12.49 -8.20 -3.55
CA ALA A 53 -13.33 -9.33 -3.17
C ALA A 53 -13.15 -10.48 -4.17
N SER A 54 -12.83 -10.12 -5.41
CA SER A 54 -12.57 -11.11 -6.46
C SER A 54 -11.25 -11.84 -6.20
N SER A 55 -10.38 -11.21 -5.42
CA SER A 55 -9.09 -11.81 -5.08
C SER A 55 -9.30 -12.96 -4.09
N GLU A 56 -8.47 -13.99 -4.21
CA GLU A 56 -8.46 -15.10 -3.27
C GLU A 56 -7.50 -14.80 -2.13
N LYS A 57 -6.75 -13.72 -2.31
CA LYS A 57 -5.67 -13.38 -1.40
C LYS A 57 -6.09 -12.24 -0.49
N MET A 58 -5.16 -11.89 0.39
CA MET A 58 -5.33 -10.80 1.31
C MET A 58 -4.04 -10.00 1.34
N MET A 59 -4.08 -8.80 0.81
CA MET A 59 -2.84 -8.05 0.60
C MET A 59 -3.11 -6.56 0.51
N LEU A 60 -2.25 -5.75 1.13
CA LEU A 60 -2.33 -4.28 1.00
C LEU A 60 -1.14 -3.71 0.21
N ARG A 61 -1.35 -2.53 -0.37
CA ARG A 61 -0.29 -1.79 -1.06
C ARG A 61 -0.55 -0.28 -0.97
N LEU A 62 0.33 0.41 -0.25
CA LEU A 62 0.18 1.84 0.00
C LEU A 62 1.00 2.65 -1.00
N ILE A 63 0.32 3.36 -1.90
CA ILE A 63 0.96 4.06 -3.01
C ILE A 63 1.36 5.46 -2.58
N GLY A 64 2.65 5.77 -2.68
CA GLY A 64 3.10 7.10 -2.32
C GLY A 64 2.91 8.08 -3.46
N LYS A 65 2.82 9.37 -3.14
CA LYS A 65 2.73 10.40 -4.16
C LYS A 65 4.03 10.50 -4.93
N VAL A 66 3.94 10.62 -6.25
CA VAL A 66 5.10 10.88 -7.07
C VAL A 66 5.09 12.33 -7.51
N ASP A 67 6.22 12.81 -7.97
CA ASP A 67 6.30 14.14 -8.53
C ASP A 67 6.56 14.06 -10.03
N GLU A 68 5.56 14.40 -10.82
CA GLU A 68 5.68 14.31 -12.28
C GLU A 68 6.45 15.50 -12.84
N SER A 69 6.58 16.55 -12.05
CA SER A 69 7.23 17.77 -12.52
C SER A 69 8.75 17.64 -12.42
N LYS A 70 9.22 17.04 -11.34
CA LYS A 70 10.63 16.79 -11.15
C LYS A 70 11.04 15.50 -11.84
N LYS A 71 11.14 15.56 -13.16
CA LYS A 71 11.47 14.39 -13.95
C LYS A 71 12.87 13.90 -13.63
N ARG A 72 12.97 12.60 -13.51
CA ARG A 72 14.22 11.92 -13.20
C ARG A 72 15.01 11.69 -14.48
N LYS A 73 16.19 11.15 -14.38
CA LYS A 73 17.10 11.03 -15.52
C LYS A 73 17.45 9.56 -15.75
N ASP A 74 17.49 9.16 -17.02
CA ASP A 74 17.78 7.77 -17.36
C ASP A 74 19.27 7.61 -17.63
N ASN A 75 19.64 6.57 -18.38
CA ASN A 75 21.05 6.25 -18.60
C ASN A 75 21.80 7.39 -19.27
N GLU A 76 21.12 8.18 -20.09
CA GLU A 76 21.76 9.27 -20.82
C GLU A 76 21.60 10.54 -20.04
N GLY A 77 20.94 10.41 -18.91
CA GLY A 77 20.62 11.55 -18.09
C GLY A 77 19.59 12.42 -18.77
N ASN A 78 18.68 11.77 -19.49
CA ASN A 78 17.70 12.47 -20.28
C ASN A 78 16.52 12.92 -19.41
N GLU A 79 15.53 12.05 -19.22
CA GLU A 79 14.42 12.31 -18.31
C GLU A 79 13.42 11.16 -18.31
N VAL A 80 13.09 10.70 -17.12
CA VAL A 80 12.02 9.72 -16.94
C VAL A 80 11.03 10.26 -15.92
N VAL A 81 9.77 9.92 -16.08
CA VAL A 81 8.80 10.24 -15.05
C VAL A 81 8.41 8.95 -14.32
N PRO A 82 9.06 8.72 -13.18
CA PRO A 82 8.94 7.48 -12.42
C PRO A 82 7.52 7.21 -11.92
N LYS A 83 7.14 5.95 -11.96
CA LYS A 83 5.90 5.52 -11.34
C LYS A 83 6.05 5.57 -9.83
N PRO A 84 5.03 6.08 -9.14
CA PRO A 84 5.04 6.28 -7.70
C PRO A 84 5.44 5.02 -6.94
N GLN A 85 6.34 5.16 -5.99
CA GLN A 85 6.73 4.04 -5.17
C GLN A 85 5.62 3.69 -4.21
N ARG A 86 5.28 2.42 -4.19
CA ARG A 86 4.17 1.97 -3.40
C ARG A 86 4.59 0.82 -2.50
N HIS A 87 4.05 0.83 -1.29
CA HIS A 87 4.48 -0.07 -0.25
C HIS A 87 3.50 -1.20 -0.09
N MET A 88 3.93 -2.39 -0.46
CA MET A 88 3.06 -3.55 -0.51
C MET A 88 3.38 -4.51 0.61
N PHE A 89 2.40 -4.78 1.46
CA PHE A 89 2.60 -5.76 2.50
C PHE A 89 1.71 -6.95 2.19
N SER A 90 2.20 -8.15 2.43
CA SER A 90 1.41 -9.33 2.18
C SER A 90 0.78 -9.81 3.47
N PHE A 91 -0.53 -9.96 3.44
CA PHE A 91 -1.28 -10.35 4.62
C PHE A 91 -1.77 -11.78 4.46
N ASN A 92 -2.27 -12.36 5.54
CA ASN A 92 -2.67 -13.77 5.51
C ASN A 92 -4.10 -13.93 5.97
N ASN A 93 -4.72 -12.83 6.38
CA ASN A 93 -6.10 -12.85 6.80
C ASN A 93 -6.89 -11.74 6.13
N ARG A 94 -7.97 -12.14 5.47
CA ARG A 94 -8.81 -11.22 4.71
C ARG A 94 -9.43 -10.16 5.62
N THR A 95 -9.73 -10.52 6.84
CA THR A 95 -10.35 -9.60 7.77
C THR A 95 -9.34 -8.56 8.25
N VAL A 96 -8.24 -9.04 8.80
CA VAL A 96 -7.13 -8.19 9.22
C VAL A 96 -6.77 -7.16 8.17
N MET A 97 -6.48 -7.64 6.96
CA MET A 97 -6.07 -6.76 5.90
C MET A 97 -7.21 -5.84 5.49
N ASP A 98 -8.45 -6.32 5.66
CA ASP A 98 -9.61 -5.48 5.37
C ASP A 98 -9.66 -4.34 6.35
N ASN A 99 -9.28 -4.66 7.57
CA ASN A 99 -9.29 -3.73 8.68
C ASN A 99 -8.16 -2.73 8.50
N ILE A 100 -6.98 -3.27 8.23
CA ILE A 100 -5.80 -2.47 7.96
C ILE A 100 -6.08 -1.52 6.79
N LYS A 101 -6.55 -2.09 5.68
CA LYS A 101 -6.89 -1.31 4.50
C LYS A 101 -7.90 -0.22 4.82
N MET A 102 -8.98 -0.59 5.50
CA MET A 102 -10.06 0.34 5.77
C MET A 102 -9.60 1.40 6.78
N THR A 103 -8.60 1.04 7.57
CA THR A 103 -8.00 1.99 8.49
C THR A 103 -7.26 3.07 7.72
N LEU A 104 -6.40 2.64 6.81
CA LEU A 104 -5.55 3.54 6.07
C LEU A 104 -6.35 4.37 5.10
N GLN A 105 -7.07 3.71 4.18
CA GLN A 105 -7.85 4.41 3.15
C GLN A 105 -8.77 5.47 3.73
N GLN A 106 -9.19 5.31 4.98
CA GLN A 106 -9.99 6.33 5.63
C GLN A 106 -9.14 7.56 5.81
N ILE A 107 -7.96 7.35 6.34
CA ILE A 107 -6.95 8.38 6.53
C ILE A 107 -6.59 9.02 5.20
N ILE A 108 -6.43 8.18 4.19
CA ILE A 108 -6.00 8.66 2.89
C ILE A 108 -7.08 9.52 2.26
N SER A 109 -8.32 9.02 2.25
CA SER A 109 -9.46 9.81 1.79
C SER A 109 -9.62 11.06 2.66
N ARG A 110 -9.13 10.98 3.89
CA ARG A 110 -9.15 12.08 4.83
C ARG A 110 -8.10 13.12 4.45
N TYR A 111 -7.02 12.66 3.85
CA TYR A 111 -5.94 13.55 3.46
C TYR A 111 -6.07 13.99 2.00
N LYS A 112 -6.81 13.24 1.20
CA LYS A 112 -7.11 13.65 -0.17
C LYS A 112 -8.17 14.73 -0.14
N ASP A 113 -8.92 14.75 0.95
CA ASP A 113 -9.89 15.81 1.22
C ASP A 113 -9.18 17.11 1.56
N ALA A 114 -7.92 16.99 1.96
CA ALA A 114 -7.13 18.14 2.38
C ALA A 114 -5.74 18.09 1.75
N ASP A 115 -5.67 17.63 0.50
CA ASP A 115 -4.40 17.54 -0.20
C ASP A 115 -4.06 18.86 -0.86
N GLY B 1 19.84 -4.58 -30.44
CA GLY B 1 18.58 -4.21 -31.12
C GLY B 1 17.66 -3.41 -30.22
N GLY B 2 17.04 -4.09 -29.26
CA GLY B 2 16.13 -3.41 -28.35
C GLY B 2 15.61 -4.35 -27.29
N GLY B 3 16.51 -4.91 -26.51
CA GLY B 3 16.12 -5.85 -25.48
C GLY B 3 15.60 -5.16 -24.23
N GLY B 4 14.73 -5.84 -23.52
CA GLY B 4 14.16 -5.29 -22.30
C GLY B 4 12.65 -5.29 -22.34
N TYR B 5 12.10 -4.31 -23.03
CA TYR B 5 10.67 -4.23 -23.23
C TYR B 5 10.30 -4.77 -24.60
N ASP B 6 11.19 -5.59 -25.15
CA ASP B 6 11.00 -6.16 -26.48
C ASP B 6 9.76 -7.06 -26.50
N VAL B 7 8.71 -6.54 -27.12
CA VAL B 7 7.41 -7.19 -27.16
C VAL B 7 6.96 -7.55 -25.74
N GLU B 8 6.97 -6.55 -24.86
CA GLU B 8 6.50 -6.70 -23.50
C GLU B 8 5.49 -5.62 -23.17
N MET B 9 4.35 -6.03 -22.64
CA MET B 9 3.31 -5.10 -22.25
C MET B 9 2.72 -5.54 -20.91
N GLU B 10 3.61 -5.84 -19.99
CA GLU B 10 3.22 -6.40 -18.72
C GLU B 10 2.64 -5.33 -17.81
N SER B 11 1.75 -5.75 -16.93
CA SER B 11 1.12 -4.85 -15.97
C SER B 11 0.93 -5.57 -14.64
N GLU B 12 1.49 -5.00 -13.59
CA GLU B 12 1.49 -5.59 -12.26
C GLU B 12 0.06 -5.75 -11.74
N GLU B 13 -0.82 -4.85 -12.15
CA GLU B 13 -2.21 -4.88 -11.72
C GLU B 13 -2.94 -6.08 -12.32
N GLU B 14 -2.41 -6.62 -13.42
CA GLU B 14 -3.02 -7.76 -14.07
C GLU B 14 -2.59 -9.07 -13.43
N SER B 15 -1.56 -9.01 -12.59
CA SER B 15 -1.08 -10.18 -11.88
C SER B 15 -2.15 -10.73 -10.96
N ASP B 16 -2.25 -12.05 -10.87
CA ASP B 16 -3.23 -12.71 -10.02
C ASP B 16 -2.78 -12.66 -8.57
N ASP B 17 -1.48 -12.48 -8.38
CA ASP B 17 -0.90 -12.35 -7.04
C ASP B 17 -0.94 -10.89 -6.59
N ASP B 18 -1.51 -10.04 -7.43
CA ASP B 18 -1.65 -8.63 -7.15
C ASP B 18 -3.02 -8.20 -7.66
N GLY B 19 -3.15 -6.94 -8.01
CA GLY B 19 -4.35 -6.47 -8.63
C GLY B 19 -5.37 -5.96 -7.63
N PHE B 20 -4.87 -5.18 -6.68
CA PHE B 20 -5.70 -4.65 -5.61
C PHE B 20 -6.73 -3.65 -6.14
N VAL B 21 -7.62 -3.24 -5.26
CA VAL B 21 -8.63 -2.25 -5.61
C VAL B 21 -8.82 -1.25 -4.47
N GLU B 22 -9.14 -0.02 -4.83
CA GLU B 22 -9.42 1.01 -3.84
C GLU B 22 -10.85 0.83 -3.34
N VAL B 23 -11.01 0.65 -2.04
CA VAL B 23 -12.32 0.39 -1.46
C VAL B 23 -12.81 1.61 -0.70
N ASP B 24 -13.72 2.35 -1.31
CA ASP B 24 -14.26 3.56 -0.70
C ASP B 24 -15.71 3.76 -1.14
N PRO A 1 -8.89 -0.03 17.08
CA PRO A 1 -9.50 -1.15 16.31
C PRO A 1 -9.07 -1.07 14.85
N SER A 2 -8.77 -2.24 14.27
CA SER A 2 -8.44 -2.36 12.84
C SER A 2 -7.07 -1.76 12.50
N HIS A 3 -6.51 -1.01 13.43
CA HIS A 3 -5.34 -0.19 13.15
C HIS A 3 -4.03 -0.97 13.29
N SER A 4 -4.12 -2.28 13.37
CA SER A 4 -2.92 -3.09 13.54
C SER A 4 -3.19 -4.55 13.19
N GLY A 5 -2.22 -5.16 12.53
CA GLY A 5 -2.33 -6.53 12.11
C GLY A 5 -1.04 -6.98 11.46
N ALA A 6 -0.74 -8.26 11.52
CA ALA A 6 0.53 -8.75 11.01
C ALA A 6 0.56 -8.74 9.47
N ALA A 7 1.73 -8.48 8.90
CA ALA A 7 1.90 -8.47 7.44
C ALA A 7 3.32 -8.82 7.04
N ILE A 8 3.46 -9.39 5.86
CA ILE A 8 4.75 -9.69 5.27
C ILE A 8 5.16 -8.53 4.38
N PHE A 9 6.34 -7.99 4.63
CA PHE A 9 6.81 -6.86 3.87
C PHE A 9 8.22 -7.12 3.35
N GLU A 10 8.32 -7.41 2.06
CA GLU A 10 9.59 -7.75 1.41
C GLU A 10 10.10 -9.09 1.93
N LYS A 11 9.22 -10.07 1.83
CA LYS A 11 9.54 -11.48 2.08
C LYS A 11 9.79 -11.79 3.56
N VAL A 12 9.86 -10.77 4.40
CA VAL A 12 9.93 -10.97 5.84
C VAL A 12 8.55 -10.79 6.46
N SER A 13 8.18 -11.73 7.32
CA SER A 13 6.88 -11.67 7.98
C SER A 13 6.99 -10.81 9.24
N GLY A 14 6.15 -9.80 9.30
CA GLY A 14 6.18 -8.90 10.43
C GLY A 14 4.80 -8.41 10.80
N ILE A 15 4.75 -7.26 11.43
CA ILE A 15 3.50 -6.71 11.90
C ILE A 15 3.31 -5.31 11.34
N ILE A 16 2.06 -4.92 11.22
CA ILE A 16 1.70 -3.60 10.73
C ILE A 16 0.83 -2.89 11.75
N ALA A 17 1.18 -1.65 12.05
CA ALA A 17 0.38 -0.86 12.96
C ALA A 17 0.21 0.56 12.44
N ILE A 18 -1.01 0.88 12.07
CA ILE A 18 -1.37 2.23 11.70
C ILE A 18 -1.71 2.99 12.97
N ASN A 19 -0.98 4.03 13.25
CA ASN A 19 -1.20 4.78 14.45
C ASN A 19 -1.49 6.21 14.11
N GLU A 20 -2.63 6.72 14.54
CA GLU A 20 -2.76 8.15 14.52
C GLU A 20 -2.71 8.64 15.96
N ASP A 21 -1.48 8.79 16.45
CA ASP A 21 -1.14 9.64 17.57
C ASP A 21 -0.10 10.62 17.05
N VAL A 22 0.33 10.29 15.85
CA VAL A 22 1.59 10.72 15.29
C VAL A 22 1.42 11.87 14.30
N SER A 23 2.55 12.39 13.81
CA SER A 23 2.59 13.28 12.65
C SER A 23 1.86 12.54 11.51
N PRO A 24 1.48 13.18 10.38
CA PRO A 24 0.33 12.72 9.57
C PRO A 24 0.32 11.21 9.46
N ALA A 25 -0.85 10.64 9.80
CA ALA A 25 -0.99 9.25 10.23
C ALA A 25 0.03 8.31 9.63
N GLU A 26 0.60 7.49 10.49
CA GLU A 26 1.70 6.66 10.11
C GLU A 26 1.42 5.20 10.38
N LEU A 27 1.85 4.38 9.45
CA LEU A 27 1.79 2.94 9.57
C LEU A 27 3.15 2.49 9.97
N THR A 28 3.22 1.50 10.80
CA THR A 28 4.48 1.02 11.26
C THR A 28 4.56 -0.48 11.08
N TRP A 29 5.35 -0.90 10.12
CA TRP A 29 5.56 -2.32 9.90
C TRP A 29 6.77 -2.75 10.70
N ARG A 30 6.53 -3.58 11.68
CA ARG A 30 7.56 -4.04 12.57
C ARG A 30 7.64 -5.55 12.52
N SER A 31 8.81 -6.09 12.21
CA SER A 31 8.98 -7.52 12.07
C SER A 31 8.51 -8.23 13.34
N THR A 32 7.86 -9.36 13.16
CA THR A 32 7.31 -10.13 14.27
C THR A 32 8.42 -10.46 15.29
N ASP A 33 9.62 -10.67 14.78
CA ASP A 33 10.78 -10.98 15.59
C ASP A 33 11.47 -9.70 16.07
N GLY A 34 10.97 -8.56 15.62
CA GLY A 34 11.53 -7.29 16.02
C GLY A 34 12.79 -6.94 15.27
N ASP A 35 12.99 -7.58 14.11
CA ASP A 35 14.19 -7.37 13.32
C ASP A 35 14.22 -6.00 12.66
N LYS A 36 13.43 -5.83 11.62
CA LYS A 36 13.40 -4.57 10.88
C LYS A 36 12.04 -3.90 10.97
N VAL A 37 12.02 -2.57 10.85
CA VAL A 37 10.79 -1.79 10.99
C VAL A 37 10.65 -0.79 9.84
N HIS A 38 9.48 -0.76 9.20
CA HIS A 38 9.20 0.21 8.15
C HIS A 38 7.97 1.03 8.49
N THR A 39 8.17 2.29 8.79
CA THR A 39 7.06 3.19 9.03
C THR A 39 6.71 3.93 7.74
N VAL A 40 5.43 4.10 7.44
CA VAL A 40 5.03 4.86 6.24
C VAL A 40 4.01 5.95 6.56
N VAL A 41 4.17 7.12 5.94
CA VAL A 41 3.30 8.27 6.18
C VAL A 41 2.12 8.25 5.21
N LEU A 42 0.96 7.99 5.76
CA LEU A 42 -0.30 7.93 5.01
C LEU A 42 -0.55 9.18 4.19
N SER A 43 -0.04 10.32 4.64
CA SER A 43 -0.24 11.56 3.90
C SER A 43 0.69 11.64 2.69
N THR A 44 1.89 11.10 2.82
CA THR A 44 2.80 10.98 1.69
C THR A 44 2.33 9.86 0.76
N ILE A 45 1.40 9.07 1.27
CA ILE A 45 0.70 8.08 0.49
C ILE A 45 -0.44 8.73 -0.29
N ASP A 46 -0.41 8.55 -1.61
CA ASP A 46 -1.45 9.04 -2.50
C ASP A 46 -2.71 8.18 -2.39
N LYS A 47 -2.52 6.86 -2.48
CA LYS A 47 -3.64 5.91 -2.45
C LYS A 47 -3.25 4.66 -1.67
N LEU A 48 -4.24 3.88 -1.29
CA LEU A 48 -3.98 2.57 -0.72
C LEU A 48 -4.72 1.52 -1.50
N GLN A 49 -4.09 0.38 -1.64
CA GLN A 49 -4.65 -0.73 -2.36
C GLN A 49 -4.83 -1.90 -1.42
N ALA A 50 -5.71 -2.78 -1.79
CA ALA A 50 -5.96 -3.99 -1.05
C ALA A 50 -6.67 -4.96 -1.96
N THR A 51 -6.55 -6.24 -1.69
CA THR A 51 -7.19 -7.26 -2.50
C THR A 51 -8.71 -7.05 -2.57
N PRO A 52 -9.21 -6.85 -3.78
CA PRO A 52 -10.64 -6.68 -4.08
C PRO A 52 -11.40 -7.98 -3.93
N ALA A 53 -12.72 -7.91 -3.96
CA ALA A 53 -13.55 -9.10 -4.00
C ALA A 53 -13.18 -9.97 -5.20
N SER A 54 -12.65 -9.33 -6.24
CA SER A 54 -12.18 -10.03 -7.43
C SER A 54 -10.93 -10.86 -7.12
N SER A 55 -10.19 -10.43 -6.11
CA SER A 55 -9.00 -11.14 -5.68
C SER A 55 -9.38 -12.20 -4.67
N GLU A 56 -8.71 -13.34 -4.73
CA GLU A 56 -8.98 -14.44 -3.82
C GLU A 56 -8.04 -14.40 -2.63
N LYS A 57 -7.08 -13.49 -2.68
CA LYS A 57 -6.01 -13.43 -1.70
C LYS A 57 -6.25 -12.29 -0.70
N MET A 58 -5.26 -12.06 0.16
CA MET A 58 -5.30 -10.96 1.10
C MET A 58 -3.99 -10.17 1.03
N MET A 59 -4.05 -8.94 0.56
CA MET A 59 -2.85 -8.13 0.44
C MET A 59 -3.18 -6.64 0.40
N LEU A 60 -2.35 -5.83 1.03
CA LEU A 60 -2.44 -4.37 0.91
C LEU A 60 -1.26 -3.81 0.11
N ARG A 61 -1.42 -2.57 -0.35
CA ARG A 61 -0.38 -1.86 -1.09
C ARG A 61 -0.57 -0.35 -0.93
N LEU A 62 0.34 0.32 -0.26
CA LEU A 62 0.21 1.75 -0.02
C LEU A 62 1.01 2.54 -1.06
N ILE A 63 0.29 3.33 -1.84
CA ILE A 63 0.85 4.07 -2.97
C ILE A 63 1.39 5.41 -2.52
N GLY A 64 2.70 5.55 -2.38
CA GLY A 64 3.26 6.85 -2.05
C GLY A 64 3.21 7.78 -3.25
N LYS A 65 3.00 9.07 -3.01
CA LYS A 65 2.86 10.03 -4.10
C LYS A 65 4.04 9.98 -5.06
N VAL A 66 3.72 10.00 -6.35
CA VAL A 66 4.71 10.02 -7.41
C VAL A 66 5.44 11.37 -7.42
N ASP A 67 6.48 11.46 -8.22
CA ASP A 67 7.30 12.66 -8.33
C ASP A 67 6.44 13.88 -8.64
N GLU A 68 6.82 14.99 -8.02
CA GLU A 68 6.02 16.23 -8.04
C GLU A 68 5.77 16.78 -9.44
N SER A 69 6.38 16.22 -10.47
CA SER A 69 6.08 16.60 -11.83
C SER A 69 4.81 15.89 -12.32
N LYS A 70 4.40 14.87 -11.55
CA LYS A 70 3.28 14.00 -11.87
C LYS A 70 3.23 13.58 -13.34
N LYS A 71 2.41 14.26 -14.14
CA LYS A 71 2.18 13.85 -15.50
C LYS A 71 3.37 14.12 -16.40
N ARG A 72 3.76 13.10 -17.13
CA ARG A 72 4.72 13.22 -18.19
C ARG A 72 3.94 13.10 -19.49
N LYS A 73 4.58 13.32 -20.62
CA LYS A 73 3.88 13.14 -21.88
C LYS A 73 4.76 12.37 -22.85
N ASP A 74 4.16 11.82 -23.89
CA ASP A 74 4.90 11.09 -24.89
C ASP A 74 5.40 12.07 -25.94
N ASN A 75 5.86 11.58 -27.08
CA ASN A 75 6.48 12.43 -28.09
C ASN A 75 5.55 13.55 -28.56
N GLU A 76 4.24 13.32 -28.50
CA GLU A 76 3.27 14.30 -29.01
C GLU A 76 2.65 15.09 -27.88
N GLY A 77 3.07 14.76 -26.66
CA GLY A 77 2.48 15.39 -25.50
C GLY A 77 1.17 14.74 -25.12
N ASN A 78 1.06 13.45 -25.45
CA ASN A 78 -0.15 12.66 -25.23
C ASN A 78 -0.53 12.57 -23.75
N GLU A 79 0.51 12.46 -22.93
CA GLU A 79 0.42 12.40 -21.46
C GLU A 79 0.52 10.96 -20.96
N VAL A 80 1.56 10.71 -20.18
CA VAL A 80 1.74 9.44 -19.49
C VAL A 80 1.87 9.72 -18.01
N VAL A 81 1.41 8.82 -17.17
CA VAL A 81 1.55 9.02 -15.75
C VAL A 81 2.50 7.99 -15.14
N PRO A 82 3.72 8.45 -14.85
CA PRO A 82 4.74 7.65 -14.15
C PRO A 82 4.17 6.98 -12.91
N LYS A 83 4.55 5.74 -12.67
CA LYS A 83 4.00 5.01 -11.54
C LYS A 83 4.68 5.38 -10.24
N PRO A 84 3.86 5.81 -9.28
CA PRO A 84 4.30 6.20 -7.94
C PRO A 84 5.02 5.10 -7.18
N GLN A 85 5.81 5.49 -6.19
CA GLN A 85 6.53 4.52 -5.35
C GLN A 85 5.62 4.01 -4.25
N ARG A 86 5.40 2.71 -4.26
CA ARG A 86 4.38 2.11 -3.41
C ARG A 86 4.98 1.11 -2.44
N HIS A 87 4.23 0.79 -1.39
CA HIS A 87 4.67 -0.14 -0.37
C HIS A 87 3.66 -1.27 -0.22
N MET A 88 4.08 -2.49 -0.53
CA MET A 88 3.17 -3.63 -0.55
C MET A 88 3.41 -4.54 0.63
N PHE A 89 2.36 -4.89 1.37
CA PHE A 89 2.48 -5.86 2.42
C PHE A 89 1.56 -7.03 2.11
N SER A 90 2.02 -8.24 2.39
CA SER A 90 1.21 -9.41 2.18
C SER A 90 0.61 -9.87 3.50
N PHE A 91 -0.69 -10.02 3.51
CA PHE A 91 -1.41 -10.31 4.74
C PHE A 91 -1.86 -11.76 4.77
N ASN A 92 -2.15 -12.26 5.98
CA ASN A 92 -2.43 -13.68 6.16
C ASN A 92 -3.92 -13.93 6.28
N ASN A 93 -4.69 -12.85 6.34
CA ASN A 93 -6.11 -12.96 6.54
C ASN A 93 -6.86 -11.83 5.83
N ARG A 94 -7.88 -12.21 5.09
CA ARG A 94 -8.71 -11.29 4.34
C ARG A 94 -9.40 -10.30 5.27
N THR A 95 -9.71 -10.73 6.48
CA THR A 95 -10.37 -9.85 7.44
C THR A 95 -9.41 -8.80 7.97
N VAL A 96 -8.31 -9.27 8.56
CA VAL A 96 -7.25 -8.39 9.06
C VAL A 96 -6.88 -7.32 8.05
N MET A 97 -6.57 -7.75 6.84
CA MET A 97 -6.15 -6.83 5.80
C MET A 97 -7.31 -5.92 5.42
N ASP A 98 -8.53 -6.41 5.56
CA ASP A 98 -9.71 -5.59 5.29
C ASP A 98 -9.80 -4.49 6.34
N ASN A 99 -9.29 -4.79 7.52
CA ASN A 99 -9.27 -3.85 8.64
C ASN A 99 -8.15 -2.84 8.44
N ILE A 100 -6.96 -3.36 8.16
CA ILE A 100 -5.79 -2.54 7.90
C ILE A 100 -6.07 -1.57 6.76
N LYS A 101 -6.56 -2.12 5.64
CA LYS A 101 -6.91 -1.32 4.49
C LYS A 101 -7.91 -0.22 4.85
N MET A 102 -8.98 -0.61 5.54
CA MET A 102 -10.05 0.32 5.84
C MET A 102 -9.59 1.36 6.86
N THR A 103 -8.54 1.02 7.60
CA THR A 103 -7.92 1.95 8.50
C THR A 103 -7.19 3.04 7.74
N LEU A 104 -6.27 2.59 6.89
CA LEU A 104 -5.44 3.50 6.14
C LEU A 104 -6.28 4.38 5.24
N GLN A 105 -7.08 3.75 4.40
CA GLN A 105 -7.96 4.48 3.48
C GLN A 105 -8.84 5.49 4.19
N GLN A 106 -9.14 5.27 5.47
CA GLN A 106 -9.96 6.22 6.22
C GLN A 106 -9.18 7.51 6.37
N ILE A 107 -7.88 7.34 6.42
CA ILE A 107 -6.94 8.43 6.52
C ILE A 107 -6.67 9.01 5.13
N ILE A 108 -6.48 8.13 4.17
CA ILE A 108 -6.11 8.55 2.83
C ILE A 108 -7.26 9.27 2.15
N SER A 109 -8.46 8.72 2.23
CA SER A 109 -9.65 9.37 1.69
C SER A 109 -9.86 10.70 2.40
N ARG A 110 -9.38 10.75 3.64
CA ARG A 110 -9.43 11.93 4.45
C ARG A 110 -8.49 12.99 3.87
N TYR A 111 -7.39 12.54 3.29
CA TYR A 111 -6.41 13.44 2.73
C TYR A 111 -6.63 13.64 1.24
N LYS A 112 -7.35 12.71 0.61
CA LYS A 112 -7.73 12.86 -0.79
C LYS A 112 -8.83 13.89 -0.92
N ASP A 113 -9.69 13.99 0.09
CA ASP A 113 -10.71 15.00 0.13
C ASP A 113 -10.13 16.33 0.59
N ALA A 114 -8.84 16.32 0.91
CA ALA A 114 -8.15 17.53 1.34
C ALA A 114 -7.10 17.93 0.31
N ASP A 115 -7.01 17.17 -0.76
CA ASP A 115 -6.01 17.42 -1.79
C ASP A 115 -6.64 17.46 -3.17
N GLY B 1 -8.55 8.37 -11.13
CA GLY B 1 -9.09 8.75 -9.80
C GLY B 1 -10.48 8.19 -9.60
N GLY B 2 -11.00 8.36 -8.39
CA GLY B 2 -12.34 7.88 -8.10
C GLY B 2 -13.34 9.02 -8.05
N GLY B 3 -14.45 8.85 -8.72
CA GLY B 3 -15.47 9.87 -8.76
C GLY B 3 -16.87 9.31 -8.81
N GLY B 4 -17.86 10.19 -8.80
CA GLY B 4 -19.24 9.75 -8.85
C GLY B 4 -19.78 9.41 -7.48
N TYR B 5 -21.09 9.20 -7.40
CA TYR B 5 -21.73 8.88 -6.13
C TYR B 5 -22.12 7.41 -6.09
N ASP B 6 -21.50 6.60 -6.95
CA ASP B 6 -21.80 5.18 -7.01
C ASP B 6 -20.58 4.37 -6.62
N VAL B 7 -20.83 3.25 -5.96
CA VAL B 7 -19.76 2.32 -5.60
C VAL B 7 -19.47 1.40 -6.79
N GLU B 8 -20.28 1.57 -7.83
CA GLU B 8 -20.10 0.83 -9.06
C GLU B 8 -19.20 1.63 -9.99
N MET B 9 -18.10 1.02 -10.39
CA MET B 9 -17.10 1.68 -11.22
C MET B 9 -16.12 0.63 -11.71
N GLU B 10 -16.66 -0.40 -12.34
CA GLU B 10 -15.85 -1.52 -12.79
C GLU B 10 -14.87 -1.07 -13.87
N SER B 11 -13.60 -1.20 -13.56
CA SER B 11 -12.56 -0.76 -14.45
C SER B 11 -11.33 -1.66 -14.33
N GLU B 12 -10.20 -1.18 -14.81
CA GLU B 12 -8.96 -1.96 -14.74
C GLU B 12 -8.36 -1.91 -13.35
N GLU B 13 -8.89 -1.00 -12.52
CA GLU B 13 -8.35 -0.78 -11.18
C GLU B 13 -8.33 -2.07 -10.35
N GLU B 14 -9.22 -3.01 -10.68
CA GLU B 14 -9.30 -4.29 -9.98
C GLU B 14 -7.93 -4.97 -9.94
N SER B 15 -7.18 -4.85 -11.03
CA SER B 15 -5.83 -5.40 -11.10
C SER B 15 -4.87 -4.36 -11.64
N ASP B 16 -4.95 -3.16 -11.09
CA ASP B 16 -4.08 -2.07 -11.52
C ASP B 16 -2.72 -2.14 -10.84
N ASP B 17 -2.73 -2.18 -9.52
CA ASP B 17 -1.49 -2.19 -8.74
C ASP B 17 -0.74 -3.50 -8.92
N ASP B 18 -1.33 -4.56 -8.39
CA ASP B 18 -0.82 -5.91 -8.56
C ASP B 18 -1.92 -6.88 -8.17
N GLY B 19 -3.12 -6.56 -8.65
CA GLY B 19 -4.26 -7.36 -8.31
C GLY B 19 -5.10 -6.73 -7.23
N PHE B 20 -4.61 -5.61 -6.68
CA PHE B 20 -5.29 -4.93 -5.59
C PHE B 20 -5.85 -3.61 -6.07
N VAL B 21 -6.83 -3.09 -5.34
CA VAL B 21 -7.52 -1.86 -5.70
C VAL B 21 -7.88 -1.08 -4.44
N GLU B 22 -8.25 0.18 -4.57
CA GLU B 22 -8.75 0.94 -3.45
C GLU B 22 -10.22 0.55 -3.24
N VAL B 23 -10.52 -0.02 -2.09
CA VAL B 23 -11.86 -0.48 -1.77
C VAL B 23 -12.43 0.30 -0.59
N ASP B 24 -13.32 1.23 -0.87
CA ASP B 24 -13.95 2.00 0.18
C ASP B 24 -15.43 1.66 0.28
N PRO A 1 -6.00 -6.40 14.93
CA PRO A 1 -7.17 -6.46 14.02
C PRO A 1 -7.24 -5.19 13.15
N SER A 2 -7.82 -4.13 13.69
CA SER A 2 -7.85 -2.86 13.00
C SER A 2 -6.73 -1.96 13.52
N HIS A 3 -6.22 -1.11 12.62
CA HIS A 3 -5.10 -0.23 12.91
C HIS A 3 -3.81 -0.99 13.24
N SER A 4 -3.89 -2.29 13.31
CA SER A 4 -2.71 -3.12 13.56
C SER A 4 -3.00 -4.57 13.20
N GLY A 5 -2.03 -5.22 12.56
CA GLY A 5 -2.18 -6.59 12.14
C GLY A 5 -0.93 -7.08 11.49
N ALA A 6 -0.66 -8.36 11.57
CA ALA A 6 0.59 -8.90 11.05
C ALA A 6 0.57 -9.00 9.51
N ALA A 7 1.68 -8.63 8.88
CA ALA A 7 1.82 -8.69 7.43
C ALA A 7 3.26 -8.98 7.03
N ILE A 8 3.43 -9.51 5.84
CA ILE A 8 4.74 -9.75 5.27
C ILE A 8 5.17 -8.54 4.47
N PHE A 9 6.34 -8.02 4.76
CA PHE A 9 6.86 -6.88 4.04
C PHE A 9 8.34 -7.08 3.76
N GLU A 10 8.70 -7.11 2.49
CA GLU A 10 10.06 -7.37 2.02
C GLU A 10 10.44 -8.81 2.29
N LYS A 11 9.49 -9.68 2.01
CA LYS A 11 9.70 -11.14 2.05
C LYS A 11 9.87 -11.65 3.48
N VAL A 12 9.63 -10.78 4.45
CA VAL A 12 9.68 -11.17 5.86
C VAL A 12 8.32 -10.99 6.52
N SER A 13 7.91 -11.97 7.30
CA SER A 13 6.67 -11.87 8.04
C SER A 13 6.85 -10.99 9.27
N GLY A 14 6.07 -9.92 9.32
CA GLY A 14 6.15 -8.99 10.43
C GLY A 14 4.79 -8.49 10.83
N ILE A 15 4.76 -7.31 11.42
CA ILE A 15 3.53 -6.74 11.90
C ILE A 15 3.34 -5.34 11.34
N ILE A 16 2.11 -4.93 11.23
CA ILE A 16 1.76 -3.61 10.76
C ILE A 16 0.94 -2.89 11.81
N ALA A 17 1.29 -1.65 12.08
CA ALA A 17 0.52 -0.85 13.02
C ALA A 17 0.30 0.57 12.50
N ILE A 18 -0.93 0.85 12.12
CA ILE A 18 -1.33 2.20 11.76
C ILE A 18 -1.71 2.94 13.02
N ASN A 19 -0.94 3.92 13.37
CA ASN A 19 -1.23 4.70 14.56
C ASN A 19 -1.53 6.11 14.18
N GLU A 20 -2.69 6.62 14.54
CA GLU A 20 -2.84 8.04 14.47
C GLU A 20 -2.85 8.56 15.89
N ASP A 21 -1.66 8.74 16.41
CA ASP A 21 -1.36 9.63 17.51
C ASP A 21 -0.29 10.60 17.01
N VAL A 22 0.17 10.24 15.82
CA VAL A 22 1.46 10.67 15.28
C VAL A 22 1.30 11.80 14.28
N SER A 23 2.44 12.34 13.83
CA SER A 23 2.51 13.21 12.66
C SER A 23 1.87 12.47 11.50
N PRO A 24 1.50 13.10 10.36
CA PRO A 24 0.33 12.66 9.57
C PRO A 24 0.26 11.15 9.48
N ALA A 25 -0.92 10.63 9.86
CA ALA A 25 -1.10 9.24 10.30
C ALA A 25 -0.13 8.27 9.65
N GLU A 26 0.46 7.46 10.49
CA GLU A 26 1.59 6.66 10.08
C GLU A 26 1.37 5.18 10.41
N LEU A 27 1.79 4.35 9.48
CA LEU A 27 1.78 2.91 9.62
C LEU A 27 3.17 2.47 9.97
N THR A 28 3.29 1.47 10.79
CA THR A 28 4.59 1.01 11.16
C THR A 28 4.67 -0.49 11.03
N TRP A 29 5.42 -0.94 10.04
CA TRP A 29 5.64 -2.37 9.87
C TRP A 29 6.83 -2.78 10.70
N ARG A 30 6.56 -3.60 11.69
CA ARG A 30 7.56 -4.05 12.60
C ARG A 30 7.63 -5.56 12.56
N SER A 31 8.81 -6.10 12.27
CA SER A 31 8.97 -7.54 12.15
C SER A 31 8.47 -8.25 13.40
N THR A 32 7.87 -9.41 13.20
CA THR A 32 7.34 -10.21 14.31
C THR A 32 8.44 -10.50 15.34
N ASP A 33 9.69 -10.49 14.88
CA ASP A 33 10.84 -10.65 15.75
C ASP A 33 11.21 -9.34 16.43
N GLY A 34 10.89 -8.23 15.77
CA GLY A 34 11.21 -6.93 16.31
C GLY A 34 12.50 -6.36 15.74
N ASP A 35 12.89 -6.84 14.57
CA ASP A 35 14.17 -6.46 13.99
C ASP A 35 13.99 -5.34 12.98
N LYS A 36 13.42 -5.69 11.85
CA LYS A 36 13.20 -4.73 10.78
C LYS A 36 11.90 -3.95 11.04
N VAL A 37 11.99 -2.63 10.94
CA VAL A 37 10.85 -1.75 11.18
C VAL A 37 10.76 -0.71 10.07
N HIS A 38 9.61 -0.63 9.41
CA HIS A 38 9.41 0.28 8.31
C HIS A 38 8.11 1.06 8.49
N THR A 39 8.20 2.37 8.53
CA THR A 39 7.03 3.19 8.76
C THR A 39 6.54 3.86 7.46
N VAL A 40 5.22 3.96 7.30
CA VAL A 40 4.62 4.63 6.14
C VAL A 40 3.82 5.86 6.58
N VAL A 41 4.08 7.00 5.94
CA VAL A 41 3.29 8.20 6.18
C VAL A 41 2.12 8.25 5.20
N LEU A 42 0.94 8.02 5.74
CA LEU A 42 -0.30 8.00 4.96
C LEU A 42 -0.52 9.30 4.18
N SER A 43 0.01 10.42 4.68
CA SER A 43 -0.16 11.68 3.98
C SER A 43 0.75 11.73 2.74
N THR A 44 1.89 11.07 2.80
CA THR A 44 2.76 10.95 1.64
C THR A 44 2.23 9.87 0.71
N ILE A 45 1.28 9.10 1.22
CA ILE A 45 0.56 8.10 0.45
C ILE A 45 -0.63 8.72 -0.28
N ASP A 46 -0.68 8.53 -1.58
CA ASP A 46 -1.78 9.04 -2.41
C ASP A 46 -2.95 8.07 -2.40
N LYS A 47 -2.65 6.79 -2.43
CA LYS A 47 -3.68 5.77 -2.52
C LYS A 47 -3.28 4.56 -1.70
N LEU A 48 -4.26 3.81 -1.24
CA LEU A 48 -3.98 2.51 -0.68
C LEU A 48 -4.73 1.46 -1.46
N GLN A 49 -4.11 0.32 -1.60
CA GLN A 49 -4.67 -0.78 -2.33
C GLN A 49 -4.85 -1.97 -1.39
N ALA A 50 -5.74 -2.84 -1.78
CA ALA A 50 -6.00 -4.05 -1.04
C ALA A 50 -6.71 -5.04 -1.95
N THR A 51 -6.36 -6.32 -1.84
CA THR A 51 -7.00 -7.38 -2.60
C THR A 51 -8.51 -7.26 -2.54
N PRO A 52 -9.16 -7.34 -3.71
CA PRO A 52 -10.62 -7.33 -3.82
C PRO A 52 -11.24 -8.58 -3.20
N ALA A 53 -12.55 -8.53 -2.97
CA ALA A 53 -13.27 -9.67 -2.42
C ALA A 53 -13.26 -10.86 -3.38
N SER A 54 -12.89 -10.58 -4.63
CA SER A 54 -12.73 -11.62 -5.63
C SER A 54 -11.35 -12.26 -5.55
N SER A 55 -10.41 -11.51 -4.98
CA SER A 55 -9.03 -11.98 -4.81
C SER A 55 -9.00 -13.19 -3.89
N GLU A 56 -8.19 -14.18 -4.25
CA GLU A 56 -8.00 -15.36 -3.43
C GLU A 56 -6.95 -15.09 -2.36
N LYS A 57 -6.26 -13.97 -2.54
CA LYS A 57 -5.20 -13.58 -1.62
C LYS A 57 -5.65 -12.39 -0.81
N MET A 58 -4.86 -12.04 0.17
CA MET A 58 -5.17 -10.93 1.07
C MET A 58 -3.94 -10.03 1.14
N MET A 59 -4.03 -8.84 0.61
CA MET A 59 -2.84 -8.00 0.48
C MET A 59 -3.18 -6.53 0.43
N LEU A 60 -2.37 -5.73 1.08
CA LEU A 60 -2.44 -4.27 0.96
C LEU A 60 -1.25 -3.72 0.18
N ARG A 61 -1.39 -2.51 -0.32
CA ARG A 61 -0.32 -1.79 -0.99
C ARG A 61 -0.55 -0.28 -0.90
N LEU A 62 0.32 0.42 -0.18
CA LEU A 62 0.18 1.85 0.03
C LEU A 62 0.99 2.64 -1.00
N ILE A 63 0.27 3.37 -1.84
CA ILE A 63 0.84 4.09 -3.00
C ILE A 63 1.31 5.47 -2.58
N GLY A 64 2.63 5.69 -2.53
CA GLY A 64 3.14 7.00 -2.17
C GLY A 64 3.11 7.97 -3.34
N LYS A 65 2.77 9.23 -3.08
CA LYS A 65 2.72 10.24 -4.12
C LYS A 65 4.06 10.32 -4.85
N VAL A 66 4.00 10.29 -6.16
CA VAL A 66 5.20 10.39 -6.97
C VAL A 66 5.65 11.83 -7.06
N ASP A 67 6.94 12.02 -7.25
CA ASP A 67 7.52 13.36 -7.21
C ASP A 67 7.34 14.06 -8.55
N GLU A 68 6.37 14.95 -8.60
CA GLU A 68 6.08 15.72 -9.81
C GLU A 68 7.21 16.70 -10.10
N SER A 69 7.83 17.21 -9.04
CA SER A 69 8.89 18.17 -9.15
C SER A 69 10.15 17.54 -9.75
N LYS A 70 10.43 16.31 -9.35
CA LYS A 70 11.56 15.57 -9.88
C LYS A 70 11.11 14.64 -10.98
N LYS A 71 10.33 15.17 -11.91
CA LYS A 71 9.87 14.41 -13.05
C LYS A 71 11.05 14.05 -13.92
N ARG A 72 11.18 12.78 -14.20
CA ARG A 72 12.31 12.25 -14.92
C ARG A 72 12.14 12.50 -16.41
N LYS A 73 13.22 12.39 -17.17
CA LYS A 73 13.19 12.58 -18.60
C LYS A 73 13.94 11.46 -19.29
N ASP A 74 13.66 11.27 -20.58
CA ASP A 74 14.21 10.14 -21.32
C ASP A 74 15.59 10.49 -21.89
N ASN A 75 16.02 9.78 -22.93
CA ASN A 75 17.39 9.91 -23.44
C ASN A 75 17.55 11.21 -24.23
N GLU A 76 16.43 11.81 -24.62
CA GLU A 76 16.47 13.07 -25.33
C GLU A 76 16.28 14.19 -24.29
N GLY A 77 16.19 13.77 -23.04
CA GLY A 77 15.99 14.70 -21.95
C GLY A 77 14.60 15.28 -21.97
N ASN A 78 13.67 14.52 -22.52
CA ASN A 78 12.32 14.99 -22.74
C ASN A 78 11.45 14.79 -21.49
N GLU A 79 10.83 13.63 -21.33
CA GLU A 79 10.03 13.38 -20.13
C GLU A 79 9.70 11.89 -19.96
N VAL A 80 9.84 11.43 -18.73
CA VAL A 80 9.24 10.17 -18.30
C VAL A 80 8.46 10.44 -17.03
N VAL A 81 7.38 9.72 -16.83
CA VAL A 81 6.64 9.87 -15.59
C VAL A 81 6.73 8.60 -14.77
N PRO A 82 7.62 8.62 -13.77
CA PRO A 82 7.82 7.49 -12.85
C PRO A 82 6.52 7.04 -12.19
N LYS A 83 6.31 5.73 -12.13
CA LYS A 83 5.18 5.20 -11.38
C LYS A 83 5.49 5.29 -9.90
N PRO A 84 4.56 5.89 -9.16
CA PRO A 84 4.72 6.19 -7.74
C PRO A 84 5.19 4.98 -6.93
N GLN A 85 6.10 5.23 -6.00
CA GLN A 85 6.64 4.18 -5.13
C GLN A 85 5.58 3.73 -4.14
N ARG A 86 5.24 2.47 -4.22
CA ARG A 86 4.18 1.91 -3.43
C ARG A 86 4.75 0.93 -2.42
N HIS A 87 4.12 0.84 -1.26
CA HIS A 87 4.56 -0.03 -0.19
C HIS A 87 3.59 -1.20 -0.05
N MET A 88 4.03 -2.40 -0.37
CA MET A 88 3.13 -3.55 -0.39
C MET A 88 3.40 -4.47 0.78
N PHE A 89 2.34 -4.85 1.49
CA PHE A 89 2.45 -5.83 2.54
C PHE A 89 1.54 -7.01 2.20
N SER A 90 1.99 -8.22 2.50
CA SER A 90 1.18 -9.40 2.24
C SER A 90 0.53 -9.88 3.52
N PHE A 91 -0.78 -9.99 3.50
CA PHE A 91 -1.55 -10.35 4.68
C PHE A 91 -2.09 -11.78 4.54
N ASN A 92 -2.16 -12.49 5.65
CA ASN A 92 -2.55 -13.90 5.61
C ASN A 92 -4.01 -14.05 6.00
N ASN A 93 -4.64 -12.94 6.33
CA ASN A 93 -6.03 -12.95 6.75
C ASN A 93 -6.83 -11.89 6.01
N ARG A 94 -7.89 -12.34 5.35
CA ARG A 94 -8.80 -11.45 4.62
C ARG A 94 -9.37 -10.37 5.53
N THR A 95 -9.61 -10.74 6.77
CA THR A 95 -10.22 -9.84 7.73
C THR A 95 -9.24 -8.75 8.14
N VAL A 96 -8.09 -9.17 8.65
CA VAL A 96 -6.99 -8.27 9.01
C VAL A 96 -6.74 -7.24 7.92
N MET A 97 -6.52 -7.70 6.71
CA MET A 97 -6.21 -6.81 5.62
C MET A 97 -7.39 -5.90 5.31
N ASP A 98 -8.61 -6.38 5.56
CA ASP A 98 -9.79 -5.56 5.33
C ASP A 98 -9.85 -4.47 6.38
N ASN A 99 -9.33 -4.78 7.54
CA ASN A 99 -9.31 -3.87 8.67
C ASN A 99 -8.19 -2.85 8.49
N ILE A 100 -7.01 -3.36 8.17
CA ILE A 100 -5.84 -2.52 7.91
C ILE A 100 -6.13 -1.56 6.75
N LYS A 101 -6.64 -2.10 5.64
CA LYS A 101 -6.98 -1.30 4.47
C LYS A 101 -7.97 -0.20 4.84
N MET A 102 -9.03 -0.56 5.55
CA MET A 102 -10.09 0.38 5.88
C MET A 102 -9.59 1.43 6.86
N THR A 103 -8.55 1.06 7.60
CA THR A 103 -7.91 1.97 8.51
C THR A 103 -7.20 3.07 7.73
N LEU A 104 -6.37 2.64 6.78
CA LEU A 104 -5.52 3.55 6.05
C LEU A 104 -6.31 4.43 5.10
N GLN A 105 -7.06 3.81 4.19
CA GLN A 105 -7.84 4.54 3.19
C GLN A 105 -8.72 5.63 3.81
N GLN A 106 -9.12 5.44 5.06
CA GLN A 106 -9.91 6.44 5.74
C GLN A 106 -9.05 7.68 5.93
N ILE A 107 -7.83 7.42 6.37
CA ILE A 107 -6.81 8.45 6.56
C ILE A 107 -6.44 9.10 5.24
N ILE A 108 -6.29 8.27 4.22
CA ILE A 108 -5.83 8.74 2.91
C ILE A 108 -6.81 9.72 2.30
N SER A 109 -8.03 9.28 2.08
CA SER A 109 -9.10 10.15 1.62
C SER A 109 -9.26 11.38 2.54
N ARG A 110 -8.89 11.20 3.80
CA ARG A 110 -8.94 12.28 4.79
C ARG A 110 -7.85 13.30 4.51
N TYR A 111 -6.71 12.82 4.06
CA TYR A 111 -5.56 13.69 3.80
C TYR A 111 -5.57 14.25 2.39
N LYS A 112 -6.33 13.61 1.51
CA LYS A 112 -6.45 14.09 0.14
C LYS A 112 -7.56 15.13 0.03
N ASP A 113 -8.49 15.06 0.96
CA ASP A 113 -9.53 16.08 1.07
C ASP A 113 -8.96 17.32 1.71
N ALA A 114 -7.86 17.13 2.43
CA ALA A 114 -7.18 18.23 3.10
C ALA A 114 -5.76 18.36 2.58
N ASP A 115 -5.55 18.03 1.31
CA ASP A 115 -4.24 18.13 0.70
C ASP A 115 -4.03 19.53 0.12
N GLY B 1 -5.00 19.54 -16.92
CA GLY B 1 -5.97 19.99 -15.90
C GLY B 1 -7.21 19.11 -15.85
N GLY B 2 -7.00 17.81 -15.69
CA GLY B 2 -8.12 16.90 -15.61
C GLY B 2 -7.69 15.55 -15.06
N GLY B 3 -6.61 15.57 -14.30
CA GLY B 3 -6.08 14.36 -13.72
C GLY B 3 -5.00 14.66 -12.71
N GLY B 4 -5.41 14.86 -11.46
CA GLY B 4 -4.47 15.15 -10.41
C GLY B 4 -4.44 14.04 -9.39
N TYR B 5 -3.79 12.94 -9.76
CA TYR B 5 -3.79 11.72 -8.96
C TYR B 5 -5.20 11.12 -8.95
N ASP B 6 -5.76 10.98 -10.14
CA ASP B 6 -7.12 10.48 -10.30
C ASP B 6 -7.14 9.32 -11.27
N VAL B 7 -7.57 8.15 -10.80
CA VAL B 7 -7.62 6.94 -11.61
C VAL B 7 -6.23 6.63 -12.17
N GLU B 8 -5.28 6.41 -11.27
CA GLU B 8 -3.91 6.13 -11.64
C GLU B 8 -3.82 4.81 -12.42
N MET B 9 -3.43 4.91 -13.67
CA MET B 9 -3.20 3.75 -14.52
C MET B 9 -1.85 3.88 -15.19
N GLU B 10 -0.90 4.43 -14.45
CA GLU B 10 0.42 4.71 -14.96
C GLU B 10 1.27 3.44 -15.00
N SER B 11 2.06 3.31 -16.06
CA SER B 11 2.93 2.16 -16.26
C SER B 11 2.15 0.86 -16.18
N GLU B 12 1.19 0.72 -17.09
CA GLU B 12 0.35 -0.47 -17.15
C GLU B 12 1.08 -1.63 -17.82
N GLU B 13 2.19 -1.32 -18.49
CA GLU B 13 3.03 -2.35 -19.08
C GLU B 13 3.70 -3.17 -17.99
N GLU B 14 3.95 -2.55 -16.84
CA GLU B 14 4.39 -3.28 -15.67
C GLU B 14 3.25 -4.11 -15.12
N SER B 15 2.15 -3.44 -14.78
CA SER B 15 0.96 -4.09 -14.25
C SER B 15 -0.26 -3.24 -14.53
N ASP B 16 -1.33 -3.88 -15.00
CA ASP B 16 -2.57 -3.17 -15.33
C ASP B 16 -3.48 -3.10 -14.11
N ASP B 17 -3.93 -4.26 -13.66
CA ASP B 17 -4.84 -4.35 -12.52
C ASP B 17 -4.08 -4.35 -11.21
N ASP B 18 -2.87 -4.93 -11.24
CA ASP B 18 -1.97 -5.00 -10.10
C ASP B 18 -2.44 -6.01 -9.05
N GLY B 19 -3.69 -6.44 -9.14
CA GLY B 19 -4.18 -7.50 -8.28
C GLY B 19 -4.94 -7.00 -7.07
N PHE B 20 -4.93 -5.68 -6.85
CA PHE B 20 -5.57 -5.07 -5.70
C PHE B 20 -6.48 -3.95 -6.17
N VAL B 21 -7.38 -3.53 -5.31
CA VAL B 21 -8.28 -2.40 -5.58
C VAL B 21 -8.36 -1.50 -4.37
N GLU B 22 -8.95 -0.33 -4.52
CA GLU B 22 -9.21 0.52 -3.37
C GLU B 22 -10.67 0.44 -2.96
N VAL B 23 -10.90 0.02 -1.73
CA VAL B 23 -12.24 0.03 -1.18
C VAL B 23 -12.37 1.25 -0.25
N ASP B 24 -13.02 2.27 -0.76
CA ASP B 24 -13.17 3.52 -0.03
C ASP B 24 -14.62 3.75 0.33
N PRO A 1 -9.46 -2.87 18.03
CA PRO A 1 -8.50 -3.69 17.25
C PRO A 1 -8.85 -3.65 15.76
N SER A 2 -8.02 -2.96 14.99
CA SER A 2 -8.24 -2.81 13.55
C SER A 2 -7.05 -2.10 12.92
N HIS A 3 -6.50 -1.15 13.65
CA HIS A 3 -5.40 -0.30 13.17
C HIS A 3 -4.06 -1.00 13.32
N SER A 4 -4.07 -2.31 13.37
CA SER A 4 -2.86 -3.11 13.53
C SER A 4 -3.13 -4.54 13.09
N GLY A 5 -2.10 -5.20 12.59
CA GLY A 5 -2.22 -6.56 12.12
C GLY A 5 -0.94 -7.03 11.50
N ALA A 6 -0.66 -8.32 11.57
CA ALA A 6 0.62 -8.83 11.09
C ALA A 6 0.64 -8.93 9.56
N ALA A 7 1.78 -8.56 8.96
CA ALA A 7 1.94 -8.61 7.51
C ALA A 7 3.37 -8.98 7.13
N ILE A 8 3.54 -9.48 5.93
CA ILE A 8 4.85 -9.86 5.41
C ILE A 8 5.36 -8.76 4.50
N PHE A 9 6.59 -8.34 4.73
CA PHE A 9 7.18 -7.29 3.92
C PHE A 9 8.63 -7.64 3.63
N GLU A 10 8.93 -7.84 2.35
CA GLU A 10 10.27 -8.24 1.91
C GLU A 10 10.61 -9.63 2.38
N LYS A 11 9.62 -10.50 2.26
CA LYS A 11 9.76 -11.94 2.51
C LYS A 11 9.98 -12.25 4.00
N VAL A 12 9.79 -11.25 4.85
CA VAL A 12 9.83 -11.47 6.28
C VAL A 12 8.45 -11.22 6.90
N SER A 13 8.02 -12.16 7.73
CA SER A 13 6.75 -12.03 8.41
C SER A 13 6.89 -11.06 9.58
N GLY A 14 6.15 -9.97 9.51
CA GLY A 14 6.20 -8.97 10.55
C GLY A 14 4.83 -8.47 10.92
N ILE A 15 4.79 -7.28 11.48
CA ILE A 15 3.55 -6.71 11.96
C ILE A 15 3.34 -5.32 11.37
N ILE A 16 2.10 -4.93 11.26
CA ILE A 16 1.74 -3.62 10.74
C ILE A 16 0.88 -2.89 11.76
N ALA A 17 1.21 -1.64 12.02
CA ALA A 17 0.44 -0.84 12.95
C ALA A 17 0.20 0.57 12.44
N ILE A 18 -1.04 0.86 12.07
CA ILE A 18 -1.44 2.22 11.73
C ILE A 18 -1.81 2.96 12.99
N ASN A 19 -0.94 3.81 13.44
CA ASN A 19 -1.20 4.55 14.65
C ASN A 19 -1.43 6.00 14.33
N GLU A 20 -2.51 6.58 14.84
CA GLU A 20 -2.55 8.00 14.82
C GLU A 20 -2.35 8.49 16.25
N ASP A 21 -1.10 8.58 16.65
CA ASP A 21 -0.63 9.44 17.72
C ASP A 21 0.40 10.35 17.12
N VAL A 22 0.76 9.98 15.90
CA VAL A 22 2.01 10.33 15.28
C VAL A 22 1.82 11.47 14.28
N SER A 23 2.93 11.88 13.66
CA SER A 23 2.92 12.77 12.51
C SER A 23 1.97 12.18 11.45
N PRO A 24 1.58 12.92 10.39
CA PRO A 24 0.33 12.60 9.67
C PRO A 24 0.18 11.11 9.42
N ALA A 25 -0.97 10.57 9.85
CA ALA A 25 -1.07 9.16 10.29
C ALA A 25 -0.05 8.22 9.67
N GLU A 26 0.56 7.42 10.50
CA GLU A 26 1.66 6.60 10.08
C GLU A 26 1.39 5.13 10.40
N LEU A 27 1.76 4.29 9.46
CA LEU A 27 1.70 2.85 9.61
C LEU A 27 3.08 2.38 9.92
N THR A 28 3.21 1.40 10.76
CA THR A 28 4.51 0.93 11.12
C THR A 28 4.61 -0.58 10.97
N TRP A 29 5.34 -1.02 9.98
CA TRP A 29 5.60 -2.43 9.82
C TRP A 29 6.82 -2.82 10.64
N ARG A 30 6.57 -3.60 11.65
CA ARG A 30 7.60 -4.04 12.55
C ARG A 30 7.67 -5.55 12.52
N SER A 31 8.83 -6.10 12.17
CA SER A 31 8.98 -7.54 12.07
C SER A 31 8.60 -8.19 13.38
N THR A 32 7.95 -9.34 13.29
CA THR A 32 7.45 -10.06 14.45
C THR A 32 8.59 -10.33 15.45
N ASP A 33 9.80 -10.51 14.93
CA ASP A 33 10.97 -10.75 15.75
C ASP A 33 11.65 -9.45 16.16
N GLY A 34 11.22 -8.34 15.58
CA GLY A 34 11.82 -7.06 15.87
C GLY A 34 13.02 -6.76 15.00
N ASP A 35 13.12 -7.47 13.89
CA ASP A 35 14.24 -7.31 12.97
C ASP A 35 14.17 -6.00 12.21
N LYS A 36 13.19 -5.89 11.32
CA LYS A 36 13.04 -4.70 10.50
C LYS A 36 11.81 -3.90 10.89
N VAL A 37 11.88 -2.61 10.64
CA VAL A 37 10.76 -1.71 10.91
C VAL A 37 10.61 -0.72 9.76
N HIS A 38 9.47 -0.77 9.09
CA HIS A 38 9.20 0.09 7.94
C HIS A 38 7.93 0.88 8.17
N THR A 39 8.07 2.19 8.28
CA THR A 39 6.93 3.04 8.59
C THR A 39 6.40 3.74 7.32
N VAL A 40 5.09 3.90 7.23
CA VAL A 40 4.46 4.59 6.10
C VAL A 40 3.71 5.85 6.56
N VAL A 41 4.00 7.00 5.92
CA VAL A 41 3.25 8.22 6.17
C VAL A 41 2.08 8.30 5.21
N LEU A 42 0.90 8.10 5.75
CA LEU A 42 -0.35 8.09 5.00
C LEU A 42 -0.56 9.35 4.17
N SER A 43 -0.02 10.47 4.63
CA SER A 43 -0.18 11.73 3.90
C SER A 43 0.70 11.77 2.66
N THR A 44 1.89 11.17 2.75
CA THR A 44 2.75 11.06 1.58
C THR A 44 2.20 9.98 0.65
N ILE A 45 1.31 9.17 1.19
CA ILE A 45 0.61 8.15 0.43
C ILE A 45 -0.49 8.75 -0.44
N ASP A 46 -0.33 8.56 -1.74
CA ASP A 46 -1.34 8.97 -2.72
C ASP A 46 -2.53 8.00 -2.71
N LYS A 47 -2.24 6.70 -2.78
CA LYS A 47 -3.30 5.68 -2.83
C LYS A 47 -2.99 4.55 -1.87
N LEU A 48 -4.02 3.91 -1.37
CA LEU A 48 -3.84 2.62 -0.72
C LEU A 48 -4.57 1.56 -1.51
N GLN A 49 -3.97 0.41 -1.57
CA GLN A 49 -4.51 -0.70 -2.31
C GLN A 49 -4.67 -1.89 -1.40
N ALA A 50 -5.61 -2.73 -1.73
CA ALA A 50 -5.90 -3.94 -0.97
C ALA A 50 -6.71 -4.89 -1.84
N THR A 51 -6.45 -6.19 -1.71
CA THR A 51 -7.15 -7.21 -2.49
C THR A 51 -8.66 -6.97 -2.47
N PRO A 52 -9.25 -6.93 -3.67
CA PRO A 52 -10.69 -6.75 -3.86
C PRO A 52 -11.48 -7.98 -3.45
N ALA A 53 -12.79 -7.84 -3.33
CA ALA A 53 -13.65 -8.97 -3.02
C ALA A 53 -13.47 -10.09 -4.05
N SER A 54 -13.11 -9.71 -5.27
CA SER A 54 -12.86 -10.66 -6.35
C SER A 54 -11.58 -11.46 -6.08
N SER A 55 -10.67 -10.87 -5.32
CA SER A 55 -9.42 -11.51 -4.98
C SER A 55 -9.65 -12.60 -3.93
N GLU A 56 -9.01 -13.74 -4.11
CA GLU A 56 -9.07 -14.83 -3.12
C GLU A 56 -7.93 -14.68 -2.14
N LYS A 57 -7.13 -13.65 -2.35
CA LYS A 57 -5.95 -13.40 -1.55
C LYS A 57 -6.19 -12.19 -0.66
N MET A 58 -5.21 -11.90 0.18
CA MET A 58 -5.32 -10.81 1.11
C MET A 58 -4.01 -10.05 1.15
N MET A 59 -4.01 -8.84 0.61
CA MET A 59 -2.78 -8.06 0.49
C MET A 59 -3.08 -6.58 0.39
N LEU A 60 -2.27 -5.77 1.04
CA LEU A 60 -2.35 -4.31 0.93
C LEU A 60 -1.16 -3.73 0.16
N ARG A 61 -1.32 -2.52 -0.35
CA ARG A 61 -0.21 -1.75 -0.92
C ARG A 61 -0.46 -0.25 -0.83
N LEU A 62 0.36 0.42 -0.05
CA LEU A 62 0.26 1.87 0.15
C LEU A 62 1.16 2.62 -0.84
N ILE A 63 0.54 3.30 -1.80
CA ILE A 63 1.24 4.01 -2.86
C ILE A 63 1.60 5.42 -2.42
N GLY A 64 2.86 5.78 -2.52
CA GLY A 64 3.26 7.13 -2.20
C GLY A 64 3.14 8.04 -3.40
N LYS A 65 2.91 9.32 -3.16
CA LYS A 65 2.81 10.28 -4.25
C LYS A 65 4.10 10.28 -5.07
N VAL A 66 3.95 10.30 -6.38
CA VAL A 66 5.08 10.36 -7.28
C VAL A 66 5.71 11.75 -7.23
N ASP A 67 6.97 11.82 -7.61
CA ASP A 67 7.74 13.06 -7.54
C ASP A 67 7.07 14.13 -8.39
N GLU A 68 7.08 15.34 -7.85
CA GLU A 68 6.40 16.49 -8.43
C GLU A 68 6.84 16.78 -9.87
N SER A 69 7.97 16.24 -10.30
CA SER A 69 8.43 16.46 -11.66
C SER A 69 7.85 15.43 -12.63
N LYS A 70 7.24 14.39 -12.05
CA LYS A 70 6.72 13.24 -12.80
C LYS A 70 7.70 12.70 -13.85
N LYS A 71 7.60 13.21 -15.07
CA LYS A 71 8.43 12.72 -16.17
C LYS A 71 9.91 12.94 -15.89
N ARG A 72 10.68 11.95 -16.25
CA ARG A 72 12.12 11.97 -16.08
C ARG A 72 12.78 11.63 -17.40
N LYS A 73 14.08 11.73 -17.45
CA LYS A 73 14.82 11.38 -18.65
C LYS A 73 16.16 10.77 -18.26
N ASP A 74 16.46 9.63 -18.88
CA ASP A 74 17.71 8.93 -18.63
C ASP A 74 18.82 9.67 -19.35
N ASN A 75 20.06 9.23 -19.15
CA ASN A 75 21.26 10.00 -19.49
C ASN A 75 21.32 10.45 -20.95
N GLU A 76 20.48 9.86 -21.81
CA GLU A 76 20.46 10.21 -23.22
C GLU A 76 19.50 11.39 -23.44
N GLY A 77 18.63 11.58 -22.46
CA GLY A 77 17.57 12.58 -22.59
C GLY A 77 16.40 11.96 -23.30
N ASN A 78 16.37 10.65 -23.20
CA ASN A 78 15.42 9.80 -23.91
C ASN A 78 14.01 9.92 -23.36
N GLU A 79 13.94 10.19 -22.05
CA GLU A 79 12.68 10.47 -21.35
C GLU A 79 12.00 9.19 -20.88
N VAL A 80 11.84 9.08 -19.57
CA VAL A 80 11.21 7.94 -18.97
C VAL A 80 10.13 8.45 -18.04
N VAL A 81 9.07 7.71 -17.90
CA VAL A 81 8.00 8.10 -17.02
C VAL A 81 7.85 7.09 -15.90
N PRO A 82 8.45 7.38 -14.75
CA PRO A 82 8.44 6.52 -13.58
C PRO A 82 7.12 6.62 -12.81
N LYS A 83 6.53 5.47 -12.54
CA LYS A 83 5.30 5.41 -11.78
C LYS A 83 5.59 5.57 -10.29
N PRO A 84 4.61 6.10 -9.53
CA PRO A 84 4.75 6.35 -8.09
C PRO A 84 5.27 5.13 -7.33
N GLN A 85 6.16 5.37 -6.37
CA GLN A 85 6.67 4.31 -5.54
C GLN A 85 5.64 3.98 -4.47
N ARG A 86 5.70 2.77 -3.98
CA ARG A 86 4.61 2.24 -3.19
C ARG A 86 5.07 1.13 -2.27
N HIS A 87 4.29 0.87 -1.23
CA HIS A 87 4.67 -0.05 -0.17
C HIS A 87 3.65 -1.19 -0.08
N MET A 88 4.07 -2.39 -0.44
CA MET A 88 3.15 -3.54 -0.47
C MET A 88 3.45 -4.49 0.68
N PHE A 89 2.44 -4.82 1.47
CA PHE A 89 2.61 -5.80 2.51
C PHE A 89 1.71 -6.99 2.20
N SER A 90 2.18 -8.18 2.50
CA SER A 90 1.41 -9.38 2.23
C SER A 90 0.71 -9.84 3.50
N PHE A 91 -0.60 -9.96 3.42
CA PHE A 91 -1.40 -10.33 4.57
C PHE A 91 -1.93 -11.76 4.43
N ASN A 92 -2.26 -12.38 5.54
CA ASN A 92 -2.68 -13.78 5.52
C ASN A 92 -4.13 -13.92 5.92
N ASN A 93 -4.74 -12.82 6.34
CA ASN A 93 -6.13 -12.84 6.77
C ASN A 93 -6.92 -11.76 6.03
N ARG A 94 -7.98 -12.20 5.36
CA ARG A 94 -8.86 -11.32 4.61
C ARG A 94 -9.44 -10.23 5.50
N THR A 95 -9.73 -10.59 6.74
CA THR A 95 -10.35 -9.68 7.67
C THR A 95 -9.35 -8.64 8.16
N VAL A 96 -8.23 -9.11 8.71
CA VAL A 96 -7.14 -8.24 9.13
C VAL A 96 -6.81 -7.20 8.08
N MET A 97 -6.53 -7.65 6.86
CA MET A 97 -6.16 -6.74 5.80
C MET A 97 -7.33 -5.85 5.41
N ASP A 98 -8.55 -6.35 5.60
CA ASP A 98 -9.74 -5.53 5.33
C ASP A 98 -9.84 -4.43 6.36
N ASN A 99 -9.35 -4.74 7.56
CA ASN A 99 -9.34 -3.80 8.67
C ASN A 99 -8.20 -2.82 8.49
N ILE A 100 -7.05 -3.34 8.16
CA ILE A 100 -5.85 -2.54 7.91
C ILE A 100 -6.12 -1.55 6.79
N LYS A 101 -6.61 -2.06 5.67
CA LYS A 101 -6.94 -1.22 4.53
C LYS A 101 -7.95 -0.14 4.94
N MET A 102 -9.04 -0.55 5.58
CA MET A 102 -10.12 0.38 5.92
C MET A 102 -9.63 1.41 6.93
N THR A 103 -8.61 1.05 7.70
CA THR A 103 -7.98 1.96 8.63
C THR A 103 -7.29 3.08 7.86
N LEU A 104 -6.47 2.69 6.91
CA LEU A 104 -5.66 3.62 6.16
C LEU A 104 -6.53 4.46 5.23
N GLN A 105 -7.30 3.79 4.38
CA GLN A 105 -8.23 4.46 3.46
C GLN A 105 -9.01 5.59 4.12
N GLN A 106 -9.36 5.41 5.39
CA GLN A 106 -10.13 6.41 6.12
C GLN A 106 -9.31 7.67 6.27
N ILE A 107 -8.01 7.45 6.40
CA ILE A 107 -7.03 8.51 6.51
C ILE A 107 -6.73 9.10 5.14
N ILE A 108 -6.61 8.22 4.17
CA ILE A 108 -6.25 8.62 2.82
C ILE A 108 -7.35 9.45 2.19
N SER A 109 -8.57 8.95 2.23
CA SER A 109 -9.74 9.69 1.75
C SER A 109 -9.87 11.00 2.52
N ARG A 110 -9.40 10.97 3.75
CA ARG A 110 -9.38 12.13 4.62
C ARG A 110 -8.41 13.16 4.07
N TYR A 111 -7.34 12.69 3.46
CA TYR A 111 -6.32 13.58 2.94
C TYR A 111 -6.55 13.88 1.47
N LYS A 112 -7.40 13.09 0.83
CA LYS A 112 -7.81 13.37 -0.55
C LYS A 112 -8.90 14.43 -0.57
N ASP A 113 -9.67 14.48 0.51
CA ASP A 113 -10.64 15.55 0.70
C ASP A 113 -9.90 16.82 1.13
N ALA A 114 -8.67 16.62 1.59
CA ALA A 114 -7.82 17.71 2.02
C ALA A 114 -6.69 17.93 1.03
N ASP A 115 -6.86 17.43 -0.19
CA ASP A 115 -5.88 17.62 -1.24
C ASP A 115 -6.07 18.97 -1.90
N GLY B 1 -10.53 5.77 -24.42
CA GLY B 1 -9.98 7.07 -23.99
C GLY B 1 -8.53 7.21 -24.37
N GLY B 2 -8.00 8.44 -24.28
CA GLY B 2 -6.63 8.69 -24.68
C GLY B 2 -5.62 8.03 -23.76
N GLY B 3 -5.99 7.88 -22.50
CA GLY B 3 -5.11 7.27 -21.53
C GLY B 3 -5.14 5.76 -21.60
N GLY B 4 -4.55 5.19 -22.65
CA GLY B 4 -4.49 3.76 -22.80
C GLY B 4 -5.53 3.23 -23.76
N TYR B 5 -5.31 3.45 -25.04
CA TYR B 5 -6.24 3.01 -26.07
C TYR B 5 -5.60 1.99 -27.00
N ASP B 6 -4.28 1.93 -26.98
CA ASP B 6 -3.52 1.12 -27.93
C ASP B 6 -3.31 -0.28 -27.38
N VAL B 7 -4.09 -1.23 -27.92
CA VAL B 7 -4.10 -2.64 -27.47
C VAL B 7 -4.09 -2.74 -25.94
N GLU B 8 -4.84 -1.84 -25.32
CA GLU B 8 -4.94 -1.78 -23.88
C GLU B 8 -6.36 -2.02 -23.43
N MET B 9 -6.53 -3.09 -22.68
CA MET B 9 -7.81 -3.46 -22.12
C MET B 9 -7.61 -4.08 -20.75
N GLU B 10 -6.48 -3.73 -20.14
CA GLU B 10 -6.12 -4.23 -18.83
C GLU B 10 -7.18 -3.89 -17.80
N SER B 11 -7.43 -4.84 -16.90
CA SER B 11 -8.47 -4.70 -15.91
C SER B 11 -8.09 -3.68 -14.85
N GLU B 12 -8.64 -2.48 -14.97
CA GLU B 12 -8.36 -1.40 -14.04
C GLU B 12 -9.16 -1.58 -12.74
N GLU B 13 -10.39 -2.03 -12.86
CA GLU B 13 -11.28 -2.18 -11.72
C GLU B 13 -10.91 -3.43 -10.91
N GLU B 14 -10.54 -4.50 -11.61
CA GLU B 14 -10.13 -5.73 -10.96
C GLU B 14 -8.66 -5.64 -10.53
N SER B 15 -7.96 -4.66 -11.09
CA SER B 15 -6.54 -4.44 -10.84
C SER B 15 -5.69 -5.56 -11.42
N ASP B 16 -5.03 -5.26 -12.54
CA ASP B 16 -4.18 -6.25 -13.20
C ASP B 16 -2.75 -6.17 -12.66
N ASP B 17 -2.29 -4.94 -12.44
CA ASP B 17 -0.90 -4.69 -12.04
C ASP B 17 -0.61 -5.24 -10.65
N ASP B 18 -1.26 -4.68 -9.64
CA ASP B 18 -1.06 -5.11 -8.27
C ASP B 18 -1.99 -6.25 -7.92
N GLY B 19 -3.23 -6.13 -8.35
CA GLY B 19 -4.25 -7.09 -7.99
C GLY B 19 -5.08 -6.58 -6.83
N PHE B 20 -4.75 -5.37 -6.38
CA PHE B 20 -5.37 -4.75 -5.23
C PHE B 20 -6.02 -3.43 -5.64
N VAL B 21 -7.10 -3.05 -4.97
CA VAL B 21 -7.82 -1.83 -5.34
C VAL B 21 -7.91 -0.85 -4.17
N GLU B 22 -8.20 0.41 -4.49
CA GLU B 22 -8.41 1.44 -3.48
C GLU B 22 -9.88 1.48 -3.10
N VAL B 23 -10.18 1.35 -1.82
CA VAL B 23 -11.55 1.39 -1.35
C VAL B 23 -11.77 2.58 -0.43
N ASP B 24 -12.41 3.61 -0.96
CA ASP B 24 -12.75 4.79 -0.18
C ASP B 24 -14.17 4.69 0.31
N PRO A 1 -6.72 -2.66 18.23
CA PRO A 1 -7.03 -3.63 17.16
C PRO A 1 -7.44 -2.89 15.89
N SER A 2 -7.62 -3.66 14.80
CA SER A 2 -8.00 -3.16 13.46
C SER A 2 -6.93 -2.25 12.84
N HIS A 3 -6.37 -1.37 13.66
CA HIS A 3 -5.37 -0.41 13.20
C HIS A 3 -3.98 -1.03 13.29
N SER A 4 -3.94 -2.35 13.29
CA SER A 4 -2.71 -3.11 13.41
C SER A 4 -2.95 -4.55 12.95
N GLY A 5 -1.90 -5.19 12.45
CA GLY A 5 -2.03 -6.55 11.97
C GLY A 5 -0.71 -7.05 11.43
N ALA A 6 -0.44 -8.33 11.58
CA ALA A 6 0.84 -8.89 11.17
C ALA A 6 0.88 -9.13 9.66
N ALA A 7 1.78 -8.44 8.97
CA ALA A 7 1.88 -8.53 7.52
C ALA A 7 3.28 -8.91 7.08
N ILE A 8 3.37 -9.49 5.90
CA ILE A 8 4.64 -9.83 5.28
C ILE A 8 5.04 -8.73 4.32
N PHE A 9 6.17 -8.11 4.57
CA PHE A 9 6.62 -7.00 3.76
C PHE A 9 7.95 -7.32 3.10
N GLU A 10 7.90 -7.66 1.81
CA GLU A 10 9.08 -8.05 1.05
C GLU A 10 9.66 -9.36 1.57
N LYS A 11 8.80 -10.36 1.60
CA LYS A 11 9.19 -11.75 1.90
C LYS A 11 9.54 -11.98 3.37
N VAL A 12 9.56 -10.91 4.17
CA VAL A 12 9.74 -11.07 5.60
C VAL A 12 8.41 -10.87 6.33
N SER A 13 8.08 -11.81 7.21
CA SER A 13 6.87 -11.73 7.99
C SER A 13 7.07 -10.77 9.15
N GLY A 14 6.14 -9.84 9.29
CA GLY A 14 6.26 -8.85 10.32
C GLY A 14 4.91 -8.37 10.80
N ILE A 15 4.90 -7.20 11.41
CA ILE A 15 3.70 -6.63 11.98
C ILE A 15 3.48 -5.23 11.44
N ILE A 16 2.23 -4.82 11.41
CA ILE A 16 1.85 -3.52 10.89
C ILE A 16 1.00 -2.79 11.92
N ALA A 17 1.29 -1.53 12.13
CA ALA A 17 0.48 -0.72 13.02
C ALA A 17 0.22 0.68 12.48
N ILE A 18 -1.02 0.94 12.10
CA ILE A 18 -1.46 2.27 11.74
C ILE A 18 -1.88 3.01 13.00
N ASN A 19 -1.25 4.12 13.27
CA ASN A 19 -1.59 4.89 14.44
C ASN A 19 -1.88 6.31 14.05
N GLU A 20 -2.96 6.89 14.55
CA GLU A 20 -3.00 8.31 14.49
C GLU A 20 -2.97 8.83 15.92
N ASP A 21 -1.77 8.92 16.45
CA ASP A 21 -1.42 9.75 17.57
C ASP A 21 -0.35 10.69 17.10
N VAL A 22 0.10 10.36 15.91
CA VAL A 22 1.37 10.77 15.37
C VAL A 22 1.22 11.88 14.35
N SER A 23 2.36 12.41 13.90
CA SER A 23 2.42 13.26 12.72
C SER A 23 1.78 12.47 11.57
N PRO A 24 1.44 13.07 10.41
CA PRO A 24 0.29 12.61 9.61
C PRO A 24 0.20 11.09 9.59
N ALA A 25 -1.01 10.60 9.94
CA ALA A 25 -1.24 9.23 10.38
C ALA A 25 -0.26 8.24 9.81
N GLU A 26 0.26 7.42 10.67
CA GLU A 26 1.46 6.72 10.36
C GLU A 26 1.34 5.23 10.63
N LEU A 27 1.75 4.43 9.66
CA LEU A 27 1.75 2.99 9.75
C LEU A 27 3.16 2.57 10.08
N THR A 28 3.30 1.54 10.85
CA THR A 28 4.61 1.07 11.20
C THR A 28 4.70 -0.43 11.04
N TRP A 29 5.43 -0.87 10.02
CA TRP A 29 5.64 -2.28 9.82
C TRP A 29 6.89 -2.71 10.57
N ARG A 30 6.68 -3.46 11.61
CA ARG A 30 7.75 -3.95 12.43
C ARG A 30 7.83 -5.45 12.30
N SER A 31 8.98 -5.96 11.86
CA SER A 31 9.11 -7.39 11.64
C SER A 31 8.80 -8.14 12.92
N THR A 32 8.26 -9.34 12.79
CA THR A 32 7.92 -10.16 13.95
C THR A 32 9.10 -10.22 14.94
N ASP A 33 10.32 -10.29 14.39
CA ASP A 33 11.54 -10.38 15.17
C ASP A 33 11.81 -9.09 15.92
N GLY A 34 11.32 -7.97 15.37
CA GLY A 34 11.58 -6.67 15.97
C GLY A 34 12.86 -6.06 15.47
N ASP A 35 13.34 -6.52 14.32
CA ASP A 35 14.65 -6.13 13.83
C ASP A 35 14.53 -5.12 12.70
N LYS A 36 13.52 -5.32 11.88
CA LYS A 36 13.29 -4.45 10.73
C LYS A 36 11.98 -3.69 10.89
N VAL A 37 12.07 -2.37 10.89
CA VAL A 37 10.89 -1.53 11.07
C VAL A 37 10.74 -0.57 9.89
N HIS A 38 9.63 -0.69 9.18
CA HIS A 38 9.35 0.13 8.02
C HIS A 38 8.10 0.95 8.24
N THR A 39 8.25 2.24 8.38
CA THR A 39 7.13 3.11 8.67
C THR A 39 6.57 3.75 7.39
N VAL A 40 5.25 3.90 7.34
CA VAL A 40 4.58 4.54 6.21
C VAL A 40 3.79 5.78 6.67
N VAL A 41 4.07 6.93 6.07
CA VAL A 41 3.30 8.12 6.35
C VAL A 41 2.15 8.22 5.37
N LEU A 42 0.96 7.98 5.89
CA LEU A 42 -0.28 8.01 5.10
C LEU A 42 -0.44 9.28 4.29
N SER A 43 0.11 10.40 4.77
CA SER A 43 -0.01 11.66 4.05
C SER A 43 0.84 11.65 2.79
N THR A 44 2.01 11.00 2.84
CA THR A 44 2.86 10.87 1.67
C THR A 44 2.29 9.81 0.74
N ILE A 45 1.36 9.03 1.25
CA ILE A 45 0.67 8.02 0.48
C ILE A 45 -0.43 8.63 -0.38
N ASP A 46 -0.34 8.44 -1.69
CA ASP A 46 -1.36 8.89 -2.62
C ASP A 46 -2.51 7.90 -2.68
N LYS A 47 -2.17 6.63 -2.67
CA LYS A 47 -3.13 5.55 -2.90
C LYS A 47 -2.91 4.43 -1.90
N LEU A 48 -3.98 3.81 -1.43
CA LEU A 48 -3.87 2.55 -0.75
C LEU A 48 -4.64 1.50 -1.53
N GLN A 49 -4.03 0.35 -1.63
CA GLN A 49 -4.59 -0.75 -2.37
C GLN A 49 -4.80 -1.92 -1.43
N ALA A 50 -5.70 -2.79 -1.82
CA ALA A 50 -5.98 -4.00 -1.08
C ALA A 50 -6.67 -4.96 -2.03
N THR A 51 -6.47 -6.26 -1.82
CA THR A 51 -7.05 -7.28 -2.69
C THR A 51 -8.55 -7.09 -2.83
N PRO A 52 -9.02 -7.02 -4.08
CA PRO A 52 -10.44 -6.91 -4.40
C PRO A 52 -11.18 -8.19 -4.03
N ALA A 53 -12.50 -8.12 -4.01
CA ALA A 53 -13.31 -9.30 -3.73
C ALA A 53 -13.09 -10.36 -4.80
N SER A 54 -12.66 -9.91 -5.98
CA SER A 54 -12.32 -10.79 -7.08
C SER A 54 -11.00 -11.53 -6.83
N SER A 55 -10.14 -10.93 -6.00
CA SER A 55 -8.86 -11.53 -5.67
C SER A 55 -9.07 -12.74 -4.77
N GLU A 56 -8.24 -13.75 -4.94
CA GLU A 56 -8.31 -14.96 -4.13
C GLU A 56 -7.43 -14.82 -2.90
N LYS A 57 -6.69 -13.73 -2.87
CA LYS A 57 -5.71 -13.48 -1.81
C LYS A 57 -6.18 -12.33 -0.93
N MET A 58 -5.44 -12.07 0.13
CA MET A 58 -5.73 -10.95 1.02
C MET A 58 -4.44 -10.17 1.28
N MET A 59 -4.32 -8.97 0.71
CA MET A 59 -3.11 -8.17 0.85
C MET A 59 -3.41 -6.68 0.69
N LEU A 60 -2.42 -5.87 1.04
CA LEU A 60 -2.50 -4.41 0.92
C LEU A 60 -1.31 -3.85 0.13
N ARG A 61 -1.45 -2.63 -0.37
CA ARG A 61 -0.31 -1.91 -0.95
C ARG A 61 -0.51 -0.39 -0.85
N LEU A 62 0.32 0.28 -0.07
CA LEU A 62 0.24 1.73 0.12
C LEU A 62 1.17 2.46 -0.86
N ILE A 63 0.60 3.15 -1.84
CA ILE A 63 1.35 3.83 -2.88
C ILE A 63 1.70 5.24 -2.43
N GLY A 64 3.00 5.53 -2.35
CA GLY A 64 3.41 6.88 -1.99
C GLY A 64 3.35 7.81 -3.17
N LYS A 65 3.15 9.09 -2.92
CA LYS A 65 3.16 10.09 -3.99
C LYS A 65 4.54 10.16 -4.64
N VAL A 66 4.56 10.28 -5.95
CA VAL A 66 5.80 10.51 -6.66
C VAL A 66 5.99 12.02 -6.82
N ASP A 67 7.23 12.41 -7.00
CA ASP A 67 7.57 13.83 -7.07
C ASP A 67 7.30 14.38 -8.46
N GLU A 68 6.08 14.89 -8.65
CA GLU A 68 5.63 15.40 -9.93
C GLU A 68 6.05 16.85 -10.14
N SER A 69 6.69 17.44 -9.14
CA SER A 69 7.07 18.85 -9.19
C SER A 69 7.94 19.13 -10.42
N LYS A 70 8.86 18.23 -10.72
CA LYS A 70 9.66 18.32 -11.91
C LYS A 70 10.06 16.93 -12.40
N LYS A 71 10.09 16.75 -13.71
CA LYS A 71 10.51 15.50 -14.29
C LYS A 71 11.98 15.25 -14.00
N ARG A 72 12.27 14.03 -13.58
CA ARG A 72 13.63 13.63 -13.29
C ARG A 72 14.37 13.39 -14.60
N LYS A 73 15.68 13.21 -14.53
CA LYS A 73 16.49 13.09 -15.74
C LYS A 73 17.60 12.07 -15.56
N ASP A 74 17.95 11.39 -16.66
CA ASP A 74 18.90 10.30 -16.66
C ASP A 74 20.33 10.82 -16.76
N ASN A 75 21.25 9.97 -17.22
CA ASN A 75 22.67 10.28 -17.29
C ASN A 75 22.94 11.53 -18.14
N GLU A 76 22.11 11.77 -19.15
CA GLU A 76 22.36 12.88 -20.06
C GLU A 76 21.72 14.15 -19.53
N GLY A 77 20.83 13.97 -18.57
CA GLY A 77 20.08 15.09 -18.04
C GLY A 77 18.86 15.31 -18.87
N ASN A 78 18.35 14.21 -19.39
CA ASN A 78 17.29 14.20 -20.37
C ASN A 78 15.91 14.26 -19.70
N GLU A 79 15.34 13.11 -19.38
CA GLU A 79 14.11 13.02 -18.61
C GLU A 79 13.72 11.58 -18.36
N VAL A 80 13.42 11.26 -17.12
CA VAL A 80 12.87 9.97 -16.75
C VAL A 80 11.60 10.20 -15.96
N VAL A 81 10.66 9.29 -16.08
CA VAL A 81 9.48 9.35 -15.26
C VAL A 81 9.51 8.24 -14.22
N PRO A 82 9.94 8.58 -13.00
CA PRO A 82 10.07 7.62 -11.90
C PRO A 82 8.72 7.15 -11.37
N LYS A 83 8.65 5.86 -11.05
CA LYS A 83 7.47 5.29 -10.44
C LYS A 83 7.45 5.59 -8.96
N PRO A 84 6.27 5.95 -8.45
CA PRO A 84 6.07 6.23 -7.04
C PRO A 84 6.42 5.03 -6.18
N GLN A 85 7.10 5.26 -5.07
CA GLN A 85 7.44 4.18 -4.17
C GLN A 85 6.20 3.74 -3.40
N ARG A 86 5.79 2.53 -3.67
CA ARG A 86 4.61 1.98 -3.05
C ARG A 86 5.00 0.82 -2.15
N HIS A 87 4.26 0.68 -1.07
CA HIS A 87 4.61 -0.24 -0.01
C HIS A 87 3.59 -1.35 0.06
N MET A 88 3.99 -2.57 -0.27
CA MET A 88 3.04 -3.66 -0.31
C MET A 88 3.20 -4.58 0.89
N PHE A 89 2.12 -4.79 1.61
CA PHE A 89 2.13 -5.67 2.75
C PHE A 89 1.23 -6.85 2.46
N SER A 90 1.79 -8.03 2.54
CA SER A 90 1.05 -9.24 2.28
C SER A 90 0.42 -9.77 3.56
N PHE A 91 -0.90 -9.94 3.53
CA PHE A 91 -1.61 -10.55 4.64
C PHE A 91 -2.04 -11.95 4.27
N ASN A 92 -2.60 -12.66 5.24
CA ASN A 92 -3.04 -14.02 5.00
C ASN A 92 -4.52 -14.15 5.32
N ASN A 93 -5.10 -13.07 5.84
CA ASN A 93 -6.51 -13.09 6.22
C ASN A 93 -7.26 -11.93 5.60
N ARG A 94 -8.44 -12.25 5.08
CA ARG A 94 -9.26 -11.32 4.36
C ARG A 94 -9.75 -10.20 5.25
N THR A 95 -10.03 -10.53 6.50
CA THR A 95 -10.59 -9.59 7.45
C THR A 95 -9.52 -8.62 7.95
N VAL A 96 -8.41 -9.17 8.45
CA VAL A 96 -7.26 -8.37 8.88
C VAL A 96 -6.92 -7.30 7.86
N MET A 97 -6.67 -7.71 6.64
CA MET A 97 -6.30 -6.77 5.60
C MET A 97 -7.46 -5.84 5.28
N ASP A 98 -8.68 -6.31 5.46
CA ASP A 98 -9.85 -5.46 5.23
C ASP A 98 -9.87 -4.36 6.28
N ASN A 99 -9.39 -4.73 7.47
CA ASN A 99 -9.36 -3.83 8.60
C ASN A 99 -8.24 -2.82 8.43
N ILE A 100 -7.06 -3.33 8.14
CA ILE A 100 -5.90 -2.51 7.88
C ILE A 100 -6.17 -1.53 6.74
N LYS A 101 -6.64 -2.07 5.62
CA LYS A 101 -6.99 -1.28 4.45
C LYS A 101 -8.00 -0.18 4.80
N MET A 102 -9.07 -0.58 5.49
CA MET A 102 -10.15 0.36 5.82
C MET A 102 -9.67 1.39 6.83
N THR A 103 -8.65 1.03 7.60
CA THR A 103 -8.04 1.94 8.54
C THR A 103 -7.33 3.06 7.81
N LEU A 104 -6.48 2.67 6.87
CA LEU A 104 -5.65 3.60 6.14
C LEU A 104 -6.49 4.48 5.23
N GLN A 105 -7.26 3.85 4.36
CA GLN A 105 -8.15 4.57 3.43
C GLN A 105 -8.98 5.67 4.12
N GLN A 106 -9.32 5.48 5.39
CA GLN A 106 -10.10 6.47 6.11
C GLN A 106 -9.26 7.71 6.34
N ILE A 107 -7.97 7.47 6.41
CA ILE A 107 -6.97 8.51 6.58
C ILE A 107 -6.62 9.13 5.25
N ILE A 108 -6.46 8.28 4.25
CA ILE A 108 -6.06 8.70 2.92
C ILE A 108 -7.12 9.62 2.32
N SER A 109 -8.35 9.14 2.32
CA SER A 109 -9.50 9.94 1.86
C SER A 109 -9.62 11.20 2.68
N ARG A 110 -9.16 11.12 3.92
CA ARG A 110 -9.17 12.23 4.85
C ARG A 110 -8.17 13.30 4.39
N TYR A 111 -7.07 12.83 3.82
CA TYR A 111 -6.01 13.71 3.37
C TYR A 111 -6.25 14.19 1.95
N LYS A 112 -6.94 13.37 1.15
CA LYS A 112 -7.30 13.76 -0.20
C LYS A 112 -8.46 14.72 -0.18
N ASP A 113 -9.11 14.79 0.97
CA ASP A 113 -10.15 15.78 1.21
C ASP A 113 -9.52 17.14 1.46
N ALA A 114 -8.26 17.12 1.87
CA ALA A 114 -7.54 18.34 2.21
C ALA A 114 -6.56 18.73 1.11
N ASP A 115 -5.98 17.74 0.46
CA ASP A 115 -4.99 17.95 -0.58
C ASP A 115 -5.61 18.61 -1.81
N GLY B 1 -12.42 16.19 -2.84
CA GLY B 1 -11.33 15.19 -2.91
C GLY B 1 -11.69 14.00 -3.76
N GLY B 2 -10.96 12.91 -3.59
CA GLY B 2 -11.24 11.72 -4.37
C GLY B 2 -10.64 11.77 -5.75
N GLY B 3 -11.10 10.90 -6.63
CA GLY B 3 -10.61 10.87 -7.99
C GLY B 3 -11.75 10.89 -8.99
N GLY B 4 -11.49 10.41 -10.19
CA GLY B 4 -12.53 10.32 -11.20
C GLY B 4 -12.63 11.56 -12.06
N TYR B 5 -11.88 12.60 -11.68
CA TYR B 5 -11.83 13.82 -12.47
C TYR B 5 -10.93 13.64 -13.67
N ASP B 6 -9.90 12.85 -13.47
CA ASP B 6 -8.98 12.50 -14.53
C ASP B 6 -8.89 10.98 -14.62
N VAL B 7 -8.57 10.49 -15.81
CA VAL B 7 -8.52 9.04 -16.03
C VAL B 7 -7.23 8.47 -15.44
N GLU B 8 -7.21 8.34 -14.12
CA GLU B 8 -6.07 7.76 -13.45
C GLU B 8 -6.41 6.37 -12.95
N MET B 9 -5.73 5.38 -13.49
CA MET B 9 -5.88 4.01 -13.03
C MET B 9 -4.52 3.33 -13.00
N GLU B 10 -3.48 4.15 -13.03
CA GLU B 10 -2.11 3.67 -13.04
C GLU B 10 -1.80 2.88 -11.78
N SER B 11 -0.93 1.89 -11.92
CA SER B 11 -0.49 1.03 -10.81
C SER B 11 -1.56 -0.01 -10.49
N GLU B 12 -2.79 0.22 -10.92
CA GLU B 12 -3.84 -0.76 -10.74
C GLU B 12 -3.75 -1.81 -11.84
N GLU B 13 -3.75 -1.36 -13.07
CA GLU B 13 -3.73 -2.23 -14.25
C GLU B 13 -2.32 -2.74 -14.54
N GLU B 14 -1.34 -1.83 -14.52
CA GLU B 14 0.04 -2.17 -14.83
C GLU B 14 0.62 -3.13 -13.79
N SER B 15 0.02 -3.15 -12.61
CA SER B 15 0.39 -4.11 -11.59
C SER B 15 -0.55 -5.29 -11.63
N ASP B 16 -0.40 -6.11 -12.66
CA ASP B 16 -1.30 -7.23 -12.93
C ASP B 16 -1.09 -8.36 -11.93
N ASP B 17 0.16 -8.69 -11.66
CA ASP B 17 0.48 -9.78 -10.73
C ASP B 17 0.16 -9.37 -9.31
N ASP B 18 0.19 -8.07 -9.08
CA ASP B 18 -0.16 -7.50 -7.78
C ASP B 18 -1.64 -7.72 -7.50
N GLY B 19 -2.49 -7.03 -8.25
CA GLY B 19 -3.90 -7.32 -8.18
C GLY B 19 -4.62 -6.76 -6.96
N PHE B 20 -4.31 -5.52 -6.59
CA PHE B 20 -4.99 -4.87 -5.49
C PHE B 20 -5.66 -3.59 -5.98
N VAL B 21 -6.75 -3.21 -5.33
CA VAL B 21 -7.50 -2.04 -5.74
C VAL B 21 -7.87 -1.19 -4.53
N GLU B 22 -8.04 0.10 -4.73
CA GLU B 22 -8.54 0.98 -3.68
C GLU B 22 -10.05 0.80 -3.57
N VAL B 23 -10.58 0.92 -2.37
CA VAL B 23 -12.02 0.76 -2.16
C VAL B 23 -12.70 2.11 -2.15
N ASP B 24 -13.37 2.43 -3.24
CA ASP B 24 -14.02 3.72 -3.39
C ASP B 24 -15.16 3.62 -4.39
N PRO A 1 -8.23 -6.17 16.64
CA PRO A 1 -7.59 -4.86 16.34
C PRO A 1 -7.60 -4.60 14.85
N SER A 2 -8.03 -3.40 14.47
CA SER A 2 -8.12 -3.04 13.07
C SER A 2 -6.95 -2.16 12.64
N HIS A 3 -6.38 -1.44 13.59
CA HIS A 3 -5.31 -0.49 13.29
C HIS A 3 -3.95 -1.15 13.43
N SER A 4 -3.95 -2.47 13.36
CA SER A 4 -2.73 -3.26 13.49
C SER A 4 -2.97 -4.68 12.98
N GLY A 5 -1.93 -5.30 12.44
CA GLY A 5 -2.04 -6.65 11.92
C GLY A 5 -0.71 -7.14 11.39
N ALA A 6 -0.41 -8.41 11.57
CA ALA A 6 0.88 -8.95 11.14
C ALA A 6 0.90 -9.14 9.61
N ALA A 7 1.85 -8.50 8.94
CA ALA A 7 1.92 -8.55 7.48
C ALA A 7 3.34 -8.87 7.00
N ILE A 8 3.42 -9.39 5.79
CA ILE A 8 4.69 -9.66 5.14
C ILE A 8 5.06 -8.48 4.25
N PHE A 9 6.13 -7.81 4.59
CA PHE A 9 6.58 -6.65 3.83
C PHE A 9 7.99 -6.85 3.35
N GLU A 10 8.14 -7.01 2.04
CA GLU A 10 9.42 -7.29 1.40
C GLU A 10 9.87 -8.71 1.69
N LYS A 11 8.92 -9.63 1.51
CA LYS A 11 9.18 -11.07 1.61
C LYS A 11 9.56 -11.51 3.02
N VAL A 12 9.44 -10.61 3.98
CA VAL A 12 9.65 -10.95 5.38
C VAL A 12 8.37 -10.77 6.17
N SER A 13 8.08 -11.75 7.02
CA SER A 13 6.88 -11.70 7.84
C SER A 13 7.10 -10.78 9.04
N GLY A 14 6.23 -9.81 9.17
CA GLY A 14 6.34 -8.85 10.24
C GLY A 14 5.00 -8.38 10.75
N ILE A 15 4.96 -7.21 11.35
CA ILE A 15 3.75 -6.68 11.91
C ILE A 15 3.48 -5.29 11.39
N ILE A 16 2.23 -4.91 11.37
CA ILE A 16 1.81 -3.61 10.89
C ILE A 16 0.96 -2.92 11.94
N ALA A 17 1.26 -1.65 12.19
CA ALA A 17 0.45 -0.87 13.10
C ALA A 17 0.21 0.53 12.55
N ILE A 18 -1.04 0.82 12.21
CA ILE A 18 -1.44 2.18 11.86
C ILE A 18 -1.74 2.92 13.14
N ASN A 19 -1.05 4.01 13.37
CA ASN A 19 -1.24 4.79 14.56
C ASN A 19 -1.52 6.21 14.21
N GLU A 20 -2.62 6.76 14.71
CA GLU A 20 -2.70 8.18 14.67
C GLU A 20 -2.59 8.68 16.11
N ASP A 21 -1.36 8.81 16.57
CA ASP A 21 -0.97 9.67 17.67
C ASP A 21 0.05 10.63 17.11
N VAL A 22 0.42 10.29 15.88
CA VAL A 22 1.64 10.70 15.26
C VAL A 22 1.44 11.86 14.26
N SER A 23 2.55 12.37 13.75
CA SER A 23 2.56 13.23 12.57
C SER A 23 1.85 12.48 11.46
N PRO A 24 1.48 13.09 10.30
CA PRO A 24 0.33 12.61 9.51
C PRO A 24 0.30 11.09 9.45
N ALA A 25 -0.89 10.55 9.81
CA ALA A 25 -1.04 9.18 10.30
C ALA A 25 -0.07 8.21 9.68
N GLU A 26 0.48 7.38 10.54
CA GLU A 26 1.58 6.55 10.15
C GLU A 26 1.28 5.08 10.42
N LEU A 27 1.70 4.25 9.49
CA LEU A 27 1.66 2.82 9.64
C LEU A 27 3.06 2.39 9.99
N THR A 28 3.20 1.42 10.84
CA THR A 28 4.51 0.99 11.22
C THR A 28 4.64 -0.50 11.03
N TRP A 29 5.41 -0.90 10.04
CA TRP A 29 5.67 -2.30 9.83
C TRP A 29 6.88 -2.70 10.64
N ARG A 30 6.62 -3.41 11.70
CA ARG A 30 7.64 -3.86 12.61
C ARG A 30 7.72 -5.37 12.54
N SER A 31 8.81 -5.90 12.02
CA SER A 31 8.94 -7.33 11.79
C SER A 31 8.76 -8.09 13.09
N THR A 32 8.16 -9.27 12.96
CA THR A 32 7.81 -10.12 14.10
C THR A 32 9.05 -10.45 14.94
N ASP A 33 10.21 -10.39 14.31
CA ASP A 33 11.48 -10.67 14.99
C ASP A 33 12.05 -9.41 15.64
N GLY A 34 11.72 -8.26 15.07
CA GLY A 34 12.14 -7.00 15.66
C GLY A 34 13.44 -6.47 15.07
N ASP A 35 13.78 -6.91 13.86
CA ASP A 35 15.04 -6.50 13.24
C ASP A 35 14.79 -5.58 12.06
N LYS A 36 13.54 -5.45 11.68
CA LYS A 36 13.17 -4.68 10.50
C LYS A 36 11.90 -3.86 10.77
N VAL A 37 12.00 -2.54 10.68
CA VAL A 37 10.86 -1.67 10.96
C VAL A 37 10.75 -0.58 9.89
N HIS A 38 9.58 -0.50 9.25
CA HIS A 38 9.34 0.49 8.21
C HIS A 38 8.03 1.23 8.48
N THR A 39 8.10 2.53 8.61
CA THR A 39 6.91 3.31 8.87
C THR A 39 6.41 4.01 7.60
N VAL A 40 5.11 3.96 7.36
CA VAL A 40 4.50 4.62 6.20
C VAL A 40 3.71 5.86 6.61
N VAL A 41 3.99 6.99 5.97
CA VAL A 41 3.20 8.20 6.18
C VAL A 41 2.04 8.23 5.20
N LEU A 42 0.86 8.02 5.73
CA LEU A 42 -0.37 8.02 4.96
C LEU A 42 -0.56 9.31 4.15
N SER A 43 -0.01 10.41 4.64
CA SER A 43 -0.12 11.68 3.93
C SER A 43 0.77 11.67 2.69
N THR A 44 1.93 11.02 2.79
CA THR A 44 2.82 10.89 1.65
C THR A 44 2.29 9.81 0.70
N ILE A 45 1.36 9.01 1.19
CA ILE A 45 0.69 8.01 0.40
C ILE A 45 -0.42 8.62 -0.47
N ASP A 46 -0.34 8.39 -1.77
CA ASP A 46 -1.36 8.84 -2.72
C ASP A 46 -2.57 7.90 -2.68
N LYS A 47 -2.30 6.60 -2.76
CA LYS A 47 -3.35 5.59 -2.80
C LYS A 47 -3.03 4.44 -1.87
N LEU A 48 -4.04 3.82 -1.32
CA LEU A 48 -3.87 2.53 -0.68
C LEU A 48 -4.59 1.47 -1.49
N GLN A 49 -4.01 0.30 -1.53
CA GLN A 49 -4.54 -0.82 -2.27
C GLN A 49 -4.78 -1.99 -1.34
N ALA A 50 -5.72 -2.83 -1.71
CA ALA A 50 -6.08 -4.00 -0.92
C ALA A 50 -6.86 -4.97 -1.79
N THR A 51 -6.65 -6.27 -1.59
CA THR A 51 -7.35 -7.30 -2.35
C THR A 51 -8.86 -7.21 -2.14
N PRO A 52 -9.59 -7.11 -3.26
CA PRO A 52 -11.05 -7.11 -3.27
C PRO A 52 -11.60 -8.48 -2.94
N ALA A 53 -12.90 -8.55 -2.64
CA ALA A 53 -13.56 -9.83 -2.38
C ALA A 53 -13.51 -10.72 -3.62
N SER A 54 -13.26 -10.09 -4.76
CA SER A 54 -13.11 -10.82 -6.02
C SER A 54 -11.73 -11.49 -6.09
N SER A 55 -10.79 -10.92 -5.36
CA SER A 55 -9.44 -11.47 -5.28
C SER A 55 -9.45 -12.74 -4.43
N GLU A 56 -8.53 -13.64 -4.72
CA GLU A 56 -8.42 -14.89 -3.98
C GLU A 56 -7.38 -14.75 -2.89
N LYS A 57 -6.76 -13.58 -2.88
CA LYS A 57 -5.66 -13.31 -1.97
C LYS A 57 -6.11 -12.36 -0.87
N MET A 58 -5.17 -12.03 0.00
CA MET A 58 -5.37 -10.97 0.98
C MET A 58 -4.10 -10.15 1.04
N MET A 59 -4.16 -8.93 0.56
CA MET A 59 -2.95 -8.12 0.46
C MET A 59 -3.27 -6.63 0.44
N LEU A 60 -2.34 -5.85 0.98
CA LEU A 60 -2.42 -4.40 0.95
C LEU A 60 -1.24 -3.83 0.17
N ARG A 61 -1.38 -2.61 -0.35
CA ARG A 61 -0.25 -1.88 -0.92
C ARG A 61 -0.46 -0.37 -0.79
N LEU A 62 0.36 0.29 0.00
CA LEU A 62 0.28 1.73 0.20
C LEU A 62 1.19 2.45 -0.79
N ILE A 63 0.58 3.19 -1.71
CA ILE A 63 1.27 3.88 -2.80
C ILE A 63 1.73 5.27 -2.36
N GLY A 64 3.03 5.49 -2.26
CA GLY A 64 3.51 6.81 -1.94
C GLY A 64 3.49 7.74 -3.14
N LYS A 65 3.14 9.01 -2.92
CA LYS A 65 3.06 9.99 -4.00
C LYS A 65 4.37 10.06 -4.76
N VAL A 66 4.28 10.07 -6.08
CA VAL A 66 5.46 10.19 -6.92
C VAL A 66 5.82 11.66 -7.08
N ASP A 67 7.08 11.91 -7.34
CA ASP A 67 7.58 13.27 -7.42
C ASP A 67 7.24 13.88 -8.78
N GLU A 68 6.38 14.89 -8.75
CA GLU A 68 5.91 15.53 -9.97
C GLU A 68 6.89 16.57 -10.48
N SER A 69 7.71 17.12 -9.59
CA SER A 69 8.69 18.12 -9.98
C SER A 69 9.81 17.48 -10.80
N LYS A 70 10.20 16.27 -10.42
CA LYS A 70 11.18 15.51 -11.19
C LYS A 70 10.48 14.63 -12.23
N LYS A 71 9.57 15.23 -12.97
CA LYS A 71 8.91 14.54 -14.06
C LYS A 71 9.92 14.11 -15.11
N ARG A 72 9.85 12.84 -15.50
CA ARG A 72 10.80 12.29 -16.43
C ARG A 72 10.55 12.71 -17.85
N LYS A 73 11.53 12.38 -18.66
CA LYS A 73 11.51 12.62 -20.10
C LYS A 73 12.26 11.50 -20.79
N ASP A 74 11.92 11.22 -22.04
CA ASP A 74 12.45 10.02 -22.69
C ASP A 74 13.80 10.31 -23.35
N ASN A 75 14.21 9.46 -24.29
CA ASN A 75 15.53 9.60 -24.91
C ASN A 75 15.68 10.90 -25.68
N GLU A 76 14.55 11.48 -26.09
CA GLU A 76 14.57 12.74 -26.83
C GLU A 76 14.37 13.90 -25.87
N GLY A 77 14.01 13.55 -24.65
CA GLY A 77 13.68 14.55 -23.67
C GLY A 77 12.20 14.88 -23.72
N ASN A 78 11.40 13.86 -24.07
CA ASN A 78 9.97 14.05 -24.24
C ASN A 78 9.26 14.21 -22.90
N GLU A 79 8.80 13.08 -22.35
CA GLU A 79 8.11 13.07 -21.07
C GLU A 79 7.77 11.63 -20.68
N VAL A 80 8.11 11.27 -19.46
CA VAL A 80 7.75 9.97 -18.91
C VAL A 80 7.10 10.18 -17.56
N VAL A 81 6.19 9.31 -17.19
CA VAL A 81 5.60 9.37 -15.87
C VAL A 81 6.14 8.26 -14.99
N PRO A 82 7.13 8.60 -14.13
CA PRO A 82 7.70 7.68 -13.17
C PRO A 82 6.64 7.03 -12.28
N LYS A 83 6.80 5.76 -11.99
CA LYS A 83 5.86 5.08 -11.12
C LYS A 83 6.20 5.35 -9.66
N PRO A 84 5.18 5.73 -8.90
CA PRO A 84 5.30 6.03 -7.48
C PRO A 84 5.85 4.83 -6.69
N GLN A 85 6.64 5.12 -5.66
CA GLN A 85 7.15 4.08 -4.79
C GLN A 85 6.05 3.59 -3.86
N ARG A 86 5.78 2.30 -3.94
CA ARG A 86 4.64 1.74 -3.23
C ARG A 86 5.12 0.73 -2.19
N HIS A 87 4.41 0.66 -1.09
CA HIS A 87 4.74 -0.25 -0.01
C HIS A 87 3.68 -1.35 0.07
N MET A 88 4.05 -2.57 -0.25
CA MET A 88 3.08 -3.65 -0.28
C MET A 88 3.26 -4.59 0.91
N PHE A 89 2.17 -4.85 1.60
CA PHE A 89 2.19 -5.76 2.73
C PHE A 89 1.24 -6.92 2.45
N SER A 90 1.76 -8.11 2.50
CA SER A 90 0.97 -9.30 2.26
C SER A 90 0.37 -9.80 3.56
N PHE A 91 -0.94 -10.01 3.55
CA PHE A 91 -1.64 -10.57 4.69
C PHE A 91 -2.06 -12.00 4.43
N ASN A 92 -2.59 -12.65 5.44
CA ASN A 92 -3.00 -14.04 5.35
C ASN A 92 -4.50 -14.16 5.63
N ASN A 93 -5.13 -13.02 5.89
CA ASN A 93 -6.56 -12.97 6.14
C ASN A 93 -7.16 -11.74 5.52
N ARG A 94 -8.21 -11.94 4.73
CA ARG A 94 -8.85 -10.84 4.01
C ARG A 94 -9.57 -9.92 4.98
N THR A 95 -9.94 -10.44 6.13
CA THR A 95 -10.58 -9.62 7.15
C THR A 95 -9.57 -8.63 7.75
N VAL A 96 -8.48 -9.17 8.27
CA VAL A 96 -7.35 -8.36 8.77
C VAL A 96 -6.99 -7.27 7.79
N MET A 97 -6.69 -7.66 6.57
CA MET A 97 -6.28 -6.71 5.57
C MET A 97 -7.41 -5.75 5.23
N ASP A 98 -8.66 -6.19 5.37
CA ASP A 98 -9.80 -5.30 5.15
C ASP A 98 -9.85 -4.26 6.26
N ASN A 99 -9.41 -4.70 7.43
CA ASN A 99 -9.40 -3.85 8.61
C ASN A 99 -8.29 -2.83 8.51
N ILE A 100 -7.11 -3.33 8.18
CA ILE A 100 -5.94 -2.51 7.95
C ILE A 100 -6.21 -1.51 6.83
N LYS A 101 -6.65 -2.04 5.69
CA LYS A 101 -6.97 -1.24 4.53
C LYS A 101 -7.98 -0.15 4.87
N MET A 102 -9.06 -0.53 5.54
CA MET A 102 -10.13 0.40 5.83
C MET A 102 -9.65 1.44 6.85
N THR A 103 -8.66 1.07 7.64
CA THR A 103 -8.06 1.98 8.58
C THR A 103 -7.32 3.08 7.85
N LEU A 104 -6.50 2.67 6.90
CA LEU A 104 -5.64 3.58 6.18
C LEU A 104 -6.44 4.49 5.25
N GLN A 105 -7.19 3.90 4.34
CA GLN A 105 -7.98 4.67 3.36
C GLN A 105 -8.84 5.74 4.01
N GLN A 106 -9.24 5.55 5.26
CA GLN A 106 -10.06 6.54 5.95
C GLN A 106 -9.20 7.75 6.28
N ILE A 107 -7.93 7.48 6.49
CA ILE A 107 -6.92 8.48 6.67
C ILE A 107 -6.57 9.11 5.33
N ILE A 108 -6.45 8.29 4.32
CA ILE A 108 -6.05 8.74 3.01
C ILE A 108 -7.13 9.62 2.40
N SER A 109 -8.38 9.20 2.54
CA SER A 109 -9.52 10.01 2.11
C SER A 109 -9.55 11.32 2.87
N ARG A 110 -9.02 11.27 4.09
CA ARG A 110 -8.88 12.44 4.92
C ARG A 110 -7.86 13.40 4.29
N TYR A 111 -6.89 12.83 3.57
CA TYR A 111 -5.86 13.60 2.93
C TYR A 111 -6.18 13.85 1.46
N LYS A 112 -7.06 13.05 0.90
CA LYS A 112 -7.60 13.32 -0.44
C LYS A 112 -8.48 14.54 -0.39
N ASP A 113 -9.18 14.68 0.73
CA ASP A 113 -9.97 15.87 1.00
C ASP A 113 -9.07 17.08 1.21
N ALA A 114 -7.79 16.80 1.43
CA ALA A 114 -6.80 17.85 1.67
C ALA A 114 -5.89 18.02 0.46
N ASP A 115 -6.23 17.35 -0.64
CA ASP A 115 -5.44 17.43 -1.85
C ASP A 115 -6.29 17.90 -3.02
N GLY B 1 -34.47 3.06 -16.16
CA GLY B 1 -33.55 4.22 -16.21
C GLY B 1 -32.12 3.80 -15.96
N GLY B 2 -31.17 4.65 -16.37
CA GLY B 2 -29.78 4.32 -16.21
C GLY B 2 -29.23 3.57 -17.40
N GLY B 3 -28.32 4.19 -18.13
CA GLY B 3 -27.76 3.56 -19.31
C GLY B 3 -26.29 3.28 -19.17
N GLY B 4 -25.83 3.16 -17.93
CA GLY B 4 -24.43 2.90 -17.68
C GLY B 4 -24.21 1.80 -16.68
N TYR B 5 -24.02 0.58 -17.18
CA TYR B 5 -23.78 -0.57 -16.33
C TYR B 5 -23.07 -1.68 -17.11
N ASP B 6 -21.77 -1.79 -16.91
CA ASP B 6 -21.00 -2.86 -17.53
C ASP B 6 -20.75 -3.95 -16.50
N VAL B 7 -20.92 -5.20 -16.91
CA VAL B 7 -20.68 -6.32 -16.02
C VAL B 7 -19.17 -6.56 -15.89
N GLU B 8 -18.53 -5.64 -15.18
CA GLU B 8 -17.09 -5.69 -15.01
C GLU B 8 -16.69 -6.84 -14.11
N MET B 9 -15.88 -7.73 -14.67
CA MET B 9 -15.37 -8.88 -13.94
C MET B 9 -13.94 -9.13 -14.40
N GLU B 10 -13.21 -8.03 -14.54
CA GLU B 10 -11.85 -8.08 -15.05
C GLU B 10 -10.96 -8.91 -14.13
N SER B 11 -10.09 -9.70 -14.73
CA SER B 11 -9.22 -10.59 -13.98
C SER B 11 -8.18 -9.79 -13.20
N GLU B 12 -8.34 -9.77 -11.89
CA GLU B 12 -7.46 -9.03 -11.00
C GLU B 12 -6.04 -9.58 -11.05
N GLU B 13 -5.91 -10.90 -11.21
CA GLU B 13 -4.60 -11.55 -11.20
C GLU B 13 -3.75 -11.17 -12.40
N GLU B 14 -4.37 -10.69 -13.47
CA GLU B 14 -3.62 -10.24 -14.65
C GLU B 14 -2.76 -9.03 -14.30
N SER B 15 -3.15 -8.30 -13.27
CA SER B 15 -2.34 -7.20 -12.77
C SER B 15 -1.33 -7.74 -11.76
N ASP B 16 -0.21 -8.26 -12.29
CA ASP B 16 0.82 -8.88 -11.46
C ASP B 16 1.43 -7.88 -10.47
N ASP B 17 1.32 -6.60 -10.80
CA ASP B 17 1.80 -5.53 -9.92
C ASP B 17 1.11 -5.61 -8.57
N ASP B 18 -0.17 -5.97 -8.58
CA ASP B 18 -0.95 -6.02 -7.35
C ASP B 18 -2.08 -7.04 -7.44
N GLY B 19 -3.19 -6.67 -8.05
CA GLY B 19 -4.37 -7.50 -8.01
C GLY B 19 -5.36 -7.00 -6.97
N PHE B 20 -5.20 -5.72 -6.62
CA PHE B 20 -5.98 -5.10 -5.57
C PHE B 20 -6.88 -4.03 -6.17
N VAL B 21 -7.66 -3.36 -5.32
CA VAL B 21 -8.50 -2.26 -5.76
C VAL B 21 -8.56 -1.17 -4.69
N GLU B 22 -8.61 0.09 -5.13
CA GLU B 22 -8.80 1.21 -4.22
C GLU B 22 -10.28 1.31 -3.87
N VAL B 23 -10.60 1.25 -2.58
CA VAL B 23 -11.99 1.30 -2.16
C VAL B 23 -12.32 2.68 -1.60
N ASP B 24 -13.01 3.48 -2.40
CA ASP B 24 -13.41 4.82 -1.99
C ASP B 24 -14.90 4.85 -1.70
N PRO A 1 -9.36 -3.91 17.17
CA PRO A 1 -8.28 -4.59 16.42
C PRO A 1 -8.42 -4.32 14.92
N SER A 2 -7.95 -3.17 14.49
CA SER A 2 -8.08 -2.77 13.09
C SER A 2 -6.88 -1.93 12.66
N HIS A 3 -6.32 -1.18 13.61
CA HIS A 3 -5.20 -0.30 13.33
C HIS A 3 -3.88 -1.04 13.45
N SER A 4 -3.94 -2.36 13.48
CA SER A 4 -2.75 -3.19 13.63
C SER A 4 -3.03 -4.60 13.15
N GLY A 5 -2.04 -5.22 12.53
CA GLY A 5 -2.17 -6.56 12.03
C GLY A 5 -0.88 -7.01 11.39
N ALA A 6 -0.60 -8.31 11.44
CA ALA A 6 0.67 -8.81 10.92
C ALA A 6 0.67 -8.83 9.38
N ALA A 7 1.80 -8.46 8.79
CA ALA A 7 1.93 -8.44 7.34
C ALA A 7 3.35 -8.74 6.89
N ILE A 8 3.46 -9.26 5.68
CA ILE A 8 4.74 -9.55 5.06
C ILE A 8 5.14 -8.39 4.16
N PHE A 9 6.23 -7.74 4.50
CA PHE A 9 6.67 -6.59 3.74
C PHE A 9 8.03 -6.86 3.10
N GLU A 10 8.03 -7.01 1.79
CA GLU A 10 9.24 -7.31 1.02
C GLU A 10 9.75 -8.70 1.35
N LYS A 11 8.82 -9.64 1.34
CA LYS A 11 9.09 -11.07 1.45
C LYS A 11 9.54 -11.48 2.85
N VAL A 12 9.49 -10.55 3.80
CA VAL A 12 9.71 -10.89 5.20
C VAL A 12 8.43 -10.67 6.01
N SER A 13 8.08 -11.65 6.83
CA SER A 13 6.90 -11.56 7.68
C SER A 13 7.14 -10.62 8.84
N GLY A 14 6.18 -9.76 9.08
CA GLY A 14 6.26 -8.84 10.17
C GLY A 14 4.91 -8.37 10.63
N ILE A 15 4.87 -7.23 11.29
CA ILE A 15 3.63 -6.68 11.81
C ILE A 15 3.42 -5.28 11.29
N ILE A 16 2.17 -4.89 11.21
CA ILE A 16 1.80 -3.57 10.75
C ILE A 16 0.96 -2.86 11.81
N ALA A 17 1.29 -1.63 12.08
CA ALA A 17 0.52 -0.84 13.04
C ALA A 17 0.28 0.57 12.53
N ILE A 18 -0.97 0.85 12.18
CA ILE A 18 -1.39 2.21 11.85
C ILE A 18 -1.75 2.93 13.13
N ASN A 19 -1.09 4.02 13.41
CA ASN A 19 -1.38 4.78 14.60
C ASN A 19 -1.66 6.21 14.26
N GLU A 20 -2.77 6.75 14.73
CA GLU A 20 -2.85 8.17 14.72
C GLU A 20 -2.77 8.65 16.16
N ASP A 21 -1.55 8.81 16.62
CA ASP A 21 -1.18 9.68 17.73
C ASP A 21 -0.19 10.67 17.17
N VAL A 22 0.23 10.32 15.96
CA VAL A 22 1.50 10.75 15.38
C VAL A 22 1.30 11.87 14.36
N SER A 23 2.43 12.39 13.87
CA SER A 23 2.48 13.26 12.70
C SER A 23 1.77 12.51 11.57
N PRO A 24 1.41 13.12 10.42
CA PRO A 24 0.27 12.63 9.60
C PRO A 24 0.26 11.12 9.52
N ALA A 25 -0.91 10.55 9.84
CA ALA A 25 -1.04 9.17 10.33
C ALA A 25 -0.01 8.22 9.77
N GLU A 26 0.53 7.42 10.65
CA GLU A 26 1.65 6.59 10.31
C GLU A 26 1.35 5.12 10.54
N LEU A 27 1.76 4.32 9.58
CA LEU A 27 1.75 2.88 9.69
C LEU A 27 3.15 2.48 10.01
N THR A 28 3.31 1.48 10.82
CA THR A 28 4.63 1.04 11.17
C THR A 28 4.73 -0.46 11.05
N TRP A 29 5.48 -0.90 10.07
CA TRP A 29 5.70 -2.31 9.85
C TRP A 29 6.88 -2.75 10.70
N ARG A 30 6.55 -3.46 11.75
CA ARG A 30 7.52 -3.95 12.69
C ARG A 30 7.53 -5.46 12.64
N SER A 31 8.65 -6.03 12.21
CA SER A 31 8.72 -7.46 11.94
C SER A 31 8.36 -8.28 13.15
N THR A 32 7.86 -9.48 12.88
CA THR A 32 7.39 -10.40 13.91
C THR A 32 8.51 -10.72 14.90
N ASP A 33 9.75 -10.66 14.42
CA ASP A 33 10.91 -10.87 15.29
C ASP A 33 11.27 -9.59 16.02
N GLY A 34 10.96 -8.45 15.40
CA GLY A 34 11.20 -7.17 16.03
C GLY A 34 12.52 -6.53 15.59
N ASP A 35 13.06 -7.01 14.48
CA ASP A 35 14.36 -6.54 14.01
C ASP A 35 14.22 -5.57 12.85
N LYS A 36 13.13 -5.68 12.11
CA LYS A 36 12.92 -4.87 10.92
C LYS A 36 11.70 -3.98 11.10
N VAL A 37 11.89 -2.67 10.98
CA VAL A 37 10.80 -1.71 11.18
C VAL A 37 10.76 -0.70 10.04
N HIS A 38 9.62 -0.62 9.36
CA HIS A 38 9.44 0.30 8.26
C HIS A 38 8.14 1.08 8.43
N THR A 39 8.23 2.40 8.49
CA THR A 39 7.05 3.22 8.73
C THR A 39 6.54 3.86 7.44
N VAL A 40 5.21 3.98 7.32
CA VAL A 40 4.57 4.64 6.18
C VAL A 40 3.80 5.89 6.62
N VAL A 41 4.03 7.02 5.95
CA VAL A 41 3.24 8.23 6.20
C VAL A 41 2.07 8.25 5.23
N LEU A 42 0.90 8.01 5.78
CA LEU A 42 -0.36 7.94 5.04
C LEU A 42 -0.60 9.19 4.19
N SER A 43 -0.14 10.33 4.66
CA SER A 43 -0.35 11.57 3.93
C SER A 43 0.57 11.69 2.73
N THR A 44 1.74 11.06 2.81
CA THR A 44 2.64 10.99 1.67
C THR A 44 2.18 9.89 0.71
N ILE A 45 1.24 9.09 1.17
CA ILE A 45 0.61 8.06 0.36
C ILE A 45 -0.52 8.67 -0.48
N ASP A 46 -0.49 8.37 -1.78
CA ASP A 46 -1.53 8.79 -2.72
C ASP A 46 -2.68 7.81 -2.75
N LYS A 47 -2.36 6.53 -2.72
CA LYS A 47 -3.36 5.48 -2.88
C LYS A 47 -3.04 4.33 -1.94
N LEU A 48 -4.04 3.77 -1.30
CA LEU A 48 -3.86 2.48 -0.67
C LEU A 48 -4.62 1.43 -1.45
N GLN A 49 -4.03 0.28 -1.54
CA GLN A 49 -4.60 -0.83 -2.27
C GLN A 49 -4.83 -2.01 -1.34
N ALA A 50 -5.77 -2.85 -1.69
CA ALA A 50 -6.07 -4.05 -0.93
C ALA A 50 -6.90 -5.02 -1.76
N THR A 51 -6.62 -6.30 -1.63
CA THR A 51 -7.35 -7.36 -2.36
C THR A 51 -8.86 -7.20 -2.18
N PRO A 52 -9.58 -7.19 -3.31
CA PRO A 52 -11.03 -7.11 -3.35
C PRO A 52 -11.69 -8.37 -2.80
N ALA A 53 -12.99 -8.30 -2.54
CA ALA A 53 -13.74 -9.45 -2.07
C ALA A 53 -13.86 -10.50 -3.19
N SER A 54 -13.48 -10.09 -4.40
CA SER A 54 -13.42 -11.01 -5.52
C SER A 54 -12.06 -11.74 -5.52
N SER A 55 -11.08 -11.10 -4.91
CA SER A 55 -9.75 -11.68 -4.76
C SER A 55 -9.83 -12.81 -3.73
N GLU A 56 -9.03 -13.86 -3.93
CA GLU A 56 -9.00 -14.96 -2.98
C GLU A 56 -7.86 -14.73 -2.03
N LYS A 57 -7.01 -13.81 -2.43
CA LYS A 57 -5.82 -13.47 -1.69
C LYS A 57 -6.13 -12.39 -0.65
N MET A 58 -5.14 -12.04 0.15
CA MET A 58 -5.26 -10.94 1.09
C MET A 58 -3.97 -10.13 1.09
N MET A 59 -4.03 -8.93 0.55
CA MET A 59 -2.84 -8.09 0.44
C MET A 59 -3.19 -6.61 0.40
N LEU A 60 -2.38 -5.80 1.06
CA LEU A 60 -2.47 -4.34 0.96
C LEU A 60 -1.27 -3.78 0.18
N ARG A 61 -1.41 -2.55 -0.30
CA ARG A 61 -0.29 -1.82 -0.91
C ARG A 61 -0.50 -0.31 -0.80
N LEU A 62 0.36 0.36 -0.04
CA LEU A 62 0.28 1.79 0.17
C LEU A 62 1.21 2.54 -0.80
N ILE A 63 0.61 3.23 -1.76
CA ILE A 63 1.35 3.91 -2.82
C ILE A 63 1.79 5.30 -2.39
N GLY A 64 3.08 5.49 -2.17
CA GLY A 64 3.58 6.80 -1.82
C GLY A 64 3.61 7.71 -3.03
N LYS A 65 3.29 8.98 -2.82
CA LYS A 65 3.18 9.94 -3.89
C LYS A 65 4.50 10.15 -4.61
N VAL A 66 4.41 10.16 -5.93
CA VAL A 66 5.54 10.47 -6.77
C VAL A 66 5.64 11.99 -6.89
N ASP A 67 6.75 12.48 -7.44
CA ASP A 67 6.96 13.91 -7.53
C ASP A 67 5.88 14.57 -8.36
N GLU A 68 5.45 15.73 -7.88
CA GLU A 68 4.30 16.46 -8.43
C GLU A 68 4.44 16.74 -9.93
N SER A 69 5.66 16.73 -10.45
CA SER A 69 5.88 17.00 -11.87
C SER A 69 5.48 15.81 -12.73
N LYS A 70 5.24 14.67 -12.07
CA LYS A 70 4.91 13.41 -12.72
C LYS A 70 5.86 13.06 -13.86
N LYS A 71 5.47 13.39 -15.09
CA LYS A 71 6.25 13.02 -16.26
C LYS A 71 7.56 13.80 -16.33
N ARG A 72 8.65 13.06 -16.42
CA ARG A 72 9.98 13.62 -16.35
C ARG A 72 10.68 13.49 -17.70
N LYS A 73 11.84 14.08 -17.80
CA LYS A 73 12.64 14.12 -19.01
C LYS A 73 13.96 13.43 -18.74
N ASP A 74 14.42 12.62 -19.68
CA ASP A 74 15.71 11.98 -19.53
C ASP A 74 16.77 12.77 -20.28
N ASN A 75 17.86 12.12 -20.62
CA ASN A 75 18.99 12.76 -21.31
C ASN A 75 18.57 13.48 -22.58
N GLU A 76 17.54 12.98 -23.26
CA GLU A 76 17.13 13.55 -24.53
C GLU A 76 15.76 14.23 -24.41
N GLY A 77 15.18 14.17 -23.23
CA GLY A 77 13.84 14.71 -23.02
C GLY A 77 12.82 13.81 -23.66
N ASN A 78 13.20 12.55 -23.77
CA ASN A 78 12.36 11.50 -24.34
C ASN A 78 11.08 11.32 -23.53
N GLU A 79 11.18 11.68 -22.26
CA GLU A 79 10.08 11.71 -21.30
C GLU A 79 9.92 10.37 -20.60
N VAL A 80 10.24 10.35 -19.32
CA VAL A 80 10.08 9.15 -18.51
C VAL A 80 8.95 9.39 -17.54
N VAL A 81 8.24 8.34 -17.18
CA VAL A 81 7.20 8.45 -16.19
C VAL A 81 7.61 7.73 -14.91
N PRO A 82 8.14 8.48 -13.94
CA PRO A 82 8.55 7.94 -12.65
C PRO A 82 7.40 7.27 -11.92
N LYS A 83 7.62 6.03 -11.51
CA LYS A 83 6.60 5.30 -10.77
C LYS A 83 6.69 5.62 -9.29
N PRO A 84 5.55 5.96 -8.71
CA PRO A 84 5.44 6.26 -7.29
C PRO A 84 5.89 5.09 -6.43
N GLN A 85 6.69 5.38 -5.41
CA GLN A 85 7.21 4.34 -4.54
C GLN A 85 6.13 3.86 -3.60
N ARG A 86 5.80 2.59 -3.72
CA ARG A 86 4.64 2.05 -3.05
C ARG A 86 5.01 0.86 -2.19
N HIS A 87 4.33 0.75 -1.05
CA HIS A 87 4.63 -0.23 -0.04
C HIS A 87 3.60 -1.35 -0.07
N MET A 88 4.01 -2.53 -0.45
CA MET A 88 3.09 -3.66 -0.53
C MET A 88 3.33 -4.64 0.59
N PHE A 89 2.30 -4.95 1.35
CA PHE A 89 2.42 -5.93 2.39
C PHE A 89 1.49 -7.09 2.07
N SER A 90 1.95 -8.30 2.30
CA SER A 90 1.10 -9.47 2.10
C SER A 90 0.52 -9.89 3.42
N PHE A 91 -0.78 -10.04 3.44
CA PHE A 91 -1.50 -10.38 4.66
C PHE A 91 -1.99 -11.82 4.59
N ASN A 92 -2.38 -12.38 5.72
CA ASN A 92 -2.72 -13.80 5.76
C ASN A 92 -4.21 -13.99 5.95
N ASN A 93 -4.92 -12.89 6.10
CA ASN A 93 -6.36 -12.94 6.32
C ASN A 93 -7.04 -11.74 5.68
N ARG A 94 -8.07 -12.04 4.88
CA ARG A 94 -8.83 -11.04 4.15
C ARG A 94 -9.52 -10.07 5.09
N THR A 95 -9.82 -10.54 6.29
CA THR A 95 -10.47 -9.71 7.29
C THR A 95 -9.49 -8.71 7.88
N VAL A 96 -8.39 -9.22 8.45
CA VAL A 96 -7.31 -8.39 8.96
C VAL A 96 -6.93 -7.31 7.97
N MET A 97 -6.63 -7.72 6.75
CA MET A 97 -6.20 -6.79 5.73
C MET A 97 -7.33 -5.82 5.38
N ASP A 98 -8.57 -6.26 5.52
CA ASP A 98 -9.70 -5.38 5.25
C ASP A 98 -9.75 -4.31 6.31
N ASN A 99 -9.36 -4.69 7.50
CA ASN A 99 -9.37 -3.82 8.66
C ASN A 99 -8.24 -2.82 8.54
N ILE A 100 -7.06 -3.34 8.26
CA ILE A 100 -5.88 -2.52 7.99
C ILE A 100 -6.16 -1.53 6.85
N LYS A 101 -6.62 -2.07 5.72
CA LYS A 101 -6.95 -1.26 4.56
C LYS A 101 -7.91 -0.15 4.92
N MET A 102 -9.01 -0.51 5.58
CA MET A 102 -10.08 0.44 5.85
C MET A 102 -9.58 1.47 6.85
N THR A 103 -8.60 1.09 7.64
CA THR A 103 -7.99 2.00 8.59
C THR A 103 -7.23 3.10 7.84
N LEU A 104 -6.41 2.67 6.90
CA LEU A 104 -5.53 3.57 6.19
C LEU A 104 -6.31 4.45 5.23
N GLN A 105 -7.06 3.84 4.32
CA GLN A 105 -7.83 4.59 3.33
C GLN A 105 -8.75 5.63 3.97
N GLN A 106 -9.16 5.41 5.21
CA GLN A 106 -9.98 6.38 5.92
C GLN A 106 -9.20 7.65 6.16
N ILE A 107 -7.90 7.46 6.29
CA ILE A 107 -6.95 8.53 6.48
C ILE A 107 -6.58 9.14 5.13
N ILE A 108 -6.33 8.29 4.16
CA ILE A 108 -5.88 8.74 2.85
C ILE A 108 -6.95 9.54 2.15
N SER A 109 -8.15 8.98 2.07
CA SER A 109 -9.29 9.66 1.45
C SER A 109 -9.59 10.94 2.22
N ARG A 110 -9.15 10.95 3.46
CA ARG A 110 -9.28 12.10 4.34
C ARG A 110 -8.31 13.20 3.92
N TYR A 111 -7.11 12.78 3.52
CA TYR A 111 -6.06 13.73 3.17
C TYR A 111 -6.17 14.13 1.71
N LYS A 112 -6.71 13.25 0.89
CA LYS A 112 -6.92 13.55 -0.53
C LYS A 112 -8.12 14.47 -0.67
N ASP A 113 -8.93 14.51 0.37
CA ASP A 113 -10.02 15.46 0.48
C ASP A 113 -9.46 16.87 0.74
N ALA A 114 -8.22 16.89 1.22
CA ALA A 114 -7.55 18.15 1.54
C ALA A 114 -6.21 18.24 0.80
N ASP A 115 -6.16 17.69 -0.40
CA ASP A 115 -4.93 17.68 -1.19
C ASP A 115 -5.22 18.03 -2.64
N GLY B 1 3.30 -28.84 7.70
CA GLY B 1 2.85 -28.40 9.04
C GLY B 1 1.63 -29.15 9.50
N GLY B 2 0.78 -28.48 10.27
CA GLY B 2 -0.44 -29.10 10.74
C GLY B 2 -1.40 -28.09 11.31
N GLY B 3 -2.65 -28.51 11.49
CA GLY B 3 -3.66 -27.65 12.06
C GLY B 3 -4.24 -26.68 11.05
N GLY B 4 -3.48 -25.64 10.75
CA GLY B 4 -3.92 -24.65 9.79
C GLY B 4 -2.80 -23.71 9.42
N TYR B 5 -3.10 -22.73 8.58
CA TYR B 5 -2.13 -21.76 8.08
C TYR B 5 -1.10 -22.44 7.18
N ASP B 6 -1.11 -22.08 5.91
CA ASP B 6 -0.13 -22.61 4.97
C ASP B 6 1.13 -21.77 5.05
N VAL B 7 2.27 -22.43 5.12
CA VAL B 7 3.54 -21.74 5.30
C VAL B 7 4.08 -21.22 3.96
N GLU B 8 3.22 -21.20 2.95
CA GLU B 8 3.59 -20.68 1.66
C GLU B 8 2.74 -19.48 1.32
N MET B 9 3.39 -18.33 1.17
CA MET B 9 2.71 -17.08 0.89
C MET B 9 3.18 -16.50 -0.43
N GLU B 10 4.40 -16.84 -0.78
CA GLU B 10 5.02 -16.36 -1.99
C GLU B 10 4.51 -17.15 -3.19
N SER B 11 4.01 -16.43 -4.19
CA SER B 11 3.39 -17.03 -5.34
C SER B 11 3.13 -15.99 -6.42
N GLU B 12 2.63 -16.41 -7.57
CA GLU B 12 2.30 -15.49 -8.64
C GLU B 12 1.04 -14.72 -8.30
N GLU B 13 0.23 -15.30 -7.42
CA GLU B 13 -1.03 -14.70 -6.98
C GLU B 13 -0.82 -13.36 -6.28
N GLU B 14 0.40 -13.13 -5.79
CA GLU B 14 0.75 -11.89 -5.10
C GLU B 14 0.46 -10.66 -5.95
N SER B 15 0.53 -10.84 -7.28
CA SER B 15 0.17 -9.78 -8.22
C SER B 15 1.04 -8.53 -8.05
N ASP B 16 2.17 -8.52 -8.73
CA ASP B 16 3.12 -7.40 -8.67
C ASP B 16 2.50 -6.13 -9.23
N ASP B 17 1.63 -6.30 -10.23
CA ASP B 17 0.94 -5.17 -10.84
C ASP B 17 0.03 -4.51 -9.83
N ASP B 18 -0.99 -5.25 -9.42
CA ASP B 18 -1.93 -4.79 -8.40
C ASP B 18 -2.83 -5.93 -7.94
N GLY B 19 -3.92 -6.21 -8.64
CA GLY B 19 -4.81 -7.27 -8.23
C GLY B 19 -5.56 -6.91 -6.96
N PHE B 20 -5.67 -5.62 -6.70
CA PHE B 20 -6.33 -5.08 -5.52
C PHE B 20 -7.44 -4.14 -5.95
N VAL B 21 -8.14 -3.58 -4.97
CA VAL B 21 -9.16 -2.57 -5.25
C VAL B 21 -9.12 -1.47 -4.19
N GLU B 22 -9.36 -0.24 -4.61
CA GLU B 22 -9.45 0.87 -3.68
C GLU B 22 -10.90 1.01 -3.22
N VAL B 23 -11.11 0.92 -1.92
CA VAL B 23 -12.46 0.94 -1.37
C VAL B 23 -12.79 2.32 -0.79
N ASP B 24 -13.59 3.08 -1.53
CA ASP B 24 -13.99 4.41 -1.10
C ASP B 24 -15.46 4.62 -1.37
N PRO A 1 -10.43 -3.88 17.44
CA PRO A 1 -9.02 -3.43 17.47
C PRO A 1 -8.68 -2.60 16.23
N SER A 2 -8.54 -3.27 15.09
CA SER A 2 -8.14 -2.65 13.82
C SER A 2 -6.83 -1.88 13.97
N HIS A 3 -6.44 -1.15 12.92
CA HIS A 3 -5.25 -0.28 12.94
C HIS A 3 -3.96 -1.07 13.14
N SER A 4 -4.04 -2.38 13.18
CA SER A 4 -2.87 -3.22 13.37
C SER A 4 -3.15 -4.64 12.85
N GLY A 5 -2.12 -5.29 12.36
CA GLY A 5 -2.25 -6.63 11.85
C GLY A 5 -0.95 -7.10 11.25
N ALA A 6 -0.67 -8.38 11.33
CA ALA A 6 0.62 -8.89 10.87
C ALA A 6 0.69 -8.91 9.33
N ALA A 7 1.86 -8.55 8.80
CA ALA A 7 2.06 -8.51 7.35
C ALA A 7 3.50 -8.82 6.97
N ILE A 8 3.70 -9.16 5.71
CA ILE A 8 4.99 -9.51 5.17
C ILE A 8 5.46 -8.39 4.25
N PHE A 9 6.65 -7.89 4.49
CA PHE A 9 7.18 -6.81 3.67
C PHE A 9 8.38 -7.28 2.89
N GLU A 10 8.17 -7.60 1.63
CA GLU A 10 9.23 -8.13 0.77
C GLU A 10 9.85 -9.39 1.38
N LYS A 11 9.00 -10.39 1.57
CA LYS A 11 9.42 -11.74 1.95
C LYS A 11 9.84 -11.87 3.42
N VAL A 12 9.96 -10.76 4.15
CA VAL A 12 10.13 -10.85 5.59
C VAL A 12 8.79 -10.68 6.28
N SER A 13 8.49 -11.59 7.19
CA SER A 13 7.24 -11.56 7.91
C SER A 13 7.33 -10.65 9.13
N GLY A 14 6.33 -9.80 9.29
CA GLY A 14 6.31 -8.88 10.41
C GLY A 14 4.91 -8.46 10.77
N ILE A 15 4.81 -7.31 11.40
CA ILE A 15 3.54 -6.78 11.85
C ILE A 15 3.33 -5.37 11.33
N ILE A 16 2.09 -4.98 11.19
CA ILE A 16 1.73 -3.66 10.71
C ILE A 16 0.86 -2.95 11.74
N ALA A 17 1.20 -1.72 12.02
CA ALA A 17 0.41 -0.92 12.94
C ALA A 17 0.21 0.51 12.45
N ILE A 18 -1.01 0.82 12.05
CA ILE A 18 -1.39 2.17 11.68
C ILE A 18 -1.79 2.92 12.94
N ASN A 19 -1.04 3.94 13.27
CA ASN A 19 -1.34 4.72 14.45
C ASN A 19 -1.63 6.14 14.07
N GLU A 20 -2.77 6.67 14.49
CA GLU A 20 -2.90 8.09 14.41
C GLU A 20 -2.91 8.62 15.84
N ASP A 21 -1.71 8.79 16.36
CA ASP A 21 -1.38 9.70 17.45
C ASP A 21 -0.34 10.67 16.93
N VAL A 22 0.13 10.30 15.75
CA VAL A 22 1.42 10.69 15.24
C VAL A 22 1.31 11.83 14.21
N SER A 23 2.48 12.32 13.78
CA SER A 23 2.59 13.18 12.61
C SER A 23 1.92 12.43 11.45
N PRO A 24 1.58 13.04 10.29
CA PRO A 24 0.45 12.58 9.47
C PRO A 24 0.39 11.07 9.40
N ALA A 25 -0.81 10.54 9.72
CA ALA A 25 -0.98 9.17 10.21
C ALA A 25 0.01 8.19 9.63
N GLU A 26 0.52 7.36 10.50
CA GLU A 26 1.64 6.54 10.16
C GLU A 26 1.35 5.08 10.41
N LEU A 27 1.78 4.26 9.48
CA LEU A 27 1.72 2.82 9.59
C LEU A 27 3.10 2.36 9.96
N THR A 28 3.19 1.39 10.80
CA THR A 28 4.49 0.93 11.21
C THR A 28 4.59 -0.57 11.07
N TRP A 29 5.37 -1.00 10.10
CA TRP A 29 5.62 -2.41 9.94
C TRP A 29 6.81 -2.83 10.78
N ARG A 30 6.53 -3.65 11.76
CA ARG A 30 7.53 -4.09 12.70
C ARG A 30 7.64 -5.61 12.65
N SER A 31 8.82 -6.14 12.38
CA SER A 31 8.99 -7.57 12.18
C SER A 31 8.50 -8.33 13.41
N THR A 32 7.86 -9.47 13.14
CA THR A 32 7.25 -10.28 14.19
C THR A 32 8.29 -10.69 15.22
N ASP A 33 9.52 -10.93 14.74
CA ASP A 33 10.62 -11.33 15.58
C ASP A 33 11.35 -10.12 16.15
N GLY A 34 10.99 -8.93 15.66
CA GLY A 34 11.64 -7.71 16.11
C GLY A 34 12.89 -7.41 15.32
N ASP A 35 12.99 -7.98 14.12
CA ASP A 35 14.17 -7.84 13.29
C ASP A 35 14.33 -6.41 12.74
N LYS A 36 13.31 -5.93 12.04
CA LYS A 36 13.39 -4.63 11.40
C LYS A 36 12.03 -3.92 11.45
N VAL A 37 12.04 -2.60 11.24
CA VAL A 37 10.82 -1.79 11.29
C VAL A 37 10.76 -0.83 10.09
N HIS A 38 9.58 -0.71 9.51
CA HIS A 38 9.35 0.19 8.37
C HIS A 38 8.07 0.98 8.55
N THR A 39 8.17 2.29 8.67
CA THR A 39 6.99 3.13 8.86
C THR A 39 6.53 3.77 7.55
N VAL A 40 5.21 3.88 7.36
CA VAL A 40 4.62 4.53 6.21
C VAL A 40 3.81 5.77 6.62
N VAL A 41 4.08 6.91 5.99
CA VAL A 41 3.31 8.12 6.22
C VAL A 41 2.15 8.19 5.25
N LEU A 42 0.95 8.01 5.77
CA LEU A 42 -0.28 8.02 4.99
C LEU A 42 -0.45 9.29 4.16
N SER A 43 0.16 10.38 4.58
CA SER A 43 0.06 11.63 3.82
C SER A 43 0.95 11.59 2.58
N THR A 44 2.09 10.94 2.69
CA THR A 44 2.95 10.72 1.53
C THR A 44 2.32 9.65 0.64
N ILE A 45 1.37 8.94 1.20
CA ILE A 45 0.60 7.94 0.49
C ILE A 45 -0.55 8.59 -0.29
N ASP A 46 -0.48 8.51 -1.60
CA ASP A 46 -1.52 9.04 -2.46
C ASP A 46 -2.75 8.14 -2.45
N LYS A 47 -2.52 6.84 -2.45
CA LYS A 47 -3.60 5.88 -2.54
C LYS A 47 -3.27 4.63 -1.75
N LEU A 48 -4.27 3.87 -1.38
CA LEU A 48 -4.03 2.57 -0.79
C LEU A 48 -4.79 1.51 -1.58
N GLN A 49 -4.18 0.35 -1.64
CA GLN A 49 -4.72 -0.79 -2.35
C GLN A 49 -4.85 -1.96 -1.39
N ALA A 50 -5.74 -2.86 -1.72
CA ALA A 50 -6.01 -4.02 -0.88
C ALA A 50 -6.77 -5.07 -1.70
N THR A 51 -6.40 -6.34 -1.54
CA THR A 51 -7.08 -7.45 -2.21
C THR A 51 -8.58 -7.36 -1.98
N PRO A 52 -9.33 -7.39 -3.08
CA PRO A 52 -10.80 -7.32 -3.06
C PRO A 52 -11.41 -8.55 -2.40
N ALA A 53 -12.69 -8.45 -2.05
CA ALA A 53 -13.42 -9.60 -1.51
C ALA A 53 -13.48 -10.72 -2.55
N SER A 54 -13.33 -10.33 -3.81
CA SER A 54 -13.29 -11.28 -4.91
C SER A 54 -11.94 -12.00 -4.95
N SER A 55 -10.92 -11.37 -4.40
CA SER A 55 -9.58 -11.95 -4.35
C SER A 55 -9.59 -13.15 -3.40
N GLU A 56 -8.74 -14.15 -3.70
CA GLU A 56 -8.61 -15.32 -2.84
C GLU A 56 -7.54 -15.06 -1.80
N LYS A 57 -6.86 -13.94 -1.98
CA LYS A 57 -5.70 -13.61 -1.19
C LYS A 57 -6.02 -12.49 -0.21
N MET A 58 -4.99 -12.07 0.51
CA MET A 58 -5.08 -10.93 1.42
C MET A 58 -3.80 -10.13 1.34
N MET A 59 -3.88 -8.93 0.78
CA MET A 59 -2.71 -8.10 0.59
C MET A 59 -3.08 -6.62 0.49
N LEU A 60 -2.27 -5.77 1.09
CA LEU A 60 -2.39 -4.32 0.94
C LEU A 60 -1.20 -3.75 0.15
N ARG A 61 -1.41 -2.61 -0.49
CA ARG A 61 -0.32 -1.85 -1.10
C ARG A 61 -0.61 -0.35 -0.99
N LEU A 62 0.23 0.34 -0.23
CA LEU A 62 0.08 1.77 0.03
C LEU A 62 0.89 2.57 -1.00
N ILE A 63 0.18 3.27 -1.86
CA ILE A 63 0.80 3.99 -2.98
C ILE A 63 1.24 5.37 -2.53
N GLY A 64 2.49 5.71 -2.73
CA GLY A 64 2.96 7.02 -2.37
C GLY A 64 2.81 8.00 -3.51
N LYS A 65 2.72 9.29 -3.19
CA LYS A 65 2.62 10.30 -4.23
C LYS A 65 3.89 10.31 -5.06
N VAL A 66 3.71 10.36 -6.37
CA VAL A 66 4.83 10.48 -7.28
C VAL A 66 5.26 11.94 -7.33
N ASP A 67 6.49 12.17 -7.74
CA ASP A 67 7.04 13.50 -7.77
C ASP A 67 7.10 14.00 -9.20
N GLU A 68 6.67 15.24 -9.40
CA GLU A 68 6.58 15.81 -10.74
C GLU A 68 7.91 16.39 -11.20
N SER A 69 8.72 16.86 -10.27
CA SER A 69 10.00 17.46 -10.59
C SER A 69 11.07 16.40 -10.80
N LYS A 70 10.96 15.30 -10.07
CA LYS A 70 11.90 14.19 -10.20
C LYS A 70 11.58 13.33 -11.44
N LYS A 71 11.35 13.98 -12.58
CA LYS A 71 11.13 13.27 -13.81
C LYS A 71 12.42 12.57 -14.25
N ARG A 72 12.32 11.28 -14.47
CA ARG A 72 13.51 10.45 -14.65
C ARG A 72 13.93 10.39 -16.11
N LYS A 73 15.06 9.76 -16.35
CA LYS A 73 15.66 9.68 -17.67
C LYS A 73 15.82 8.22 -18.07
N ASP A 74 15.85 7.97 -19.38
CA ASP A 74 16.01 6.62 -19.89
C ASP A 74 17.44 6.45 -20.39
N ASN A 75 17.67 5.49 -21.28
CA ASN A 75 19.02 5.13 -21.71
C ASN A 75 19.76 6.29 -22.38
N GLU A 76 19.01 7.15 -23.06
CA GLU A 76 19.60 8.29 -23.75
C GLU A 76 19.59 9.49 -22.84
N GLY A 77 19.05 9.26 -21.65
CA GLY A 77 18.89 10.33 -20.69
C GLY A 77 17.82 11.28 -21.11
N ASN A 78 16.88 10.77 -21.90
CA ASN A 78 15.83 11.61 -22.45
C ASN A 78 14.82 11.98 -21.36
N GLU A 79 13.92 11.07 -21.01
CA GLU A 79 13.03 11.24 -19.86
C GLU A 79 11.99 10.12 -19.80
N VAL A 80 11.75 9.65 -18.60
CA VAL A 80 10.64 8.76 -18.31
C VAL A 80 9.85 9.32 -17.15
N VAL A 81 8.56 9.06 -17.12
CA VAL A 81 7.78 9.40 -15.95
C VAL A 81 7.53 8.15 -15.10
N PRO A 82 8.33 8.00 -14.04
CA PRO A 82 8.24 6.85 -13.15
C PRO A 82 6.90 6.76 -12.44
N LYS A 83 6.36 5.56 -12.41
CA LYS A 83 5.11 5.31 -11.70
C LYS A 83 5.35 5.45 -10.19
N PRO A 84 4.37 6.01 -9.47
CA PRO A 84 4.51 6.31 -8.04
C PRO A 84 5.00 5.11 -7.24
N GLN A 85 5.99 5.37 -6.38
CA GLN A 85 6.51 4.36 -5.49
C GLN A 85 5.44 3.98 -4.50
N ARG A 86 5.31 2.72 -4.25
CA ARG A 86 4.21 2.22 -3.46
C ARG A 86 4.64 1.05 -2.59
N HIS A 87 4.11 1.05 -1.39
CA HIS A 87 4.55 0.14 -0.34
C HIS A 87 3.56 -1.01 -0.16
N MET A 88 3.97 -2.21 -0.52
CA MET A 88 3.10 -3.36 -0.43
C MET A 88 3.43 -4.20 0.77
N PHE A 89 2.41 -4.67 1.47
CA PHE A 89 2.62 -5.66 2.48
C PHE A 89 1.72 -6.86 2.18
N SER A 90 2.24 -8.05 2.35
CA SER A 90 1.46 -9.25 2.13
C SER A 90 0.86 -9.72 3.44
N PHE A 91 -0.44 -9.86 3.47
CA PHE A 91 -1.13 -10.20 4.72
C PHE A 91 -1.60 -11.64 4.68
N ASN A 92 -2.02 -12.16 5.82
CA ASN A 92 -2.37 -13.58 5.93
C ASN A 92 -3.86 -13.75 6.20
N ASN A 93 -4.55 -12.65 6.44
CA ASN A 93 -5.96 -12.72 6.77
C ASN A 93 -6.74 -11.62 6.07
N ARG A 94 -7.74 -12.07 5.30
CA ARG A 94 -8.64 -11.18 4.56
C ARG A 94 -9.29 -10.16 5.47
N THR A 95 -9.67 -10.59 6.66
CA THR A 95 -10.34 -9.72 7.59
C THR A 95 -9.39 -8.67 8.15
N VAL A 96 -8.31 -9.13 8.75
CA VAL A 96 -7.26 -8.26 9.26
C VAL A 96 -6.88 -7.21 8.25
N MET A 97 -6.51 -7.65 7.06
CA MET A 97 -6.07 -6.73 6.02
C MET A 97 -7.21 -5.82 5.59
N ASP A 98 -8.46 -6.30 5.68
CA ASP A 98 -9.61 -5.48 5.32
C ASP A 98 -9.80 -4.40 6.37
N ASN A 99 -9.38 -4.72 7.57
CA ASN A 99 -9.42 -3.80 8.69
C ASN A 99 -8.27 -2.81 8.56
N ILE A 100 -7.15 -3.32 8.09
CA ILE A 100 -5.96 -2.51 7.83
C ILE A 100 -6.23 -1.49 6.73
N LYS A 101 -6.71 -1.94 5.57
CA LYS A 101 -6.98 -1.05 4.48
C LYS A 101 -8.00 0.01 4.89
N MET A 102 -9.06 -0.41 5.59
CA MET A 102 -10.15 0.50 5.94
C MET A 102 -9.65 1.53 6.94
N THR A 103 -8.63 1.15 7.69
CA THR A 103 -7.95 2.06 8.59
C THR A 103 -7.26 3.15 7.80
N LEU A 104 -6.47 2.74 6.82
CA LEU A 104 -5.67 3.65 6.04
C LEU A 104 -6.54 4.48 5.11
N GLN A 105 -7.31 3.80 4.27
CA GLN A 105 -8.23 4.45 3.32
C GLN A 105 -8.99 5.61 3.94
N GLN A 106 -9.34 5.47 5.20
CA GLN A 106 -10.05 6.51 5.90
C GLN A 106 -9.16 7.73 6.02
N ILE A 107 -7.94 7.46 6.45
CA ILE A 107 -6.91 8.49 6.60
C ILE A 107 -6.59 9.12 5.26
N ILE A 108 -6.49 8.30 4.24
CA ILE A 108 -6.14 8.76 2.91
C ILE A 108 -7.21 9.72 2.40
N SER A 109 -8.46 9.25 2.40
CA SER A 109 -9.61 10.09 2.08
C SER A 109 -9.62 11.35 2.97
N ARG A 110 -9.15 11.19 4.19
CA ARG A 110 -9.10 12.27 5.18
C ARG A 110 -8.07 13.30 4.79
N TYR A 111 -7.04 12.86 4.08
CA TYR A 111 -5.97 13.75 3.69
C TYR A 111 -6.18 14.30 2.29
N LYS A 112 -6.95 13.57 1.48
CA LYS A 112 -7.30 14.04 0.15
C LYS A 112 -8.31 15.17 0.26
N ASP A 113 -9.06 15.18 1.35
CA ASP A 113 -10.00 16.26 1.62
C ASP A 113 -9.23 17.52 2.02
N ALA A 114 -7.96 17.34 2.37
CA ALA A 114 -7.11 18.45 2.80
C ALA A 114 -5.88 18.57 1.91
N ASP A 115 -5.98 18.06 0.70
CA ASP A 115 -4.87 18.12 -0.25
C ASP A 115 -5.26 18.92 -1.48
N GLY B 1 -19.29 -1.74 -23.47
CA GLY B 1 -20.21 -1.63 -24.62
C GLY B 1 -19.59 -2.13 -25.91
N GLY B 2 -18.34 -1.75 -26.16
CA GLY B 2 -17.65 -2.20 -27.34
C GLY B 2 -16.22 -2.59 -27.04
N GLY B 3 -15.28 -1.80 -27.54
CA GLY B 3 -13.88 -2.07 -27.30
C GLY B 3 -13.39 -3.30 -28.04
N GLY B 4 -13.08 -4.34 -27.29
CA GLY B 4 -12.58 -5.55 -27.89
C GLY B 4 -11.12 -5.80 -27.54
N TYR B 5 -10.23 -5.32 -28.39
CA TYR B 5 -8.80 -5.51 -28.18
C TYR B 5 -8.21 -4.27 -27.52
N ASP B 6 -8.98 -3.21 -27.47
CA ASP B 6 -8.56 -1.98 -26.83
C ASP B 6 -9.27 -1.83 -25.49
N VAL B 7 -8.61 -1.09 -24.58
CA VAL B 7 -9.12 -0.84 -23.22
C VAL B 7 -9.61 -2.11 -22.53
N GLU B 8 -8.95 -3.23 -22.83
CA GLU B 8 -9.30 -4.51 -22.22
C GLU B 8 -8.68 -4.58 -20.83
N MET B 9 -9.18 -5.50 -20.00
CA MET B 9 -8.80 -5.55 -18.60
C MET B 9 -8.60 -6.99 -18.18
N GLU B 10 -7.92 -7.73 -19.01
CA GLU B 10 -7.67 -9.13 -18.77
C GLU B 10 -6.81 -9.32 -17.51
N SER B 11 -7.19 -10.29 -16.70
CA SER B 11 -6.52 -10.59 -15.43
C SER B 11 -6.41 -9.35 -14.55
N GLU B 12 -7.49 -8.59 -14.51
CA GLU B 12 -7.56 -7.36 -13.74
C GLU B 12 -7.49 -7.65 -12.25
N GLU B 13 -8.37 -8.52 -11.78
CA GLU B 13 -8.43 -8.88 -10.38
C GLU B 13 -7.23 -9.73 -10.00
N GLU B 14 -6.64 -10.38 -10.99
CA GLU B 14 -5.43 -11.15 -10.77
C GLU B 14 -4.26 -10.22 -10.49
N SER B 15 -3.93 -9.38 -11.48
CA SER B 15 -2.86 -8.40 -11.32
C SER B 15 -2.64 -7.60 -12.61
N ASP B 16 -3.59 -6.74 -12.91
CA ASP B 16 -3.43 -5.80 -14.03
C ASP B 16 -2.55 -4.64 -13.59
N ASP B 17 -3.04 -3.86 -12.63
CA ASP B 17 -2.22 -2.86 -11.96
C ASP B 17 -1.48 -3.52 -10.81
N ASP B 18 -2.20 -4.40 -10.11
CA ASP B 18 -1.63 -5.13 -8.98
C ASP B 18 -2.54 -6.27 -8.53
N GLY B 19 -3.84 -6.16 -8.81
CA GLY B 19 -4.77 -7.21 -8.45
C GLY B 19 -5.59 -6.86 -7.23
N PHE B 20 -5.33 -5.70 -6.67
CA PHE B 20 -6.06 -5.21 -5.53
C PHE B 20 -7.15 -4.25 -6.00
N VAL B 21 -7.96 -3.78 -5.07
CA VAL B 21 -9.01 -2.84 -5.41
C VAL B 21 -8.86 -1.57 -4.57
N GLU B 22 -9.08 -0.43 -5.20
CA GLU B 22 -9.09 0.84 -4.51
C GLU B 22 -10.39 0.98 -3.73
N VAL B 23 -10.27 1.15 -2.43
CA VAL B 23 -11.46 1.26 -1.58
C VAL B 23 -11.76 2.71 -1.27
N ASP B 24 -12.75 3.25 -1.96
CA ASP B 24 -13.10 4.65 -1.84
C ASP B 24 -14.57 4.80 -1.44
N PRO A 1 -7.57 -6.98 15.82
CA PRO A 1 -6.56 -6.38 14.92
C PRO A 1 -7.23 -5.64 13.77
N SER A 2 -7.40 -4.34 13.93
CA SER A 2 -7.99 -3.51 12.89
C SER A 2 -7.04 -2.39 12.48
N HIS A 3 -6.52 -1.67 13.47
CA HIS A 3 -5.54 -0.61 13.22
C HIS A 3 -4.13 -1.19 13.31
N SER A 4 -4.08 -2.50 13.26
CA SER A 4 -2.84 -3.24 13.40
C SER A 4 -3.06 -4.67 12.90
N GLY A 5 -2.00 -5.33 12.46
CA GLY A 5 -2.11 -6.68 11.95
C GLY A 5 -0.79 -7.16 11.38
N ALA A 6 -0.51 -8.45 11.53
CA ALA A 6 0.76 -8.98 11.08
C ALA A 6 0.80 -9.13 9.55
N ALA A 7 1.82 -8.53 8.92
CA ALA A 7 1.96 -8.59 7.47
C ALA A 7 3.40 -8.91 7.06
N ILE A 8 3.55 -9.41 5.85
CA ILE A 8 4.84 -9.74 5.29
C ILE A 8 5.33 -8.59 4.42
N PHE A 9 6.53 -8.14 4.68
CA PHE A 9 7.12 -7.07 3.91
C PHE A 9 8.57 -7.39 3.61
N GLU A 10 8.89 -7.53 2.32
CA GLU A 10 10.21 -7.94 1.87
C GLU A 10 10.50 -9.37 2.29
N LYS A 11 9.50 -10.22 2.10
CA LYS A 11 9.61 -11.67 2.27
C LYS A 11 9.65 -12.10 3.74
N VAL A 12 9.77 -11.12 4.64
CA VAL A 12 9.77 -11.42 6.06
C VAL A 12 8.40 -11.12 6.66
N SER A 13 7.89 -12.07 7.44
CA SER A 13 6.63 -11.88 8.12
C SER A 13 6.82 -11.01 9.34
N GLY A 14 6.07 -9.92 9.39
CA GLY A 14 6.17 -8.98 10.46
C GLY A 14 4.83 -8.48 10.91
N ILE A 15 4.80 -7.29 11.49
CA ILE A 15 3.59 -6.71 12.00
C ILE A 15 3.38 -5.32 11.45
N ILE A 16 2.13 -4.90 11.38
CA ILE A 16 1.77 -3.61 10.87
C ILE A 16 0.88 -2.88 11.86
N ALA A 17 1.19 -1.63 12.13
CA ALA A 17 0.38 -0.83 13.02
C ALA A 17 0.15 0.57 12.49
N ILE A 18 -1.10 0.87 12.13
CA ILE A 18 -1.48 2.22 11.76
C ILE A 18 -1.85 2.99 13.01
N ASN A 19 -1.17 4.07 13.28
CA ASN A 19 -1.43 4.86 14.45
C ASN A 19 -1.68 6.30 14.06
N GLU A 20 -2.81 6.86 14.48
CA GLU A 20 -2.88 8.29 14.43
C GLU A 20 -2.84 8.79 15.87
N ASP A 21 -1.63 8.92 16.39
CA ASP A 21 -1.31 9.80 17.49
C ASP A 21 -0.24 10.74 16.98
N VAL A 22 0.22 10.37 15.80
CA VAL A 22 1.50 10.76 15.26
C VAL A 22 1.36 11.88 14.22
N SER A 23 2.52 12.36 13.73
CA SER A 23 2.59 13.21 12.56
C SER A 23 1.88 12.46 11.43
N PRO A 24 1.55 13.07 10.26
CA PRO A 24 0.42 12.59 9.42
C PRO A 24 0.41 11.08 9.35
N ALA A 25 -0.77 10.51 9.66
CA ALA A 25 -0.91 9.13 10.16
C ALA A 25 0.13 8.19 9.64
N GLU A 26 0.67 7.41 10.54
CA GLU A 26 1.78 6.57 10.23
C GLU A 26 1.45 5.11 10.48
N LEU A 27 1.83 4.28 9.53
CA LEU A 27 1.74 2.84 9.63
C LEU A 27 3.11 2.37 9.98
N THR A 28 3.22 1.39 10.82
CA THR A 28 4.51 0.92 11.21
C THR A 28 4.61 -0.58 11.03
N TRP A 29 5.38 -0.99 10.03
CA TRP A 29 5.61 -2.41 9.83
C TRP A 29 6.83 -2.82 10.62
N ARG A 30 6.59 -3.54 11.67
CA ARG A 30 7.62 -4.02 12.56
C ARG A 30 7.69 -5.53 12.46
N SER A 31 8.82 -6.08 12.07
CA SER A 31 8.90 -7.52 11.91
C SER A 31 8.65 -8.20 13.23
N THR A 32 8.01 -9.35 13.15
CA THR A 32 7.54 -10.09 14.32
C THR A 32 8.67 -10.35 15.33
N ASP A 33 9.92 -10.33 14.84
CA ASP A 33 11.08 -10.55 15.68
C ASP A 33 11.59 -9.26 16.30
N GLY A 34 11.06 -8.13 15.85
CA GLY A 34 11.52 -6.84 16.33
C GLY A 34 12.82 -6.43 15.68
N ASP A 35 13.10 -7.01 14.52
CA ASP A 35 14.34 -6.79 13.81
C ASP A 35 14.21 -5.66 12.80
N LYS A 36 13.13 -5.68 12.05
CA LYS A 36 12.87 -4.67 11.04
C LYS A 36 11.72 -3.77 11.45
N VAL A 37 11.81 -2.51 11.08
CA VAL A 37 10.72 -1.56 11.30
C VAL A 37 10.64 -0.59 10.13
N HIS A 38 9.53 -0.63 9.42
CA HIS A 38 9.32 0.18 8.25
C HIS A 38 8.04 0.98 8.39
N THR A 39 8.15 2.29 8.54
CA THR A 39 6.99 3.12 8.78
C THR A 39 6.50 3.79 7.48
N VAL A 40 5.19 3.91 7.33
CA VAL A 40 4.59 4.59 6.18
C VAL A 40 3.81 5.84 6.61
N VAL A 41 4.07 6.97 5.94
CA VAL A 41 3.31 8.18 6.18
C VAL A 41 2.13 8.24 5.21
N LEU A 42 0.95 8.04 5.76
CA LEU A 42 -0.31 8.02 5.01
C LEU A 42 -0.52 9.27 4.17
N SER A 43 0.07 10.39 4.56
CA SER A 43 -0.09 11.62 3.80
C SER A 43 0.83 11.66 2.58
N THR A 44 1.99 11.03 2.68
CA THR A 44 2.85 10.87 1.52
C THR A 44 2.27 9.81 0.60
N ILE A 45 1.37 9.02 1.17
CA ILE A 45 0.62 8.03 0.43
C ILE A 45 -0.47 8.67 -0.44
N ASP A 46 -0.36 8.43 -1.74
CA ASP A 46 -1.33 8.89 -2.73
C ASP A 46 -2.61 8.07 -2.65
N LYS A 47 -2.46 6.75 -2.68
CA LYS A 47 -3.59 5.84 -2.62
C LYS A 47 -3.23 4.63 -1.77
N LEU A 48 -4.21 4.00 -1.18
CA LEU A 48 -3.98 2.69 -0.60
C LEU A 48 -4.75 1.66 -1.39
N GLN A 49 -4.15 0.49 -1.49
CA GLN A 49 -4.69 -0.60 -2.23
C GLN A 49 -4.77 -1.83 -1.36
N ALA A 50 -5.64 -2.73 -1.74
CA ALA A 50 -5.88 -3.96 -1.00
C ALA A 50 -6.59 -4.94 -1.92
N THR A 51 -6.38 -6.23 -1.70
CA THR A 51 -7.00 -7.27 -2.51
C THR A 51 -8.51 -7.06 -2.63
N PRO A 52 -8.97 -6.92 -3.88
CA PRO A 52 -10.38 -6.74 -4.22
C PRO A 52 -11.17 -8.02 -4.02
N ALA A 53 -12.50 -7.93 -4.06
CA ALA A 53 -13.34 -9.11 -3.98
C ALA A 53 -12.95 -10.12 -5.06
N SER A 54 -12.41 -9.61 -6.17
CA SER A 54 -11.98 -10.45 -7.28
C SER A 54 -10.70 -11.21 -6.93
N SER A 55 -9.94 -10.69 -5.97
CA SER A 55 -8.72 -11.35 -5.53
C SER A 55 -9.04 -12.38 -4.45
N GLU A 56 -8.43 -13.56 -4.55
CA GLU A 56 -8.65 -14.63 -3.59
C GLU A 56 -7.67 -14.53 -2.43
N LYS A 57 -6.73 -13.61 -2.57
CA LYS A 57 -5.67 -13.44 -1.59
C LYS A 57 -5.99 -12.28 -0.68
N MET A 58 -5.08 -11.98 0.23
CA MET A 58 -5.26 -10.90 1.17
C MET A 58 -3.96 -10.10 1.27
N MET A 59 -3.95 -8.92 0.71
CA MET A 59 -2.75 -8.11 0.65
C MET A 59 -3.07 -6.63 0.50
N LEU A 60 -2.23 -5.81 1.09
CA LEU A 60 -2.33 -4.34 0.95
C LEU A 60 -1.18 -3.77 0.13
N ARG A 61 -1.36 -2.54 -0.34
CA ARG A 61 -0.33 -1.78 -1.03
C ARG A 61 -0.60 -0.28 -0.91
N LEU A 62 0.26 0.42 -0.20
CA LEU A 62 0.12 1.86 -0.03
C LEU A 62 0.96 2.61 -1.07
N ILE A 63 0.29 3.28 -1.98
CA ILE A 63 0.91 4.03 -3.08
C ILE A 63 1.31 5.39 -2.58
N GLY A 64 2.58 5.76 -2.71
CA GLY A 64 2.99 7.09 -2.30
C GLY A 64 3.06 8.05 -3.46
N LYS A 65 2.75 9.32 -3.21
CA LYS A 65 2.68 10.32 -4.27
C LYS A 65 4.00 10.43 -5.01
N VAL A 66 3.92 10.41 -6.33
CA VAL A 66 5.09 10.56 -7.18
C VAL A 66 5.31 12.04 -7.45
N ASP A 67 6.49 12.38 -7.94
CA ASP A 67 6.82 13.77 -8.15
C ASP A 67 6.47 14.22 -9.56
N GLU A 68 5.41 15.00 -9.66
CA GLU A 68 4.99 15.58 -10.93
C GLU A 68 5.72 16.90 -11.19
N SER A 69 6.55 17.31 -10.23
CA SER A 69 7.21 18.61 -10.29
C SER A 69 8.31 18.62 -11.35
N LYS A 70 9.06 17.54 -11.44
CA LYS A 70 10.06 17.40 -12.48
C LYS A 70 9.98 16.02 -13.11
N LYS A 71 9.41 15.97 -14.31
CA LYS A 71 9.28 14.73 -15.05
C LYS A 71 10.65 14.23 -15.46
N ARG A 72 10.78 12.91 -15.51
CA ARG A 72 12.01 12.26 -15.91
C ARG A 72 12.04 12.14 -17.43
N LYS A 73 13.13 11.66 -17.98
CA LYS A 73 13.35 11.66 -19.43
C LYS A 73 13.56 10.26 -19.95
N ASP A 74 13.10 9.99 -21.16
CA ASP A 74 13.30 8.70 -21.80
C ASP A 74 14.54 8.77 -22.69
N ASN A 75 14.70 7.82 -23.60
CA ASN A 75 15.94 7.68 -24.39
C ASN A 75 16.32 8.95 -25.15
N GLU A 76 15.34 9.74 -25.60
CA GLU A 76 15.67 10.92 -26.39
C GLU A 76 15.87 12.11 -25.48
N GLY A 77 15.42 11.96 -24.25
CA GLY A 77 15.45 13.06 -23.31
C GLY A 77 14.12 13.78 -23.31
N ASN A 78 13.08 13.06 -23.70
CA ASN A 78 11.76 13.62 -23.81
C ASN A 78 11.14 13.83 -22.43
N GLU A 79 10.43 12.81 -21.92
CA GLU A 79 9.84 12.88 -20.59
C GLU A 79 9.04 11.61 -20.27
N VAL A 80 9.29 11.06 -19.09
CA VAL A 80 8.54 9.94 -18.56
C VAL A 80 8.07 10.33 -17.19
N VAL A 81 6.95 9.83 -16.79
CA VAL A 81 6.48 10.07 -15.45
C VAL A 81 6.55 8.78 -14.64
N PRO A 82 7.59 8.70 -13.79
CA PRO A 82 7.85 7.56 -12.91
C PRO A 82 6.61 7.03 -12.22
N LYS A 83 6.60 5.73 -11.97
CA LYS A 83 5.54 5.12 -11.21
C LYS A 83 5.72 5.42 -9.73
N PRO A 84 4.68 5.93 -9.08
CA PRO A 84 4.73 6.31 -7.66
C PRO A 84 5.24 5.18 -6.78
N GLN A 85 6.11 5.52 -5.83
CA GLN A 85 6.68 4.53 -4.93
C GLN A 85 5.63 3.98 -3.99
N ARG A 86 5.37 2.70 -4.12
CA ARG A 86 4.31 2.06 -3.37
C ARG A 86 4.88 1.11 -2.32
N HIS A 87 4.09 0.85 -1.30
CA HIS A 87 4.47 -0.03 -0.22
C HIS A 87 3.49 -1.19 -0.13
N MET A 88 3.95 -2.38 -0.47
CA MET A 88 3.07 -3.54 -0.52
C MET A 88 3.43 -4.54 0.55
N PHE A 89 2.46 -4.92 1.36
CA PHE A 89 2.68 -5.96 2.33
C PHE A 89 1.74 -7.13 2.06
N SER A 90 2.18 -8.33 2.35
CA SER A 90 1.34 -9.49 2.17
C SER A 90 0.71 -9.87 3.50
N PHE A 91 -0.61 -10.00 3.50
CA PHE A 91 -1.35 -10.24 4.73
C PHE A 91 -1.85 -11.68 4.80
N ASN A 92 -2.05 -12.16 6.03
CA ASN A 92 -2.34 -13.57 6.25
C ASN A 92 -3.83 -13.79 6.45
N ASN A 93 -4.58 -12.71 6.53
CA ASN A 93 -6.00 -12.80 6.83
C ASN A 93 -6.78 -11.75 6.04
N ARG A 94 -7.82 -12.23 5.35
CA ARG A 94 -8.68 -11.38 4.54
C ARG A 94 -9.35 -10.32 5.40
N THR A 95 -9.66 -10.68 6.62
CA THR A 95 -10.33 -9.79 7.54
C THR A 95 -9.39 -8.72 8.04
N VAL A 96 -8.30 -9.14 8.67
CA VAL A 96 -7.25 -8.24 9.14
C VAL A 96 -6.89 -7.23 8.08
N MET A 97 -6.55 -7.70 6.89
CA MET A 97 -6.14 -6.81 5.83
C MET A 97 -7.28 -5.91 5.40
N ASP A 98 -8.51 -6.40 5.53
CA ASP A 98 -9.70 -5.60 5.17
C ASP A 98 -9.91 -4.53 6.21
N ASN A 99 -9.40 -4.79 7.39
CA ASN A 99 -9.46 -3.84 8.49
C ASN A 99 -8.32 -2.84 8.38
N ILE A 100 -7.14 -3.36 8.06
CA ILE A 100 -5.97 -2.54 7.83
C ILE A 100 -6.21 -1.52 6.71
N LYS A 101 -6.68 -2.01 5.55
CA LYS A 101 -6.92 -1.15 4.42
C LYS A 101 -7.95 -0.07 4.76
N MET A 102 -8.99 -0.45 5.50
CA MET A 102 -10.07 0.47 5.79
C MET A 102 -9.65 1.47 6.84
N THR A 103 -8.65 1.09 7.62
CA THR A 103 -8.04 1.98 8.59
C THR A 103 -7.29 3.08 7.87
N LEU A 104 -6.41 2.67 6.97
CA LEU A 104 -5.58 3.60 6.25
C LEU A 104 -6.41 4.48 5.34
N GLN A 105 -7.17 3.86 4.45
CA GLN A 105 -8.01 4.58 3.49
C GLN A 105 -8.90 5.62 4.16
N GLN A 106 -9.24 5.41 5.42
CA GLN A 106 -10.03 6.38 6.16
C GLN A 106 -9.22 7.66 6.30
N ILE A 107 -7.96 7.46 6.63
CA ILE A 107 -6.98 8.53 6.74
C ILE A 107 -6.70 9.15 5.38
N ILE A 108 -6.54 8.30 4.39
CA ILE A 108 -6.18 8.77 3.05
C ILE A 108 -7.33 9.59 2.46
N SER A 109 -8.54 9.06 2.53
CA SER A 109 -9.73 9.81 2.14
C SER A 109 -9.86 11.10 2.96
N ARG A 110 -9.30 11.04 4.17
CA ARG A 110 -9.28 12.20 5.06
C ARG A 110 -8.33 13.25 4.54
N TYR A 111 -7.27 12.80 3.86
CA TYR A 111 -6.28 13.70 3.33
C TYR A 111 -6.57 14.07 1.88
N LYS A 112 -7.31 13.23 1.17
CA LYS A 112 -7.74 13.54 -0.19
C LYS A 112 -8.82 14.61 -0.15
N ASP A 113 -9.51 14.69 0.97
CA ASP A 113 -10.46 15.77 1.20
C ASP A 113 -9.72 17.10 1.32
N ALA A 114 -8.44 17.01 1.66
CA ALA A 114 -7.61 18.19 1.82
C ALA A 114 -6.52 18.23 0.75
N ASP A 115 -6.77 17.55 -0.36
CA ASP A 115 -5.80 17.48 -1.44
C ASP A 115 -6.31 18.22 -2.66
N GLY B 1 -17.32 -2.02 -8.92
CA GLY B 1 -17.20 -0.87 -9.85
C GLY B 1 -17.66 0.43 -9.22
N GLY B 2 -18.93 0.49 -8.83
CA GLY B 2 -19.47 1.68 -8.20
C GLY B 2 -19.83 2.74 -9.23
N GLY B 3 -19.23 3.92 -9.09
CA GLY B 3 -19.49 5.00 -10.02
C GLY B 3 -18.61 4.90 -11.25
N GLY B 4 -18.72 3.78 -11.94
CA GLY B 4 -17.93 3.58 -13.14
C GLY B 4 -18.78 3.59 -14.38
N TYR B 5 -18.20 4.04 -15.48
CA TYR B 5 -18.90 4.10 -16.74
C TYR B 5 -18.88 2.72 -17.41
N ASP B 6 -17.92 1.92 -17.00
CA ASP B 6 -17.80 0.54 -17.45
C ASP B 6 -17.54 -0.36 -16.25
N VAL B 7 -18.03 -1.58 -16.32
CA VAL B 7 -17.91 -2.52 -15.21
C VAL B 7 -16.66 -3.38 -15.37
N GLU B 8 -15.87 -3.05 -16.39
CA GLU B 8 -14.65 -3.76 -16.69
C GLU B 8 -13.57 -3.39 -15.68
N MET B 9 -13.08 -4.38 -14.98
CA MET B 9 -11.98 -4.19 -14.02
C MET B 9 -11.24 -5.51 -13.87
N GLU B 10 -11.03 -6.20 -14.98
CA GLU B 10 -10.45 -7.53 -14.95
C GLU B 10 -8.93 -7.46 -14.99
N SER B 11 -8.35 -7.91 -13.90
CA SER B 11 -6.90 -7.99 -13.77
C SER B 11 -6.51 -9.36 -13.25
N GLU B 12 -7.43 -10.30 -13.36
CA GLU B 12 -7.22 -11.66 -12.88
C GLU B 12 -6.27 -12.39 -13.81
N GLU B 13 -6.39 -12.12 -15.10
CA GLU B 13 -5.48 -12.69 -16.10
C GLU B 13 -4.11 -12.04 -15.99
N GLU B 14 -4.09 -10.82 -15.48
CA GLU B 14 -2.85 -10.07 -15.33
C GLU B 14 -2.11 -10.52 -14.08
N SER B 15 -2.82 -10.53 -12.96
CA SER B 15 -2.22 -10.92 -11.70
C SER B 15 -3.29 -11.07 -10.62
N ASP B 16 -3.68 -12.31 -10.32
CA ASP B 16 -4.65 -12.57 -9.27
C ASP B 16 -4.00 -12.45 -7.90
N ASP B 17 -2.71 -12.72 -7.86
CA ASP B 17 -1.91 -12.52 -6.65
C ASP B 17 -1.65 -11.03 -6.41
N ASP B 18 -2.10 -10.19 -7.33
CA ASP B 18 -1.93 -8.75 -7.20
C ASP B 18 -3.27 -8.08 -7.52
N GLY B 19 -3.21 -6.90 -8.12
CA GLY B 19 -4.41 -6.20 -8.52
C GLY B 19 -5.15 -5.58 -7.35
N PHE B 20 -4.41 -5.10 -6.37
CA PHE B 20 -5.01 -4.50 -5.20
C PHE B 20 -5.60 -3.15 -5.55
N VAL B 21 -6.78 -2.87 -5.02
CA VAL B 21 -7.49 -1.64 -5.34
C VAL B 21 -7.93 -0.92 -4.07
N GLU B 22 -8.34 0.33 -4.21
CA GLU B 22 -8.90 1.07 -3.10
C GLU B 22 -10.41 0.95 -3.09
N VAL B 23 -10.99 0.84 -1.91
CA VAL B 23 -12.43 0.70 -1.77
C VAL B 23 -13.09 2.07 -1.68
N ASP B 24 -13.75 2.47 -2.75
CA ASP B 24 -14.45 3.74 -2.79
C ASP B 24 -15.93 3.53 -2.56
N PRO A 1 -7.15 -6.45 13.51
CA PRO A 1 -7.45 -5.55 14.65
C PRO A 1 -7.32 -4.09 14.23
N SER A 2 -8.22 -3.68 13.34
CA SER A 2 -8.31 -2.31 12.82
C SER A 2 -6.95 -1.67 12.53
N HIS A 3 -6.41 -0.93 13.50
CA HIS A 3 -5.21 -0.13 13.29
C HIS A 3 -3.94 -0.94 13.47
N SER A 4 -4.05 -2.26 13.42
CA SER A 4 -2.89 -3.11 13.57
C SER A 4 -3.19 -4.52 13.07
N GLY A 5 -2.16 -5.19 12.57
CA GLY A 5 -2.30 -6.55 12.07
C GLY A 5 -1.00 -7.01 11.47
N ALA A 6 -0.71 -8.30 11.57
CA ALA A 6 0.56 -8.82 11.10
C ALA A 6 0.61 -8.90 9.57
N ALA A 7 1.72 -8.49 8.98
CA ALA A 7 1.89 -8.52 7.53
C ALA A 7 3.30 -8.93 7.14
N ILE A 8 3.45 -9.39 5.92
CA ILE A 8 4.72 -9.82 5.38
C ILE A 8 5.25 -8.78 4.41
N PHE A 9 6.47 -8.33 4.63
CA PHE A 9 7.04 -7.31 3.78
C PHE A 9 8.25 -7.83 3.05
N GLU A 10 8.08 -8.18 1.78
CA GLU A 10 9.15 -8.72 0.96
C GLU A 10 9.67 -10.02 1.54
N LYS A 11 8.73 -10.93 1.78
CA LYS A 11 9.02 -12.32 2.17
C LYS A 11 9.37 -12.47 3.65
N VAL A 12 9.56 -11.36 4.37
CA VAL A 12 9.73 -11.45 5.82
C VAL A 12 8.41 -11.16 6.52
N SER A 13 8.03 -12.07 7.41
CA SER A 13 6.80 -11.92 8.18
C SER A 13 7.01 -10.96 9.34
N GLY A 14 6.15 -9.96 9.41
CA GLY A 14 6.22 -8.98 10.46
C GLY A 14 4.86 -8.50 10.88
N ILE A 15 4.80 -7.30 11.43
CA ILE A 15 3.55 -6.74 11.90
C ILE A 15 3.34 -5.35 11.35
N ILE A 16 2.09 -4.96 11.25
CA ILE A 16 1.72 -3.64 10.75
C ILE A 16 0.86 -2.93 11.78
N ALA A 17 1.20 -1.69 12.07
CA ALA A 17 0.43 -0.90 13.00
C ALA A 17 0.21 0.52 12.49
N ILE A 18 -1.03 0.84 12.16
CA ILE A 18 -1.40 2.20 11.83
C ILE A 18 -1.70 2.94 13.12
N ASN A 19 -0.98 3.99 13.38
CA ASN A 19 -1.19 4.76 14.59
C ASN A 19 -1.49 6.18 14.25
N GLU A 20 -2.60 6.71 14.73
CA GLU A 20 -2.72 8.14 14.68
C GLU A 20 -2.59 8.66 16.11
N ASP A 21 -1.35 8.80 16.54
CA ASP A 21 -0.94 9.65 17.64
C ASP A 21 0.05 10.64 17.07
N VAL A 22 0.45 10.29 15.85
CA VAL A 22 1.71 10.71 15.27
C VAL A 22 1.51 11.85 14.26
N SER A 23 2.62 12.33 13.71
CA SER A 23 2.63 13.18 12.52
C SER A 23 1.83 12.47 11.44
N PRO A 24 1.46 13.09 10.29
CA PRO A 24 0.29 12.63 9.51
C PRO A 24 0.27 11.11 9.41
N ALA A 25 -0.89 10.55 9.77
CA ALA A 25 -1.01 9.17 10.27
C ALA A 25 -0.02 8.22 9.66
N GLU A 26 0.56 7.41 10.52
CA GLU A 26 1.67 6.58 10.15
C GLU A 26 1.37 5.12 10.42
N LEU A 27 1.76 4.28 9.48
CA LEU A 27 1.69 2.84 9.61
C LEU A 27 3.09 2.38 9.94
N THR A 28 3.21 1.40 10.76
CA THR A 28 4.51 0.92 11.13
C THR A 28 4.60 -0.58 10.99
N TRP A 29 5.36 -1.03 10.01
CA TRP A 29 5.60 -2.45 9.86
C TRP A 29 6.78 -2.84 10.71
N ARG A 30 6.48 -3.51 11.79
CA ARG A 30 7.48 -3.97 12.70
C ARG A 30 7.56 -5.48 12.64
N SER A 31 8.69 -6.01 12.18
CA SER A 31 8.85 -7.43 12.01
C SER A 31 8.57 -8.15 13.32
N THR A 32 7.97 -9.33 13.20
CA THR A 32 7.57 -10.12 14.35
C THR A 32 8.77 -10.42 15.27
N ASP A 33 9.96 -10.38 14.68
CA ASP A 33 11.20 -10.59 15.40
C ASP A 33 11.58 -9.36 16.22
N GLY A 34 11.16 -8.19 15.73
CA GLY A 34 11.56 -6.94 16.35
C GLY A 34 12.78 -6.35 15.68
N ASP A 35 13.18 -6.96 14.58
CA ASP A 35 14.39 -6.57 13.87
C ASP A 35 14.12 -5.40 12.91
N LYS A 36 13.44 -5.70 11.82
CA LYS A 36 13.13 -4.70 10.81
C LYS A 36 11.87 -3.94 11.16
N VAL A 37 11.90 -2.65 10.89
CA VAL A 37 10.75 -1.77 11.10
C VAL A 37 10.62 -0.82 9.91
N HIS A 38 9.45 -0.79 9.29
CA HIS A 38 9.23 0.01 8.09
C HIS A 38 7.95 0.84 8.26
N THR A 39 8.10 2.15 8.36
CA THR A 39 6.97 3.01 8.63
C THR A 39 6.45 3.71 7.34
N VAL A 40 5.13 3.85 7.22
CA VAL A 40 4.51 4.55 6.10
C VAL A 40 3.76 5.81 6.55
N VAL A 41 4.02 6.94 5.91
CA VAL A 41 3.26 8.17 6.14
C VAL A 41 2.09 8.22 5.16
N LEU A 42 0.90 8.03 5.70
CA LEU A 42 -0.35 8.02 4.95
C LEU A 42 -0.52 9.27 4.10
N SER A 43 0.03 10.39 4.54
CA SER A 43 -0.11 11.63 3.79
C SER A 43 0.83 11.66 2.58
N THR A 44 2.00 11.05 2.71
CA THR A 44 2.91 10.91 1.58
C THR A 44 2.37 9.86 0.63
N ILE A 45 1.38 9.11 1.12
CA ILE A 45 0.65 8.15 0.33
C ILE A 45 -0.45 8.82 -0.49
N ASP A 46 -0.51 8.47 -1.76
CA ASP A 46 -1.57 8.91 -2.65
C ASP A 46 -2.78 8.00 -2.56
N LYS A 47 -2.56 6.70 -2.66
CA LYS A 47 -3.64 5.73 -2.64
C LYS A 47 -3.26 4.54 -1.77
N LEU A 48 -4.25 3.83 -1.25
CA LEU A 48 -3.99 2.54 -0.64
C LEU A 48 -4.75 1.46 -1.38
N GLN A 49 -4.09 0.35 -1.54
CA GLN A 49 -4.63 -0.79 -2.25
C GLN A 49 -4.82 -1.96 -1.31
N ALA A 50 -5.74 -2.83 -1.66
CA ALA A 50 -5.99 -4.04 -0.88
C ALA A 50 -6.78 -5.02 -1.74
N THR A 51 -6.46 -6.31 -1.61
CA THR A 51 -7.14 -7.36 -2.38
C THR A 51 -8.66 -7.27 -2.25
N PRO A 52 -9.33 -7.16 -3.40
CA PRO A 52 -10.79 -7.07 -3.50
C PRO A 52 -11.47 -8.38 -3.15
N ALA A 53 -12.78 -8.34 -2.96
CA ALA A 53 -13.57 -9.56 -2.75
C ALA A 53 -13.35 -10.53 -3.89
N SER A 54 -13.05 -9.99 -5.07
CA SER A 54 -12.78 -10.78 -6.25
C SER A 54 -11.47 -11.54 -6.13
N SER A 55 -10.58 -11.02 -5.30
CA SER A 55 -9.28 -11.63 -5.07
C SER A 55 -9.43 -12.77 -4.07
N GLU A 56 -8.66 -13.83 -4.28
CA GLU A 56 -8.61 -14.93 -3.33
C GLU A 56 -7.52 -14.69 -2.31
N LYS A 57 -6.74 -13.65 -2.56
CA LYS A 57 -5.60 -13.34 -1.72
C LYS A 57 -5.95 -12.25 -0.73
N MET A 58 -4.98 -11.93 0.09
CA MET A 58 -5.12 -10.87 1.06
C MET A 58 -3.83 -10.05 1.08
N MET A 59 -3.91 -8.83 0.59
CA MET A 59 -2.71 -8.03 0.43
C MET A 59 -3.03 -6.55 0.39
N LEU A 60 -2.20 -5.74 1.02
CA LEU A 60 -2.30 -4.28 0.94
C LEU A 60 -1.14 -3.70 0.13
N ARG A 61 -1.34 -2.48 -0.35
CA ARG A 61 -0.26 -1.71 -1.00
C ARG A 61 -0.53 -0.21 -0.85
N LEU A 62 0.32 0.46 -0.10
CA LEU A 62 0.21 1.90 0.11
C LEU A 62 1.05 2.66 -0.91
N ILE A 63 0.38 3.40 -1.78
CA ILE A 63 1.02 4.07 -2.91
C ILE A 63 1.53 5.44 -2.50
N GLY A 64 2.84 5.61 -2.41
CA GLY A 64 3.37 6.92 -2.10
C GLY A 64 3.31 7.84 -3.30
N LYS A 65 2.94 9.10 -3.07
CA LYS A 65 2.84 10.09 -4.14
C LYS A 65 4.14 10.16 -4.93
N VAL A 66 4.03 10.23 -6.24
CA VAL A 66 5.19 10.40 -7.09
C VAL A 66 5.60 11.88 -7.11
N ASP A 67 6.81 12.14 -7.60
CA ASP A 67 7.39 13.46 -7.59
C ASP A 67 6.68 14.41 -8.55
N GLU A 68 5.56 14.95 -8.11
CA GLU A 68 4.83 15.97 -8.86
C GLU A 68 5.47 17.34 -8.66
N SER A 69 6.33 17.43 -7.67
CA SER A 69 7.03 18.66 -7.37
C SER A 69 7.96 19.04 -8.52
N LYS A 70 8.59 18.03 -9.11
CA LYS A 70 9.44 18.24 -10.27
C LYS A 70 9.43 17.01 -11.17
N LYS A 71 8.62 17.07 -12.22
CA LYS A 71 8.56 15.98 -13.18
C LYS A 71 9.89 15.80 -13.87
N ARG A 72 10.22 14.56 -14.13
CA ARG A 72 11.48 14.22 -14.80
C ARG A 72 11.32 14.43 -16.29
N LYS A 73 12.41 14.35 -17.02
CA LYS A 73 12.39 14.51 -18.47
C LYS A 73 13.46 13.64 -19.11
N ASP A 74 13.20 13.25 -20.34
CA ASP A 74 14.04 12.28 -21.04
C ASP A 74 15.12 13.00 -21.84
N ASN A 75 15.67 12.32 -22.84
CA ASN A 75 16.78 12.87 -23.62
C ASN A 75 16.35 14.12 -24.39
N GLU A 76 15.09 14.19 -24.78
CA GLU A 76 14.59 15.32 -25.54
C GLU A 76 14.06 16.37 -24.59
N GLY A 77 14.09 16.04 -23.32
CA GLY A 77 13.54 16.90 -22.30
C GLY A 77 12.03 16.97 -22.42
N ASN A 78 11.46 15.91 -22.99
CA ASN A 78 10.02 15.87 -23.30
C ASN A 78 9.17 15.85 -22.05
N GLU A 79 9.72 15.21 -21.03
CA GLU A 79 9.17 15.14 -19.67
C GLU A 79 8.47 13.82 -19.45
N VAL A 80 8.88 13.15 -18.38
CA VAL A 80 8.38 11.84 -18.05
C VAL A 80 7.89 11.89 -16.63
N VAL A 81 6.88 11.12 -16.34
CA VAL A 81 6.38 11.05 -15.00
C VAL A 81 6.67 9.68 -14.42
N PRO A 82 7.72 9.61 -13.60
CA PRO A 82 8.14 8.38 -12.92
C PRO A 82 6.98 7.66 -12.23
N LYS A 83 7.17 6.38 -11.98
CA LYS A 83 6.16 5.63 -11.26
C LYS A 83 6.32 5.83 -9.76
N PRO A 84 5.19 6.16 -9.11
CA PRO A 84 5.14 6.42 -7.67
C PRO A 84 5.70 5.26 -6.85
N GLN A 85 6.43 5.59 -5.79
CA GLN A 85 7.01 4.57 -4.93
C GLN A 85 5.97 4.07 -3.94
N ARG A 86 5.62 2.81 -4.09
CA ARG A 86 4.53 2.23 -3.32
C ARG A 86 5.07 1.24 -2.31
N HIS A 87 4.27 0.95 -1.30
CA HIS A 87 4.67 0.05 -0.24
C HIS A 87 3.65 -1.08 -0.11
N MET A 88 4.07 -2.29 -0.45
CA MET A 88 3.15 -3.42 -0.48
C MET A 88 3.48 -4.42 0.62
N PHE A 89 2.48 -4.79 1.41
CA PHE A 89 2.66 -5.82 2.39
C PHE A 89 1.76 -7.00 2.06
N SER A 90 2.23 -8.20 2.29
CA SER A 90 1.44 -9.39 2.04
C SER A 90 0.79 -9.84 3.33
N PHE A 91 -0.51 -9.99 3.31
CA PHE A 91 -1.25 -10.35 4.52
C PHE A 91 -1.73 -11.80 4.41
N ASN A 92 -2.10 -12.39 5.54
CA ASN A 92 -2.49 -13.79 5.57
C ASN A 92 -3.95 -13.95 5.96
N ASN A 93 -4.56 -12.84 6.35
CA ASN A 93 -5.96 -12.86 6.73
C ASN A 93 -6.72 -11.77 5.98
N ARG A 94 -7.71 -12.18 5.20
CA ARG A 94 -8.49 -11.26 4.39
C ARG A 94 -9.24 -10.25 5.26
N THR A 95 -9.56 -10.66 6.48
CA THR A 95 -10.29 -9.79 7.39
C THR A 95 -9.36 -8.72 7.95
N VAL A 96 -8.19 -9.14 8.38
CA VAL A 96 -7.18 -8.22 8.89
C VAL A 96 -6.77 -7.22 7.85
N MET A 97 -6.38 -7.70 6.69
CA MET A 97 -5.97 -6.80 5.65
C MET A 97 -7.13 -5.87 5.29
N ASP A 98 -8.36 -6.34 5.53
CA ASP A 98 -9.53 -5.51 5.30
C ASP A 98 -9.59 -4.41 6.33
N ASN A 99 -9.28 -4.78 7.57
CA ASN A 99 -9.41 -3.87 8.69
C ASN A 99 -8.24 -2.91 8.77
N ILE A 100 -7.10 -3.38 8.30
CA ILE A 100 -5.94 -2.54 8.07
C ILE A 100 -6.21 -1.55 6.95
N LYS A 101 -6.62 -2.08 5.80
CA LYS A 101 -6.91 -1.28 4.61
C LYS A 101 -7.93 -0.18 4.93
N MET A 102 -9.03 -0.56 5.58
CA MET A 102 -10.11 0.39 5.87
C MET A 102 -9.62 1.46 6.84
N THR A 103 -8.63 1.12 7.64
CA THR A 103 -8.03 2.06 8.57
C THR A 103 -7.28 3.15 7.81
N LEU A 104 -6.45 2.71 6.89
CA LEU A 104 -5.59 3.62 6.15
C LEU A 104 -6.39 4.49 5.21
N GLN A 105 -7.15 3.85 4.32
CA GLN A 105 -7.97 4.57 3.34
C GLN A 105 -8.85 5.63 3.99
N GLN A 106 -9.22 5.41 5.24
CA GLN A 106 -10.00 6.39 5.98
C GLN A 106 -9.17 7.65 6.12
N ILE A 107 -7.95 7.45 6.57
CA ILE A 107 -6.95 8.49 6.72
C ILE A 107 -6.66 9.15 5.38
N ILE A 108 -6.51 8.31 4.36
CA ILE A 108 -6.17 8.80 3.04
C ILE A 108 -7.26 9.70 2.49
N SER A 109 -8.49 9.18 2.45
CA SER A 109 -9.65 9.99 2.05
C SER A 109 -9.81 11.21 2.96
N ARG A 110 -9.33 11.08 4.19
CA ARG A 110 -9.36 12.17 5.15
C ARG A 110 -8.39 13.27 4.73
N TYR A 111 -7.29 12.86 4.12
CA TYR A 111 -6.28 13.79 3.67
C TYR A 111 -6.60 14.32 2.28
N LYS A 112 -7.31 13.51 1.50
CA LYS A 112 -7.79 13.95 0.18
C LYS A 112 -8.91 14.96 0.35
N ASP A 113 -9.62 14.84 1.46
CA ASP A 113 -10.67 15.80 1.80
C ASP A 113 -10.05 17.15 2.11
N ALA A 114 -8.76 17.13 2.42
CA ALA A 114 -8.03 18.34 2.74
C ALA A 114 -6.92 18.59 1.73
N ASP A 115 -7.10 18.10 0.51
CA ASP A 115 -6.12 18.29 -0.54
C ASP A 115 -6.81 18.45 -1.89
N GLY B 1 -16.50 -9.12 -8.20
CA GLY B 1 -17.40 -8.31 -7.35
C GLY B 1 -18.63 -7.85 -8.10
N GLY B 2 -19.76 -8.49 -7.82
CA GLY B 2 -21.00 -8.11 -8.47
C GLY B 2 -21.80 -9.32 -8.89
N GLY B 3 -22.44 -9.24 -10.04
CA GLY B 3 -23.21 -10.37 -10.54
C GLY B 3 -24.61 -10.40 -9.98
N GLY B 4 -24.71 -10.55 -8.67
CA GLY B 4 -26.00 -10.58 -8.01
C GLY B 4 -26.76 -11.85 -8.32
N TYR B 5 -27.73 -11.75 -9.21
CA TYR B 5 -28.48 -12.92 -9.66
C TYR B 5 -27.69 -13.66 -10.73
N ASP B 6 -26.72 -12.96 -11.30
CA ASP B 6 -25.89 -13.51 -12.35
C ASP B 6 -24.58 -14.02 -11.77
N VAL B 7 -24.05 -15.09 -12.36
CA VAL B 7 -22.79 -15.66 -11.92
C VAL B 7 -21.61 -14.96 -12.60
N GLU B 8 -21.70 -13.64 -12.70
CA GLU B 8 -20.66 -12.84 -13.31
C GLU B 8 -19.52 -12.62 -12.34
N MET B 9 -18.31 -12.95 -12.77
CA MET B 9 -17.13 -12.81 -11.92
C MET B 9 -16.13 -11.89 -12.60
N GLU B 10 -16.67 -10.97 -13.40
CA GLU B 10 -15.86 -10.08 -14.21
C GLU B 10 -15.15 -9.05 -13.35
N SER B 11 -13.92 -9.38 -13.04
CA SER B 11 -13.09 -8.57 -12.14
C SER B 11 -11.63 -8.99 -12.25
N GLU B 12 -11.40 -10.30 -12.40
CA GLU B 12 -10.06 -10.88 -12.38
C GLU B 12 -9.12 -10.18 -13.37
N GLU B 13 -9.53 -10.10 -14.63
CA GLU B 13 -8.68 -9.55 -15.68
C GLU B 13 -8.43 -8.06 -15.50
N GLU B 14 -9.49 -7.31 -15.23
CA GLU B 14 -9.41 -5.85 -15.16
C GLU B 14 -8.68 -5.39 -13.91
N SER B 15 -8.80 -6.13 -12.82
CA SER B 15 -8.16 -5.77 -11.58
C SER B 15 -6.88 -6.56 -11.35
N ASP B 16 -6.33 -7.12 -12.43
CA ASP B 16 -5.10 -7.91 -12.33
C ASP B 16 -3.87 -7.03 -12.35
N ASP B 17 -4.01 -5.83 -12.91
CA ASP B 17 -2.90 -4.89 -13.03
C ASP B 17 -2.28 -4.61 -11.67
N ASP B 18 -3.14 -4.36 -10.68
CA ASP B 18 -2.68 -4.19 -9.31
C ASP B 18 -2.90 -5.47 -8.52
N GLY B 19 -3.98 -6.16 -8.84
CA GLY B 19 -4.38 -7.34 -8.09
C GLY B 19 -5.20 -6.95 -6.88
N PHE B 20 -5.27 -5.65 -6.63
CA PHE B 20 -5.95 -5.10 -5.48
C PHE B 20 -6.99 -4.07 -5.93
N VAL B 21 -7.69 -3.48 -4.97
CA VAL B 21 -8.61 -2.40 -5.27
C VAL B 21 -8.54 -1.36 -4.14
N GLU B 22 -8.79 -0.10 -4.47
CA GLU B 22 -8.83 0.94 -3.45
C GLU B 22 -10.28 1.32 -3.17
N VAL B 23 -10.60 1.43 -1.89
CA VAL B 23 -11.94 1.78 -1.47
C VAL B 23 -12.01 3.26 -1.11
N ASP B 24 -12.66 4.04 -1.95
CA ASP B 24 -12.78 5.47 -1.74
C ASP B 24 -14.15 5.82 -1.20
N PRO A 1 -7.57 -7.09 15.25
CA PRO A 1 -6.60 -6.52 14.30
C PRO A 1 -7.25 -5.47 13.41
N SER A 2 -7.45 -4.29 13.95
CA SER A 2 -8.08 -3.21 13.21
C SER A 2 -7.03 -2.22 12.71
N HIS A 3 -6.45 -1.47 13.64
CA HIS A 3 -5.43 -0.49 13.29
C HIS A 3 -4.03 -1.11 13.40
N SER A 4 -4.01 -2.43 13.36
CA SER A 4 -2.77 -3.20 13.50
C SER A 4 -3.00 -4.61 12.97
N GLY A 5 -1.95 -5.24 12.47
CA GLY A 5 -2.06 -6.59 11.95
C GLY A 5 -0.73 -7.07 11.40
N ALA A 6 -0.41 -8.33 11.63
CA ALA A 6 0.87 -8.88 11.18
C ALA A 6 0.88 -9.05 9.65
N ALA A 7 1.83 -8.40 8.97
CA ALA A 7 1.90 -8.44 7.51
C ALA A 7 3.30 -8.77 7.01
N ILE A 8 3.36 -9.26 5.78
CA ILE A 8 4.61 -9.55 5.10
C ILE A 8 4.98 -8.37 4.20
N PHE A 9 6.14 -7.80 4.46
CA PHE A 9 6.58 -6.66 3.67
C PHE A 9 7.94 -6.97 3.05
N GLU A 10 7.95 -7.08 1.73
CA GLU A 10 9.15 -7.47 0.99
C GLU A 10 9.58 -8.87 1.39
N LYS A 11 8.60 -9.76 1.37
CA LYS A 11 8.80 -11.20 1.53
C LYS A 11 9.17 -11.62 2.97
N VAL A 12 9.40 -10.64 3.84
CA VAL A 12 9.60 -10.94 5.25
C VAL A 12 8.32 -10.69 6.04
N SER A 13 7.95 -11.66 6.87
CA SER A 13 6.77 -11.55 7.71
C SER A 13 7.05 -10.67 8.92
N GLY A 14 6.18 -9.71 9.15
CA GLY A 14 6.33 -8.82 10.27
C GLY A 14 5.00 -8.35 10.79
N ILE A 15 4.98 -7.19 11.41
CA ILE A 15 3.75 -6.66 11.96
C ILE A 15 3.49 -5.26 11.41
N ILE A 16 2.23 -4.89 11.38
CA ILE A 16 1.82 -3.59 10.87
C ILE A 16 0.96 -2.89 11.91
N ALA A 17 1.25 -1.63 12.15
CA ALA A 17 0.44 -0.84 13.05
C ALA A 17 0.18 0.55 12.50
N ILE A 18 -1.06 0.82 12.14
CA ILE A 18 -1.47 2.16 11.78
C ILE A 18 -1.82 2.89 13.04
N ASN A 19 -1.06 3.90 13.36
CA ASN A 19 -1.29 4.66 14.56
C ASN A 19 -1.57 6.08 14.22
N GLU A 20 -2.73 6.59 14.62
CA GLU A 20 -2.84 8.01 14.61
C GLU A 20 -2.76 8.48 16.06
N ASP A 21 -1.55 8.64 16.52
CA ASP A 21 -1.19 9.49 17.63
C ASP A 21 -0.18 10.49 17.10
N VAL A 22 0.25 10.16 15.90
CA VAL A 22 1.51 10.62 15.35
C VAL A 22 1.32 11.75 14.34
N SER A 23 2.43 12.29 13.87
CA SER A 23 2.47 13.17 12.71
C SER A 23 1.79 12.44 11.55
N PRO A 24 1.41 13.06 10.40
CA PRO A 24 0.26 12.58 9.60
C PRO A 24 0.26 11.07 9.50
N ALA A 25 -0.91 10.50 9.83
CA ALA A 25 -1.04 9.11 10.28
C ALA A 25 -0.01 8.18 9.70
N GLU A 26 0.55 7.37 10.57
CA GLU A 26 1.67 6.55 10.22
C GLU A 26 1.39 5.09 10.51
N LEU A 27 1.77 4.25 9.57
CA LEU A 27 1.71 2.82 9.70
C LEU A 27 3.11 2.37 10.02
N THR A 28 3.25 1.39 10.87
CA THR A 28 4.56 0.95 11.24
C THR A 28 4.67 -0.54 11.04
N TRP A 29 5.45 -0.94 10.05
CA TRP A 29 5.71 -2.34 9.82
C TRP A 29 6.93 -2.74 10.62
N ARG A 30 6.68 -3.45 11.68
CA ARG A 30 7.71 -3.90 12.60
C ARG A 30 7.79 -5.41 12.52
N SER A 31 8.92 -5.93 12.06
CA SER A 31 9.04 -7.36 11.80
C SER A 31 8.80 -8.14 13.09
N THR A 32 8.17 -9.30 12.92
CA THR A 32 7.72 -10.14 14.03
C THR A 32 8.87 -10.47 15.00
N ASP A 33 10.09 -10.44 14.48
CA ASP A 33 11.28 -10.74 15.27
C ASP A 33 11.86 -9.48 15.94
N GLY A 34 11.40 -8.31 15.50
CA GLY A 34 11.95 -7.08 16.03
C GLY A 34 13.24 -6.72 15.34
N ASP A 35 13.41 -7.27 14.15
CA ASP A 35 14.66 -7.14 13.39
C ASP A 35 14.70 -5.85 12.59
N LYS A 36 13.56 -5.47 12.01
CA LYS A 36 13.49 -4.28 11.19
C LYS A 36 12.13 -3.61 11.31
N VAL A 37 12.08 -2.35 10.91
CA VAL A 37 10.89 -1.52 11.04
C VAL A 37 10.77 -0.59 9.85
N HIS A 38 9.60 -0.56 9.25
CA HIS A 38 9.34 0.27 8.10
C HIS A 38 8.05 1.03 8.30
N THR A 39 8.16 2.33 8.51
CA THR A 39 6.99 3.15 8.81
C THR A 39 6.49 3.90 7.56
N VAL A 40 5.18 3.93 7.37
CA VAL A 40 4.55 4.60 6.24
C VAL A 40 3.79 5.86 6.68
N VAL A 41 4.07 6.99 6.04
CA VAL A 41 3.29 8.21 6.28
C VAL A 41 2.13 8.25 5.29
N LEU A 42 0.95 8.03 5.82
CA LEU A 42 -0.30 8.01 5.06
C LEU A 42 -0.50 9.29 4.24
N SER A 43 0.05 10.39 4.70
CA SER A 43 -0.09 11.66 3.99
C SER A 43 0.82 11.68 2.76
N THR A 44 1.99 11.05 2.86
CA THR A 44 2.88 10.94 1.71
C THR A 44 2.38 9.84 0.78
N ILE A 45 1.40 9.09 1.28
CA ILE A 45 0.71 8.10 0.49
C ILE A 45 -0.37 8.74 -0.39
N ASP A 46 -0.26 8.47 -1.69
CA ASP A 46 -1.26 8.89 -2.68
C ASP A 46 -2.53 8.05 -2.59
N LYS A 47 -2.36 6.73 -2.50
CA LYS A 47 -3.50 5.81 -2.47
C LYS A 47 -3.15 4.55 -1.70
N LEU A 48 -4.15 3.84 -1.23
CA LEU A 48 -3.94 2.53 -0.67
C LEU A 48 -4.70 1.50 -1.49
N GLN A 49 -4.14 0.30 -1.54
CA GLN A 49 -4.72 -0.81 -2.29
C GLN A 49 -4.85 -2.01 -1.37
N ALA A 50 -5.76 -2.90 -1.71
CA ALA A 50 -5.98 -4.12 -0.95
C ALA A 50 -6.76 -5.13 -1.79
N THR A 51 -6.44 -6.41 -1.64
CA THR A 51 -7.06 -7.47 -2.43
C THR A 51 -8.59 -7.41 -2.38
N PRO A 52 -9.21 -7.39 -3.56
CA PRO A 52 -10.66 -7.39 -3.73
C PRO A 52 -11.30 -8.71 -3.33
N ALA A 53 -12.62 -8.72 -3.19
CA ALA A 53 -13.35 -9.95 -2.93
C ALA A 53 -13.06 -11.01 -3.99
N SER A 54 -12.75 -10.55 -5.20
CA SER A 54 -12.42 -11.44 -6.31
C SER A 54 -11.04 -12.07 -6.11
N SER A 55 -10.21 -11.40 -5.33
CA SER A 55 -8.88 -11.89 -5.02
C SER A 55 -8.96 -13.08 -4.08
N GLU A 56 -8.22 -14.14 -4.40
CA GLU A 56 -8.16 -15.32 -3.58
C GLU A 56 -7.20 -15.07 -2.42
N LYS A 57 -6.41 -14.02 -2.57
CA LYS A 57 -5.39 -13.69 -1.59
C LYS A 57 -5.82 -12.47 -0.80
N MET A 58 -5.05 -12.16 0.22
CA MET A 58 -5.36 -11.05 1.11
C MET A 58 -4.10 -10.21 1.28
N MET A 59 -4.11 -9.01 0.72
CA MET A 59 -2.90 -8.18 0.68
C MET A 59 -3.25 -6.71 0.58
N LEU A 60 -2.32 -5.88 1.03
CA LEU A 60 -2.44 -4.42 0.94
C LEU A 60 -1.28 -3.82 0.14
N ARG A 61 -1.47 -2.59 -0.36
CA ARG A 61 -0.39 -1.84 -0.99
C ARG A 61 -0.61 -0.34 -0.86
N LEU A 62 0.26 0.33 -0.11
CA LEU A 62 0.16 1.77 0.12
C LEU A 62 1.04 2.53 -0.88
N ILE A 63 0.41 3.24 -1.79
CA ILE A 63 1.10 3.96 -2.86
C ILE A 63 1.47 5.35 -2.39
N GLY A 64 2.73 5.72 -2.48
CA GLY A 64 3.11 7.08 -2.17
C GLY A 64 3.26 7.91 -3.43
N LYS A 65 3.04 9.21 -3.31
CA LYS A 65 3.03 10.10 -4.47
C LYS A 65 4.33 10.01 -5.25
N VAL A 66 4.22 9.90 -6.56
CA VAL A 66 5.37 9.81 -7.45
C VAL A 66 6.17 11.12 -7.45
N ASP A 67 7.36 11.07 -8.02
CA ASP A 67 8.27 12.21 -8.06
C ASP A 67 7.64 13.40 -8.75
N GLU A 68 7.90 14.57 -8.19
CA GLU A 68 7.34 15.84 -8.65
C GLU A 68 7.60 16.11 -10.14
N SER A 69 8.62 15.47 -10.70
CA SER A 69 8.94 15.65 -12.11
C SER A 69 7.94 14.92 -13.01
N LYS A 70 7.09 14.10 -12.37
CA LYS A 70 6.09 13.30 -13.05
C LYS A 70 6.65 12.49 -14.22
N LYS A 71 6.66 13.07 -15.41
CA LYS A 71 7.18 12.41 -16.59
C LYS A 71 8.70 12.47 -16.60
N ARG A 72 9.33 11.33 -16.81
CA ARG A 72 10.77 11.23 -16.74
C ARG A 72 11.34 10.70 -18.04
N LYS A 73 12.65 10.73 -18.19
CA LYS A 73 13.30 10.32 -19.42
C LYS A 73 14.27 9.18 -19.14
N ASP A 74 14.70 8.50 -20.20
CA ASP A 74 15.60 7.36 -20.06
C ASP A 74 17.04 7.80 -20.32
N ASN A 75 17.91 6.88 -20.68
CA ASN A 75 19.34 7.15 -20.80
C ASN A 75 19.64 8.16 -21.91
N GLU A 76 18.74 8.23 -22.88
CA GLU A 76 18.93 9.10 -24.02
C GLU A 76 18.10 10.37 -23.80
N GLY A 77 17.50 10.46 -22.61
CA GLY A 77 16.65 11.59 -22.29
C GLY A 77 15.37 11.55 -23.08
N ASN A 78 14.95 10.33 -23.40
CA ASN A 78 13.76 10.12 -24.19
C ASN A 78 12.49 10.14 -23.34
N GLU A 79 12.10 9.00 -22.77
CA GLU A 79 10.92 8.97 -21.91
C GLU A 79 10.81 7.66 -21.12
N VAL A 80 10.62 7.80 -19.81
CA VAL A 80 10.20 6.69 -18.97
C VAL A 80 8.98 7.13 -18.17
N VAL A 81 8.10 6.20 -17.86
CA VAL A 81 6.98 6.52 -17.00
C VAL A 81 7.14 5.80 -15.66
N PRO A 82 7.67 6.51 -14.67
CA PRO A 82 7.91 5.96 -13.34
C PRO A 82 6.63 5.75 -12.54
N LYS A 83 6.54 4.61 -11.89
CA LYS A 83 5.40 4.29 -11.05
C LYS A 83 5.66 4.82 -9.65
N PRO A 84 4.63 5.42 -9.02
CA PRO A 84 4.75 5.97 -7.68
C PRO A 84 5.22 4.93 -6.66
N GLN A 85 6.19 5.33 -5.84
CA GLN A 85 6.77 4.45 -4.83
C GLN A 85 5.69 3.93 -3.89
N ARG A 86 5.47 2.63 -3.91
CA ARG A 86 4.38 2.05 -3.17
C ARG A 86 4.84 0.88 -2.31
N HIS A 87 4.20 0.76 -1.16
CA HIS A 87 4.57 -0.20 -0.13
C HIS A 87 3.55 -1.33 -0.06
N MET A 88 3.97 -2.55 -0.35
CA MET A 88 3.05 -3.67 -0.36
C MET A 88 3.24 -4.54 0.88
N PHE A 89 2.15 -4.81 1.56
CA PHE A 89 2.17 -5.70 2.71
C PHE A 89 1.19 -6.84 2.46
N SER A 90 1.69 -8.05 2.52
CA SER A 90 0.87 -9.21 2.29
C SER A 90 0.32 -9.74 3.60
N PHE A 91 -0.98 -9.98 3.63
CA PHE A 91 -1.60 -10.55 4.81
C PHE A 91 -2.01 -12.00 4.57
N ASN A 92 -2.39 -12.68 5.63
CA ASN A 92 -2.81 -14.07 5.55
C ASN A 92 -4.29 -14.18 5.84
N ASN A 93 -4.89 -13.07 6.23
CA ASN A 93 -6.30 -13.06 6.62
C ASN A 93 -7.06 -11.95 5.90
N ARG A 94 -8.17 -12.34 5.28
CA ARG A 94 -9.05 -11.44 4.54
C ARG A 94 -9.59 -10.33 5.43
N THR A 95 -9.88 -10.66 6.68
CA THR A 95 -10.49 -9.72 7.59
C THR A 95 -9.48 -8.65 8.02
N VAL A 96 -8.35 -9.12 8.55
CA VAL A 96 -7.23 -8.24 8.92
C VAL A 96 -6.94 -7.22 7.85
N MET A 97 -6.67 -7.70 6.64
CA MET A 97 -6.33 -6.80 5.55
C MET A 97 -7.51 -5.89 5.21
N ASP A 98 -8.73 -6.35 5.42
CA ASP A 98 -9.91 -5.52 5.17
C ASP A 98 -9.95 -4.41 6.20
N ASN A 99 -9.48 -4.72 7.38
CA ASN A 99 -9.47 -3.80 8.50
C ASN A 99 -8.34 -2.80 8.35
N ILE A 100 -7.16 -3.33 8.10
CA ILE A 100 -5.96 -2.53 7.88
C ILE A 100 -6.19 -1.55 6.74
N LYS A 101 -6.72 -2.07 5.64
CA LYS A 101 -7.02 -1.27 4.46
C LYS A 101 -8.01 -0.16 4.80
N MET A 102 -9.11 -0.52 5.44
CA MET A 102 -10.18 0.43 5.73
C MET A 102 -9.71 1.45 6.76
N THR A 103 -8.70 1.07 7.53
CA THR A 103 -8.07 1.97 8.48
C THR A 103 -7.31 3.07 7.74
N LEU A 104 -6.46 2.64 6.82
CA LEU A 104 -5.57 3.54 6.12
C LEU A 104 -6.33 4.48 5.19
N GLN A 105 -7.09 3.91 4.27
CA GLN A 105 -7.85 4.72 3.31
C GLN A 105 -8.72 5.75 4.00
N GLN A 106 -9.17 5.46 5.22
CA GLN A 106 -9.98 6.39 5.98
C GLN A 106 -9.21 7.67 6.22
N ILE A 107 -7.90 7.50 6.25
CA ILE A 107 -6.94 8.57 6.42
C ILE A 107 -6.60 9.21 5.09
N ILE A 108 -6.36 8.36 4.10
CA ILE A 108 -5.88 8.81 2.80
C ILE A 108 -6.93 9.63 2.06
N SER A 109 -8.11 9.06 1.92
CA SER A 109 -9.25 9.72 1.30
C SER A 109 -9.67 10.92 2.15
N ARG A 110 -9.17 10.93 3.38
CA ARG A 110 -9.36 12.03 4.30
C ARG A 110 -8.41 13.17 3.93
N TYR A 111 -7.17 12.81 3.62
CA TYR A 111 -6.15 13.78 3.27
C TYR A 111 -6.38 14.34 1.88
N LYS A 112 -6.88 13.51 0.98
CA LYS A 112 -7.18 13.96 -0.39
C LYS A 112 -8.43 14.82 -0.39
N ASP A 113 -9.21 14.69 0.67
CA ASP A 113 -10.39 15.52 0.86
C ASP A 113 -9.97 16.88 1.40
N ALA A 114 -8.76 16.93 1.95
CA ALA A 114 -8.23 18.16 2.52
C ALA A 114 -7.01 18.62 1.73
N ASP A 115 -6.88 18.14 0.50
CA ASP A 115 -5.75 18.48 -0.34
C ASP A 115 -6.23 19.05 -1.67
N GLY B 1 10.05 -28.79 1.83
CA GLY B 1 11.44 -28.68 1.30
C GLY B 1 12.43 -28.36 2.38
N GLY B 2 13.65 -28.04 1.99
CA GLY B 2 14.69 -27.72 2.94
C GLY B 2 15.76 -26.84 2.34
N GLY B 3 15.35 -25.67 1.85
CA GLY B 3 16.28 -24.76 1.23
C GLY B 3 15.58 -23.67 0.45
N GLY B 4 16.08 -23.37 -0.74
CA GLY B 4 15.45 -22.37 -1.57
C GLY B 4 16.00 -20.99 -1.32
N TYR B 5 15.12 -20.04 -1.00
CA TYR B 5 15.50 -18.66 -0.74
C TYR B 5 16.20 -18.05 -1.95
N ASP B 6 15.65 -18.34 -3.12
CA ASP B 6 16.15 -17.81 -4.39
C ASP B 6 15.63 -16.40 -4.60
N VAL B 7 16.54 -15.45 -4.82
CA VAL B 7 16.19 -14.04 -4.92
C VAL B 7 15.66 -13.71 -6.32
N GLU B 8 14.78 -14.55 -6.82
CA GLU B 8 14.14 -14.32 -8.10
C GLU B 8 12.66 -14.63 -7.98
N MET B 9 11.83 -13.61 -8.11
CA MET B 9 10.38 -13.77 -7.92
C MET B 9 9.66 -12.48 -8.31
N GLU B 10 10.24 -11.77 -9.24
CA GLU B 10 9.68 -10.53 -9.72
C GLU B 10 8.67 -10.79 -10.82
N SER B 11 7.43 -10.94 -10.42
CA SER B 11 6.34 -11.13 -11.37
C SER B 11 5.35 -9.99 -11.23
N GLU B 12 5.85 -8.87 -10.71
CA GLU B 12 5.05 -7.68 -10.47
C GLU B 12 4.42 -7.21 -11.77
N GLU B 13 5.27 -6.98 -12.76
CA GLU B 13 4.86 -6.45 -14.06
C GLU B 13 3.81 -7.34 -14.72
N GLU B 14 3.76 -8.60 -14.31
CA GLU B 14 2.82 -9.54 -14.89
C GLU B 14 1.41 -9.31 -14.36
N SER B 15 1.23 -9.51 -13.07
CA SER B 15 -0.07 -9.28 -12.43
C SER B 15 0.06 -9.12 -10.91
N ASP B 16 1.27 -9.34 -10.40
CA ASP B 16 1.50 -9.32 -8.96
C ASP B 16 1.81 -7.91 -8.46
N ASP B 17 1.92 -6.96 -9.38
CA ASP B 17 2.19 -5.57 -9.03
C ASP B 17 1.08 -5.03 -8.14
N ASP B 18 -0.14 -5.14 -8.62
CA ASP B 18 -1.29 -4.80 -7.80
C ASP B 18 -2.19 -6.02 -7.59
N GLY B 19 -3.19 -6.21 -8.43
CA GLY B 19 -4.15 -7.27 -8.20
C GLY B 19 -5.05 -6.95 -7.02
N PHE B 20 -5.08 -5.68 -6.67
CA PHE B 20 -5.84 -5.20 -5.53
C PHE B 20 -6.90 -4.22 -5.99
N VAL B 21 -7.80 -3.87 -5.10
CA VAL B 21 -8.77 -2.82 -5.35
C VAL B 21 -8.66 -1.79 -4.24
N GLU B 22 -9.10 -0.59 -4.51
CA GLU B 22 -9.11 0.44 -3.49
C GLU B 22 -10.55 0.77 -3.13
N VAL B 23 -10.86 0.60 -1.85
CA VAL B 23 -12.24 0.73 -1.39
C VAL B 23 -12.49 2.07 -0.72
N ASP B 24 -13.14 2.98 -1.43
CA ASP B 24 -13.47 4.29 -0.90
C ASP B 24 -14.90 4.32 -0.43
N PRO A 1 -8.61 -5.09 17.26
CA PRO A 1 -7.45 -4.36 16.72
C PRO A 1 -7.56 -4.21 15.21
N SER A 2 -8.11 -3.09 14.78
CA SER A 2 -8.28 -2.83 13.36
C SER A 2 -7.07 -2.12 12.77
N HIS A 3 -6.47 -1.20 13.54
CA HIS A 3 -5.36 -0.39 13.03
C HIS A 3 -4.02 -1.05 13.31
N SER A 4 -4.02 -2.37 13.33
CA SER A 4 -2.81 -3.15 13.53
C SER A 4 -3.03 -4.58 13.07
N GLY A 5 -1.98 -5.23 12.59
CA GLY A 5 -2.08 -6.59 12.10
C GLY A 5 -0.76 -7.08 11.54
N ALA A 6 -0.44 -8.34 11.75
CA ALA A 6 0.83 -8.88 11.30
C ALA A 6 0.84 -9.08 9.77
N ALA A 7 1.78 -8.43 9.08
CA ALA A 7 1.85 -8.51 7.62
C ALA A 7 3.24 -8.90 7.14
N ILE A 8 3.31 -9.37 5.92
CA ILE A 8 4.57 -9.74 5.28
C ILE A 8 4.97 -8.65 4.31
N PHE A 9 6.06 -7.97 4.60
CA PHE A 9 6.51 -6.88 3.76
C PHE A 9 7.84 -7.26 3.10
N GLU A 10 7.75 -7.63 1.82
CA GLU A 10 8.91 -8.06 1.05
C GLU A 10 9.49 -9.35 1.62
N LYS A 11 8.62 -10.35 1.67
CA LYS A 11 9.01 -11.74 1.99
C LYS A 11 9.37 -11.95 3.46
N VAL A 12 9.46 -10.87 4.22
CA VAL A 12 9.66 -10.99 5.66
C VAL A 12 8.33 -10.80 6.39
N SER A 13 7.99 -11.76 7.24
CA SER A 13 6.79 -11.68 8.04
C SER A 13 7.00 -10.77 9.24
N GLY A 14 6.11 -9.80 9.38
CA GLY A 14 6.23 -8.84 10.45
C GLY A 14 4.89 -8.36 10.94
N ILE A 15 4.87 -7.19 11.56
CA ILE A 15 3.67 -6.63 12.13
C ILE A 15 3.41 -5.25 11.58
N ILE A 16 2.15 -4.85 11.59
CA ILE A 16 1.76 -3.55 11.10
C ILE A 16 0.90 -2.83 12.11
N ALA A 17 1.21 -1.57 12.34
CA ALA A 17 0.40 -0.75 13.20
C ALA A 17 0.19 0.65 12.60
N ILE A 18 -1.04 0.93 12.24
CA ILE A 18 -1.43 2.26 11.80
C ILE A 18 -1.75 3.09 13.02
N ASN A 19 -0.87 3.98 13.38
CA ASN A 19 -1.05 4.77 14.56
C ASN A 19 -1.36 6.19 14.20
N GLU A 20 -2.52 6.70 14.61
CA GLU A 20 -2.66 8.11 14.56
C GLU A 20 -2.56 8.65 15.98
N ASP A 21 -1.33 8.84 16.40
CA ASP A 21 -0.96 9.73 17.49
C ASP A 21 0.03 10.71 16.92
N VAL A 22 0.49 10.33 15.73
CA VAL A 22 1.73 10.78 15.14
C VAL A 22 1.50 11.85 14.06
N SER A 23 2.58 12.31 13.47
CA SER A 23 2.55 13.14 12.26
C SER A 23 1.69 12.43 11.22
N PRO A 24 1.24 13.07 10.11
CA PRO A 24 0.03 12.62 9.40
C PRO A 24 0.02 11.12 9.21
N ALA A 25 -1.07 10.49 9.70
CA ALA A 25 -1.04 9.10 10.19
C ALA A 25 0.08 8.22 9.66
N GLU A 26 0.69 7.52 10.57
CA GLU A 26 1.79 6.66 10.24
C GLU A 26 1.41 5.20 10.45
N LEU A 27 1.83 4.39 9.52
CA LEU A 27 1.76 2.95 9.64
C LEU A 27 3.14 2.48 10.03
N THR A 28 3.21 1.50 10.87
CA THR A 28 4.49 1.00 11.27
C THR A 28 4.55 -0.49 11.08
N TRP A 29 5.30 -0.92 10.08
CA TRP A 29 5.52 -2.33 9.87
C TRP A 29 6.77 -2.74 10.62
N ARG A 30 6.55 -3.42 11.71
CA ARG A 30 7.62 -3.85 12.57
C ARG A 30 7.70 -5.36 12.55
N SER A 31 8.81 -5.91 12.08
CA SER A 31 8.92 -7.34 11.89
C SER A 31 8.66 -8.09 13.19
N THR A 32 8.11 -9.28 13.06
CA THR A 32 7.75 -10.11 14.20
C THR A 32 9.00 -10.39 15.06
N ASP A 33 10.15 -10.37 14.41
CA ASP A 33 11.43 -10.55 15.06
C ASP A 33 11.92 -9.24 15.69
N GLY A 34 11.48 -8.12 15.13
CA GLY A 34 11.85 -6.83 15.68
C GLY A 34 13.17 -6.31 15.15
N ASP A 35 13.77 -7.05 14.22
CA ASP A 35 15.07 -6.69 13.67
C ASP A 35 14.95 -5.59 12.62
N LYS A 36 13.80 -5.50 11.97
CA LYS A 36 13.58 -4.48 10.96
C LYS A 36 12.19 -3.86 11.12
N VAL A 37 12.07 -2.65 10.64
CA VAL A 37 10.84 -1.88 10.79
C VAL A 37 10.66 -0.92 9.60
N HIS A 38 9.44 -0.78 9.12
CA HIS A 38 9.12 0.19 8.08
C HIS A 38 7.92 1.02 8.48
N THR A 39 8.14 2.28 8.78
CA THR A 39 7.05 3.18 9.09
C THR A 39 6.71 3.99 7.83
N VAL A 40 5.43 4.03 7.46
CA VAL A 40 5.03 4.75 6.26
C VAL A 40 4.04 5.88 6.59
N VAL A 41 4.21 7.02 5.93
CA VAL A 41 3.38 8.20 6.16
C VAL A 41 2.17 8.17 5.26
N LEU A 42 1.03 7.94 5.87
CA LEU A 42 -0.26 7.86 5.16
C LEU A 42 -0.53 9.09 4.30
N SER A 43 -0.05 10.25 4.72
CA SER A 43 -0.27 11.47 3.97
C SER A 43 0.61 11.54 2.74
N THR A 44 1.82 10.99 2.85
CA THR A 44 2.69 10.87 1.68
C THR A 44 2.20 9.74 0.79
N ILE A 45 1.26 8.95 1.31
CA ILE A 45 0.57 7.94 0.53
C ILE A 45 -0.61 8.55 -0.23
N ASP A 46 -0.57 8.42 -1.55
CA ASP A 46 -1.64 8.94 -2.41
C ASP A 46 -2.78 7.94 -2.54
N LYS A 47 -2.43 6.68 -2.69
CA LYS A 47 -3.43 5.63 -2.88
C LYS A 47 -3.13 4.47 -1.96
N LEU A 48 -4.16 3.85 -1.42
CA LEU A 48 -3.98 2.57 -0.79
C LEU A 48 -4.72 1.52 -1.58
N GLN A 49 -4.11 0.37 -1.68
CA GLN A 49 -4.62 -0.74 -2.43
C GLN A 49 -4.78 -1.94 -1.53
N ALA A 50 -5.71 -2.79 -1.86
CA ALA A 50 -5.99 -4.00 -1.10
C ALA A 50 -6.81 -4.97 -1.96
N THR A 51 -6.48 -6.26 -1.87
CA THR A 51 -7.15 -7.30 -2.66
C THR A 51 -8.67 -7.20 -2.56
N PRO A 52 -9.32 -7.17 -3.73
CA PRO A 52 -10.78 -7.14 -3.86
C PRO A 52 -11.43 -8.46 -3.43
N ALA A 53 -12.74 -8.45 -3.25
CA ALA A 53 -13.46 -9.67 -2.93
C ALA A 53 -13.29 -10.70 -4.05
N SER A 54 -13.09 -10.19 -5.26
CA SER A 54 -12.83 -11.04 -6.43
C SER A 54 -11.47 -11.72 -6.29
N SER A 55 -10.59 -11.10 -5.52
CA SER A 55 -9.26 -11.64 -5.29
C SER A 55 -9.32 -12.83 -4.33
N GLU A 56 -8.60 -13.88 -4.66
CA GLU A 56 -8.50 -15.07 -3.81
C GLU A 56 -7.40 -14.89 -2.79
N LYS A 57 -6.76 -13.74 -2.86
CA LYS A 57 -5.65 -13.42 -1.97
C LYS A 57 -6.05 -12.32 -1.02
N MET A 58 -5.15 -11.98 -0.12
CA MET A 58 -5.36 -10.92 0.85
C MET A 58 -4.09 -10.10 0.93
N MET A 59 -4.15 -8.87 0.46
CA MET A 59 -2.94 -8.07 0.34
C MET A 59 -3.25 -6.58 0.35
N LEU A 60 -2.30 -5.82 0.86
CA LEU A 60 -2.38 -4.36 0.85
C LEU A 60 -1.19 -3.77 0.09
N ARG A 61 -1.37 -2.61 -0.53
CA ARG A 61 -0.26 -1.87 -1.12
C ARG A 61 -0.52 -0.36 -1.05
N LEU A 62 0.30 0.34 -0.27
CA LEU A 62 0.17 1.77 -0.08
C LEU A 62 1.07 2.52 -1.06
N ILE A 63 0.45 3.25 -1.98
CA ILE A 63 1.18 3.91 -3.04
C ILE A 63 1.61 5.29 -2.59
N GLY A 64 2.90 5.45 -2.36
CA GLY A 64 3.41 6.73 -1.91
C GLY A 64 3.56 7.69 -3.05
N LYS A 65 3.22 8.94 -2.78
CA LYS A 65 3.19 9.98 -3.80
C LYS A 65 4.53 10.17 -4.48
N VAL A 66 4.46 10.27 -5.78
CA VAL A 66 5.67 10.45 -6.59
C VAL A 66 6.08 11.90 -6.62
N ASP A 67 7.35 12.12 -6.86
CA ASP A 67 7.89 13.47 -6.96
C ASP A 67 8.24 13.77 -8.41
N GLU A 68 7.32 14.41 -9.12
CA GLU A 68 7.50 14.73 -10.53
C GLU A 68 8.43 15.92 -10.71
N SER A 69 8.85 16.52 -9.59
CA SER A 69 9.73 17.66 -9.62
C SER A 69 11.08 17.31 -10.23
N LYS A 70 11.53 16.08 -10.02
CA LYS A 70 12.75 15.60 -10.65
C LYS A 70 12.46 14.43 -11.61
N LYS A 71 12.00 14.77 -12.80
CA LYS A 71 11.74 13.79 -13.84
C LYS A 71 13.01 13.02 -14.16
N ARG A 72 12.88 11.72 -14.30
CA ARG A 72 14.03 10.87 -14.52
C ARG A 72 14.21 10.63 -16.02
N LYS A 73 15.33 10.06 -16.40
CA LYS A 73 15.65 9.90 -17.81
C LYS A 73 15.92 8.44 -18.13
N ASP A 74 16.01 8.09 -19.41
CA ASP A 74 16.19 6.69 -19.78
C ASP A 74 17.67 6.32 -19.65
N ASN A 75 18.08 5.19 -20.22
CA ASN A 75 19.46 4.72 -20.08
C ASN A 75 20.47 5.70 -20.68
N GLU A 76 20.00 6.55 -21.57
CA GLU A 76 20.86 7.51 -22.25
C GLU A 76 20.75 8.87 -21.58
N GLY A 77 19.72 9.02 -20.77
CA GLY A 77 19.40 10.31 -20.21
C GLY A 77 18.31 10.99 -21.00
N ASN A 78 17.34 10.20 -21.47
CA ASN A 78 16.22 10.75 -22.22
C ASN A 78 15.13 11.27 -21.28
N GLU A 79 14.07 10.50 -21.13
CA GLU A 79 12.92 10.87 -20.29
C GLU A 79 12.16 9.64 -19.81
N VAL A 80 12.09 9.44 -18.51
CA VAL A 80 11.19 8.45 -17.94
C VAL A 80 10.35 9.10 -16.87
N VAL A 81 9.14 8.61 -16.71
CA VAL A 81 8.32 9.03 -15.60
C VAL A 81 8.15 7.87 -14.62
N PRO A 82 8.96 7.88 -13.56
CA PRO A 82 8.96 6.82 -12.56
C PRO A 82 7.64 6.71 -11.83
N LYS A 83 7.25 5.48 -11.56
CA LYS A 83 6.04 5.19 -10.83
C LYS A 83 6.23 5.54 -9.36
N PRO A 84 5.18 6.07 -8.72
CA PRO A 84 5.21 6.42 -7.31
C PRO A 84 5.63 5.23 -6.44
N GLN A 85 6.55 5.45 -5.52
CA GLN A 85 7.09 4.38 -4.72
C GLN A 85 6.03 3.90 -3.72
N ARG A 86 5.61 2.70 -3.96
CA ARG A 86 4.51 2.11 -3.23
C ARG A 86 4.98 1.00 -2.31
N HIS A 87 4.16 0.71 -1.31
CA HIS A 87 4.56 -0.14 -0.20
C HIS A 87 3.56 -1.26 -0.01
N MET A 88 3.96 -2.48 -0.27
CA MET A 88 3.04 -3.60 -0.26
C MET A 88 3.24 -4.48 0.96
N PHE A 89 2.13 -4.79 1.63
CA PHE A 89 2.16 -5.74 2.72
C PHE A 89 1.25 -6.91 2.39
N SER A 90 1.81 -8.09 2.40
CA SER A 90 1.05 -9.28 2.13
C SER A 90 0.42 -9.80 3.41
N PHE A 91 -0.88 -10.01 3.38
CA PHE A 91 -1.57 -10.58 4.52
C PHE A 91 -2.00 -12.02 4.24
N ASN A 92 -2.36 -12.71 5.31
CA ASN A 92 -2.77 -14.08 5.24
C ASN A 92 -4.26 -14.19 5.52
N ASN A 93 -4.83 -13.10 6.02
CA ASN A 93 -6.22 -13.09 6.45
C ASN A 93 -6.98 -11.96 5.77
N ARG A 94 -8.07 -12.34 5.11
CA ARG A 94 -8.93 -11.40 4.40
C ARG A 94 -9.48 -10.32 5.34
N THR A 95 -9.76 -10.70 6.57
CA THR A 95 -10.35 -9.78 7.53
C THR A 95 -9.33 -8.72 7.94
N VAL A 96 -8.18 -9.18 8.44
CA VAL A 96 -7.07 -8.30 8.80
C VAL A 96 -6.80 -7.27 7.73
N MET A 97 -6.53 -7.73 6.52
CA MET A 97 -6.21 -6.83 5.44
C MET A 97 -7.39 -5.90 5.14
N ASP A 98 -8.61 -6.36 5.37
CA ASP A 98 -9.77 -5.51 5.14
C ASP A 98 -9.80 -4.41 6.19
N ASN A 99 -9.31 -4.76 7.37
CA ASN A 99 -9.30 -3.86 8.52
C ASN A 99 -8.18 -2.86 8.38
N ILE A 100 -7.00 -3.37 8.08
CA ILE A 100 -5.83 -2.54 7.85
C ILE A 100 -6.11 -1.55 6.72
N LYS A 101 -6.59 -2.07 5.61
CA LYS A 101 -6.93 -1.25 4.46
C LYS A 101 -7.94 -0.16 4.84
N MET A 102 -9.03 -0.57 5.50
CA MET A 102 -10.10 0.36 5.84
C MET A 102 -9.62 1.40 6.85
N THR A 103 -8.60 1.04 7.62
CA THR A 103 -8.00 1.94 8.57
C THR A 103 -7.26 3.06 7.86
N LEU A 104 -6.43 2.65 6.92
CA LEU A 104 -5.57 3.58 6.21
C LEU A 104 -6.37 4.51 5.33
N GLN A 105 -7.17 3.95 4.43
CA GLN A 105 -8.00 4.74 3.51
C GLN A 105 -8.82 5.80 4.25
N GLN A 106 -9.18 5.52 5.50
CA GLN A 106 -9.94 6.48 6.30
C GLN A 106 -9.14 7.76 6.47
N ILE A 107 -7.83 7.56 6.49
CA ILE A 107 -6.84 8.61 6.59
C ILE A 107 -6.53 9.19 5.22
N ILE A 108 -6.32 8.31 4.26
CA ILE A 108 -5.90 8.72 2.94
C ILE A 108 -6.98 9.55 2.26
N SER A 109 -8.21 9.04 2.24
CA SER A 109 -9.36 9.80 1.74
C SER A 109 -9.51 11.12 2.51
N ARG A 110 -9.03 11.12 3.75
CA ARG A 110 -9.05 12.31 4.59
C ARG A 110 -8.09 13.34 4.06
N TYR A 111 -6.96 12.85 3.55
CA TYR A 111 -5.90 13.72 3.06
C TYR A 111 -6.09 14.04 1.58
N LYS A 112 -6.81 13.19 0.87
CA LYS A 112 -7.18 13.47 -0.51
C LYS A 112 -8.30 14.49 -0.54
N ASP A 113 -9.10 14.47 0.52
CA ASP A 113 -10.16 15.45 0.71
C ASP A 113 -9.57 16.81 1.06
N ALA A 114 -8.31 16.79 1.46
CA ALA A 114 -7.61 18.01 1.84
C ALA A 114 -6.73 18.51 0.70
N ASP A 115 -6.77 17.79 -0.41
CA ASP A 115 -5.95 18.12 -1.56
C ASP A 115 -6.80 18.12 -2.82
N GLY B 1 11.99 -23.45 0.52
CA GLY B 1 11.90 -23.23 1.99
C GLY B 1 10.69 -23.90 2.58
N GLY B 2 9.78 -23.11 3.14
CA GLY B 2 8.57 -23.65 3.72
C GLY B 2 7.61 -24.16 2.68
N GLY B 3 7.27 -25.44 2.75
CA GLY B 3 6.39 -26.03 1.78
C GLY B 3 7.16 -26.56 0.59
N GLY B 4 7.23 -25.76 -0.47
CA GLY B 4 7.95 -26.17 -1.66
C GLY B 4 7.13 -27.10 -2.55
N TYR B 5 5.87 -27.29 -2.18
CA TYR B 5 4.99 -28.20 -2.91
C TYR B 5 4.24 -27.41 -3.97
N ASP B 6 4.93 -26.49 -4.60
CA ASP B 6 4.32 -25.57 -5.54
C ASP B 6 5.04 -25.60 -6.87
N VAL B 7 4.27 -25.70 -7.94
CA VAL B 7 4.80 -25.50 -9.28
C VAL B 7 4.69 -24.02 -9.64
N GLU B 8 4.14 -23.28 -8.69
CA GLU B 8 3.90 -21.87 -8.82
C GLU B 8 4.33 -21.15 -7.55
N MET B 9 5.34 -20.31 -7.65
CA MET B 9 5.89 -19.63 -6.48
C MET B 9 5.53 -18.17 -6.54
N GLU B 10 4.91 -17.80 -7.63
CA GLU B 10 4.52 -16.43 -7.90
C GLU B 10 3.38 -16.01 -6.99
N SER B 11 3.50 -14.83 -6.43
CA SER B 11 2.50 -14.30 -5.50
C SER B 11 1.99 -12.95 -5.99
N GLU B 12 2.83 -11.94 -5.86
CA GLU B 12 2.48 -10.59 -6.33
C GLU B 12 2.69 -10.48 -7.83
N GLU B 13 3.39 -11.47 -8.38
CA GLU B 13 3.67 -11.52 -9.81
C GLU B 13 2.39 -11.71 -10.60
N GLU B 14 1.36 -12.24 -9.94
CA GLU B 14 0.06 -12.43 -10.56
C GLU B 14 -0.63 -11.08 -10.78
N SER B 15 -0.17 -10.08 -10.03
CA SER B 15 -0.68 -8.72 -10.16
C SER B 15 0.13 -7.97 -11.22
N ASP B 16 -0.56 -7.47 -12.22
CA ASP B 16 0.08 -6.70 -13.29
C ASP B 16 0.25 -5.26 -12.86
N ASP B 17 -0.87 -4.58 -12.67
CA ASP B 17 -0.87 -3.21 -12.18
C ASP B 17 -0.80 -3.19 -10.68
N ASP B 18 -1.82 -3.77 -10.05
CA ASP B 18 -1.85 -3.93 -8.60
C ASP B 18 -2.60 -5.20 -8.22
N GLY B 19 -3.67 -5.48 -8.95
CA GLY B 19 -4.47 -6.66 -8.67
C GLY B 19 -5.42 -6.43 -7.51
N PHE B 20 -5.27 -5.27 -6.89
CA PHE B 20 -6.05 -4.88 -5.74
C PHE B 20 -7.13 -3.90 -6.16
N VAL B 21 -7.92 -3.43 -5.21
CA VAL B 21 -8.91 -2.41 -5.49
C VAL B 21 -8.90 -1.35 -4.39
N GLU B 22 -9.05 -0.09 -4.79
CA GLU B 22 -9.18 1.00 -3.84
C GLU B 22 -10.64 1.14 -3.45
N VAL B 23 -10.94 1.03 -2.18
CA VAL B 23 -12.32 1.09 -1.71
C VAL B 23 -12.60 2.45 -1.10
N ASP B 24 -13.25 3.31 -1.86
CA ASP B 24 -13.54 4.67 -1.41
C ASP B 24 -14.74 5.22 -2.16
N PRO A 1 -5.08 -5.97 15.49
CA PRO A 1 -6.53 -5.80 15.23
C PRO A 1 -6.84 -4.40 14.72
N SER A 2 -7.77 -4.33 13.76
CA SER A 2 -8.24 -3.08 13.13
C SER A 2 -7.10 -2.19 12.64
N HIS A 3 -6.53 -1.40 13.54
CA HIS A 3 -5.49 -0.43 13.21
C HIS A 3 -4.11 -1.07 13.33
N SER A 4 -4.10 -2.38 13.29
CA SER A 4 -2.86 -3.15 13.44
C SER A 4 -3.10 -4.59 12.94
N GLY A 5 -2.05 -5.21 12.42
CA GLY A 5 -2.16 -6.57 11.92
C GLY A 5 -0.83 -7.05 11.41
N ALA A 6 -0.56 -8.34 11.55
CA ALA A 6 0.75 -8.88 11.18
C ALA A 6 0.86 -9.07 9.66
N ALA A 7 1.79 -8.36 9.02
CA ALA A 7 1.95 -8.42 7.57
C ALA A 7 3.37 -8.87 7.19
N ILE A 8 3.48 -9.38 5.98
CA ILE A 8 4.75 -9.82 5.42
C ILE A 8 5.29 -8.74 4.51
N PHE A 9 6.54 -8.38 4.72
CA PHE A 9 7.18 -7.35 3.94
C PHE A 9 8.62 -7.76 3.63
N GLU A 10 8.88 -8.02 2.36
CA GLU A 10 10.18 -8.51 1.89
C GLU A 10 10.40 -9.94 2.37
N LYS A 11 9.35 -10.73 2.22
CA LYS A 11 9.40 -12.18 2.46
C LYS A 11 9.53 -12.53 3.94
N VAL A 12 9.54 -11.51 4.80
CA VAL A 12 9.55 -11.73 6.23
C VAL A 12 8.22 -11.36 6.85
N SER A 13 7.69 -12.27 7.68
CA SER A 13 6.44 -12.01 8.37
C SER A 13 6.69 -11.09 9.57
N GLY A 14 6.08 -9.93 9.52
CA GLY A 14 6.20 -8.96 10.57
C GLY A 14 4.86 -8.44 11.00
N ILE A 15 4.84 -7.24 11.53
CA ILE A 15 3.61 -6.67 12.03
C ILE A 15 3.38 -5.28 11.43
N ILE A 16 2.15 -4.89 11.34
CA ILE A 16 1.76 -3.60 10.81
C ILE A 16 0.90 -2.88 11.83
N ALA A 17 1.21 -1.64 12.09
CA ALA A 17 0.41 -0.84 13.00
C ALA A 17 0.19 0.56 12.46
N ILE A 18 -1.05 0.88 12.14
CA ILE A 18 -1.42 2.23 11.79
C ILE A 18 -1.70 2.98 13.08
N ASN A 19 -0.87 3.94 13.38
CA ASN A 19 -1.01 4.69 14.61
C ASN A 19 -1.19 6.15 14.31
N GLU A 20 -2.19 6.76 14.91
CA GLU A 20 -2.17 8.18 14.90
C GLU A 20 -1.90 8.65 16.34
N ASP A 21 -0.64 8.68 16.69
CA ASP A 21 -0.10 9.51 17.77
C ASP A 21 0.93 10.41 17.14
N VAL A 22 1.20 10.06 15.90
CA VAL A 22 2.41 10.41 15.20
C VAL A 22 2.18 11.57 14.22
N SER A 23 3.25 11.98 13.55
CA SER A 23 3.17 12.86 12.39
C SER A 23 2.21 12.25 11.39
N PRO A 24 1.76 12.94 10.30
CA PRO A 24 0.50 12.59 9.62
C PRO A 24 0.36 11.09 9.47
N ALA A 25 -0.81 10.59 9.93
CA ALA A 25 -0.96 9.21 10.41
C ALA A 25 -0.05 8.23 9.71
N GLU A 26 0.60 7.42 10.51
CA GLU A 26 1.67 6.59 10.03
C GLU A 26 1.41 5.13 10.35
N LEU A 27 1.80 4.29 9.43
CA LEU A 27 1.72 2.84 9.59
C LEU A 27 3.11 2.38 9.93
N THR A 28 3.23 1.40 10.77
CA THR A 28 4.53 0.94 11.15
C THR A 28 4.63 -0.57 11.00
N TRP A 29 5.39 -1.00 10.02
CA TRP A 29 5.65 -2.42 9.86
C TRP A 29 6.84 -2.82 10.72
N ARG A 30 6.55 -3.50 11.79
CA ARG A 30 7.56 -3.94 12.72
C ARG A 30 7.63 -5.46 12.70
N SER A 31 8.79 -6.00 12.33
CA SER A 31 8.95 -7.45 12.19
C SER A 31 8.57 -8.16 13.48
N THR A 32 7.94 -9.31 13.34
CA THR A 32 7.51 -10.12 14.47
C THR A 32 8.73 -10.51 15.33
N ASP A 33 9.88 -10.60 14.67
CA ASP A 33 11.15 -10.86 15.34
C ASP A 33 11.68 -9.62 16.04
N GLY A 34 11.30 -8.46 15.52
CA GLY A 34 11.76 -7.20 16.09
C GLY A 34 12.86 -6.56 15.27
N ASP A 35 13.30 -7.26 14.23
CA ASP A 35 14.42 -6.79 13.41
C ASP A 35 14.06 -5.57 12.58
N LYS A 36 13.36 -5.78 11.48
CA LYS A 36 13.05 -4.71 10.54
C LYS A 36 11.82 -3.93 10.96
N VAL A 37 11.88 -2.63 10.74
CA VAL A 37 10.78 -1.72 11.02
C VAL A 37 10.63 -0.73 9.88
N HIS A 38 9.49 -0.76 9.20
CA HIS A 38 9.26 0.09 8.05
C HIS A 38 7.98 0.91 8.25
N THR A 39 8.13 2.20 8.44
CA THR A 39 6.98 3.06 8.71
C THR A 39 6.49 3.76 7.43
N VAL A 40 5.17 3.85 7.25
CA VAL A 40 4.57 4.53 6.11
C VAL A 40 3.81 5.79 6.54
N VAL A 41 4.08 6.93 5.89
CA VAL A 41 3.33 8.15 6.14
C VAL A 41 2.14 8.22 5.18
N LEU A 42 0.96 8.04 5.74
CA LEU A 42 -0.29 8.04 4.99
C LEU A 42 -0.49 9.33 4.20
N SER A 43 0.08 10.43 4.68
CA SER A 43 -0.06 11.71 3.99
C SER A 43 0.82 11.75 2.75
N THR A 44 1.96 11.05 2.80
CA THR A 44 2.83 10.93 1.63
C THR A 44 2.28 9.85 0.70
N ILE A 45 1.30 9.13 1.21
CA ILE A 45 0.58 8.13 0.43
C ILE A 45 -0.57 8.77 -0.35
N ASP A 46 -0.54 8.56 -1.65
CA ASP A 46 -1.58 9.01 -2.56
C ASP A 46 -2.83 8.14 -2.43
N LYS A 47 -2.62 6.83 -2.44
CA LYS A 47 -3.73 5.88 -2.40
C LYS A 47 -3.34 4.62 -1.66
N LEU A 48 -4.32 3.82 -1.28
CA LEU A 48 -4.06 2.52 -0.71
C LEU A 48 -4.81 1.44 -1.48
N GLN A 49 -4.20 0.28 -1.55
CA GLN A 49 -4.76 -0.87 -2.25
C GLN A 49 -4.86 -2.06 -1.31
N ALA A 50 -5.72 -2.98 -1.66
CA ALA A 50 -5.93 -4.19 -0.87
C ALA A 50 -6.69 -5.24 -1.70
N THR A 51 -6.34 -6.52 -1.54
CA THR A 51 -6.99 -7.61 -2.25
C THR A 51 -8.51 -7.60 -2.03
N PRO A 52 -9.26 -7.67 -3.14
CA PRO A 52 -10.73 -7.69 -3.13
C PRO A 52 -11.29 -8.94 -2.46
N ALA A 53 -12.58 -8.92 -2.15
CA ALA A 53 -13.25 -10.09 -1.60
C ALA A 53 -13.15 -11.28 -2.56
N SER A 54 -13.03 -10.98 -3.85
CA SER A 54 -12.88 -11.99 -4.87
C SER A 54 -11.47 -12.59 -4.86
N SER A 55 -10.52 -11.82 -4.34
CA SER A 55 -9.14 -12.26 -4.25
C SER A 55 -9.03 -13.50 -3.35
N GLU A 56 -8.21 -14.46 -3.78
CA GLU A 56 -7.94 -15.64 -2.98
C GLU A 56 -6.87 -15.31 -1.97
N LYS A 57 -6.16 -14.23 -2.25
CA LYS A 57 -5.03 -13.80 -1.44
C LYS A 57 -5.43 -12.63 -0.58
N MET A 58 -4.53 -12.22 0.31
CA MET A 58 -4.76 -11.07 1.16
C MET A 58 -3.52 -10.20 1.16
N MET A 59 -3.62 -9.02 0.58
CA MET A 59 -2.46 -8.14 0.43
C MET A 59 -2.88 -6.68 0.35
N LEU A 60 -2.08 -5.82 0.97
CA LEU A 60 -2.27 -4.38 0.91
C LEU A 60 -1.16 -3.72 0.09
N ARG A 61 -1.42 -2.53 -0.43
CA ARG A 61 -0.38 -1.72 -1.06
C ARG A 61 -0.65 -0.23 -0.92
N LEU A 62 0.21 0.44 -0.19
CA LEU A 62 0.09 1.88 0.04
C LEU A 62 0.89 2.65 -1.02
N ILE A 63 0.17 3.36 -1.87
CA ILE A 63 0.74 4.07 -3.03
C ILE A 63 1.22 5.45 -2.62
N GLY A 64 2.53 5.66 -2.57
CA GLY A 64 3.05 6.98 -2.27
C GLY A 64 2.98 7.89 -3.48
N LYS A 65 2.95 9.20 -3.25
CA LYS A 65 2.90 10.17 -4.36
C LYS A 65 4.20 10.17 -5.12
N VAL A 66 4.11 10.17 -6.44
CA VAL A 66 5.29 10.24 -7.28
C VAL A 66 5.74 11.69 -7.44
N ASP A 67 7.03 11.86 -7.65
CA ASP A 67 7.64 13.17 -7.72
C ASP A 67 7.44 13.79 -9.11
N GLU A 68 6.27 14.36 -9.31
CA GLU A 68 5.89 14.90 -10.61
C GLU A 68 6.48 16.28 -10.85
N SER A 69 7.18 16.82 -9.86
CA SER A 69 7.79 18.13 -9.97
C SER A 69 8.91 18.11 -11.00
N LYS A 70 9.65 17.01 -11.06
CA LYS A 70 10.77 16.89 -11.99
C LYS A 70 10.81 15.49 -12.61
N LYS A 71 10.38 15.41 -13.86
CA LYS A 71 10.39 14.16 -14.59
C LYS A 71 11.81 13.78 -14.96
N ARG A 72 12.09 12.50 -14.84
CA ARG A 72 13.41 11.93 -15.01
C ARG A 72 13.93 11.96 -16.44
N LYS A 73 15.20 11.56 -16.57
CA LYS A 73 15.94 11.62 -17.82
C LYS A 73 16.55 10.27 -18.14
N ASP A 74 16.69 9.94 -19.41
CA ASP A 74 17.31 8.67 -19.79
C ASP A 74 18.73 8.96 -20.27
N ASN A 75 19.38 7.99 -20.89
CA ASN A 75 20.80 8.12 -21.27
C ASN A 75 21.06 9.36 -22.12
N GLU A 76 20.08 9.77 -22.91
CA GLU A 76 20.26 10.91 -23.82
C GLU A 76 19.49 12.14 -23.34
N GLY A 77 18.75 11.99 -22.26
CA GLY A 77 17.92 13.08 -21.78
C GLY A 77 16.53 13.03 -22.39
N ASN A 78 16.19 11.85 -22.89
CA ASN A 78 14.88 11.58 -23.47
C ASN A 78 13.76 11.96 -22.52
N GLU A 79 14.00 11.66 -21.25
CA GLU A 79 13.08 11.89 -20.14
C GLU A 79 12.22 10.66 -19.90
N VAL A 80 12.08 10.31 -18.63
CA VAL A 80 11.32 9.14 -18.22
C VAL A 80 10.25 9.57 -17.24
N VAL A 81 9.13 8.88 -17.25
CA VAL A 81 8.12 9.10 -16.23
C VAL A 81 8.07 7.89 -15.30
N PRO A 82 8.78 8.00 -14.17
CA PRO A 82 8.88 6.93 -13.19
C PRO A 82 7.59 6.72 -12.41
N LYS A 83 7.46 5.54 -11.84
CA LYS A 83 6.24 5.16 -11.13
C LYS A 83 6.36 5.52 -9.65
N PRO A 84 5.23 5.91 -9.03
CA PRO A 84 5.19 6.26 -7.61
C PRO A 84 5.67 5.13 -6.74
N GLN A 85 6.36 5.47 -5.65
CA GLN A 85 6.84 4.44 -4.73
C GLN A 85 5.69 3.93 -3.87
N ARG A 86 5.36 2.68 -4.06
CA ARG A 86 4.23 2.09 -3.39
C ARG A 86 4.70 0.99 -2.45
N HIS A 87 4.07 0.91 -1.31
CA HIS A 87 4.49 0.01 -0.25
C HIS A 87 3.50 -1.15 -0.14
N MET A 88 3.94 -2.35 -0.50
CA MET A 88 3.04 -3.50 -0.51
C MET A 88 3.31 -4.42 0.68
N PHE A 89 2.29 -4.64 1.50
CA PHE A 89 2.41 -5.51 2.64
C PHE A 89 1.43 -6.67 2.52
N SER A 90 1.93 -7.88 2.58
CA SER A 90 1.11 -9.06 2.39
C SER A 90 0.54 -9.55 3.71
N PHE A 91 -0.74 -9.84 3.72
CA PHE A 91 -1.38 -10.38 4.92
C PHE A 91 -1.73 -11.85 4.73
N ASN A 92 -2.20 -12.46 5.82
CA ASN A 92 -2.55 -13.87 5.81
C ASN A 92 -4.05 -14.04 6.02
N ASN A 93 -4.74 -12.92 6.14
CA ASN A 93 -6.18 -12.92 6.34
C ASN A 93 -6.80 -11.72 5.65
N ARG A 94 -7.79 -12.00 4.80
CA ARG A 94 -8.43 -10.97 4.01
C ARG A 94 -9.28 -10.06 4.87
N THR A 95 -9.66 -10.53 6.05
CA THR A 95 -10.38 -9.71 7.00
C THR A 95 -9.43 -8.69 7.63
N VAL A 96 -8.33 -9.19 8.21
CA VAL A 96 -7.27 -8.32 8.75
C VAL A 96 -6.91 -7.23 7.76
N MET A 97 -6.55 -7.63 6.55
CA MET A 97 -6.14 -6.68 5.56
C MET A 97 -7.27 -5.75 5.17
N ASP A 98 -8.50 -6.21 5.28
CA ASP A 98 -9.66 -5.35 5.00
C ASP A 98 -9.78 -4.31 6.09
N ASN A 99 -9.39 -4.72 7.29
CA ASN A 99 -9.45 -3.87 8.46
C ASN A 99 -8.32 -2.84 8.41
N ILE A 100 -7.14 -3.33 8.09
CA ILE A 100 -5.96 -2.50 7.88
C ILE A 100 -6.21 -1.50 6.75
N LYS A 101 -6.65 -2.03 5.62
CA LYS A 101 -6.95 -1.20 4.46
C LYS A 101 -7.97 -0.13 4.80
N MET A 102 -9.06 -0.52 5.46
CA MET A 102 -10.13 0.41 5.78
C MET A 102 -9.65 1.44 6.79
N THR A 103 -8.65 1.07 7.59
CA THR A 103 -8.04 1.99 8.52
C THR A 103 -7.30 3.08 7.77
N LEU A 104 -6.40 2.65 6.89
CA LEU A 104 -5.55 3.57 6.16
C LEU A 104 -6.37 4.46 5.25
N GLN A 105 -7.15 3.85 4.37
CA GLN A 105 -8.00 4.57 3.42
C GLN A 105 -8.89 5.60 4.10
N GLN A 106 -9.20 5.41 5.38
CA GLN A 106 -9.95 6.39 6.14
C GLN A 106 -9.14 7.66 6.27
N ILE A 107 -7.86 7.44 6.51
CA ILE A 107 -6.87 8.49 6.64
C ILE A 107 -6.56 9.11 5.30
N ILE A 108 -6.43 8.27 4.29
CA ILE A 108 -6.06 8.69 2.95
C ILE A 108 -7.14 9.60 2.37
N SER A 109 -8.36 9.10 2.27
CA SER A 109 -9.52 9.89 1.87
C SER A 109 -9.67 11.13 2.74
N ARG A 110 -9.16 11.03 3.96
CA ARG A 110 -9.15 12.14 4.90
C ARG A 110 -8.18 13.23 4.43
N TYR A 111 -7.24 12.83 3.57
CA TYR A 111 -6.24 13.74 3.06
C TYR A 111 -6.62 14.14 1.64
N LYS A 112 -7.68 13.51 1.16
CA LYS A 112 -8.31 13.87 -0.10
C LYS A 112 -9.34 14.96 0.14
N ASP A 113 -9.83 15.00 1.37
CA ASP A 113 -10.70 16.10 1.81
C ASP A 113 -9.86 17.36 2.02
N ALA A 114 -8.56 17.16 2.14
CA ALA A 114 -7.62 18.25 2.34
C ALA A 114 -6.63 18.32 1.18
N ASP A 115 -7.08 17.85 0.01
CA ASP A 115 -6.23 17.85 -1.17
C ASP A 115 -6.32 19.17 -1.90
N GLY B 1 -22.95 -25.19 -14.23
CA GLY B 1 -22.71 -25.88 -12.95
C GLY B 1 -21.63 -25.19 -12.13
N GLY B 2 -21.43 -25.66 -10.90
CA GLY B 2 -20.42 -25.08 -10.04
C GLY B 2 -20.06 -26.00 -8.90
N GLY B 3 -19.08 -25.61 -8.10
CA GLY B 3 -18.65 -26.42 -6.99
C GLY B 3 -17.24 -26.94 -7.17
N GLY B 4 -17.12 -28.06 -7.86
CA GLY B 4 -15.80 -28.63 -8.13
C GLY B 4 -15.17 -27.99 -9.36
N TYR B 5 -16.01 -27.63 -10.31
CA TYR B 5 -15.56 -26.94 -11.51
C TYR B 5 -16.45 -25.73 -11.76
N ASP B 6 -15.82 -24.58 -11.94
CA ASP B 6 -16.56 -23.36 -12.23
C ASP B 6 -16.99 -23.34 -13.68
N VAL B 7 -18.16 -22.78 -13.92
CA VAL B 7 -18.69 -22.66 -15.28
C VAL B 7 -18.09 -21.43 -15.95
N GLU B 8 -17.26 -20.73 -15.19
CA GLU B 8 -16.65 -19.49 -15.64
C GLU B 8 -15.13 -19.66 -15.69
N MET B 9 -14.51 -19.01 -16.66
CA MET B 9 -13.07 -19.06 -16.81
C MET B 9 -12.51 -17.66 -16.71
N GLU B 10 -13.30 -16.79 -16.09
CA GLU B 10 -12.94 -15.42 -15.87
C GLU B 10 -11.81 -15.33 -14.85
N SER B 11 -10.82 -14.51 -15.15
CA SER B 11 -9.67 -14.35 -14.29
C SER B 11 -9.26 -12.89 -14.21
N GLU B 12 -10.24 -12.00 -14.09
CA GLU B 12 -9.97 -10.58 -13.95
C GLU B 12 -9.61 -10.26 -12.51
N GLU B 13 -10.17 -11.04 -11.60
CA GLU B 13 -10.00 -10.83 -10.16
C GLU B 13 -8.53 -10.83 -9.76
N GLU B 14 -7.77 -11.79 -10.27
CA GLU B 14 -6.35 -11.89 -9.94
C GLU B 14 -5.59 -10.65 -10.41
N SER B 15 -5.70 -10.32 -11.69
CA SER B 15 -5.10 -9.11 -12.26
C SER B 15 -3.58 -9.03 -12.00
N ASP B 16 -2.80 -9.37 -13.01
CA ASP B 16 -1.34 -9.33 -12.91
C ASP B 16 -0.85 -7.89 -12.76
N ASP B 17 -1.69 -6.94 -13.18
CA ASP B 17 -1.36 -5.52 -13.10
C ASP B 17 -1.14 -5.06 -11.67
N ASP B 18 -1.96 -5.56 -10.75
CA ASP B 18 -1.87 -5.19 -9.34
C ASP B 18 -2.59 -6.22 -8.48
N GLY B 19 -3.87 -6.43 -8.74
CA GLY B 19 -4.59 -7.51 -8.10
C GLY B 19 -5.44 -7.05 -6.93
N PHE B 20 -5.32 -5.79 -6.58
CA PHE B 20 -6.04 -5.25 -5.44
C PHE B 20 -7.16 -4.33 -5.92
N VAL B 21 -7.96 -3.86 -5.00
CA VAL B 21 -9.01 -2.92 -5.32
C VAL B 21 -9.18 -1.92 -4.17
N GLU B 22 -9.40 -0.67 -4.52
CA GLU B 22 -9.66 0.34 -3.51
C GLU B 22 -11.11 0.21 -3.04
N VAL B 23 -11.29 -0.05 -1.76
CA VAL B 23 -12.63 -0.24 -1.21
C VAL B 23 -12.98 0.90 -0.28
N ASP B 24 -13.77 1.83 -0.77
CA ASP B 24 -14.17 3.00 -0.01
C ASP B 24 -15.65 2.91 0.32
N PRO A 1 -8.47 -6.30 16.08
CA PRO A 1 -7.76 -5.04 15.82
C PRO A 1 -8.01 -4.59 14.40
N SER A 2 -7.88 -3.30 14.15
CA SER A 2 -8.11 -2.77 12.81
C SER A 2 -6.91 -1.97 12.33
N HIS A 3 -6.35 -1.16 13.20
CA HIS A 3 -5.23 -0.30 12.83
C HIS A 3 -3.90 -0.92 13.25
N SER A 4 -3.91 -2.24 13.34
CA SER A 4 -2.71 -3.02 13.60
C SER A 4 -2.96 -4.47 13.23
N GLY A 5 -2.02 -5.08 12.52
CA GLY A 5 -2.16 -6.44 12.07
C GLY A 5 -0.88 -6.93 11.47
N ALA A 6 -0.60 -8.21 11.59
CA ALA A 6 0.66 -8.77 11.12
C ALA A 6 0.66 -8.91 9.59
N ALA A 7 1.75 -8.47 8.96
CA ALA A 7 1.87 -8.55 7.51
C ALA A 7 3.28 -8.95 7.08
N ILE A 8 3.39 -9.50 5.90
CA ILE A 8 4.66 -9.89 5.32
C ILE A 8 5.11 -8.81 4.35
N PHE A 9 6.15 -8.09 4.69
CA PHE A 9 6.62 -7.01 3.87
C PHE A 9 7.95 -7.37 3.22
N GLU A 10 7.92 -7.57 1.91
CA GLU A 10 9.11 -7.96 1.15
C GLU A 10 9.63 -9.32 1.61
N LYS A 11 8.67 -10.24 1.73
CA LYS A 11 8.92 -11.66 1.96
C LYS A 11 9.29 -11.98 3.41
N VAL A 12 9.45 -10.96 4.24
CA VAL A 12 9.66 -11.17 5.66
C VAL A 12 8.36 -10.96 6.43
N SER A 13 8.06 -11.89 7.33
CA SER A 13 6.86 -11.81 8.14
C SER A 13 7.05 -10.81 9.28
N GLY A 14 6.14 -9.87 9.38
CA GLY A 14 6.21 -8.87 10.41
C GLY A 14 4.85 -8.38 10.83
N ILE A 15 4.82 -7.21 11.44
CA ILE A 15 3.59 -6.63 11.93
C ILE A 15 3.41 -5.23 11.39
N ILE A 16 2.16 -4.82 11.30
CA ILE A 16 1.82 -3.50 10.80
C ILE A 16 0.98 -2.78 11.84
N ALA A 17 1.31 -1.52 12.10
CA ALA A 17 0.54 -0.73 13.04
C ALA A 17 0.28 0.68 12.51
N ILE A 18 -0.95 0.93 12.13
CA ILE A 18 -1.39 2.26 11.77
C ILE A 18 -1.81 3.00 13.03
N ASN A 19 -1.05 3.99 13.42
CA ASN A 19 -1.39 4.75 14.59
C ASN A 19 -1.72 6.17 14.21
N GLU A 20 -2.87 6.65 14.65
CA GLU A 20 -3.05 8.08 14.59
C GLU A 20 -3.02 8.61 16.01
N ASP A 21 -1.82 8.82 16.50
CA ASP A 21 -1.52 9.74 17.59
C ASP A 21 -0.50 10.71 17.04
N VAL A 22 -0.01 10.32 15.88
CA VAL A 22 1.28 10.73 15.36
C VAL A 22 1.17 11.83 14.32
N SER A 23 2.33 12.34 13.90
CA SER A 23 2.44 13.19 12.73
C SER A 23 1.83 12.43 11.57
N PRO A 24 1.53 13.03 10.40
CA PRO A 24 0.37 12.61 9.59
C PRO A 24 0.23 11.10 9.55
N ALA A 25 -0.99 10.64 9.88
CA ALA A 25 -1.25 9.27 10.35
C ALA A 25 -0.30 8.27 9.74
N GLU A 26 0.25 7.46 10.61
CA GLU A 26 1.44 6.75 10.29
C GLU A 26 1.31 5.26 10.60
N LEU A 27 1.76 4.46 9.64
CA LEU A 27 1.77 3.00 9.75
C LEU A 27 3.18 2.60 10.06
N THR A 28 3.35 1.55 10.82
CA THR A 28 4.67 1.10 11.14
C THR A 28 4.76 -0.41 11.06
N TRP A 29 5.47 -0.89 10.05
CA TRP A 29 5.67 -2.32 9.90
C TRP A 29 6.88 -2.75 10.70
N ARG A 30 6.61 -3.47 11.76
CA ARG A 30 7.65 -3.97 12.62
C ARG A 30 7.73 -5.47 12.48
N SER A 31 8.86 -6.00 12.03
CA SER A 31 9.00 -7.42 11.83
C SER A 31 8.72 -8.17 13.12
N THR A 32 8.08 -9.32 13.03
CA THR A 32 7.67 -10.08 14.20
C THR A 32 8.81 -10.18 15.22
N ASP A 33 10.02 -10.38 14.69
CA ASP A 33 11.22 -10.55 15.52
C ASP A 33 11.64 -9.23 16.17
N GLY A 34 11.32 -8.11 15.52
CA GLY A 34 11.66 -6.81 16.04
C GLY A 34 12.98 -6.30 15.51
N ASP A 35 13.39 -6.82 14.37
CA ASP A 35 14.71 -6.51 13.82
C ASP A 35 14.61 -5.50 12.71
N LYS A 36 13.49 -5.52 12.01
CA LYS A 36 13.28 -4.66 10.87
C LYS A 36 11.98 -3.88 11.03
N VAL A 37 12.04 -2.57 10.85
CA VAL A 37 10.87 -1.71 11.03
C VAL A 37 10.75 -0.74 9.86
N HIS A 38 9.60 -0.77 9.19
CA HIS A 38 9.37 0.07 8.04
C HIS A 38 8.10 0.90 8.23
N THR A 39 8.26 2.19 8.39
CA THR A 39 7.13 3.08 8.64
C THR A 39 6.57 3.66 7.34
N VAL A 40 5.24 3.85 7.30
CA VAL A 40 4.58 4.51 6.18
C VAL A 40 3.80 5.74 6.65
N VAL A 41 4.07 6.89 6.05
CA VAL A 41 3.32 8.09 6.35
C VAL A 41 2.16 8.20 5.38
N LEU A 42 0.96 7.97 5.89
CA LEU A 42 -0.27 8.00 5.09
C LEU A 42 -0.42 9.30 4.30
N SER A 43 0.15 10.39 4.77
CA SER A 43 0.04 11.66 4.07
C SER A 43 0.94 11.68 2.84
N THR A 44 2.04 10.96 2.89
CA THR A 44 2.91 10.84 1.72
C THR A 44 2.38 9.75 0.78
N ILE A 45 1.32 9.10 1.23
CA ILE A 45 0.61 8.11 0.45
C ILE A 45 -0.51 8.75 -0.39
N ASP A 46 -0.48 8.51 -1.69
CA ASP A 46 -1.51 8.98 -2.63
C ASP A 46 -2.77 8.11 -2.53
N LYS A 47 -2.56 6.81 -2.43
CA LYS A 47 -3.67 5.85 -2.44
C LYS A 47 -3.28 4.60 -1.67
N LEU A 48 -4.27 3.83 -1.26
CA LEU A 48 -4.01 2.52 -0.70
C LEU A 48 -4.74 1.46 -1.52
N GLN A 49 -4.16 0.29 -1.57
CA GLN A 49 -4.71 -0.83 -2.29
C GLN A 49 -4.85 -2.02 -1.36
N ALA A 50 -5.75 -2.92 -1.69
CA ALA A 50 -5.98 -4.13 -0.91
C ALA A 50 -6.72 -5.13 -1.78
N THR A 51 -6.43 -6.42 -1.60
CA THR A 51 -7.06 -7.46 -2.41
C THR A 51 -8.57 -7.38 -2.35
N PRO A 52 -9.19 -7.30 -3.53
CA PRO A 52 -10.65 -7.28 -3.70
C PRO A 52 -11.28 -8.63 -3.39
N ALA A 53 -12.60 -8.66 -3.27
CA ALA A 53 -13.32 -9.92 -3.13
C ALA A 53 -13.11 -10.79 -4.36
N SER A 54 -12.65 -10.16 -5.44
CA SER A 54 -12.34 -10.84 -6.68
C SER A 54 -10.92 -11.42 -6.65
N SER A 55 -10.18 -11.07 -5.63
CA SER A 55 -8.86 -11.62 -5.42
C SER A 55 -8.93 -12.89 -4.59
N GLU A 56 -8.02 -13.81 -4.86
CA GLU A 56 -7.93 -15.06 -4.11
C GLU A 56 -7.05 -14.92 -2.89
N LYS A 57 -6.33 -13.80 -2.83
CA LYS A 57 -5.34 -13.59 -1.79
C LYS A 57 -5.84 -12.54 -0.79
N MET A 58 -4.98 -12.22 0.17
CA MET A 58 -5.22 -11.11 1.08
C MET A 58 -3.96 -10.27 1.15
N MET A 59 -3.97 -9.07 0.58
CA MET A 59 -2.76 -8.26 0.53
C MET A 59 -3.10 -6.76 0.40
N LEU A 60 -2.27 -5.92 1.01
CA LEU A 60 -2.40 -4.46 0.89
C LEU A 60 -1.24 -3.87 0.06
N ARG A 61 -1.41 -2.62 -0.36
CA ARG A 61 -0.35 -1.84 -1.01
C ARG A 61 -0.60 -0.33 -0.84
N LEU A 62 0.25 0.34 -0.10
CA LEU A 62 0.13 1.78 0.12
C LEU A 62 0.95 2.55 -0.90
N ILE A 63 0.27 3.29 -1.76
CA ILE A 63 0.89 3.99 -2.89
C ILE A 63 1.39 5.36 -2.47
N GLY A 64 2.70 5.52 -2.33
CA GLY A 64 3.23 6.83 -2.01
C GLY A 64 3.21 7.73 -3.21
N LYS A 65 3.06 9.04 -2.99
CA LYS A 65 3.07 9.99 -4.09
C LYS A 65 4.40 9.94 -4.82
N VAL A 66 4.33 9.93 -6.15
CA VAL A 66 5.53 9.95 -6.96
C VAL A 66 5.97 11.38 -7.23
N ASP A 67 7.24 11.54 -7.50
CA ASP A 67 7.80 12.85 -7.77
C ASP A 67 7.80 13.14 -9.27
N GLU A 68 6.61 13.51 -9.78
CA GLU A 68 6.45 13.94 -11.14
C GLU A 68 6.69 15.44 -11.28
N SER A 69 6.12 16.20 -10.35
CA SER A 69 6.19 17.65 -10.38
C SER A 69 7.64 18.11 -10.19
N LYS A 70 8.35 17.40 -9.35
CA LYS A 70 9.77 17.64 -9.16
C LYS A 70 10.55 16.49 -9.80
N LYS A 71 10.74 16.59 -11.12
CA LYS A 71 11.37 15.52 -11.87
C LYS A 71 12.68 15.09 -11.25
N ARG A 72 12.80 13.80 -11.02
CA ARG A 72 14.00 13.23 -10.48
C ARG A 72 15.05 13.18 -11.58
N LYS A 73 16.28 12.85 -11.25
CA LYS A 73 17.36 12.88 -12.23
C LYS A 73 18.24 11.64 -12.09
N ASP A 74 19.02 11.34 -13.11
CA ASP A 74 19.83 10.13 -13.11
C ASP A 74 21.21 10.44 -12.52
N ASN A 75 22.16 9.53 -12.68
CA ASN A 75 23.48 9.68 -12.05
C ASN A 75 24.20 10.94 -12.53
N GLU A 76 23.84 11.43 -13.70
CA GLU A 76 24.49 12.62 -14.25
C GLU A 76 23.65 13.85 -14.00
N GLY A 77 22.54 13.62 -13.32
CA GLY A 77 21.64 14.70 -13.00
C GLY A 77 20.77 15.08 -14.18
N ASN A 78 20.35 14.06 -14.93
CA ASN A 78 19.55 14.27 -16.12
C ASN A 78 18.11 14.62 -15.75
N GLU A 79 17.25 13.62 -15.82
CA GLU A 79 15.84 13.74 -15.45
C GLU A 79 15.13 12.43 -15.72
N VAL A 80 14.58 11.85 -14.67
CA VAL A 80 13.84 10.61 -14.76
C VAL A 80 12.43 10.83 -14.25
N VAL A 81 11.49 10.12 -14.80
CA VAL A 81 10.13 10.13 -14.29
C VAL A 81 9.81 8.76 -13.69
N PRO A 82 9.98 8.65 -12.37
CA PRO A 82 9.82 7.39 -11.64
C PRO A 82 8.37 6.95 -11.48
N LYS A 83 8.21 5.69 -11.12
CA LYS A 83 6.93 5.16 -10.69
C LYS A 83 6.81 5.36 -9.19
N PRO A 84 5.60 5.71 -8.72
CA PRO A 84 5.36 5.97 -7.29
C PRO A 84 5.82 4.82 -6.43
N GLN A 85 6.59 5.13 -5.41
CA GLN A 85 7.08 4.10 -4.51
C GLN A 85 5.94 3.68 -3.60
N ARG A 86 5.52 2.47 -3.79
CA ARG A 86 4.39 1.93 -3.06
C ARG A 86 4.87 0.90 -2.06
N HIS A 87 4.14 0.78 -0.98
CA HIS A 87 4.49 -0.15 0.08
C HIS A 87 3.50 -1.29 0.07
N MET A 88 3.96 -2.46 -0.31
CA MET A 88 3.07 -3.60 -0.46
C MET A 88 3.35 -4.65 0.59
N PHE A 89 2.35 -4.97 1.39
CA PHE A 89 2.51 -5.98 2.40
C PHE A 89 1.61 -7.16 2.07
N SER A 90 2.08 -8.36 2.28
CA SER A 90 1.29 -9.54 2.06
C SER A 90 0.64 -9.98 3.36
N PHE A 91 -0.67 -10.11 3.35
CA PHE A 91 -1.41 -10.45 4.56
C PHE A 91 -1.91 -11.89 4.46
N ASN A 92 -2.37 -12.43 5.58
CA ASN A 92 -2.74 -13.83 5.65
C ASN A 92 -4.23 -13.99 5.91
N ASN A 93 -4.91 -12.87 6.08
CA ASN A 93 -6.33 -12.88 6.35
C ASN A 93 -7.01 -11.69 5.69
N ARG A 94 -8.08 -11.99 4.96
CA ARG A 94 -8.82 -10.98 4.20
C ARG A 94 -9.47 -9.98 5.15
N THR A 95 -9.83 -10.44 6.34
CA THR A 95 -10.48 -9.57 7.32
C THR A 95 -9.48 -8.55 7.85
N VAL A 96 -8.30 -9.03 8.21
CA VAL A 96 -7.23 -8.17 8.69
C VAL A 96 -6.83 -7.17 7.65
N MET A 97 -6.53 -7.62 6.47
CA MET A 97 -6.13 -6.72 5.42
C MET A 97 -7.31 -5.80 5.08
N ASP A 98 -8.51 -6.27 5.37
CA ASP A 98 -9.70 -5.44 5.20
C ASP A 98 -9.71 -4.34 6.23
N ASN A 99 -9.36 -4.72 7.45
CA ASN A 99 -9.45 -3.83 8.60
C ASN A 99 -8.25 -2.89 8.62
N ILE A 100 -7.12 -3.38 8.14
CA ILE A 100 -5.94 -2.56 7.92
C ILE A 100 -6.20 -1.56 6.81
N LYS A 101 -6.67 -2.06 5.67
CA LYS A 101 -6.97 -1.20 4.52
C LYS A 101 -7.95 -0.11 4.93
N MET A 102 -9.06 -0.50 5.55
CA MET A 102 -10.11 0.45 5.89
C MET A 102 -9.61 1.49 6.88
N THR A 103 -8.62 1.11 7.68
CA THR A 103 -8.00 2.02 8.59
C THR A 103 -7.27 3.12 7.82
N LEU A 104 -6.47 2.69 6.87
CA LEU A 104 -5.64 3.60 6.10
C LEU A 104 -6.48 4.43 5.15
N GLN A 105 -7.23 3.76 4.28
CA GLN A 105 -8.12 4.40 3.30
C GLN A 105 -8.90 5.58 3.89
N GLN A 106 -9.29 5.46 5.16
CA GLN A 106 -10.04 6.50 5.82
C GLN A 106 -9.15 7.72 5.97
N ILE A 107 -7.92 7.45 6.37
CA ILE A 107 -6.89 8.45 6.54
C ILE A 107 -6.50 9.06 5.19
N ILE A 108 -6.36 8.20 4.19
CA ILE A 108 -5.92 8.62 2.87
C ILE A 108 -6.89 9.61 2.26
N SER A 109 -8.15 9.19 2.16
CA SER A 109 -9.21 10.09 1.71
C SER A 109 -9.27 11.35 2.58
N ARG A 110 -8.87 11.21 3.84
CA ARG A 110 -8.84 12.31 4.79
C ARG A 110 -7.72 13.29 4.46
N TYR A 111 -6.66 12.76 3.87
CA TYR A 111 -5.50 13.58 3.54
C TYR A 111 -5.59 14.11 2.12
N LYS A 112 -6.36 13.44 1.28
CA LYS A 112 -6.60 13.91 -0.08
C LYS A 112 -7.66 15.01 -0.04
N ASP A 113 -8.49 14.97 1.00
CA ASP A 113 -9.43 16.04 1.29
C ASP A 113 -8.67 17.29 1.73
N ALA A 114 -7.43 17.08 2.14
CA ALA A 114 -6.56 18.17 2.55
C ALA A 114 -5.38 18.29 1.59
N ASP A 115 -5.54 17.76 0.38
CA ASP A 115 -4.46 17.76 -0.60
C ASP A 115 -4.92 18.49 -1.86
N GLY B 1 -15.31 -11.87 -16.54
CA GLY B 1 -14.19 -12.23 -17.43
C GLY B 1 -12.97 -11.35 -17.20
N GLY B 2 -12.26 -11.05 -18.28
CA GLY B 2 -11.07 -10.23 -18.17
C GLY B 2 -10.07 -10.58 -19.24
N GLY B 3 -9.90 -11.88 -19.47
CA GLY B 3 -8.99 -12.35 -20.51
C GLY B 3 -9.67 -13.31 -21.46
N GLY B 4 -10.51 -14.18 -20.91
CA GLY B 4 -11.23 -15.13 -21.72
C GLY B 4 -12.74 -14.95 -21.62
N TYR B 5 -13.46 -15.31 -22.66
CA TYR B 5 -14.91 -15.17 -22.68
C TYR B 5 -15.58 -16.51 -22.38
N ASP B 6 -14.80 -17.59 -22.44
CA ASP B 6 -15.32 -18.93 -22.20
C ASP B 6 -15.42 -19.20 -20.71
N VAL B 7 -16.59 -18.86 -20.15
CA VAL B 7 -16.91 -19.06 -18.73
C VAL B 7 -15.74 -18.74 -17.81
N GLU B 8 -15.07 -17.62 -18.05
CA GLU B 8 -14.00 -17.17 -17.18
C GLU B 8 -14.55 -16.22 -16.12
N MET B 9 -14.50 -16.67 -14.89
CA MET B 9 -14.97 -15.89 -13.75
C MET B 9 -14.09 -16.16 -12.54
N GLU B 10 -13.04 -16.95 -12.75
CA GLU B 10 -12.15 -17.37 -11.69
C GLU B 10 -11.35 -16.19 -11.14
N SER B 11 -11.28 -16.12 -9.83
CA SER B 11 -10.68 -14.99 -9.14
C SER B 11 -9.15 -15.03 -9.22
N GLU B 12 -8.60 -16.20 -9.53
CA GLU B 12 -7.16 -16.39 -9.61
C GLU B 12 -6.52 -15.43 -10.62
N GLU B 13 -7.27 -15.12 -11.68
CA GLU B 13 -6.76 -14.29 -12.77
C GLU B 13 -6.73 -12.81 -12.38
N GLU B 14 -7.52 -12.46 -11.37
CA GLU B 14 -7.62 -11.07 -10.93
C GLU B 14 -6.42 -10.66 -10.11
N SER B 15 -5.60 -11.63 -9.73
CA SER B 15 -4.39 -11.34 -8.99
C SER B 15 -3.23 -12.18 -9.51
N ASP B 16 -2.47 -11.62 -10.45
CA ASP B 16 -1.35 -12.32 -11.04
C ASP B 16 -0.16 -12.26 -10.10
N ASP B 17 0.43 -11.07 -9.98
CA ASP B 17 1.46 -10.81 -8.99
C ASP B 17 0.81 -10.30 -7.72
N ASP B 18 0.14 -9.17 -7.86
CA ASP B 18 -0.54 -8.51 -6.77
C ASP B 18 -2.06 -8.53 -7.01
N GLY B 19 -2.58 -7.52 -7.69
CA GLY B 19 -3.97 -7.55 -8.12
C GLY B 19 -4.94 -7.02 -7.09
N PHE B 20 -4.59 -5.89 -6.49
CA PHE B 20 -5.41 -5.31 -5.44
C PHE B 20 -6.35 -4.26 -6.02
N VAL B 21 -7.28 -3.80 -5.21
CA VAL B 21 -8.17 -2.73 -5.60
C VAL B 21 -8.25 -1.72 -4.46
N GLU B 22 -8.74 -0.54 -4.75
CA GLU B 22 -8.99 0.44 -3.71
C GLU B 22 -10.49 0.51 -3.43
N VAL B 23 -10.84 0.60 -2.16
CA VAL B 23 -12.23 0.61 -1.77
C VAL B 23 -12.89 1.93 -2.21
N ASP B 24 -13.67 1.84 -3.27
CA ASP B 24 -14.30 3.01 -3.86
C ASP B 24 -15.79 2.79 -4.01
N PRO A 1 -9.53 -6.26 15.04
CA PRO A 1 -8.42 -5.32 14.85
C PRO A 1 -8.76 -4.35 13.73
N SER A 2 -7.86 -3.40 13.47
CA SER A 2 -8.02 -2.47 12.37
C SER A 2 -6.74 -1.68 12.16
N HIS A 3 -6.22 -1.13 13.23
CA HIS A 3 -5.04 -0.28 13.16
C HIS A 3 -3.77 -1.08 13.39
N SER A 4 -3.88 -2.40 13.33
CA SER A 4 -2.72 -3.27 13.50
C SER A 4 -3.02 -4.67 12.95
N GLY A 5 -1.98 -5.33 12.44
CA GLY A 5 -2.11 -6.66 11.88
C GLY A 5 -0.78 -7.14 11.35
N ALA A 6 -0.52 -8.44 11.42
CA ALA A 6 0.79 -8.96 11.03
C ALA A 6 0.90 -9.12 9.51
N ALA A 7 1.86 -8.42 8.89
CA ALA A 7 2.00 -8.44 7.43
C ALA A 7 3.43 -8.79 7.01
N ILE A 8 3.55 -9.22 5.77
CA ILE A 8 4.84 -9.54 5.17
C ILE A 8 5.29 -8.39 4.27
N PHE A 9 6.49 -7.91 4.51
CA PHE A 9 7.03 -6.80 3.75
C PHE A 9 8.37 -7.17 3.15
N GLU A 10 8.42 -7.28 1.82
CA GLU A 10 9.63 -7.65 1.10
C GLU A 10 10.12 -9.02 1.53
N LYS A 11 9.18 -9.96 1.57
CA LYS A 11 9.43 -11.37 1.79
C LYS A 11 9.77 -11.71 3.23
N VAL A 12 9.79 -10.71 4.12
CA VAL A 12 9.92 -10.98 5.54
C VAL A 12 8.59 -10.78 6.25
N SER A 13 8.22 -11.74 7.08
CA SER A 13 6.99 -11.68 7.86
C SER A 13 7.19 -10.80 9.08
N GLY A 14 6.27 -9.87 9.27
CA GLY A 14 6.34 -8.96 10.38
C GLY A 14 4.98 -8.49 10.81
N ILE A 15 4.92 -7.30 11.40
CA ILE A 15 3.67 -6.75 11.90
C ILE A 15 3.45 -5.35 11.37
N ILE A 16 2.21 -4.97 11.29
CA ILE A 16 1.82 -3.65 10.81
C ILE A 16 1.00 -2.94 11.87
N ALA A 17 1.31 -1.69 12.12
CA ALA A 17 0.52 -0.89 13.04
C ALA A 17 0.27 0.51 12.50
N ILE A 18 -0.96 0.79 12.12
CA ILE A 18 -1.38 2.13 11.76
C ILE A 18 -1.78 2.87 13.02
N ASN A 19 -1.21 4.02 13.26
CA ASN A 19 -1.56 4.79 14.43
C ASN A 19 -1.95 6.19 14.02
N GLU A 20 -3.09 6.66 14.49
CA GLU A 20 -3.30 8.07 14.41
C GLU A 20 -3.33 8.60 15.83
N ASP A 21 -2.15 8.87 16.35
CA ASP A 21 -1.91 9.79 17.44
C ASP A 21 -0.93 10.82 16.92
N VAL A 22 -0.40 10.44 15.77
CA VAL A 22 0.90 10.89 15.29
C VAL A 22 0.79 11.98 14.23
N SER A 23 1.96 12.51 13.85
CA SER A 23 2.11 13.33 12.66
C SER A 23 1.57 12.51 11.49
N PRO A 24 1.32 13.06 10.28
CA PRO A 24 0.27 12.51 9.39
C PRO A 24 0.30 10.99 9.38
N ALA A 25 -0.88 10.41 9.64
CA ALA A 25 -1.02 9.04 10.18
C ALA A 25 0.05 8.10 9.71
N GLU A 26 0.52 7.30 10.64
CA GLU A 26 1.69 6.51 10.40
C GLU A 26 1.39 5.03 10.59
N LEU A 27 1.80 4.26 9.61
CA LEU A 27 1.76 2.82 9.69
C LEU A 27 3.15 2.37 10.01
N THR A 28 3.29 1.40 10.84
CA THR A 28 4.60 0.96 11.21
C THR A 28 4.71 -0.54 11.10
N TRP A 29 5.46 -0.97 10.10
CA TRP A 29 5.71 -2.38 9.92
C TRP A 29 6.89 -2.79 10.78
N ARG A 30 6.59 -3.51 11.82
CA ARG A 30 7.58 -3.97 12.74
C ARG A 30 7.64 -5.50 12.64
N SER A 31 8.77 -6.01 12.19
CA SER A 31 8.94 -7.45 12.01
C SER A 31 8.66 -8.18 13.31
N THR A 32 8.05 -9.35 13.19
CA THR A 32 7.65 -10.15 14.33
C THR A 32 8.83 -10.40 15.28
N ASP A 33 10.03 -10.49 14.72
CA ASP A 33 11.25 -10.68 15.51
C ASP A 33 11.74 -9.35 16.09
N GLY A 34 11.42 -8.26 15.40
CA GLY A 34 11.86 -6.95 15.83
C GLY A 34 13.10 -6.48 15.09
N ASP A 35 13.56 -7.31 14.17
CA ASP A 35 14.77 -7.04 13.40
C ASP A 35 14.60 -5.81 12.51
N LYS A 36 13.50 -5.78 11.79
CA LYS A 36 13.21 -4.68 10.86
C LYS A 36 11.96 -3.93 11.25
N VAL A 37 11.98 -2.66 10.94
CA VAL A 37 10.85 -1.75 11.19
C VAL A 37 10.75 -0.71 10.08
N HIS A 38 9.58 -0.62 9.45
CA HIS A 38 9.36 0.28 8.33
C HIS A 38 8.07 1.06 8.51
N THR A 39 8.18 2.37 8.65
CA THR A 39 7.00 3.20 8.87
C THR A 39 6.52 3.85 7.55
N VAL A 40 5.20 3.89 7.36
CA VAL A 40 4.60 4.55 6.21
C VAL A 40 3.81 5.80 6.63
N VAL A 41 4.07 6.93 5.97
CA VAL A 41 3.30 8.14 6.20
C VAL A 41 2.14 8.20 5.22
N LEU A 42 0.95 8.00 5.75
CA LEU A 42 -0.29 7.97 4.98
C LEU A 42 -0.48 9.22 4.12
N SER A 43 0.11 10.34 4.51
CA SER A 43 -0.04 11.57 3.74
C SER A 43 0.88 11.58 2.54
N THR A 44 2.04 10.95 2.64
CA THR A 44 2.91 10.79 1.50
C THR A 44 2.36 9.68 0.60
N ILE A 45 1.35 8.99 1.11
CA ILE A 45 0.62 7.99 0.36
C ILE A 45 -0.54 8.62 -0.43
N ASP A 46 -0.50 8.43 -1.74
CA ASP A 46 -1.53 8.92 -2.65
C ASP A 46 -2.76 8.02 -2.64
N LYS A 47 -2.52 6.70 -2.67
CA LYS A 47 -3.61 5.73 -2.65
C LYS A 47 -3.25 4.55 -1.76
N LEU A 48 -4.24 3.84 -1.28
CA LEU A 48 -4.01 2.55 -0.68
C LEU A 48 -4.75 1.48 -1.46
N GLN A 49 -4.14 0.33 -1.54
CA GLN A 49 -4.68 -0.78 -2.28
C GLN A 49 -4.83 -1.98 -1.35
N ALA A 50 -5.78 -2.82 -1.65
CA ALA A 50 -6.04 -4.00 -0.87
C ALA A 50 -6.89 -4.97 -1.69
N THR A 51 -6.68 -6.27 -1.49
CA THR A 51 -7.43 -7.29 -2.20
C THR A 51 -8.93 -7.18 -1.91
N PRO A 52 -9.72 -7.07 -2.98
CA PRO A 52 -11.19 -7.00 -2.91
C PRO A 52 -11.79 -8.31 -2.40
N ALA A 53 -13.06 -8.27 -2.03
CA ALA A 53 -13.75 -9.47 -1.58
C ALA A 53 -13.80 -10.51 -2.69
N SER A 54 -13.67 -10.06 -3.93
CA SER A 54 -13.65 -10.95 -5.09
C SER A 54 -12.27 -11.61 -5.22
N SER A 55 -11.27 -11.00 -4.60
CA SER A 55 -9.92 -11.55 -4.59
C SER A 55 -9.87 -12.84 -3.77
N GLU A 56 -9.03 -13.77 -4.20
CA GLU A 56 -8.82 -15.01 -3.46
C GLU A 56 -7.69 -14.84 -2.47
N LYS A 57 -6.95 -13.77 -2.65
CA LYS A 57 -5.79 -13.49 -1.82
C LYS A 57 -6.09 -12.36 -0.85
N MET A 58 -5.16 -12.11 0.05
CA MET A 58 -5.26 -11.00 0.99
C MET A 58 -3.96 -10.21 0.98
N MET A 59 -4.03 -8.99 0.49
CA MET A 59 -2.83 -8.17 0.37
C MET A 59 -3.16 -6.68 0.35
N LEU A 60 -2.25 -5.88 0.89
CA LEU A 60 -2.36 -4.43 0.89
C LEU A 60 -1.20 -3.81 0.09
N ARG A 61 -1.41 -2.61 -0.43
CA ARG A 61 -0.33 -1.84 -1.05
C ARG A 61 -0.58 -0.33 -0.93
N LEU A 62 0.26 0.35 -0.16
CA LEU A 62 0.14 1.78 0.06
C LEU A 62 0.98 2.55 -0.97
N ILE A 63 0.30 3.26 -1.84
CA ILE A 63 0.92 3.95 -2.98
C ILE A 63 1.41 5.34 -2.57
N GLY A 64 2.72 5.55 -2.54
CA GLY A 64 3.24 6.86 -2.21
C GLY A 64 3.17 7.81 -3.39
N LYS A 65 3.02 9.11 -3.12
CA LYS A 65 2.97 10.11 -4.17
C LYS A 65 4.29 10.16 -4.93
N VAL A 66 4.20 10.15 -6.24
CA VAL A 66 5.38 10.28 -7.08
C VAL A 66 5.62 11.75 -7.37
N ASP A 67 6.84 12.08 -7.72
CA ASP A 67 7.21 13.45 -7.98
C ASP A 67 6.82 13.85 -9.39
N GLU A 68 5.54 14.20 -9.54
CA GLU A 68 4.98 14.63 -10.82
C GLU A 68 5.52 15.99 -11.23
N SER A 69 6.05 16.72 -10.26
CA SER A 69 6.59 18.05 -10.49
C SER A 69 7.73 18.03 -11.49
N LYS A 70 8.53 16.97 -11.46
CA LYS A 70 9.65 16.83 -12.38
C LYS A 70 9.68 15.45 -13.01
N LYS A 71 9.64 15.39 -14.33
CA LYS A 71 9.71 14.14 -15.04
C LYS A 71 11.15 13.66 -15.13
N ARG A 72 11.33 12.37 -14.90
CA ARG A 72 12.63 11.75 -15.04
C ARG A 72 12.96 11.63 -16.53
N LYS A 73 14.17 11.24 -16.85
CA LYS A 73 14.62 11.14 -18.23
C LYS A 73 15.39 9.84 -18.44
N ASP A 74 15.43 9.34 -19.66
CA ASP A 74 16.05 8.04 -19.91
C ASP A 74 17.54 8.23 -20.20
N ASN A 75 18.20 7.22 -20.77
CA ASN A 75 19.65 7.26 -20.96
C ASN A 75 20.07 8.36 -21.93
N GLU A 76 19.16 8.81 -22.78
CA GLU A 76 19.48 9.85 -23.74
C GLU A 76 19.04 11.20 -23.19
N GLY A 77 18.44 11.15 -22.02
CA GLY A 77 17.93 12.36 -21.40
C GLY A 77 16.61 12.77 -22.02
N ASN A 78 15.75 11.79 -22.23
CA ASN A 78 14.43 12.03 -22.81
C ASN A 78 13.47 12.53 -21.75
N GLU A 79 12.60 11.64 -21.30
CA GLU A 79 11.63 11.91 -20.26
C GLU A 79 10.76 10.69 -20.00
N VAL A 80 10.83 10.17 -18.80
CA VAL A 80 10.01 9.05 -18.38
C VAL A 80 9.17 9.48 -17.20
N VAL A 81 7.99 8.91 -17.07
CA VAL A 81 7.20 9.11 -15.87
C VAL A 81 7.25 7.85 -15.01
N PRO A 82 8.10 7.88 -13.98
CA PRO A 82 8.30 6.75 -13.08
C PRO A 82 7.07 6.47 -12.24
N LYS A 83 6.71 5.20 -12.17
CA LYS A 83 5.63 4.77 -11.30
C LYS A 83 5.97 5.05 -9.85
N PRO A 84 4.99 5.60 -9.11
CA PRO A 84 5.14 5.98 -7.71
C PRO A 84 5.71 4.86 -6.85
N GLN A 85 6.43 5.24 -5.80
CA GLN A 85 6.95 4.26 -4.86
C GLN A 85 5.85 3.79 -3.93
N ARG A 86 5.53 2.51 -4.05
CA ARG A 86 4.41 1.97 -3.32
C ARG A 86 4.88 0.91 -2.33
N HIS A 87 4.26 0.92 -1.17
CA HIS A 87 4.64 0.03 -0.09
C HIS A 87 3.62 -1.10 0.00
N MET A 88 4.04 -2.31 -0.35
CA MET A 88 3.12 -3.44 -0.36
C MET A 88 3.32 -4.31 0.88
N PHE A 89 2.23 -4.66 1.53
CA PHE A 89 2.28 -5.53 2.68
C PHE A 89 1.32 -6.69 2.49
N SER A 90 1.84 -7.90 2.56
CA SER A 90 1.03 -9.08 2.35
C SER A 90 0.46 -9.58 3.67
N PHE A 91 -0.83 -9.83 3.66
CA PHE A 91 -1.48 -10.40 4.84
C PHE A 91 -1.86 -11.84 4.58
N ASN A 92 -2.35 -12.51 5.61
CA ASN A 92 -2.72 -13.90 5.51
C ASN A 92 -4.21 -14.06 5.76
N ASN A 93 -4.85 -12.95 6.09
CA ASN A 93 -6.27 -12.94 6.35
C ASN A 93 -6.92 -11.73 5.70
N ARG A 94 -8.00 -11.98 4.97
CA ARG A 94 -8.63 -10.93 4.19
C ARG A 94 -9.40 -9.98 5.10
N THR A 95 -9.79 -10.46 6.26
CA THR A 95 -10.48 -9.61 7.22
C THR A 95 -9.51 -8.61 7.84
N VAL A 96 -8.37 -9.10 8.29
CA VAL A 96 -7.30 -8.24 8.79
C VAL A 96 -6.90 -7.22 7.76
N MET A 97 -6.51 -7.67 6.61
CA MET A 97 -6.09 -6.76 5.59
C MET A 97 -7.23 -5.78 5.28
N ASP A 98 -8.47 -6.26 5.43
CA ASP A 98 -9.65 -5.40 5.26
C ASP A 98 -9.68 -4.32 6.32
N ASN A 99 -9.41 -4.74 7.54
CA ASN A 99 -9.53 -3.85 8.68
C ASN A 99 -8.35 -2.90 8.73
N ILE A 100 -7.26 -3.34 8.14
CA ILE A 100 -6.08 -2.51 7.92
C ILE A 100 -6.33 -1.46 6.83
N LYS A 101 -6.72 -1.91 5.62
CA LYS A 101 -6.93 -1.02 4.51
C LYS A 101 -7.99 0.03 4.84
N MET A 102 -9.05 -0.38 5.53
CA MET A 102 -10.15 0.51 5.83
C MET A 102 -9.69 1.56 6.84
N THR A 103 -8.70 1.18 7.64
CA THR A 103 -8.08 2.10 8.57
C THR A 103 -7.31 3.16 7.82
N LEU A 104 -6.44 2.70 6.94
CA LEU A 104 -5.56 3.60 6.19
C LEU A 104 -6.37 4.47 5.25
N GLN A 105 -7.14 3.85 4.38
CA GLN A 105 -7.94 4.60 3.39
C GLN A 105 -8.80 5.69 4.05
N GLN A 106 -9.22 5.48 5.30
CA GLN A 106 -10.03 6.46 5.99
C GLN A 106 -9.20 7.70 6.27
N ILE A 107 -7.91 7.47 6.39
CA ILE A 107 -6.92 8.51 6.58
C ILE A 107 -6.55 9.14 5.25
N ILE A 108 -6.41 8.30 4.25
CA ILE A 108 -5.98 8.76 2.93
C ILE A 108 -7.06 9.64 2.29
N SER A 109 -8.28 9.15 2.29
CA SER A 109 -9.42 9.93 1.80
C SER A 109 -9.59 11.19 2.66
N ARG A 110 -9.06 11.12 3.86
CA ARG A 110 -9.06 12.24 4.78
C ARG A 110 -8.06 13.30 4.30
N TYR A 111 -6.98 12.84 3.67
CA TYR A 111 -5.92 13.72 3.22
C TYR A 111 -6.11 14.12 1.77
N LYS A 112 -6.83 13.29 1.02
CA LYS A 112 -7.18 13.63 -0.36
C LYS A 112 -8.30 14.65 -0.36
N ASP A 113 -9.01 14.71 0.75
CA ASP A 113 -10.04 15.73 0.94
C ASP A 113 -9.37 17.09 1.15
N ALA A 114 -8.09 17.05 1.51
CA ALA A 114 -7.32 18.26 1.74
C ALA A 114 -6.21 18.43 0.71
N ASP A 115 -6.39 17.78 -0.45
CA ASP A 115 -5.42 17.88 -1.53
C ASP A 115 -6.01 18.68 -2.69
N GLY B 1 -11.97 5.34 -22.85
CA GLY B 1 -10.52 5.19 -22.55
C GLY B 1 -9.68 5.23 -23.81
N GLY B 2 -8.38 5.03 -23.65
CA GLY B 2 -7.49 5.04 -24.79
C GLY B 2 -6.19 5.76 -24.50
N GLY B 3 -6.26 7.08 -24.45
CA GLY B 3 -5.06 7.87 -24.21
C GLY B 3 -4.50 8.45 -25.49
N GLY B 4 -3.31 9.04 -25.41
CA GLY B 4 -2.70 9.64 -26.57
C GLY B 4 -1.91 8.64 -27.39
N TYR B 5 -1.46 7.58 -26.74
CA TYR B 5 -0.66 6.53 -27.37
C TYR B 5 0.68 7.07 -27.87
N ASP B 6 1.08 8.21 -27.35
CA ASP B 6 2.34 8.84 -27.75
C ASP B 6 3.51 8.10 -27.14
N VAL B 7 4.40 7.57 -27.99
CA VAL B 7 5.51 6.70 -27.58
C VAL B 7 5.10 5.77 -26.45
N GLU B 8 3.99 5.08 -26.65
CA GLU B 8 3.39 4.26 -25.61
C GLU B 8 4.33 3.14 -25.16
N MET B 9 4.75 3.23 -23.92
CA MET B 9 5.61 2.24 -23.29
C MET B 9 5.20 2.18 -21.84
N GLU B 10 3.97 2.62 -21.63
CA GLU B 10 3.42 2.85 -20.32
C GLU B 10 3.17 1.53 -19.59
N SER B 11 3.25 1.55 -18.28
CA SER B 11 3.02 0.34 -17.49
C SER B 11 2.20 0.67 -16.24
N GLU B 12 1.69 1.89 -16.19
CA GLU B 12 0.94 2.37 -15.03
C GLU B 12 -0.44 1.74 -15.00
N GLU B 13 -0.94 1.37 -16.17
CA GLU B 13 -2.21 0.70 -16.29
C GLU B 13 -2.12 -0.71 -15.69
N GLU B 14 -0.98 -1.36 -15.90
CA GLU B 14 -0.75 -2.69 -15.34
C GLU B 14 -0.50 -2.60 -13.84
N SER B 15 -0.03 -1.44 -13.41
CA SER B 15 0.32 -1.22 -12.01
C SER B 15 -0.87 -0.66 -11.24
N ASP B 16 -2.03 -0.66 -11.87
CA ASP B 16 -3.23 -0.09 -11.26
C ASP B 16 -3.88 -1.08 -10.31
N ASP B 17 -4.28 -2.23 -10.84
CA ASP B 17 -5.02 -3.23 -10.07
C ASP B 17 -4.08 -4.14 -9.30
N ASP B 18 -3.38 -5.00 -10.02
CA ASP B 18 -2.44 -5.96 -9.42
C ASP B 18 -3.12 -6.83 -8.36
N GLY B 19 -4.41 -7.03 -8.53
CA GLY B 19 -5.15 -7.87 -7.63
C GLY B 19 -5.82 -7.10 -6.52
N PHE B 20 -5.53 -5.80 -6.44
CA PHE B 20 -6.02 -4.96 -5.36
C PHE B 20 -6.92 -3.87 -5.91
N VAL B 21 -7.70 -3.28 -5.02
CA VAL B 21 -8.52 -2.14 -5.38
C VAL B 21 -8.62 -1.16 -4.22
N GLU B 22 -8.58 0.14 -4.51
CA GLU B 22 -8.86 1.13 -3.49
C GLU B 22 -10.37 1.25 -3.30
N VAL B 23 -10.81 0.98 -2.08
CA VAL B 23 -12.23 0.88 -1.79
C VAL B 23 -12.74 2.14 -1.10
N ASP B 24 -13.43 2.98 -1.87
CA ASP B 24 -14.04 4.18 -1.34
C ASP B 24 -15.52 3.94 -1.14
N PRO A 1 -7.07 -7.25 15.46
CA PRO A 1 -6.29 -6.74 14.31
C PRO A 1 -7.14 -5.80 13.45
N SER A 2 -7.26 -4.56 13.90
CA SER A 2 -8.00 -3.55 13.16
C SER A 2 -7.06 -2.46 12.65
N HIS A 3 -6.46 -1.70 13.58
CA HIS A 3 -5.51 -0.66 13.22
C HIS A 3 -4.09 -1.21 13.28
N SER A 4 -4.01 -2.53 13.25
CA SER A 4 -2.76 -3.25 13.38
C SER A 4 -2.96 -4.69 12.89
N GLY A 5 -1.93 -5.29 12.34
CA GLY A 5 -2.03 -6.64 11.84
C GLY A 5 -0.70 -7.13 11.29
N ALA A 6 -0.39 -8.40 11.49
CA ALA A 6 0.90 -8.92 11.06
C ALA A 6 0.94 -9.10 9.54
N ALA A 7 1.89 -8.44 8.88
CA ALA A 7 1.97 -8.48 7.42
C ALA A 7 3.38 -8.81 6.95
N ILE A 8 3.46 -9.32 5.74
CA ILE A 8 4.73 -9.62 5.09
C ILE A 8 5.12 -8.45 4.20
N PHE A 9 6.30 -7.92 4.42
CA PHE A 9 6.77 -6.78 3.67
C PHE A 9 8.16 -7.06 3.11
N GLU A 10 8.20 -7.34 1.81
CA GLU A 10 9.44 -7.73 1.11
C GLU A 10 9.92 -9.08 1.60
N LYS A 11 9.05 -10.08 1.44
CA LYS A 11 9.37 -11.49 1.67
C LYS A 11 9.58 -11.83 3.15
N VAL A 12 9.62 -10.82 4.01
CA VAL A 12 9.74 -11.04 5.44
C VAL A 12 8.42 -10.81 6.15
N SER A 13 8.06 -11.77 7.00
CA SER A 13 6.85 -11.65 7.81
C SER A 13 7.10 -10.76 9.03
N GLY A 14 6.26 -9.75 9.17
CA GLY A 14 6.37 -8.84 10.28
C GLY A 14 5.03 -8.38 10.75
N ILE A 15 4.98 -7.21 11.36
CA ILE A 15 3.75 -6.68 11.90
C ILE A 15 3.49 -5.28 11.36
N ILE A 16 2.24 -4.92 11.31
CA ILE A 16 1.84 -3.62 10.83
C ILE A 16 0.98 -2.92 11.86
N ALA A 17 1.26 -1.66 12.12
CA ALA A 17 0.44 -0.87 13.02
C ALA A 17 0.19 0.53 12.49
N ILE A 18 -1.05 0.83 12.16
CA ILE A 18 -1.43 2.18 11.82
C ILE A 18 -1.76 2.92 13.11
N ASN A 19 -1.12 4.03 13.32
CA ASN A 19 -1.36 4.83 14.51
C ASN A 19 -1.66 6.24 14.11
N GLU A 20 -2.81 6.77 14.55
CA GLU A 20 -2.92 8.18 14.50
C GLU A 20 -2.89 8.70 15.93
N ASP A 21 -1.68 8.88 16.43
CA ASP A 21 -1.34 9.77 17.52
C ASP A 21 -0.31 10.74 16.97
N VAL A 22 0.13 10.37 15.78
CA VAL A 22 1.40 10.78 15.23
C VAL A 22 1.23 11.91 14.20
N SER A 23 2.36 12.44 13.75
CA SER A 23 2.43 13.30 12.57
C SER A 23 1.80 12.52 11.42
N PRO A 24 1.46 13.11 10.26
CA PRO A 24 0.34 12.62 9.43
C PRO A 24 0.33 11.10 9.39
N ALA A 25 -0.85 10.56 9.72
CA ALA A 25 -1.00 9.19 10.24
C ALA A 25 -0.01 8.21 9.66
N GLU A 26 0.53 7.40 10.54
CA GLU A 26 1.64 6.58 10.19
C GLU A 26 1.32 5.11 10.46
N LEU A 27 1.75 4.29 9.53
CA LEU A 27 1.72 2.85 9.67
C LEU A 27 3.13 2.44 10.03
N THR A 28 3.26 1.44 10.85
CA THR A 28 4.58 1.01 11.22
C THR A 28 4.69 -0.49 11.04
N TRP A 29 5.46 -0.90 10.05
CA TRP A 29 5.70 -2.31 9.83
C TRP A 29 6.89 -2.71 10.68
N ARG A 30 6.60 -3.41 11.74
CA ARG A 30 7.60 -3.86 12.68
C ARG A 30 7.67 -5.37 12.62
N SER A 31 8.80 -5.89 12.18
CA SER A 31 8.96 -7.33 11.96
C SER A 31 8.65 -8.11 13.23
N THR A 32 8.13 -9.31 13.03
CA THR A 32 7.76 -10.21 14.13
C THR A 32 8.95 -10.46 15.07
N ASP A 33 10.16 -10.43 14.51
CA ASP A 33 11.37 -10.62 15.31
C ASP A 33 11.75 -9.32 16.03
N GLY A 34 11.38 -8.20 15.44
CA GLY A 34 11.66 -6.91 16.04
C GLY A 34 12.87 -6.24 15.42
N ASP A 35 13.40 -6.82 14.36
CA ASP A 35 14.60 -6.30 13.71
C ASP A 35 14.25 -5.18 12.75
N LYS A 36 13.59 -5.52 11.65
CA LYS A 36 13.22 -4.53 10.65
C LYS A 36 11.95 -3.82 11.02
N VAL A 37 11.97 -2.52 10.81
CA VAL A 37 10.83 -1.65 11.08
C VAL A 37 10.71 -0.60 9.97
N HIS A 38 9.59 -0.59 9.29
CA HIS A 38 9.36 0.33 8.19
C HIS A 38 8.08 1.12 8.41
N THR A 39 8.20 2.41 8.61
CA THR A 39 7.04 3.25 8.88
C THR A 39 6.53 3.94 7.61
N VAL A 40 5.22 3.99 7.42
CA VAL A 40 4.59 4.64 6.27
C VAL A 40 3.80 5.90 6.69
N VAL A 41 4.04 7.02 6.02
CA VAL A 41 3.23 8.21 6.23
C VAL A 41 2.06 8.22 5.26
N LEU A 42 0.89 8.00 5.79
CA LEU A 42 -0.36 7.98 5.02
C LEU A 42 -0.58 9.25 4.22
N SER A 43 -0.02 10.37 4.66
CA SER A 43 -0.20 11.63 3.95
C SER A 43 0.69 11.66 2.71
N THR A 44 1.88 11.06 2.79
CA THR A 44 2.75 10.97 1.64
C THR A 44 2.24 9.87 0.71
N ILE A 45 1.38 9.03 1.27
CA ILE A 45 0.68 8.02 0.51
C ILE A 45 -0.43 8.65 -0.35
N ASP A 46 -0.35 8.44 -1.65
CA ASP A 46 -1.38 8.90 -2.56
C ASP A 46 -2.59 7.96 -2.54
N LYS A 47 -2.33 6.66 -2.65
CA LYS A 47 -3.41 5.67 -2.69
C LYS A 47 -3.06 4.49 -1.81
N LEU A 48 -4.07 3.82 -1.29
CA LEU A 48 -3.87 2.52 -0.69
C LEU A 48 -4.63 1.48 -1.48
N GLN A 49 -4.06 0.31 -1.57
CA GLN A 49 -4.65 -0.80 -2.30
C GLN A 49 -4.89 -1.96 -1.36
N ALA A 50 -5.77 -2.85 -1.74
CA ALA A 50 -6.01 -4.08 -1.02
C ALA A 50 -6.71 -5.06 -1.95
N THR A 51 -6.54 -6.36 -1.71
CA THR A 51 -7.15 -7.38 -2.57
C THR A 51 -8.66 -7.20 -2.66
N PRO A 52 -9.15 -7.11 -3.90
CA PRO A 52 -10.57 -7.01 -4.21
C PRO A 52 -11.32 -8.29 -3.86
N ALA A 53 -12.64 -8.21 -3.84
CA ALA A 53 -13.47 -9.38 -3.58
C ALA A 53 -13.29 -10.42 -4.67
N SER A 54 -12.84 -9.96 -5.83
CA SER A 54 -12.53 -10.84 -6.94
C SER A 54 -11.22 -11.57 -6.70
N SER A 55 -10.36 -10.94 -5.92
CA SER A 55 -9.10 -11.55 -5.51
C SER A 55 -9.40 -12.67 -4.51
N GLU A 56 -8.66 -13.77 -4.63
CA GLU A 56 -8.85 -14.91 -3.75
C GLU A 56 -7.94 -14.74 -2.55
N LYS A 57 -7.00 -13.83 -2.68
CA LYS A 57 -5.99 -13.60 -1.69
C LYS A 57 -6.34 -12.42 -0.79
N MET A 58 -5.44 -12.08 0.11
CA MET A 58 -5.66 -11.01 1.08
C MET A 58 -4.38 -10.22 1.27
N MET A 59 -4.34 -8.99 0.77
CA MET A 59 -3.12 -8.19 0.81
C MET A 59 -3.43 -6.69 0.76
N LEU A 60 -2.41 -5.89 1.05
CA LEU A 60 -2.49 -4.43 0.98
C LEU A 60 -1.32 -3.84 0.18
N ARG A 61 -1.46 -2.60 -0.28
CA ARG A 61 -0.37 -1.88 -0.94
C ARG A 61 -0.55 -0.36 -0.80
N LEU A 62 0.34 0.29 -0.08
CA LEU A 62 0.26 1.74 0.12
C LEU A 62 1.15 2.49 -0.88
N ILE A 63 0.52 3.19 -1.81
CA ILE A 63 1.22 3.93 -2.87
C ILE A 63 1.53 5.34 -2.40
N GLY A 64 2.77 5.78 -2.52
CA GLY A 64 3.09 7.15 -2.16
C GLY A 64 3.07 8.08 -3.34
N LYS A 65 2.78 9.35 -3.09
CA LYS A 65 2.71 10.35 -4.15
C LYS A 65 4.03 10.42 -4.90
N VAL A 66 3.96 10.46 -6.22
CA VAL A 66 5.15 10.57 -7.03
C VAL A 66 5.46 12.03 -7.30
N ASP A 67 6.73 12.30 -7.57
CA ASP A 67 7.20 13.64 -7.79
C ASP A 67 7.04 14.02 -9.27
N GLU A 68 5.84 14.48 -9.61
CA GLU A 68 5.50 14.84 -10.98
C GLU A 68 6.29 16.04 -11.47
N SER A 69 6.41 17.06 -10.63
CA SER A 69 7.07 18.30 -11.00
C SER A 69 8.60 18.15 -11.02
N LYS A 70 9.11 17.35 -10.09
CA LYS A 70 10.55 17.11 -9.99
C LYS A 70 10.95 16.02 -10.98
N LYS A 71 10.61 16.23 -12.24
CA LYS A 71 10.83 15.25 -13.28
C LYS A 71 12.25 14.73 -13.27
N ARG A 72 12.37 13.43 -13.21
CA ARG A 72 13.67 12.79 -13.24
C ARG A 72 14.18 12.84 -14.68
N LYS A 73 15.43 12.47 -14.89
CA LYS A 73 16.03 12.59 -16.20
C LYS A 73 17.04 11.47 -16.44
N ASP A 74 16.95 10.87 -17.63
CA ASP A 74 17.81 9.77 -17.99
C ASP A 74 19.18 10.30 -18.38
N ASN A 75 20.07 9.44 -18.85
CA ASN A 75 21.51 9.76 -18.99
C ASN A 75 21.80 11.07 -19.75
N GLU A 76 20.91 11.45 -20.66
CA GLU A 76 21.13 12.62 -21.50
C GLU A 76 20.24 13.77 -21.08
N GLY A 77 19.61 13.59 -19.94
CA GLY A 77 18.69 14.58 -19.43
C GLY A 77 17.36 14.52 -20.16
N ASN A 78 17.03 13.32 -20.62
CA ASN A 78 15.82 13.04 -21.39
C ASN A 78 14.58 13.52 -20.66
N GLU A 79 14.57 13.28 -19.36
CA GLU A 79 13.46 13.66 -18.47
C GLU A 79 12.37 12.59 -18.48
N VAL A 80 12.32 11.83 -17.40
CA VAL A 80 11.38 10.73 -17.25
C VAL A 80 10.45 11.01 -16.10
N VAL A 81 9.24 10.53 -16.19
CA VAL A 81 8.32 10.59 -15.08
C VAL A 81 8.12 9.19 -14.49
N PRO A 82 8.84 8.90 -13.40
CA PRO A 82 8.84 7.58 -12.77
C PRO A 82 7.50 7.25 -12.10
N LYS A 83 7.32 5.97 -11.82
CA LYS A 83 6.13 5.50 -11.13
C LYS A 83 6.26 5.75 -9.63
N PRO A 84 5.15 6.14 -9.00
CA PRO A 84 5.11 6.40 -7.55
C PRO A 84 5.63 5.21 -6.73
N GLN A 85 6.36 5.52 -5.67
CA GLN A 85 6.90 4.49 -4.80
C GLN A 85 5.81 3.94 -3.90
N ARG A 86 5.70 2.63 -3.86
CA ARG A 86 4.62 1.98 -3.14
C ARG A 86 5.18 1.02 -2.09
N HIS A 87 4.33 0.70 -1.12
CA HIS A 87 4.68 -0.22 -0.06
C HIS A 87 3.66 -1.35 0.00
N MET A 88 4.07 -2.56 -0.32
CA MET A 88 3.14 -3.67 -0.38
C MET A 88 3.29 -4.59 0.82
N PHE A 89 2.19 -4.83 1.52
CA PHE A 89 2.17 -5.72 2.67
C PHE A 89 1.23 -6.88 2.39
N SER A 90 1.74 -8.09 2.51
CA SER A 90 0.93 -9.26 2.28
C SER A 90 0.32 -9.75 3.58
N PHE A 91 -0.98 -9.99 3.55
CA PHE A 91 -1.68 -10.53 4.72
C PHE A 91 -2.09 -11.98 4.49
N ASN A 92 -2.60 -12.60 5.56
CA ASN A 92 -3.00 -14.00 5.52
C ASN A 92 -4.48 -14.15 5.83
N ASN A 93 -5.12 -13.03 6.17
CA ASN A 93 -6.54 -13.05 6.53
C ASN A 93 -7.28 -11.91 5.84
N ARG A 94 -8.38 -12.26 5.19
CA ARG A 94 -9.21 -11.30 4.47
C ARG A 94 -9.75 -10.23 5.41
N THR A 95 -10.00 -10.60 6.66
CA THR A 95 -10.55 -9.68 7.63
C THR A 95 -9.53 -8.62 8.01
N VAL A 96 -8.39 -9.09 8.54
CA VAL A 96 -7.27 -8.22 8.91
C VAL A 96 -6.97 -7.20 7.83
N MET A 97 -6.72 -7.67 6.63
CA MET A 97 -6.33 -6.79 5.55
C MET A 97 -7.47 -5.84 5.21
N ASP A 98 -8.71 -6.26 5.42
CA ASP A 98 -9.84 -5.40 5.14
C ASP A 98 -9.91 -4.31 6.19
N ASN A 99 -9.45 -4.65 7.38
CA ASN A 99 -9.44 -3.75 8.51
C ASN A 99 -8.29 -2.77 8.38
N ILE A 100 -7.12 -3.31 8.07
CA ILE A 100 -5.94 -2.51 7.84
C ILE A 100 -6.18 -1.53 6.69
N LYS A 101 -6.72 -2.05 5.59
CA LYS A 101 -7.05 -1.24 4.43
C LYS A 101 -8.02 -0.13 4.81
N MET A 102 -9.10 -0.49 5.53
CA MET A 102 -10.13 0.48 5.86
C MET A 102 -9.61 1.48 6.88
N THR A 103 -8.61 1.08 7.64
CA THR A 103 -7.97 1.97 8.59
C THR A 103 -7.22 3.08 7.85
N LEU A 104 -6.40 2.64 6.89
CA LEU A 104 -5.54 3.55 6.16
C LEU A 104 -6.35 4.44 5.24
N GLN A 105 -7.11 3.84 4.33
CA GLN A 105 -7.89 4.59 3.35
C GLN A 105 -8.81 5.63 4.00
N GLN A 106 -9.17 5.43 5.26
CA GLN A 106 -9.94 6.43 5.97
C GLN A 106 -9.10 7.67 6.13
N ILE A 107 -7.88 7.45 6.59
CA ILE A 107 -6.87 8.48 6.73
C ILE A 107 -6.57 9.13 5.40
N ILE A 108 -6.46 8.30 4.37
CA ILE A 108 -6.12 8.78 3.05
C ILE A 108 -7.22 9.67 2.52
N SER A 109 -8.46 9.18 2.56
CA SER A 109 -9.64 9.98 2.24
C SER A 109 -9.68 11.25 3.11
N ARG A 110 -9.18 11.12 4.34
CA ARG A 110 -9.11 12.22 5.28
C ARG A 110 -8.10 13.26 4.81
N TYR A 111 -7.09 12.82 4.09
CA TYR A 111 -6.06 13.71 3.59
C TYR A 111 -6.37 14.17 2.18
N LYS A 112 -7.32 13.50 1.54
CA LYS A 112 -7.80 13.92 0.23
C LYS A 112 -8.87 14.98 0.39
N ASP A 113 -9.51 14.99 1.55
CA ASP A 113 -10.41 16.07 1.90
C ASP A 113 -9.62 17.35 2.16
N ALA A 114 -8.35 17.16 2.47
CA ALA A 114 -7.43 18.27 2.70
C ALA A 114 -6.42 18.35 1.56
N ASP A 115 -6.82 17.87 0.39
CA ASP A 115 -5.95 17.85 -0.77
C ASP A 115 -6.39 18.90 -1.78
N GLY B 1 14.97 -40.70 6.51
CA GLY B 1 14.19 -39.70 7.28
C GLY B 1 13.32 -38.84 6.38
N GLY B 2 12.82 -37.74 6.91
CA GLY B 2 12.00 -36.85 6.12
C GLY B 2 12.36 -35.40 6.34
N GLY B 3 13.60 -35.17 6.77
CA GLY B 3 14.05 -33.83 7.05
C GLY B 3 14.47 -33.08 5.81
N GLY B 4 13.51 -32.86 4.92
CA GLY B 4 13.77 -32.15 3.69
C GLY B 4 12.61 -31.29 3.28
N TYR B 5 12.22 -30.38 4.18
CA TYR B 5 11.09 -29.49 3.93
C TYR B 5 11.57 -28.27 3.15
N ASP B 6 10.63 -27.61 2.47
CA ASP B 6 10.96 -26.47 1.64
C ASP B 6 10.22 -25.24 2.14
N VAL B 7 10.95 -24.21 2.53
CA VAL B 7 10.33 -22.97 2.96
C VAL B 7 9.82 -22.18 1.76
N GLU B 8 8.69 -22.61 1.24
CA GLU B 8 8.07 -21.96 0.09
C GLU B 8 7.75 -20.50 0.41
N MET B 9 8.32 -19.61 -0.39
CA MET B 9 8.12 -18.18 -0.20
C MET B 9 7.84 -17.51 -1.54
N GLU B 10 7.24 -18.28 -2.44
CA GLU B 10 6.91 -17.79 -3.76
C GLU B 10 5.71 -16.85 -3.69
N SER B 11 5.77 -15.78 -4.48
CA SER B 11 4.73 -14.76 -4.46
C SER B 11 3.56 -15.16 -5.36
N GLU B 12 3.04 -16.36 -5.14
CA GLU B 12 1.90 -16.86 -5.90
C GLU B 12 0.63 -16.11 -5.51
N GLU B 13 0.47 -15.92 -4.21
CA GLU B 13 -0.71 -15.27 -3.68
C GLU B 13 -0.64 -13.77 -3.90
N GLU B 14 0.58 -13.22 -3.79
CA GLU B 14 0.80 -11.78 -3.95
C GLU B 14 0.39 -11.30 -5.34
N SER B 15 0.35 -12.24 -6.29
CA SER B 15 -0.12 -11.98 -7.65
C SER B 15 0.91 -11.18 -8.46
N ASP B 16 1.07 -11.56 -9.72
CA ASP B 16 1.95 -10.85 -10.63
C ASP B 16 1.17 -9.75 -11.33
N ASP B 17 -0.15 -9.79 -11.17
CA ASP B 17 -1.05 -8.77 -11.69
C ASP B 17 -1.17 -7.62 -10.68
N ASP B 18 -0.46 -7.79 -9.55
CA ASP B 18 -0.51 -6.85 -8.42
C ASP B 18 -1.78 -7.06 -7.61
N GLY B 19 -2.88 -7.26 -8.32
CA GLY B 19 -4.05 -7.91 -7.75
C GLY B 19 -4.79 -7.16 -6.66
N PHE B 20 -4.66 -5.84 -6.58
CA PHE B 20 -5.33 -5.09 -5.53
C PHE B 20 -6.20 -3.99 -6.13
N VAL B 21 -7.14 -3.52 -5.34
CA VAL B 21 -7.98 -2.38 -5.71
C VAL B 21 -8.16 -1.51 -4.48
N GLU B 22 -8.55 -0.25 -4.66
CA GLU B 22 -8.79 0.61 -3.52
C GLU B 22 -10.29 0.71 -3.26
N VAL B 23 -10.70 0.30 -2.07
CA VAL B 23 -12.10 0.20 -1.74
C VAL B 23 -12.52 1.27 -0.75
N ASP B 24 -13.31 2.23 -1.22
CA ASP B 24 -13.87 3.26 -0.38
C ASP B 24 -15.29 3.56 -0.83
N PRO A 1 -7.29 -2.90 17.39
CA PRO A 1 -8.49 -3.06 16.56
C PRO A 1 -8.32 -2.38 15.21
N SER A 2 -8.11 -3.19 14.17
CA SER A 2 -8.03 -2.74 12.78
C SER A 2 -6.75 -1.97 12.46
N HIS A 3 -6.25 -1.21 13.42
CA HIS A 3 -5.09 -0.35 13.19
C HIS A 3 -3.79 -1.12 13.40
N SER A 4 -3.84 -2.43 13.29
CA SER A 4 -2.66 -3.26 13.44
C SER A 4 -2.92 -4.66 12.89
N GLY A 5 -1.85 -5.37 12.58
CA GLY A 5 -1.97 -6.71 12.05
C GLY A 5 -0.66 -7.19 11.49
N ALA A 6 -0.37 -8.48 11.63
CA ALA A 6 0.91 -9.00 11.17
C ALA A 6 0.93 -9.16 9.64
N ALA A 7 1.86 -8.48 8.98
CA ALA A 7 1.93 -8.51 7.52
C ALA A 7 3.33 -8.82 7.02
N ILE A 8 3.40 -9.27 5.79
CA ILE A 8 4.66 -9.55 5.11
C ILE A 8 5.02 -8.36 4.24
N PHE A 9 6.14 -7.75 4.54
CA PHE A 9 6.58 -6.59 3.79
C PHE A 9 7.97 -6.84 3.23
N GLU A 10 8.04 -6.99 1.90
CA GLU A 10 9.27 -7.34 1.20
C GLU A 10 9.69 -8.76 1.53
N LYS A 11 8.73 -9.67 1.39
CA LYS A 11 8.96 -11.11 1.47
C LYS A 11 9.37 -11.56 2.87
N VAL A 12 9.39 -10.64 3.82
CA VAL A 12 9.61 -10.98 5.21
C VAL A 12 8.32 -10.76 6.01
N SER A 13 7.98 -11.74 6.83
CA SER A 13 6.81 -11.65 7.69
C SER A 13 7.10 -10.78 8.90
N GLY A 14 6.19 -9.86 9.19
CA GLY A 14 6.34 -8.97 10.30
C GLY A 14 5.01 -8.48 10.81
N ILE A 15 5.00 -7.30 11.40
CA ILE A 15 3.78 -6.75 11.96
C ILE A 15 3.53 -5.35 11.43
N ILE A 16 2.29 -4.96 11.41
CA ILE A 16 1.89 -3.66 10.92
C ILE A 16 1.06 -2.94 11.98
N ALA A 17 1.35 -1.67 12.19
CA ALA A 17 0.54 -0.88 13.10
C ALA A 17 0.28 0.51 12.55
N ILE A 18 -0.97 0.79 12.23
CA ILE A 18 -1.42 2.12 11.87
C ILE A 18 -1.73 2.90 13.13
N ASN A 19 -0.96 3.91 13.41
CA ASN A 19 -1.15 4.69 14.61
C ASN A 19 -1.47 6.10 14.26
N GLU A 20 -2.60 6.62 14.74
CA GLU A 20 -2.75 8.04 14.68
C GLU A 20 -2.61 8.57 16.11
N ASP A 21 -1.36 8.75 16.51
CA ASP A 21 -0.96 9.65 17.58
C ASP A 21 0.03 10.62 16.99
N VAL A 22 0.43 10.24 15.79
CA VAL A 22 1.70 10.64 15.20
C VAL A 22 1.50 11.76 14.17
N SER A 23 2.61 12.19 13.57
CA SER A 23 2.58 13.04 12.38
C SER A 23 1.70 12.34 11.34
N PRO A 24 1.24 13.00 10.25
CA PRO A 24 0.01 12.58 9.56
C PRO A 24 -0.04 11.07 9.37
N ALA A 25 -1.15 10.47 9.84
CA ALA A 25 -1.19 9.06 10.28
C ALA A 25 -0.12 8.17 9.68
N GLU A 26 0.49 7.39 10.54
CA GLU A 26 1.61 6.60 10.15
C GLU A 26 1.40 5.13 10.49
N LEU A 27 1.79 4.30 9.55
CA LEU A 27 1.76 2.85 9.70
C LEU A 27 3.16 2.44 10.03
N THR A 28 3.30 1.42 10.85
CA THR A 28 4.62 0.98 11.19
C THR A 28 4.72 -0.52 11.06
N TRP A 29 5.45 -0.96 10.06
CA TRP A 29 5.68 -2.37 9.85
C TRP A 29 6.91 -2.78 10.62
N ARG A 30 6.68 -3.51 11.68
CA ARG A 30 7.74 -3.98 12.54
C ARG A 30 7.80 -5.49 12.48
N SER A 31 8.93 -6.04 12.06
CA SER A 31 9.06 -7.47 11.88
C SER A 31 8.72 -8.22 13.15
N THR A 32 8.18 -9.41 12.98
CA THR A 32 7.79 -10.26 14.10
C THR A 32 8.98 -10.48 15.05
N ASP A 33 10.18 -10.51 14.50
CA ASP A 33 11.40 -10.65 15.30
C ASP A 33 11.78 -9.33 15.96
N GLY A 34 11.43 -8.23 15.30
CA GLY A 34 11.70 -6.92 15.85
C GLY A 34 12.99 -6.32 15.35
N ASP A 35 13.54 -6.90 14.29
CA ASP A 35 14.80 -6.41 13.72
C ASP A 35 14.52 -5.29 12.73
N LYS A 36 13.93 -5.64 11.61
CA LYS A 36 13.59 -4.67 10.58
C LYS A 36 12.22 -4.05 10.85
N VAL A 37 12.13 -2.78 10.52
CA VAL A 37 10.93 -1.98 10.75
C VAL A 37 10.79 -0.95 9.62
N HIS A 38 9.58 -0.71 9.15
CA HIS A 38 9.34 0.27 8.10
C HIS A 38 8.06 1.05 8.38
N THR A 39 8.17 2.36 8.45
CA THR A 39 7.01 3.19 8.76
C THR A 39 6.48 3.90 7.49
N VAL A 40 5.16 4.03 7.37
CA VAL A 40 4.53 4.71 6.22
C VAL A 40 3.71 5.94 6.64
N VAL A 41 3.94 7.08 5.99
CA VAL A 41 3.11 8.26 6.19
C VAL A 41 1.96 8.27 5.18
N LEU A 42 0.79 8.02 5.70
CA LEU A 42 -0.46 8.00 4.94
C LEU A 42 -0.63 9.25 4.06
N SER A 43 -0.18 10.40 4.55
CA SER A 43 -0.31 11.64 3.81
C SER A 43 0.67 11.72 2.65
N THR A 44 1.83 11.08 2.79
CA THR A 44 2.80 11.02 1.71
C THR A 44 2.38 9.93 0.73
N ILE A 45 1.39 9.16 1.12
CA ILE A 45 0.78 8.16 0.28
C ILE A 45 -0.25 8.77 -0.67
N ASP A 46 -0.16 8.39 -1.93
CA ASP A 46 -1.12 8.79 -2.98
C ASP A 46 -2.35 7.89 -2.96
N LYS A 47 -2.10 6.60 -2.77
CA LYS A 47 -3.14 5.58 -2.88
C LYS A 47 -2.89 4.46 -1.88
N LEU A 48 -3.94 3.91 -1.30
CA LEU A 48 -3.79 2.63 -0.64
C LEU A 48 -4.56 1.58 -1.41
N GLN A 49 -3.95 0.43 -1.51
CA GLN A 49 -4.50 -0.67 -2.23
C GLN A 49 -4.74 -1.84 -1.29
N ALA A 50 -5.65 -2.69 -1.69
CA ALA A 50 -6.01 -3.86 -0.93
C ALA A 50 -6.76 -4.81 -1.84
N THR A 51 -6.55 -6.11 -1.66
CA THR A 51 -7.21 -7.12 -2.51
C THR A 51 -8.73 -6.94 -2.50
N PRO A 52 -9.30 -6.84 -3.69
CA PRO A 52 -10.75 -6.73 -3.90
C PRO A 52 -11.47 -8.04 -3.62
N ALA A 53 -12.79 -7.99 -3.54
CA ALA A 53 -13.59 -9.22 -3.40
C ALA A 53 -13.38 -10.15 -4.59
N SER A 54 -12.97 -9.57 -5.72
CA SER A 54 -12.60 -10.33 -6.90
C SER A 54 -11.30 -11.09 -6.66
N SER A 55 -10.51 -10.60 -5.71
CA SER A 55 -9.29 -11.25 -5.31
C SER A 55 -9.61 -12.31 -4.26
N GLU A 56 -8.95 -13.46 -4.37
CA GLU A 56 -9.12 -14.50 -3.38
C GLU A 56 -8.04 -14.35 -2.32
N LYS A 57 -7.07 -13.49 -2.64
CA LYS A 57 -5.94 -13.26 -1.78
C LYS A 57 -6.23 -12.12 -0.82
N MET A 58 -5.29 -11.87 0.06
CA MET A 58 -5.43 -10.82 1.05
C MET A 58 -4.14 -10.03 1.12
N MET A 59 -4.17 -8.80 0.65
CA MET A 59 -2.95 -8.00 0.56
C MET A 59 -3.27 -6.52 0.57
N LEU A 60 -2.34 -5.74 1.08
CA LEU A 60 -2.42 -4.29 1.06
C LEU A 60 -1.21 -3.70 0.34
N ARG A 61 -1.36 -2.49 -0.18
CA ARG A 61 -0.25 -1.78 -0.79
C ARG A 61 -0.44 -0.26 -0.73
N LEU A 62 0.41 0.39 0.04
CA LEU A 62 0.35 1.84 0.21
C LEU A 62 1.27 2.54 -0.78
N ILE A 63 0.68 3.24 -1.73
CA ILE A 63 1.39 3.87 -2.84
C ILE A 63 1.88 5.25 -2.43
N GLY A 64 3.18 5.40 -2.20
CA GLY A 64 3.69 6.70 -1.80
C GLY A 64 3.89 7.62 -2.98
N LYS A 65 3.55 8.89 -2.80
CA LYS A 65 3.65 9.90 -3.85
C LYS A 65 5.04 9.93 -4.46
N VAL A 66 5.09 10.00 -5.77
CA VAL A 66 6.35 9.96 -6.49
C VAL A 66 6.95 11.35 -6.62
N ASP A 67 8.25 11.38 -6.67
CA ASP A 67 8.99 12.60 -6.82
C ASP A 67 9.29 12.84 -8.31
N GLU A 68 8.31 13.38 -9.01
CA GLU A 68 8.41 13.60 -10.43
C GLU A 68 9.14 14.90 -10.73
N SER A 69 8.97 15.88 -9.86
CA SER A 69 9.70 17.13 -9.97
C SER A 69 11.19 16.88 -9.79
N LYS A 70 11.50 15.89 -8.97
CA LYS A 70 12.86 15.44 -8.79
C LYS A 70 13.20 14.39 -9.83
N LYS A 71 13.19 14.79 -11.09
CA LYS A 71 13.41 13.89 -12.21
C LYS A 71 14.68 13.07 -12.02
N ARG A 72 14.53 11.77 -12.13
CA ARG A 72 15.63 10.84 -11.91
C ARG A 72 16.33 10.55 -13.22
N LYS A 73 17.45 9.86 -13.16
CA LYS A 73 18.23 9.54 -14.35
C LYS A 73 18.76 8.12 -14.26
N ASP A 74 18.97 7.51 -15.42
CA ASP A 74 19.42 6.13 -15.50
C ASP A 74 20.95 6.09 -15.49
N ASN A 75 21.56 4.98 -15.89
CA ASN A 75 22.99 4.76 -15.72
C ASN A 75 23.84 5.83 -16.40
N GLU A 76 23.33 6.43 -17.46
CA GLU A 76 24.12 7.39 -18.22
C GLU A 76 24.04 8.75 -17.53
N GLY A 77 23.05 8.89 -16.68
CA GLY A 77 22.80 10.16 -16.03
C GLY A 77 21.86 10.96 -16.88
N ASN A 78 21.02 10.23 -17.58
CA ASN A 78 20.17 10.76 -18.63
C ASN A 78 18.86 11.31 -18.08
N GLU A 79 17.84 10.45 -17.93
CA GLU A 79 16.53 10.88 -17.42
C GLU A 79 15.54 9.72 -17.38
N VAL A 80 15.01 9.45 -16.21
CA VAL A 80 13.91 8.52 -16.05
C VAL A 80 12.80 9.17 -15.25
N VAL A 81 11.57 8.82 -15.54
CA VAL A 81 10.45 9.23 -14.73
C VAL A 81 9.82 8.00 -14.07
N PRO A 82 10.24 7.74 -12.82
CA PRO A 82 9.88 6.52 -12.11
C PRO A 82 8.44 6.48 -11.65
N LYS A 83 7.97 5.29 -11.36
CA LYS A 83 6.65 5.08 -10.81
C LYS A 83 6.71 5.25 -9.30
N PRO A 84 5.63 5.78 -8.70
CA PRO A 84 5.58 6.03 -7.25
C PRO A 84 5.92 4.78 -6.45
N GLN A 85 6.80 4.93 -5.47
CA GLN A 85 7.22 3.80 -4.67
C GLN A 85 6.12 3.37 -3.72
N ARG A 86 5.65 2.17 -3.95
CA ARG A 86 4.52 1.63 -3.21
C ARG A 86 5.01 0.65 -2.17
N HIS A 87 4.34 0.65 -1.04
CA HIS A 87 4.69 -0.23 0.05
C HIS A 87 3.67 -1.36 0.13
N MET A 88 4.08 -2.57 -0.19
CA MET A 88 3.14 -3.68 -0.26
C MET A 88 3.30 -4.59 0.95
N PHE A 89 2.23 -4.76 1.69
CA PHE A 89 2.21 -5.64 2.83
C PHE A 89 1.22 -6.76 2.58
N SER A 90 1.70 -7.98 2.64
CA SER A 90 0.85 -9.12 2.39
C SER A 90 0.29 -9.66 3.68
N PHE A 91 -1.01 -9.88 3.69
CA PHE A 91 -1.67 -10.48 4.83
C PHE A 91 -2.10 -11.89 4.51
N ASN A 92 -2.44 -12.63 5.55
CA ASN A 92 -2.85 -14.02 5.41
C ASN A 92 -4.29 -14.18 5.81
N ASN A 93 -4.89 -13.09 6.28
CA ASN A 93 -6.28 -13.10 6.71
C ASN A 93 -7.05 -12.00 5.98
N ARG A 94 -8.08 -12.43 5.27
CA ARG A 94 -8.95 -11.54 4.50
C ARG A 94 -9.53 -10.43 5.36
N THR A 95 -9.83 -10.77 6.60
CA THR A 95 -10.47 -9.84 7.51
C THR A 95 -9.48 -8.78 7.97
N VAL A 96 -8.37 -9.23 8.55
CA VAL A 96 -7.29 -8.33 8.99
C VAL A 96 -6.98 -7.28 7.94
N MET A 97 -6.64 -7.73 6.75
CA MET A 97 -6.26 -6.82 5.71
C MET A 97 -7.40 -5.88 5.38
N ASP A 98 -8.64 -6.36 5.48
CA ASP A 98 -9.80 -5.54 5.19
C ASP A 98 -10.01 -4.49 6.28
N ASN A 99 -9.44 -4.76 7.44
CA ASN A 99 -9.55 -3.86 8.59
C ASN A 99 -8.48 -2.80 8.50
N ILE A 100 -7.33 -3.26 8.06
CA ILE A 100 -6.17 -2.41 7.87
C ILE A 100 -6.38 -1.42 6.74
N LYS A 101 -6.81 -1.91 5.57
CA LYS A 101 -7.06 -1.05 4.45
C LYS A 101 -8.10 0.01 4.79
N MET A 102 -9.14 -0.40 5.54
CA MET A 102 -10.24 0.50 5.87
C MET A 102 -9.77 1.51 6.90
N THR A 103 -8.74 1.13 7.63
CA THR A 103 -8.10 2.02 8.56
C THR A 103 -7.37 3.13 7.79
N LEU A 104 -6.56 2.72 6.84
CA LEU A 104 -5.72 3.64 6.09
C LEU A 104 -6.52 4.49 5.13
N GLN A 105 -7.25 3.85 4.24
CA GLN A 105 -8.04 4.56 3.21
C GLN A 105 -8.95 5.62 3.80
N GLN A 106 -9.36 5.45 5.06
CA GLN A 106 -10.18 6.44 5.72
C GLN A 106 -9.35 7.67 6.02
N ILE A 107 -8.13 7.40 6.49
CA ILE A 107 -7.14 8.43 6.72
C ILE A 107 -6.79 9.13 5.42
N ILE A 108 -6.61 8.34 4.38
CA ILE A 108 -6.25 8.88 3.07
C ILE A 108 -7.38 9.75 2.54
N SER A 109 -8.60 9.23 2.62
CA SER A 109 -9.80 9.98 2.25
C SER A 109 -9.92 11.25 3.09
N ARG A 110 -9.40 11.16 4.31
CA ARG A 110 -9.39 12.27 5.24
C ARG A 110 -8.45 13.36 4.71
N TYR A 111 -7.34 12.93 4.12
CA TYR A 111 -6.33 13.85 3.66
C TYR A 111 -6.60 14.34 2.24
N LYS A 112 -7.42 13.60 1.52
CA LYS A 112 -7.90 14.05 0.22
C LYS A 112 -9.01 15.07 0.40
N ASP A 113 -9.66 14.99 1.55
CA ASP A 113 -10.69 15.95 1.93
C ASP A 113 -10.03 17.29 2.31
N ALA A 114 -8.72 17.25 2.52
CA ALA A 114 -7.97 18.44 2.90
C ALA A 114 -6.71 18.59 2.03
N ASP A 115 -6.79 18.12 0.79
CA ASP A 115 -5.65 18.17 -0.10
C ASP A 115 -5.70 19.42 -0.98
N GLY B 1 5.07 -31.18 -4.07
CA GLY B 1 5.93 -30.53 -5.09
C GLY B 1 5.13 -29.67 -6.04
N GLY B 2 4.95 -28.40 -5.69
CA GLY B 2 4.22 -27.49 -6.54
C GLY B 2 5.03 -26.26 -6.91
N GLY B 3 6.06 -25.99 -6.13
CA GLY B 3 6.90 -24.84 -6.39
C GLY B 3 8.12 -24.83 -5.49
N GLY B 4 8.52 -23.64 -5.05
CA GLY B 4 9.66 -23.52 -4.16
C GLY B 4 10.98 -23.52 -4.88
N TYR B 5 11.16 -24.47 -5.80
CA TYR B 5 12.40 -24.58 -6.55
C TYR B 5 12.50 -23.49 -7.62
N ASP B 6 11.36 -22.88 -7.92
CA ASP B 6 11.28 -21.85 -8.94
C ASP B 6 11.95 -20.57 -8.47
N VAL B 7 12.71 -19.94 -9.35
CA VAL B 7 13.30 -18.65 -9.05
C VAL B 7 12.25 -17.55 -9.32
N GLU B 8 11.13 -17.68 -8.63
CA GLU B 8 10.00 -16.79 -8.82
C GLU B 8 9.80 -15.94 -7.57
N MET B 9 10.01 -14.64 -7.71
CA MET B 9 9.86 -13.73 -6.57
C MET B 9 9.30 -12.39 -6.99
N GLU B 10 8.76 -12.31 -8.20
CA GLU B 10 8.18 -11.07 -8.68
C GLU B 10 6.71 -10.99 -8.25
N SER B 11 6.24 -9.77 -8.03
CA SER B 11 4.90 -9.56 -7.53
C SER B 11 3.86 -9.75 -8.64
N GLU B 12 4.34 -9.82 -9.89
CA GLU B 12 3.47 -9.99 -11.04
C GLU B 12 2.75 -11.33 -11.00
N GLU B 13 3.40 -12.34 -10.44
CA GLU B 13 2.82 -13.67 -10.35
C GLU B 13 1.75 -13.71 -9.26
N GLU B 14 1.90 -12.84 -8.28
CA GLU B 14 0.95 -12.75 -7.18
C GLU B 14 -0.24 -11.90 -7.61
N SER B 15 0.06 -10.81 -8.30
CA SER B 15 -0.95 -9.93 -8.86
C SER B 15 -0.38 -9.26 -10.11
N ASP B 16 -1.07 -9.45 -11.24
CA ASP B 16 -0.52 -9.14 -12.56
C ASP B 16 -0.01 -7.71 -12.65
N ASP B 17 -0.94 -6.77 -12.59
CA ASP B 17 -0.59 -5.35 -12.60
C ASP B 17 -0.36 -4.87 -11.18
N ASP B 18 -1.30 -5.22 -10.33
CA ASP B 18 -1.30 -4.80 -8.93
C ASP B 18 -2.33 -5.63 -8.16
N GLY B 19 -3.45 -5.90 -8.82
CA GLY B 19 -4.42 -6.87 -8.34
C GLY B 19 -5.31 -6.38 -7.21
N PHE B 20 -5.01 -5.20 -6.70
CA PHE B 20 -5.73 -4.65 -5.56
C PHE B 20 -6.70 -3.57 -6.02
N VAL B 21 -7.46 -3.01 -5.07
CA VAL B 21 -8.35 -1.91 -5.35
C VAL B 21 -8.42 -0.96 -4.15
N GLU B 22 -8.79 0.29 -4.38
CA GLU B 22 -9.02 1.23 -3.29
C GLU B 22 -10.51 1.46 -3.13
N VAL B 23 -10.99 1.32 -1.90
CA VAL B 23 -12.42 1.42 -1.65
C VAL B 23 -12.76 2.76 -0.97
N ASP B 24 -13.41 3.62 -1.72
CA ASP B 24 -13.85 4.91 -1.19
C ASP B 24 -15.36 5.06 -1.39
N PRO A 1 -7.08 -6.88 14.58
CA PRO A 1 -7.49 -5.47 14.75
C PRO A 1 -7.54 -4.77 13.42
N SER A 2 -7.77 -3.46 13.44
CA SER A 2 -7.83 -2.68 12.22
C SER A 2 -6.61 -1.79 12.07
N HIS A 3 -6.23 -1.16 13.16
CA HIS A 3 -5.09 -0.25 13.14
C HIS A 3 -3.79 -0.99 13.41
N SER A 4 -3.85 -2.30 13.35
CA SER A 4 -2.69 -3.15 13.52
C SER A 4 -2.98 -4.56 13.03
N GLY A 5 -1.95 -5.23 12.52
CA GLY A 5 -2.11 -6.57 12.00
C GLY A 5 -0.79 -7.08 11.45
N ALA A 6 -0.52 -8.37 11.59
CA ALA A 6 0.77 -8.91 11.16
C ALA A 6 0.83 -9.08 9.64
N ALA A 7 1.77 -8.38 8.99
CA ALA A 7 1.89 -8.42 7.54
C ALA A 7 3.29 -8.84 7.10
N ILE A 8 3.37 -9.32 5.88
CA ILE A 8 4.62 -9.72 5.26
C ILE A 8 5.09 -8.62 4.33
N PHE A 9 6.30 -8.14 4.54
CA PHE A 9 6.84 -7.08 3.72
C PHE A 9 8.13 -7.52 3.07
N GLU A 10 8.05 -7.88 1.79
CA GLU A 10 9.18 -8.38 1.02
C GLU A 10 9.65 -9.72 1.57
N LYS A 11 8.71 -10.65 1.59
CA LYS A 11 8.98 -12.07 1.89
C LYS A 11 9.29 -12.32 3.37
N VAL A 12 9.43 -11.27 4.15
CA VAL A 12 9.60 -11.42 5.59
C VAL A 12 8.30 -11.11 6.33
N SER A 13 7.91 -12.01 7.21
CA SER A 13 6.70 -11.84 8.00
C SER A 13 6.97 -10.91 9.17
N GLY A 14 6.11 -9.93 9.33
CA GLY A 14 6.24 -8.97 10.39
C GLY A 14 4.91 -8.47 10.87
N ILE A 15 4.90 -7.28 11.45
CA ILE A 15 3.67 -6.71 11.99
C ILE A 15 3.45 -5.32 11.42
N ILE A 16 2.21 -4.91 11.38
CA ILE A 16 1.82 -3.61 10.87
C ILE A 16 1.01 -2.88 11.93
N ALA A 17 1.32 -1.63 12.16
CA ALA A 17 0.53 -0.83 13.08
C ALA A 17 0.29 0.58 12.55
N ILE A 18 -0.95 0.84 12.17
CA ILE A 18 -1.37 2.17 11.79
C ILE A 18 -1.76 2.92 13.05
N ASN A 19 -1.10 4.02 13.31
CA ASN A 19 -1.41 4.81 14.48
C ASN A 19 -1.70 6.22 14.07
N GLU A 20 -2.86 6.74 14.43
CA GLU A 20 -3.02 8.15 14.33
C GLU A 20 -3.05 8.71 15.75
N ASP A 21 -1.86 8.91 16.28
CA ASP A 21 -1.58 9.85 17.36
C ASP A 21 -0.53 10.81 16.85
N VAL A 22 -0.01 10.40 15.70
CA VAL A 22 1.31 10.79 15.24
C VAL A 22 1.24 11.89 14.18
N SER A 23 2.41 12.39 13.77
CA SER A 23 2.53 13.25 12.59
C SER A 23 1.90 12.47 11.43
N PRO A 24 1.57 13.05 10.25
CA PRO A 24 0.47 12.55 9.41
C PRO A 24 0.45 11.03 9.36
N ALA A 25 -0.75 10.49 9.67
CA ALA A 25 -0.91 9.11 10.16
C ALA A 25 0.13 8.15 9.66
N GLU A 26 0.65 7.38 10.57
CA GLU A 26 1.78 6.55 10.29
C GLU A 26 1.47 5.08 10.56
N LEU A 27 1.83 4.26 9.60
CA LEU A 27 1.77 2.82 9.71
C LEU A 27 3.16 2.36 10.01
N THR A 28 3.31 1.37 10.84
CA THR A 28 4.62 0.91 11.17
C THR A 28 4.71 -0.59 11.01
N TRP A 29 5.44 -1.02 10.00
CA TRP A 29 5.70 -2.43 9.83
C TRP A 29 6.90 -2.83 10.65
N ARG A 30 6.63 -3.51 11.73
CA ARG A 30 7.65 -3.97 12.64
C ARG A 30 7.69 -5.49 12.60
N SER A 31 8.79 -6.05 12.11
CA SER A 31 8.89 -7.48 11.91
C SER A 31 8.65 -8.21 13.22
N THR A 32 8.06 -9.40 13.08
CA THR A 32 7.64 -10.21 14.22
C THR A 32 8.76 -10.43 15.24
N ASP A 33 10.01 -10.37 14.78
CA ASP A 33 11.17 -10.53 15.66
C ASP A 33 11.59 -9.19 16.27
N GLY A 34 11.32 -8.11 15.55
CA GLY A 34 11.70 -6.79 16.01
C GLY A 34 12.98 -6.30 15.36
N ASP A 35 13.35 -6.93 14.26
CA ASP A 35 14.60 -6.62 13.59
C ASP A 35 14.38 -5.53 12.53
N LYS A 36 13.23 -5.56 11.90
CA LYS A 36 12.92 -4.62 10.84
C LYS A 36 11.72 -3.78 11.19
N VAL A 37 11.80 -2.52 10.82
CA VAL A 37 10.73 -1.56 11.03
C VAL A 37 10.60 -0.62 9.84
N HIS A 38 9.47 -0.68 9.16
CA HIS A 38 9.22 0.17 8.02
C HIS A 38 7.94 0.98 8.24
N THR A 39 8.09 2.27 8.45
CA THR A 39 6.96 3.12 8.74
C THR A 39 6.45 3.84 7.49
N VAL A 40 5.13 3.88 7.31
CA VAL A 40 4.51 4.57 6.17
C VAL A 40 3.76 5.82 6.62
N VAL A 41 4.02 6.95 5.95
CA VAL A 41 3.27 8.18 6.19
C VAL A 41 2.08 8.24 5.24
N LEU A 42 0.91 8.04 5.80
CA LEU A 42 -0.34 8.02 5.05
C LEU A 42 -0.57 9.29 4.25
N SER A 43 -0.02 10.41 4.71
CA SER A 43 -0.20 11.67 3.99
C SER A 43 0.65 11.69 2.73
N THR A 44 1.80 11.02 2.78
CA THR A 44 2.64 10.89 1.60
C THR A 44 2.09 9.79 0.70
N ILE A 45 1.12 9.05 1.22
CA ILE A 45 0.44 8.01 0.48
C ILE A 45 -0.70 8.58 -0.36
N ASP A 46 -0.57 8.45 -1.66
CA ASP A 46 -1.61 8.85 -2.61
C ASP A 46 -2.75 7.85 -2.63
N LYS A 47 -2.42 6.57 -2.70
CA LYS A 47 -3.42 5.53 -2.85
C LYS A 47 -3.08 4.38 -1.92
N LEU A 48 -4.07 3.83 -1.26
CA LEU A 48 -3.89 2.54 -0.63
C LEU A 48 -4.65 1.50 -1.41
N GLN A 49 -4.05 0.35 -1.50
CA GLN A 49 -4.61 -0.75 -2.24
C GLN A 49 -4.76 -1.96 -1.34
N ALA A 50 -5.71 -2.79 -1.66
CA ALA A 50 -6.02 -3.97 -0.86
C ALA A 50 -6.82 -4.96 -1.71
N THR A 51 -6.51 -6.24 -1.60
CA THR A 51 -7.18 -7.30 -2.37
C THR A 51 -8.69 -7.26 -2.18
N PRO A 52 -9.41 -7.17 -3.31
CA PRO A 52 -10.87 -7.15 -3.35
C PRO A 52 -11.48 -8.48 -2.91
N ALA A 53 -12.77 -8.49 -2.65
CA ALA A 53 -13.48 -9.72 -2.31
C ALA A 53 -13.36 -10.73 -3.46
N SER A 54 -13.24 -10.21 -4.67
CA SER A 54 -13.07 -11.05 -5.86
C SER A 54 -11.67 -11.66 -5.88
N SER A 55 -10.74 -11.01 -5.20
CA SER A 55 -9.39 -11.54 -5.07
C SER A 55 -9.39 -12.75 -4.16
N GLU A 56 -8.58 -13.74 -4.49
CA GLU A 56 -8.44 -14.93 -3.69
C GLU A 56 -7.43 -14.69 -2.58
N LYS A 57 -6.63 -13.65 -2.74
CA LYS A 57 -5.54 -13.38 -1.82
C LYS A 57 -5.95 -12.36 -0.78
N MET A 58 -5.02 -12.03 0.10
CA MET A 58 -5.18 -10.94 1.04
C MET A 58 -3.90 -10.13 1.04
N MET A 59 -3.96 -8.92 0.52
CA MET A 59 -2.75 -8.14 0.30
C MET A 59 -3.06 -6.65 0.24
N LEU A 60 -2.21 -5.87 0.89
CA LEU A 60 -2.33 -4.40 0.88
C LEU A 60 -1.15 -3.78 0.10
N ARG A 61 -1.35 -2.58 -0.42
CA ARG A 61 -0.26 -1.83 -1.05
C ARG A 61 -0.49 -0.32 -0.92
N LEU A 62 0.38 0.36 -0.16
CA LEU A 62 0.27 1.80 0.10
C LEU A 62 1.17 2.61 -0.85
N ILE A 63 0.55 3.31 -1.79
CA ILE A 63 1.26 4.06 -2.83
C ILE A 63 1.56 5.47 -2.37
N GLY A 64 2.78 5.93 -2.53
CA GLY A 64 3.10 7.30 -2.20
C GLY A 64 2.81 8.24 -3.35
N LYS A 65 2.79 9.54 -3.05
CA LYS A 65 2.67 10.56 -4.10
C LYS A 65 3.99 10.68 -4.84
N VAL A 66 3.92 10.66 -6.15
CA VAL A 66 5.11 10.74 -6.98
C VAL A 66 5.68 12.16 -7.01
N ASP A 67 6.97 12.24 -7.23
CA ASP A 67 7.70 13.49 -7.24
C ASP A 67 7.73 14.10 -8.65
N GLU A 68 6.67 14.81 -9.00
CA GLU A 68 6.56 15.43 -10.32
C GLU A 68 7.24 16.78 -10.35
N SER A 69 7.36 17.41 -9.19
CA SER A 69 7.95 18.73 -9.09
C SER A 69 9.46 18.68 -9.38
N LYS A 70 10.03 17.50 -9.26
CA LYS A 70 11.44 17.29 -9.55
C LYS A 70 11.63 16.04 -10.39
N LYS A 71 11.05 16.07 -11.60
CA LYS A 71 11.07 14.92 -12.50
C LYS A 71 12.48 14.45 -12.80
N ARG A 72 12.59 13.14 -12.97
CA ARG A 72 13.84 12.51 -13.36
C ARG A 72 13.99 12.60 -14.87
N LYS A 73 15.13 12.21 -15.40
CA LYS A 73 15.35 12.23 -16.83
C LYS A 73 15.76 10.84 -17.32
N ASP A 74 15.70 10.63 -18.62
CA ASP A 74 16.11 9.37 -19.19
C ASP A 74 17.54 9.46 -19.70
N ASN A 75 17.91 8.61 -20.64
CA ASN A 75 19.30 8.50 -21.09
C ASN A 75 19.84 9.81 -21.63
N GLU A 76 18.97 10.63 -22.21
CA GLU A 76 19.42 11.84 -22.86
C GLU A 76 19.28 13.02 -21.92
N GLY A 77 18.83 12.71 -20.71
CA GLY A 77 18.57 13.74 -19.72
C GLY A 77 17.33 14.52 -20.10
N ASN A 78 16.33 13.82 -20.63
CA ASN A 78 15.12 14.46 -21.07
C ASN A 78 14.16 14.65 -19.91
N GLU A 79 13.27 13.69 -19.66
CA GLU A 79 12.37 13.74 -18.51
C GLU A 79 11.54 12.47 -18.40
N VAL A 80 11.61 11.83 -17.25
CA VAL A 80 10.75 10.71 -16.93
C VAL A 80 10.08 10.97 -15.60
N VAL A 81 8.87 10.47 -15.44
CA VAL A 81 8.21 10.53 -14.15
C VAL A 81 8.10 9.12 -13.58
N PRO A 82 9.04 8.76 -12.70
CA PRO A 82 9.13 7.43 -12.12
C PRO A 82 7.89 7.04 -11.34
N LYS A 83 7.46 5.80 -11.53
CA LYS A 83 6.27 5.29 -10.85
C LYS A 83 6.39 5.48 -9.35
N PRO A 84 5.35 6.09 -8.75
CA PRO A 84 5.36 6.49 -7.35
C PRO A 84 5.80 5.37 -6.41
N GLN A 85 6.68 5.71 -5.46
CA GLN A 85 7.15 4.73 -4.49
C GLN A 85 6.01 4.20 -3.65
N ARG A 86 5.77 2.92 -3.75
CA ARG A 86 4.65 2.31 -3.11
C ARG A 86 5.07 1.13 -2.25
N HIS A 87 4.33 0.92 -1.17
CA HIS A 87 4.72 0.00 -0.12
C HIS A 87 3.71 -1.13 0.00
N MET A 88 4.13 -2.34 -0.33
CA MET A 88 3.22 -3.48 -0.32
C MET A 88 3.39 -4.32 0.93
N PHE A 89 2.28 -4.63 1.58
CA PHE A 89 2.29 -5.51 2.73
C PHE A 89 1.30 -6.64 2.52
N SER A 90 1.79 -7.86 2.56
CA SER A 90 0.97 -9.02 2.31
C SER A 90 0.39 -9.55 3.62
N PHE A 91 -0.89 -9.82 3.62
CA PHE A 91 -1.53 -10.37 4.81
C PHE A 91 -1.90 -11.83 4.59
N ASN A 92 -2.33 -12.49 5.66
CA ASN A 92 -2.66 -13.91 5.61
C ASN A 92 -4.15 -14.09 5.81
N ASN A 93 -4.85 -12.98 6.05
CA ASN A 93 -6.29 -13.04 6.27
C ASN A 93 -6.99 -11.86 5.61
N ARG A 94 -8.01 -12.18 4.83
CA ARG A 94 -8.79 -11.20 4.09
C ARG A 94 -9.46 -10.20 5.03
N THR A 95 -9.75 -10.64 6.24
CA THR A 95 -10.40 -9.78 7.22
C THR A 95 -9.44 -8.77 7.81
N VAL A 96 -8.33 -9.26 8.37
CA VAL A 96 -7.26 -8.39 8.87
C VAL A 96 -6.93 -7.29 7.88
N MET A 97 -6.59 -7.70 6.68
CA MET A 97 -6.21 -6.75 5.65
C MET A 97 -7.36 -5.82 5.33
N ASP A 98 -8.61 -6.33 5.43
CA ASP A 98 -9.79 -5.52 5.18
C ASP A 98 -9.90 -4.43 6.24
N ASN A 99 -9.48 -4.80 7.44
CA ASN A 99 -9.53 -3.92 8.59
C ASN A 99 -8.41 -2.90 8.51
N ILE A 100 -7.25 -3.37 8.10
CA ILE A 100 -6.08 -2.54 7.89
C ILE A 100 -6.33 -1.50 6.79
N LYS A 101 -6.75 -1.96 5.60
CA LYS A 101 -6.97 -1.07 4.49
C LYS A 101 -8.02 -0.02 4.83
N MET A 102 -9.05 -0.42 5.56
CA MET A 102 -10.16 0.48 5.87
C MET A 102 -9.69 1.51 6.87
N THR A 103 -8.68 1.16 7.65
CA THR A 103 -8.04 2.08 8.56
C THR A 103 -7.30 3.15 7.78
N LEU A 104 -6.45 2.71 6.88
CA LEU A 104 -5.59 3.60 6.13
C LEU A 104 -6.39 4.46 5.17
N GLN A 105 -7.13 3.82 4.27
CA GLN A 105 -7.93 4.55 3.25
C GLN A 105 -8.84 5.61 3.87
N GLN A 106 -9.23 5.45 5.12
CA GLN A 106 -10.04 6.45 5.78
C GLN A 106 -9.19 7.66 6.10
N ILE A 107 -7.95 7.39 6.44
CA ILE A 107 -6.95 8.40 6.69
C ILE A 107 -6.57 9.10 5.37
N ILE A 108 -6.43 8.31 4.34
CA ILE A 108 -6.00 8.83 3.05
C ILE A 108 -7.04 9.78 2.47
N SER A 109 -8.28 9.33 2.43
CA SER A 109 -9.40 10.17 2.02
C SER A 109 -9.50 11.40 2.94
N ARG A 110 -9.05 11.22 4.17
CA ARG A 110 -9.02 12.29 5.14
C ARG A 110 -8.03 13.35 4.71
N TYR A 111 -6.91 12.89 4.16
CA TYR A 111 -5.82 13.77 3.79
C TYR A 111 -6.03 14.37 2.41
N LYS A 112 -6.81 13.69 1.58
CA LYS A 112 -7.15 14.21 0.27
C LYS A 112 -8.21 15.30 0.40
N ASP A 113 -9.01 15.17 1.45
CA ASP A 113 -10.00 16.19 1.79
C ASP A 113 -9.29 17.45 2.31
N ALA A 114 -8.05 17.28 2.70
CA ALA A 114 -7.27 18.38 3.26
C ALA A 114 -5.92 18.51 2.55
N ASP A 115 -5.89 18.17 1.26
CA ASP A 115 -4.68 18.33 0.47
C ASP A 115 -4.89 19.37 -0.61
N GLY B 1 -21.56 -29.22 -12.40
CA GLY B 1 -20.40 -29.60 -11.57
C GLY B 1 -19.33 -28.53 -11.59
N GLY B 2 -18.07 -28.94 -11.69
CA GLY B 2 -16.97 -28.00 -11.73
C GLY B 2 -16.16 -28.12 -13.01
N GLY B 3 -16.81 -28.61 -14.06
CA GLY B 3 -16.15 -28.76 -15.34
C GLY B 3 -16.53 -27.67 -16.31
N GLY B 4 -16.23 -26.43 -15.94
CA GLY B 4 -16.58 -25.31 -16.78
C GLY B 4 -17.95 -24.75 -16.46
N TYR B 5 -18.26 -24.66 -15.18
CA TYR B 5 -19.55 -24.14 -14.74
C TYR B 5 -19.60 -22.63 -14.87
N ASP B 6 -18.46 -22.00 -14.68
CA ASP B 6 -18.37 -20.55 -14.74
C ASP B 6 -17.64 -20.12 -15.99
N VAL B 7 -18.17 -19.09 -16.65
CA VAL B 7 -17.57 -18.55 -17.86
C VAL B 7 -16.58 -17.46 -17.51
N GLU B 8 -16.30 -17.33 -16.21
CA GLU B 8 -15.42 -16.30 -15.71
C GLU B 8 -14.02 -16.85 -15.47
N MET B 9 -13.05 -16.33 -16.20
CA MET B 9 -11.66 -16.72 -16.01
C MET B 9 -10.73 -15.58 -16.38
N GLU B 10 -11.30 -14.37 -16.46
CA GLU B 10 -10.55 -13.20 -16.83
C GLU B 10 -9.72 -12.68 -15.67
N SER B 11 -8.50 -12.25 -15.97
CA SER B 11 -7.60 -11.69 -14.97
C SER B 11 -8.07 -10.32 -14.53
N GLU B 12 -8.97 -9.74 -15.32
CA GLU B 12 -9.51 -8.42 -15.04
C GLU B 12 -10.33 -8.43 -13.75
N GLU B 13 -11.04 -9.53 -13.52
CA GLU B 13 -11.86 -9.68 -12.31
C GLU B 13 -10.98 -9.76 -11.08
N GLU B 14 -9.79 -10.34 -11.25
CA GLU B 14 -8.85 -10.49 -10.15
C GLU B 14 -8.01 -9.22 -9.99
N SER B 15 -8.02 -8.41 -11.04
CA SER B 15 -7.16 -7.25 -11.18
C SER B 15 -5.72 -7.70 -11.46
N ASP B 16 -5.30 -7.55 -12.70
CA ASP B 16 -3.99 -8.02 -13.12
C ASP B 16 -2.91 -6.97 -12.88
N ASP B 17 -3.28 -5.70 -13.05
CA ASP B 17 -2.33 -4.60 -12.94
C ASP B 17 -1.72 -4.52 -11.55
N ASP B 18 -2.48 -4.90 -10.54
CA ASP B 18 -2.00 -4.86 -9.17
C ASP B 18 -2.65 -5.90 -8.29
N GLY B 19 -3.94 -6.15 -8.48
CA GLY B 19 -4.62 -7.19 -7.74
C GLY B 19 -5.42 -6.65 -6.57
N PHE B 20 -5.70 -5.36 -6.60
CA PHE B 20 -6.35 -4.70 -5.48
C PHE B 20 -7.55 -3.86 -5.91
N VAL B 21 -8.20 -3.28 -4.91
CA VAL B 21 -9.27 -2.31 -5.12
C VAL B 21 -9.19 -1.26 -4.01
N GLU B 22 -9.55 -0.02 -4.33
CA GLU B 22 -9.60 1.03 -3.32
C GLU B 22 -11.04 1.23 -2.87
N VAL B 23 -11.29 1.06 -1.58
CA VAL B 23 -12.65 1.10 -1.06
C VAL B 23 -12.87 2.35 -0.22
N ASP B 24 -13.61 3.30 -0.76
CA ASP B 24 -13.90 4.54 -0.05
C ASP B 24 -15.40 4.78 0.01
#